data_6Z98
#
_entry.id   6Z98
#
_entity_poly.entity_id   1
_entity_poly.type   'polypeptide(L)'
_entity_poly.pdbx_seq_one_letter_code
;GVFTYESEFTSEIPPPRLFKAFVLDADNLVPKIAPQAIKHSEILEGDGGPGTIKKITFGEGSQYGYVKHKIDSIDKENHS
YSYTLIEGDALGDNLEKISYETKLVASPSGGSIIKSTSHYHTKGDVEIKEEHVKAGKEKASNLFKLIETYLKGHPDAYN
;
_entity_poly.pdbx_strand_id   A
#
# COMPACT_ATOMS: atom_id res chain seq x y z
N GLY A 1 5.40 14.65 10.99
CA GLY A 1 6.01 14.07 9.79
C GLY A 1 5.08 14.09 8.61
N VAL A 2 4.73 15.27 8.11
CA VAL A 2 3.92 15.39 6.90
C VAL A 2 4.60 16.10 5.73
N PHE A 3 4.78 15.36 4.67
CA PHE A 3 3.89 15.43 3.50
C PHE A 3 2.80 14.36 3.67
N THR A 4 1.57 14.63 3.25
CA THR A 4 0.45 13.68 3.32
C THR A 4 0.05 13.23 1.92
N TYR A 5 -0.05 11.92 1.70
CA TYR A 5 -0.67 11.34 0.52
C TYR A 5 -1.96 10.64 0.97
N GLU A 6 -3.10 11.25 0.68
CA GLU A 6 -4.38 10.55 0.55
C GLU A 6 -4.50 10.01 -0.89
N SER A 7 -4.89 8.75 -1.05
CA SER A 7 -5.06 8.09 -2.35
C SER A 7 -6.23 7.11 -2.30
N GLU A 8 -7.11 7.16 -3.30
CA GLU A 8 -8.37 6.43 -3.36
C GLU A 8 -8.58 5.84 -4.76
N PHE A 9 -9.12 4.62 -4.85
CA PHE A 9 -9.51 4.00 -6.12
C PHE A 9 -10.59 2.93 -5.92
N THR A 10 -11.53 2.79 -6.85
CA THR A 10 -12.67 1.89 -6.72
C THR A 10 -12.33 0.52 -7.35
N SER A 11 -12.77 -0.60 -6.75
CA SER A 11 -13.03 -1.82 -7.55
C SER A 11 -14.45 -2.29 -7.43
N GLU A 12 -14.76 -3.11 -8.40
CA GLU A 12 -15.96 -3.90 -8.47
C GLU A 12 -15.73 -5.18 -7.63
N ILE A 13 -15.77 -5.03 -6.29
CA ILE A 13 -15.77 -6.05 -5.22
C ILE A 13 -16.20 -5.40 -3.88
N PRO A 14 -16.90 -6.12 -2.97
CA PRO A 14 -17.21 -5.65 -1.61
C PRO A 14 -16.00 -5.49 -0.65
N PRO A 15 -16.08 -4.62 0.37
CA PRO A 15 -14.99 -4.40 1.32
C PRO A 15 -14.43 -5.66 2.00
N PRO A 16 -15.23 -6.66 2.44
CA PRO A 16 -14.71 -7.86 3.10
C PRO A 16 -13.66 -8.63 2.29
N ARG A 17 -13.89 -8.82 0.98
CA ARG A 17 -12.97 -9.51 0.07
C ARG A 17 -11.72 -8.68 -0.14
N LEU A 18 -11.91 -7.38 -0.32
CA LEU A 18 -10.81 -6.47 -0.58
C LEU A 18 -9.85 -6.38 0.60
N PHE A 19 -10.38 -6.45 1.82
CA PHE A 19 -9.60 -6.36 3.05
C PHE A 19 -8.77 -7.62 3.31
N LYS A 20 -9.28 -8.82 2.96
CA LYS A 20 -8.43 -10.03 2.94
C LYS A 20 -7.22 -9.87 2.02
N ALA A 21 -7.44 -9.32 0.83
CA ALA A 21 -6.40 -9.08 -0.16
C ALA A 21 -5.42 -7.95 0.21
N PHE A 22 -5.92 -6.83 0.77
CA PHE A 22 -5.10 -5.64 1.04
C PHE A 22 -4.36 -5.72 2.39
N VAL A 23 -4.92 -6.46 3.37
CA VAL A 23 -4.35 -6.63 4.70
C VAL A 23 -3.77 -8.03 4.92
N LEU A 24 -4.59 -9.09 4.96
CA LEU A 24 -4.16 -10.34 5.61
C LEU A 24 -3.30 -11.25 4.71
N ASP A 25 -3.65 -11.38 3.42
CA ASP A 25 -2.88 -12.10 2.39
C ASP A 25 -2.09 -11.13 1.47
N ALA A 26 -1.80 -9.92 1.95
CA ALA A 26 -1.29 -8.84 1.11
C ALA A 26 0.08 -9.13 0.46
N ASP A 27 0.95 -9.91 1.09
CA ASP A 27 2.18 -10.42 0.50
C ASP A 27 1.95 -11.36 -0.70
N ASN A 28 0.83 -12.09 -0.73
CA ASN A 28 0.45 -12.91 -1.86
C ASN A 28 -0.24 -12.08 -2.97
N LEU A 29 -1.07 -11.08 -2.57
CA LEU A 29 -1.69 -10.12 -3.49
C LEU A 29 -0.61 -9.23 -4.16
N VAL A 30 0.37 -8.71 -3.43
CA VAL A 30 1.22 -7.57 -3.85
C VAL A 30 1.95 -7.81 -5.17
N PRO A 31 2.75 -8.86 -5.39
CA PRO A 31 3.32 -9.15 -6.71
C PRO A 31 2.31 -9.68 -7.72
N LYS A 32 1.06 -9.97 -7.35
CA LYS A 32 -0.02 -10.13 -8.37
C LYS A 32 -0.55 -8.79 -8.88
N ILE A 33 -0.28 -7.67 -8.20
CA ILE A 33 -0.85 -6.34 -8.54
C ILE A 33 0.12 -5.15 -8.47
N ALA A 34 1.38 -5.37 -8.12
CA ALA A 34 2.57 -4.56 -8.42
C ALA A 34 3.59 -5.25 -9.37
N PRO A 35 3.18 -6.16 -10.30
CA PRO A 35 4.08 -6.99 -11.11
C PRO A 35 4.94 -6.23 -12.12
N GLN A 36 4.74 -4.92 -12.26
CA GLN A 36 5.60 -4.07 -13.09
C GLN A 36 7.03 -3.97 -12.50
N ALA A 37 7.18 -4.15 -11.18
CA ALA A 37 8.47 -4.01 -10.50
C ALA A 37 8.71 -4.93 -9.28
N ILE A 38 7.68 -5.47 -8.62
CA ILE A 38 7.81 -6.16 -7.32
C ILE A 38 7.74 -7.69 -7.42
N LYS A 39 8.52 -8.39 -6.57
CA LYS A 39 8.80 -9.83 -6.57
C LYS A 39 8.26 -10.62 -5.37
N HIS A 40 8.69 -10.28 -4.15
CA HIS A 40 8.44 -11.06 -2.92
C HIS A 40 8.22 -10.13 -1.72
N SER A 41 7.87 -10.65 -0.54
CA SER A 41 7.56 -9.90 0.69
C SER A 41 7.96 -10.68 1.97
N GLU A 42 8.64 -10.02 2.92
CA GLU A 42 9.29 -10.74 4.06
C GLU A 42 8.75 -10.65 5.53
N ILE A 43 8.67 -11.84 6.11
CA ILE A 43 8.78 -11.87 7.56
C ILE A 43 10.30 -11.84 7.81
N LEU A 44 10.77 -10.59 7.97
CA LEU A 44 12.13 -10.20 8.34
C LEU A 44 12.09 -9.83 9.82
N GLU A 45 11.05 -9.08 10.17
CA GLU A 45 10.49 -9.21 11.53
C GLU A 45 9.13 -9.89 11.44
N GLY A 46 8.58 -10.39 12.55
CA GLY A 46 7.18 -10.74 12.69
C GLY A 46 6.91 -12.09 13.32
N ASP A 47 5.68 -12.18 13.80
CA ASP A 47 4.92 -13.43 13.90
C ASP A 47 3.67 -13.34 13.00
N GLY A 48 3.80 -12.61 11.89
CA GLY A 48 2.78 -12.52 10.82
C GLY A 48 1.76 -11.39 10.97
N GLY A 49 1.33 -11.03 12.17
CA GLY A 49 0.45 -9.89 12.44
C GLY A 49 1.21 -8.55 12.57
N PRO A 50 0.67 -7.55 13.28
CA PRO A 50 1.42 -6.35 13.63
C PRO A 50 2.76 -6.67 14.31
N GLY A 51 3.84 -6.01 13.86
CA GLY A 51 5.24 -6.31 14.16
C GLY A 51 6.02 -6.92 12.97
N THR A 52 5.35 -7.43 11.93
CA THR A 52 5.97 -8.16 10.80
C THR A 52 6.54 -7.24 9.71
N ILE A 53 7.79 -7.42 9.20
CA ILE A 53 8.45 -6.20 8.67
C ILE A 53 8.61 -6.72 7.31
N LYS A 54 7.65 -6.35 6.44
CA LYS A 54 7.44 -7.08 5.20
C LYS A 54 8.24 -6.39 4.15
N LYS A 55 9.27 -7.12 3.74
CA LYS A 55 10.38 -6.51 3.03
C LYS A 55 10.52 -7.15 1.66
N ILE A 56 10.48 -6.27 0.68
CA ILE A 56 9.80 -6.51 -0.57
C ILE A 56 10.83 -6.37 -1.66
N THR A 57 11.10 -7.47 -2.35
CA THR A 57 12.21 -7.49 -3.32
C THR A 57 11.70 -6.94 -4.64
N PHE A 58 12.45 -6.03 -5.29
CA PHE A 58 12.16 -5.58 -6.65
C PHE A 58 12.88 -6.42 -7.71
N GLY A 59 12.44 -6.32 -8.97
CA GLY A 59 12.94 -7.07 -10.12
C GLY A 59 14.43 -6.83 -10.48
N GLU A 60 14.93 -7.62 -11.43
CA GLU A 60 16.34 -7.69 -11.82
C GLU A 60 16.91 -6.38 -12.43
N GLY A 61 16.08 -5.38 -12.72
CA GLY A 61 16.49 -4.08 -13.26
C GLY A 61 17.28 -3.15 -12.30
N SER A 62 17.54 -3.57 -11.05
CA SER A 62 18.35 -2.84 -10.05
C SER A 62 17.87 -1.43 -9.64
N GLN A 63 16.69 -1.01 -10.09
CA GLN A 63 16.16 0.35 -9.93
C GLN A 63 15.81 0.76 -8.48
N TYR A 64 15.67 -0.20 -7.55
CA TYR A 64 15.14 0.01 -6.20
C TYR A 64 15.88 -0.80 -5.12
N GLY A 65 16.33 -2.02 -5.44
CA GLY A 65 16.79 -2.98 -4.43
C GLY A 65 15.59 -3.61 -3.71
N TYR A 66 15.17 -2.99 -2.61
CA TYR A 66 14.06 -3.42 -1.77
C TYR A 66 13.26 -2.23 -1.21
N VAL A 67 12.08 -2.51 -0.63
CA VAL A 67 11.36 -1.60 0.28
C VAL A 67 10.84 -2.36 1.49
N LYS A 68 10.83 -1.73 2.67
CA LYS A 68 10.57 -2.39 3.96
C LYS A 68 9.29 -1.81 4.58
N HIS A 69 8.25 -2.64 4.69
CA HIS A 69 6.97 -2.30 5.37
C HIS A 69 7.00 -2.87 6.79
N LYS A 70 6.18 -2.39 7.73
CA LYS A 70 5.94 -2.96 9.07
C LYS A 70 4.47 -2.89 9.37
N ILE A 71 3.76 -4.00 9.53
CA ILE A 71 2.35 -3.89 9.96
C ILE A 71 2.31 -3.34 11.39
N ASP A 72 1.46 -2.36 11.65
CA ASP A 72 1.34 -1.66 12.93
C ASP A 72 -0.04 -1.87 13.59
N SER A 73 -1.09 -2.19 12.82
CA SER A 73 -2.40 -2.67 13.32
C SER A 73 -3.16 -3.43 12.23
N ILE A 74 -3.82 -4.55 12.57
CA ILE A 74 -4.70 -5.32 11.68
C ILE A 74 -6.03 -5.62 12.39
N ASP A 75 -7.06 -4.88 12.02
CA ASP A 75 -8.39 -4.97 12.67
C ASP A 75 -9.58 -4.92 11.69
N LYS A 76 -10.06 -6.08 11.25
CA LYS A 76 -11.25 -6.26 10.39
C LYS A 76 -12.53 -5.61 10.94
N GLU A 77 -12.77 -5.68 12.25
CA GLU A 77 -14.02 -5.21 12.88
C GLU A 77 -14.11 -3.68 12.94
N ASN A 78 -12.97 -3.02 13.16
CA ASN A 78 -12.82 -1.56 13.02
C ASN A 78 -12.66 -1.17 11.54
N HIS A 79 -12.25 -2.14 10.71
CA HIS A 79 -12.16 -2.10 9.25
C HIS A 79 -11.13 -1.12 8.70
N SER A 80 -10.06 -0.86 9.46
CA SER A 80 -8.86 -0.16 9.00
C SER A 80 -7.58 -0.96 9.30
N TYR A 81 -6.52 -0.63 8.58
CA TYR A 81 -5.26 -1.36 8.56
C TYR A 81 -4.07 -0.40 8.50
N SER A 82 -3.27 -0.39 9.56
CA SER A 82 -2.15 0.54 9.74
C SER A 82 -0.83 -0.17 9.53
N TYR A 83 0.06 0.43 8.73
CA TYR A 83 1.42 -0.08 8.51
C TYR A 83 2.42 1.06 8.27
N THR A 84 3.63 0.91 8.79
CA THR A 84 4.77 1.80 8.53
C THR A 84 5.53 1.35 7.28
N LEU A 85 6.19 2.26 6.60
CA LEU A 85 7.23 2.02 5.61
C LEU A 85 8.50 2.72 6.11
N ILE A 86 9.57 1.93 6.28
CA ILE A 86 10.69 2.24 7.18
C ILE A 86 12.05 2.25 6.50
N GLU A 87 12.26 1.48 5.43
CA GLU A 87 13.58 1.38 4.80
C GLU A 87 13.54 0.98 3.31
N GLY A 88 14.62 1.23 2.57
CA GLY A 88 14.77 0.88 1.15
C GLY A 88 14.61 2.07 0.20
N ASP A 89 14.38 1.83 -1.10
CA ASP A 89 14.34 2.89 -2.13
C ASP A 89 13.32 4.00 -1.80
N ALA A 90 12.14 3.64 -1.32
CA ALA A 90 11.09 4.60 -0.96
C ALA A 90 11.39 5.45 0.29
N LEU A 91 12.49 5.19 1.03
CA LEU A 91 13.05 6.18 1.97
C LEU A 91 14.25 6.92 1.37
N GLY A 92 14.99 6.32 0.45
CA GLY A 92 15.97 6.89 -0.50
C GLY A 92 16.94 7.99 -0.01
N ASP A 93 17.19 8.15 1.29
CA ASP A 93 17.77 9.35 1.90
C ASP A 93 17.00 10.65 1.54
N ASN A 94 15.73 10.51 1.16
CA ASN A 94 14.74 11.58 1.05
C ASN A 94 13.85 11.64 2.32
N LEU A 95 13.72 10.50 3.00
CA LEU A 95 12.59 10.14 3.86
C LEU A 95 13.09 9.39 5.09
N GLU A 96 12.50 9.70 6.26
CA GLU A 96 12.87 9.14 7.57
C GLU A 96 11.95 7.99 8.00
N LYS A 97 10.64 8.10 7.70
CA LYS A 97 9.64 7.03 7.72
C LYS A 97 8.34 7.51 7.08
N ILE A 98 7.46 6.59 6.74
CA ILE A 98 6.11 6.90 6.26
C ILE A 98 5.11 6.05 7.02
N SER A 99 4.18 6.66 7.74
CA SER A 99 2.98 5.96 8.23
C SER A 99 1.98 5.81 7.08
N TYR A 100 1.39 4.63 6.92
CA TYR A 100 0.14 4.40 6.17
C TYR A 100 -0.97 3.96 7.13
N GLU A 101 -2.20 4.35 6.82
CA GLU A 101 -3.40 3.64 7.27
C GLU A 101 -4.46 3.62 6.16
N THR A 102 -5.00 2.43 5.90
CA THR A 102 -5.99 2.15 4.85
C THR A 102 -7.38 1.87 5.42
N LYS A 103 -8.40 2.30 4.68
CA LYS A 103 -9.81 1.92 4.80
C LYS A 103 -10.41 1.61 3.43
N LEU A 104 -11.25 0.58 3.37
CA LEU A 104 -11.86 0.05 2.14
C LEU A 104 -13.36 0.38 2.22
N VAL A 105 -13.73 1.55 1.71
CA VAL A 105 -15.01 2.22 1.98
C VAL A 105 -16.06 1.78 0.95
N ALA A 106 -17.36 1.96 1.20
CA ALA A 106 -18.43 1.58 0.28
C ALA A 106 -18.72 2.74 -0.68
N SER A 107 -18.55 2.57 -1.99
CA SER A 107 -18.91 3.64 -2.94
C SER A 107 -20.45 3.76 -3.04
N PRO A 108 -21.05 4.97 -3.14
CA PRO A 108 -22.50 5.12 -3.14
C PRO A 108 -23.25 4.39 -4.29
N SER A 109 -22.62 4.19 -5.45
CA SER A 109 -23.26 3.53 -6.63
C SER A 109 -22.64 2.19 -7.05
N GLY A 110 -21.50 1.80 -6.49
CA GLY A 110 -20.68 0.70 -7.00
C GLY A 110 -20.05 -0.14 -5.90
N GLY A 111 -18.87 -0.70 -6.17
CA GLY A 111 -18.15 -1.57 -5.23
C GLY A 111 -17.38 -0.71 -4.21
N SER A 112 -16.22 -1.17 -3.76
CA SER A 112 -15.49 -0.52 -2.66
C SER A 112 -14.35 0.39 -3.13
N ILE A 113 -14.23 1.53 -2.44
CA ILE A 113 -13.12 2.49 -2.52
C ILE A 113 -11.94 1.96 -1.68
N ILE A 114 -10.94 1.39 -2.36
CA ILE A 114 -9.62 1.07 -1.80
C ILE A 114 -8.91 2.39 -1.50
N LYS A 115 -8.83 2.75 -0.21
CA LYS A 115 -8.36 4.07 0.20
C LYS A 115 -7.27 3.99 1.25
N SER A 116 -6.22 4.78 1.05
CA SER A 116 -5.12 4.95 1.99
C SER A 116 -4.82 6.41 2.25
N THR A 117 -4.52 6.75 3.50
CA THR A 117 -3.88 8.02 3.85
C THR A 117 -2.54 7.74 4.51
N SER A 118 -1.53 8.56 4.23
CA SER A 118 -0.15 8.29 4.65
C SER A 118 0.66 9.57 4.89
N HIS A 119 1.55 9.55 5.89
CA HIS A 119 2.24 10.73 6.46
C HIS A 119 3.77 10.57 6.42
N TYR A 120 4.40 11.49 5.71
CA TYR A 120 5.78 11.32 5.32
C TYR A 120 6.59 12.16 6.27
N HIS A 121 7.24 11.45 7.17
CA HIS A 121 8.33 12.02 7.97
C HIS A 121 9.55 12.19 7.06
N THR A 122 9.82 13.39 6.58
CA THR A 122 10.90 13.67 5.62
C THR A 122 12.26 13.87 6.30
N LYS A 123 13.33 13.58 5.56
CA LYS A 123 14.71 13.44 6.09
C LYS A 123 15.49 14.74 6.02
N GLY A 124 15.98 15.23 7.16
CA GLY A 124 16.68 16.51 7.25
C GLY A 124 15.81 17.66 6.74
N ASP A 125 16.31 18.43 5.79
CA ASP A 125 15.59 19.48 5.04
C ASP A 125 15.32 19.07 3.59
N VAL A 126 15.14 17.76 3.35
CA VAL A 126 14.40 17.31 2.17
C VAL A 126 12.92 17.57 2.40
N GLU A 127 12.27 18.26 1.48
CA GLU A 127 10.81 18.32 1.30
C GLU A 127 10.39 17.63 0.00
N ILE A 128 9.30 16.85 0.01
CA ILE A 128 8.85 16.11 -1.18
C ILE A 128 8.01 16.99 -2.10
N LYS A 129 8.42 16.97 -3.36
CA LYS A 129 7.78 17.69 -4.44
C LYS A 129 6.43 17.06 -4.83
N GLU A 130 5.43 17.89 -5.10
CA GLU A 130 4.11 17.42 -5.48
C GLU A 130 4.10 16.61 -6.79
N GLU A 131 4.99 16.91 -7.74
CA GLU A 131 5.13 16.11 -8.96
C GLU A 131 5.53 14.64 -8.67
N HIS A 132 6.27 14.38 -7.57
CA HIS A 132 6.51 13.03 -7.05
C HIS A 132 5.30 12.47 -6.27
N VAL A 133 4.54 13.32 -5.57
CA VAL A 133 3.28 12.93 -4.90
C VAL A 133 2.26 12.41 -5.91
N LYS A 134 2.12 13.12 -7.03
CA LYS A 134 1.17 12.90 -8.13
C LYS A 134 1.42 11.59 -8.85
N ALA A 135 2.63 11.43 -9.40
CA ALA A 135 3.11 10.15 -9.93
C ALA A 135 3.04 9.05 -8.87
N GLY A 136 3.20 9.44 -7.61
CA GLY A 136 3.17 8.50 -6.48
C GLY A 136 1.77 7.90 -6.35
N LYS A 137 0.75 8.76 -6.34
CA LYS A 137 -0.67 8.39 -6.37
C LYS A 137 -1.05 7.64 -7.66
N GLU A 138 -0.44 7.96 -8.80
CA GLU A 138 -0.60 7.21 -10.06
C GLU A 138 0.08 5.82 -10.09
N LYS A 139 1.09 5.53 -9.28
CA LYS A 139 1.64 4.19 -9.13
C LYS A 139 0.65 3.51 -8.22
N ALA A 140 0.33 4.21 -7.13
CA ALA A 140 -0.17 3.54 -6.02
C ALA A 140 -1.64 3.14 -6.23
N SER A 141 -2.43 4.04 -6.81
CA SER A 141 -3.74 3.74 -7.38
C SER A 141 -3.70 2.86 -8.63
N ASN A 142 -2.60 2.74 -9.39
CA ASN A 142 -2.52 1.69 -10.43
C ASN A 142 -2.51 0.27 -9.81
N LEU A 143 -1.78 0.01 -8.74
CA LEU A 143 -1.86 -1.24 -7.98
C LEU A 143 -3.23 -1.34 -7.35
N PHE A 144 -3.86 -0.24 -6.92
CA PHE A 144 -5.24 -0.34 -6.48
C PHE A 144 -6.24 -0.63 -7.62
N LYS A 145 -5.90 -0.31 -8.86
CA LYS A 145 -6.63 -0.68 -10.06
C LYS A 145 -6.33 -2.12 -10.47
N LEU A 146 -5.22 -2.74 -10.01
CA LEU A 146 -4.75 -3.93 -10.70
C LEU A 146 -5.52 -5.09 -10.10
N ILE A 147 -5.49 -5.10 -8.77
CA ILE A 147 -6.39 -5.64 -7.78
C ILE A 147 -7.80 -5.15 -7.94
N GLU A 148 -8.15 -3.98 -8.51
CA GLU A 148 -9.59 -3.81 -8.77
C GLU A 148 -9.98 -5.00 -9.56
N THR A 149 -9.31 -5.09 -10.70
CA THR A 149 -9.83 -6.05 -11.62
C THR A 149 -9.30 -7.42 -11.19
N TYR A 150 -8.18 -7.56 -10.45
CA TYR A 150 -7.79 -8.91 -10.03
C TYR A 150 -8.79 -9.45 -9.02
N LEU A 151 -9.24 -8.64 -8.04
CA LEU A 151 -10.09 -9.16 -6.98
C LEU A 151 -11.51 -9.54 -7.48
N LYS A 152 -11.86 -8.93 -8.59
CA LYS A 152 -13.07 -9.03 -9.43
C LYS A 152 -13.02 -10.12 -10.50
N GLY A 153 -11.88 -10.26 -11.16
CA GLY A 153 -11.69 -11.00 -12.41
C GLY A 153 -10.91 -12.28 -12.24
N HIS A 154 -10.40 -12.53 -11.03
CA HIS A 154 -10.09 -13.87 -10.56
C HIS A 154 -10.78 -14.06 -9.22
N PRO A 155 -12.07 -13.70 -9.06
CA PRO A 155 -12.85 -13.48 -7.84
C PRO A 155 -13.06 -14.68 -6.94
N ASP A 156 -12.48 -15.83 -7.28
CA ASP A 156 -11.89 -16.57 -6.18
C ASP A 156 -10.68 -15.89 -5.46
N ALA A 157 -10.47 -14.59 -5.67
CA ALA A 157 -9.16 -13.93 -5.66
C ALA A 157 -8.46 -14.01 -4.30
N TYR A 158 -9.20 -13.73 -3.23
CA TYR A 158 -8.87 -14.09 -1.85
C TYR A 158 -10.09 -14.72 -1.17
N ASN A 159 -10.68 -15.68 -1.89
CA ASN A 159 -11.81 -16.53 -1.52
C ASN A 159 -11.40 -17.56 -0.48
N GLY A 1 7.62 16.12 9.88
CA GLY A 1 6.90 14.84 9.82
C GLY A 1 5.92 14.74 8.66
N VAL A 2 5.45 15.87 8.13
CA VAL A 2 4.60 15.88 6.93
C VAL A 2 5.23 16.63 5.76
N PHE A 3 5.48 15.89 4.70
CA PHE A 3 4.59 16.02 3.55
C PHE A 3 3.42 15.03 3.73
N THR A 4 2.22 15.41 3.31
CA THR A 4 0.98 14.63 3.38
C THR A 4 0.58 14.14 2.00
N TYR A 5 0.12 12.90 1.91
CA TYR A 5 -0.52 12.33 0.73
C TYR A 5 -1.89 11.80 1.16
N GLU A 6 -2.92 12.05 0.38
CA GLU A 6 -4.21 11.36 0.46
C GLU A 6 -4.49 10.74 -0.92
N SER A 7 -4.57 9.41 -1.00
CA SER A 7 -4.74 8.66 -2.25
C SER A 7 -5.99 7.80 -2.17
N GLU A 8 -6.86 7.88 -3.18
CA GLU A 8 -8.15 7.19 -3.21
C GLU A 8 -8.40 6.56 -4.57
N PHE A 9 -8.84 5.30 -4.62
CA PHE A 9 -9.28 4.66 -5.85
C PHE A 9 -10.38 3.62 -5.59
N THR A 10 -11.38 3.54 -6.46
CA THR A 10 -12.57 2.72 -6.26
C THR A 10 -12.39 1.34 -6.90
N SER A 11 -12.94 0.27 -6.33
CA SER A 11 -13.25 -0.94 -7.10
C SER A 11 -14.68 -1.40 -6.99
N GLU A 12 -14.99 -2.21 -7.97
CA GLU A 12 -16.14 -3.07 -8.02
C GLU A 12 -15.89 -4.29 -7.12
N ILE A 13 -15.94 -4.09 -5.80
CA ILE A 13 -15.96 -5.11 -4.71
C ILE A 13 -16.43 -4.43 -3.40
N PRO A 14 -17.26 -5.08 -2.57
CA PRO A 14 -17.60 -4.63 -1.22
C PRO A 14 -16.38 -4.61 -0.25
N PRO A 15 -16.33 -3.69 0.73
CA PRO A 15 -15.18 -3.54 1.64
C PRO A 15 -14.59 -4.83 2.26
N PRO A 16 -15.37 -5.83 2.71
CA PRO A 16 -14.84 -7.03 3.38
C PRO A 16 -13.79 -7.80 2.58
N ARG A 17 -14.01 -7.99 1.27
CA ARG A 17 -13.11 -8.71 0.37
C ARG A 17 -11.84 -7.91 0.13
N LEU A 18 -12.02 -6.59 -0.04
CA LEU A 18 -10.89 -5.70 -0.24
C LEU A 18 -9.98 -5.67 0.96
N PHE A 19 -10.55 -5.76 2.16
CA PHE A 19 -9.82 -5.72 3.42
C PHE A 19 -9.02 -7.02 3.68
N LYS A 20 -9.55 -8.18 3.28
CA LYS A 20 -8.74 -9.41 3.23
C LYS A 20 -7.51 -9.24 2.35
N ALA A 21 -7.71 -8.71 1.14
CA ALA A 21 -6.64 -8.50 0.17
C ALA A 21 -5.62 -7.42 0.58
N PHE A 22 -6.07 -6.31 1.17
CA PHE A 22 -5.21 -5.17 1.52
C PHE A 22 -4.50 -5.37 2.86
N VAL A 23 -5.12 -6.07 3.82
CA VAL A 23 -4.54 -6.33 5.15
C VAL A 23 -4.05 -7.76 5.29
N LEU A 24 -4.93 -8.76 5.33
CA LEU A 24 -4.57 -10.07 5.90
C LEU A 24 -3.82 -11.01 4.95
N ASP A 25 -3.99 -10.84 3.64
CA ASP A 25 -3.35 -11.60 2.57
C ASP A 25 -2.46 -10.73 1.66
N ALA A 26 -2.01 -9.56 2.14
CA ALA A 26 -1.42 -8.54 1.27
C ALA A 26 -0.14 -8.97 0.53
N ASP A 27 0.76 -9.76 1.11
CA ASP A 27 1.92 -10.34 0.40
C ASP A 27 1.55 -11.36 -0.69
N ASN A 28 0.33 -11.90 -0.65
CA ASN A 28 -0.24 -12.74 -1.70
C ASN A 28 -0.94 -11.88 -2.77
N LEU A 29 -1.62 -10.80 -2.39
CA LEU A 29 -2.20 -9.81 -3.30
C LEU A 29 -1.10 -9.02 -4.06
N VAL A 30 -0.02 -8.61 -3.41
CA VAL A 30 0.86 -7.51 -3.82
C VAL A 30 1.54 -7.74 -5.18
N PRO A 31 2.27 -8.82 -5.46
CA PRO A 31 2.79 -9.08 -6.80
C PRO A 31 1.72 -9.54 -7.79
N LYS A 32 0.47 -9.80 -7.37
CA LYS A 32 -0.64 -9.87 -8.36
C LYS A 32 -1.06 -8.49 -8.87
N ILE A 33 -0.76 -7.40 -8.15
CA ILE A 33 -1.29 -6.04 -8.44
C ILE A 33 -0.29 -4.88 -8.40
N ALA A 34 0.98 -5.14 -8.08
CA ALA A 34 2.16 -4.32 -8.39
C ALA A 34 3.15 -4.98 -9.40
N PRO A 35 2.73 -5.90 -10.29
CA PRO A 35 3.60 -6.79 -11.06
C PRO A 35 4.58 -6.09 -12.02
N GLN A 36 4.38 -4.82 -12.36
CA GLN A 36 5.29 -4.08 -13.25
C GLN A 36 6.68 -3.80 -12.65
N ALA A 37 6.85 -4.02 -11.33
CA ALA A 37 8.12 -3.84 -10.65
C ALA A 37 8.34 -4.80 -9.46
N ILE A 38 7.28 -5.15 -8.73
CA ILE A 38 7.37 -5.81 -7.41
C ILE A 38 7.35 -7.34 -7.48
N LYS A 39 8.13 -7.98 -6.59
CA LYS A 39 8.55 -9.38 -6.67
C LYS A 39 8.13 -10.29 -5.51
N HIS A 40 8.62 -10.01 -4.30
CA HIS A 40 8.46 -10.84 -3.08
C HIS A 40 8.20 -9.94 -1.87
N SER A 41 7.90 -10.48 -0.68
CA SER A 41 7.59 -9.70 0.55
C SER A 41 8.03 -10.39 1.85
N GLU A 42 8.58 -9.63 2.82
CA GLU A 42 9.20 -10.23 4.04
C GLU A 42 8.54 -10.11 5.45
N ILE A 43 8.36 -11.28 6.03
CA ILE A 43 8.47 -11.33 7.47
C ILE A 43 9.98 -11.34 7.74
N LEU A 44 10.50 -10.11 7.91
CA LEU A 44 11.87 -9.69 8.22
C LEU A 44 11.90 -9.21 9.66
N GLU A 45 10.81 -8.56 10.05
CA GLU A 45 10.31 -8.76 11.42
C GLU A 45 8.93 -9.41 11.35
N GLY A 46 8.34 -9.86 12.47
CA GLY A 46 6.92 -10.17 12.58
C GLY A 46 6.53 -11.52 13.15
N ASP A 47 5.33 -11.52 13.72
CA ASP A 47 4.48 -12.70 13.85
C ASP A 47 3.28 -12.61 12.88
N GLY A 48 3.44 -11.81 11.82
CA GLY A 48 2.42 -11.60 10.77
C GLY A 48 1.43 -10.47 11.06
N GLY A 49 1.13 -10.17 12.32
CA GLY A 49 0.37 -8.98 12.72
C GLY A 49 1.22 -7.71 12.77
N PRO A 50 0.79 -6.66 13.49
CA PRO A 50 1.59 -5.47 13.74
C PRO A 50 3.00 -5.79 14.30
N GLY A 51 4.03 -5.13 13.76
CA GLY A 51 5.45 -5.40 13.96
C GLY A 51 6.15 -6.02 12.72
N THR A 52 5.40 -6.71 11.87
CA THR A 52 5.90 -7.51 10.72
C THR A 52 6.46 -6.63 9.61
N ILE A 53 7.72 -6.85 9.12
CA ILE A 53 8.39 -5.62 8.61
C ILE A 53 8.49 -6.14 7.24
N LYS A 54 7.52 -5.76 6.39
CA LYS A 54 7.28 -6.48 5.16
C LYS A 54 8.08 -5.78 4.12
N LYS A 55 9.12 -6.50 3.72
CA LYS A 55 10.13 -5.91 2.85
C LYS A 55 9.97 -6.49 1.47
N ILE A 56 9.52 -5.62 0.56
CA ILE A 56 9.11 -5.97 -0.77
C ILE A 56 10.33 -5.83 -1.68
N THR A 57 10.70 -6.92 -2.37
CA THR A 57 11.82 -6.89 -3.32
C THR A 57 11.32 -6.46 -4.70
N PHE A 58 12.10 -5.67 -5.44
CA PHE A 58 11.83 -5.28 -6.83
C PHE A 58 12.61 -6.16 -7.83
N GLY A 59 12.13 -6.23 -9.07
CA GLY A 59 12.63 -7.12 -10.13
C GLY A 59 14.02 -6.80 -10.69
N GLU A 60 14.45 -7.61 -11.64
CA GLU A 60 15.85 -7.71 -12.13
C GLU A 60 16.42 -6.42 -12.74
N GLY A 61 15.59 -5.41 -13.02
CA GLY A 61 16.02 -4.10 -13.51
C GLY A 61 16.88 -3.29 -12.54
N SER A 62 16.94 -3.68 -11.25
CA SER A 62 17.80 -3.07 -10.21
C SER A 62 17.60 -1.58 -9.93
N GLN A 63 16.48 -0.99 -10.34
CA GLN A 63 16.22 0.44 -10.16
C GLN A 63 16.00 0.86 -8.69
N TYR A 64 15.61 -0.07 -7.81
CA TYR A 64 15.10 0.19 -6.46
C TYR A 64 15.69 -0.75 -5.38
N GLY A 65 16.05 -1.99 -5.70
CA GLY A 65 16.43 -3.02 -4.73
C GLY A 65 15.19 -3.53 -3.96
N TYR A 66 14.83 -2.83 -2.89
CA TYR A 66 13.68 -3.14 -2.03
C TYR A 66 13.00 -1.88 -1.46
N VAL A 67 11.84 -2.09 -0.84
CA VAL A 67 11.20 -1.15 0.10
C VAL A 67 10.75 -1.91 1.34
N LYS A 68 10.82 -1.30 2.52
CA LYS A 68 10.58 -1.94 3.82
C LYS A 68 9.35 -1.31 4.49
N HIS A 69 8.28 -2.08 4.63
CA HIS A 69 7.02 -1.70 5.33
C HIS A 69 7.07 -2.23 6.76
N LYS A 70 6.27 -1.70 7.69
CA LYS A 70 5.99 -2.28 9.02
C LYS A 70 4.52 -2.10 9.31
N ILE A 71 3.76 -3.17 9.51
CA ILE A 71 2.36 -2.98 9.93
C ILE A 71 2.35 -2.48 11.38
N ASP A 72 1.50 -1.50 11.70
CA ASP A 72 1.49 -0.80 13.00
C ASP A 72 0.18 -1.03 13.79
N SER A 73 -0.95 -1.24 13.10
CA SER A 73 -2.21 -1.80 13.63
C SER A 73 -2.95 -2.56 12.54
N ILE A 74 -3.60 -3.67 12.89
CA ILE A 74 -4.53 -4.40 12.01
C ILE A 74 -5.83 -4.67 12.76
N ASP A 75 -6.91 -4.05 12.29
CA ASP A 75 -8.25 -4.35 12.77
C ASP A 75 -9.29 -4.41 11.65
N LYS A 76 -9.92 -5.57 11.45
CA LYS A 76 -11.24 -5.66 10.80
C LYS A 76 -12.30 -4.92 11.63
N GLU A 77 -12.15 -4.88 12.96
CA GLU A 77 -13.15 -4.41 13.93
C GLU A 77 -13.15 -2.90 14.12
N ASN A 78 -11.98 -2.26 14.24
CA ASN A 78 -11.81 -0.81 14.07
C ASN A 78 -11.76 -0.44 12.57
N HIS A 79 -11.74 -1.44 11.69
CA HIS A 79 -11.88 -1.30 10.24
C HIS A 79 -10.85 -0.35 9.61
N SER A 80 -9.59 -0.40 10.05
CA SER A 80 -8.48 0.37 9.45
C SER A 80 -7.17 -0.42 9.49
N TYR A 81 -6.25 -0.05 8.61
CA TYR A 81 -4.95 -0.70 8.43
C TYR A 81 -3.84 0.34 8.53
N SER A 82 -3.21 0.41 9.69
CA SER A 82 -2.14 1.36 10.00
C SER A 82 -0.79 0.71 9.76
N TYR A 83 0.12 1.41 9.06
CA TYR A 83 1.47 0.92 8.77
C TYR A 83 2.49 2.06 8.66
N THR A 84 3.75 1.68 8.50
CA THR A 84 4.92 2.55 8.45
C THR A 84 5.81 2.07 7.31
N LEU A 85 6.60 2.95 6.71
CA LEU A 85 7.56 2.66 5.66
C LEU A 85 8.90 3.26 6.08
N ILE A 86 9.92 2.41 6.20
CA ILE A 86 11.08 2.63 7.08
C ILE A 86 12.44 2.53 6.37
N GLU A 87 12.54 1.77 5.28
CA GLU A 87 13.81 1.61 4.57
C GLU A 87 13.66 1.29 3.06
N GLY A 88 14.75 1.45 2.31
CA GLY A 88 14.88 1.07 0.90
C GLY A 88 14.88 2.26 -0.06
N ASP A 89 14.68 2.01 -1.36
CA ASP A 89 14.70 3.09 -2.36
C ASP A 89 13.70 4.20 -2.03
N ALA A 90 12.52 3.83 -1.54
CA ALA A 90 11.44 4.72 -1.12
C ALA A 90 11.75 5.55 0.15
N LEU A 91 12.90 5.36 0.81
CA LEU A 91 13.44 6.38 1.72
C LEU A 91 14.66 7.12 1.13
N GLY A 92 15.45 6.50 0.24
CA GLY A 92 16.48 7.11 -0.63
C GLY A 92 17.41 8.19 -0.07
N ASP A 93 17.62 8.27 1.26
CA ASP A 93 18.17 9.45 1.99
C ASP A 93 17.41 10.76 1.72
N ASN A 94 16.24 10.71 1.06
CA ASN A 94 15.24 11.78 0.98
C ASN A 94 14.38 11.83 2.27
N LEU A 95 14.21 10.67 2.89
CA LEU A 95 13.13 10.33 3.81
C LEU A 95 13.68 9.59 5.03
N GLU A 96 13.20 9.92 6.22
CA GLU A 96 13.59 9.32 7.50
C GLU A 96 12.65 8.17 7.90
N LYS A 97 11.33 8.37 7.69
CA LYS A 97 10.27 7.34 7.63
C LYS A 97 9.00 7.92 7.03
N ILE A 98 8.01 7.10 6.76
CA ILE A 98 6.68 7.53 6.32
C ILE A 98 5.61 6.75 7.10
N SER A 99 4.72 7.44 7.79
CA SER A 99 3.53 6.84 8.41
C SER A 99 2.40 6.72 7.37
N TYR A 100 1.61 5.66 7.43
CA TYR A 100 0.46 5.35 6.56
C TYR A 100 -0.73 4.86 7.38
N GLU A 101 -1.96 5.19 6.98
CA GLU A 101 -3.14 4.44 7.41
C GLU A 101 -4.21 4.41 6.32
N THR A 102 -4.67 3.20 6.00
CA THR A 102 -5.69 2.90 4.99
C THR A 102 -7.07 2.66 5.60
N LYS A 103 -8.08 3.13 4.88
CA LYS A 103 -9.49 2.79 5.01
C LYS A 103 -10.13 2.44 3.66
N LEU A 104 -10.88 1.36 3.65
CA LEU A 104 -11.62 0.82 2.50
C LEU A 104 -13.09 1.18 2.72
N VAL A 105 -13.48 2.36 2.25
CA VAL A 105 -14.75 3.03 2.60
C VAL A 105 -15.85 2.60 1.61
N ALA A 106 -17.13 2.76 1.95
CA ALA A 106 -18.24 2.25 1.16
C ALA A 106 -18.79 3.34 0.24
N SER A 107 -18.59 3.21 -1.08
CA SER A 107 -19.08 4.22 -2.03
C SER A 107 -20.62 4.23 -2.09
N PRO A 108 -21.30 5.40 -2.15
CA PRO A 108 -22.76 5.45 -2.21
C PRO A 108 -23.34 4.89 -3.52
N SER A 109 -22.56 4.85 -4.61
CA SER A 109 -23.02 4.50 -5.96
C SER A 109 -22.41 3.20 -6.51
N GLY A 110 -21.65 2.46 -5.70
CA GLY A 110 -20.76 1.39 -6.18
C GLY A 110 -20.21 0.49 -5.07
N GLY A 111 -18.99 0.01 -5.27
CA GLY A 111 -18.29 -0.88 -4.35
C GLY A 111 -17.57 -0.07 -3.27
N SER A 112 -16.25 -0.15 -3.22
CA SER A 112 -15.45 0.46 -2.13
C SER A 112 -14.34 1.40 -2.62
N ILE A 113 -14.19 2.50 -1.89
CA ILE A 113 -13.12 3.50 -2.00
C ILE A 113 -11.89 2.98 -1.24
N ILE A 114 -10.88 2.48 -1.94
CA ILE A 114 -9.58 2.07 -1.41
C ILE A 114 -8.75 3.33 -1.16
N LYS A 115 -8.77 3.79 0.10
CA LYS A 115 -8.24 5.09 0.49
C LYS A 115 -7.12 4.95 1.49
N SER A 116 -6.08 5.77 1.35
CA SER A 116 -4.95 5.86 2.25
C SER A 116 -4.50 7.30 2.47
N THR A 117 -4.24 7.67 3.73
CA THR A 117 -3.55 8.92 4.09
C THR A 117 -2.19 8.60 4.70
N SER A 118 -1.17 9.40 4.39
CA SER A 118 0.22 9.15 4.81
C SER A 118 1.04 10.44 5.03
N HIS A 119 2.05 10.35 5.90
CA HIS A 119 2.78 11.48 6.52
C HIS A 119 4.29 11.25 6.49
N TYR A 120 4.99 12.10 5.77
CA TYR A 120 6.31 11.78 5.29
C TYR A 120 7.26 12.57 6.15
N HIS A 121 7.89 11.83 7.05
CA HIS A 121 8.98 12.35 7.88
C HIS A 121 10.27 12.43 7.06
N THR A 122 10.68 13.63 6.69
CA THR A 122 11.74 13.88 5.71
C THR A 122 13.14 13.96 6.32
N LYS A 123 14.16 13.75 5.48
CA LYS A 123 15.56 13.58 5.88
C LYS A 123 16.33 14.88 5.64
N GLY A 124 17.03 15.37 6.66
CA GLY A 124 17.67 16.69 6.63
C GLY A 124 16.63 17.78 6.35
N ASP A 125 16.71 18.40 5.18
CA ASP A 125 15.71 19.34 4.67
C ASP A 125 15.27 19.01 3.23
N VAL A 126 15.16 17.72 2.92
CA VAL A 126 14.65 17.24 1.64
C VAL A 126 13.12 17.39 1.58
N GLU A 127 12.66 18.55 1.16
CA GLU A 127 11.24 18.84 0.95
C GLU A 127 10.71 18.11 -0.30
N ILE A 128 9.66 17.30 -0.15
CA ILE A 128 9.13 16.48 -1.23
C ILE A 128 8.27 17.31 -2.15
N LYS A 129 8.66 17.30 -3.42
CA LYS A 129 8.01 18.07 -4.46
C LYS A 129 6.63 17.52 -4.81
N GLU A 130 5.66 18.40 -5.03
CA GLU A 130 4.28 18.03 -5.33
C GLU A 130 4.16 17.20 -6.62
N GLU A 131 5.09 17.34 -7.56
CA GLU A 131 5.19 16.51 -8.76
C GLU A 131 5.53 15.04 -8.43
N HIS A 132 6.31 14.80 -7.37
CA HIS A 132 6.51 13.45 -6.80
C HIS A 132 5.32 13.00 -5.96
N VAL A 133 4.58 13.92 -5.33
CA VAL A 133 3.34 13.60 -4.60
C VAL A 133 2.28 13.07 -5.56
N LYS A 134 2.06 13.79 -6.66
CA LYS A 134 1.18 13.44 -7.79
C LYS A 134 1.52 12.10 -8.42
N ALA A 135 2.73 11.94 -8.96
CA ALA A 135 3.19 10.67 -9.50
C ALA A 135 3.15 9.56 -8.44
N GLY A 136 3.26 9.95 -7.18
CA GLY A 136 3.17 9.02 -6.06
C GLY A 136 1.77 8.43 -5.97
N LYS A 137 0.77 9.31 -5.87
CA LYS A 137 -0.66 8.97 -5.91
C LYS A 137 -1.04 8.22 -7.19
N GLU A 138 -0.48 8.61 -8.33
CA GLU A 138 -0.70 8.00 -9.65
C GLU A 138 -0.03 6.62 -9.86
N LYS A 139 1.02 6.24 -9.13
CA LYS A 139 1.65 4.93 -9.15
C LYS A 139 0.78 4.10 -8.25
N ALA A 140 0.49 4.67 -7.09
CA ALA A 140 0.03 3.90 -6.01
C ALA A 140 -1.45 3.52 -6.21
N SER A 141 -2.24 4.47 -6.73
CA SER A 141 -3.54 4.19 -7.32
C SER A 141 -3.49 3.27 -8.54
N ASN A 142 -2.38 3.09 -9.28
CA ASN A 142 -2.35 1.96 -10.25
C ASN A 142 -2.54 0.59 -9.56
N LEU A 143 -1.83 0.33 -8.47
CA LEU A 143 -2.00 -0.90 -7.67
C LEU A 143 -3.38 -0.91 -7.11
N PHE A 144 -3.91 0.22 -6.65
CA PHE A 144 -5.27 0.22 -6.13
C PHE A 144 -6.35 0.04 -7.22
N LYS A 145 -6.01 0.29 -8.49
CA LYS A 145 -6.81 -0.02 -9.66
C LYS A 145 -6.57 -1.46 -10.11
N LEU A 146 -5.50 -2.13 -9.69
CA LEU A 146 -5.07 -3.33 -10.40
C LEU A 146 -5.86 -4.47 -9.76
N ILE A 147 -5.79 -4.48 -8.44
CA ILE A 147 -6.69 -5.00 -7.43
C ILE A 147 -8.09 -4.46 -7.55
N GLU A 148 -8.41 -3.27 -8.11
CA GLU A 148 -9.85 -3.04 -8.35
C GLU A 148 -10.29 -4.22 -9.14
N THR A 149 -9.64 -4.35 -10.29
CA THR A 149 -10.20 -5.27 -11.19
C THR A 149 -9.73 -6.67 -10.78
N TYR A 150 -8.59 -6.86 -10.07
CA TYR A 150 -8.20 -8.21 -9.70
C TYR A 150 -9.17 -8.76 -8.66
N LEU A 151 -9.59 -7.93 -7.68
CA LEU A 151 -10.43 -8.45 -6.58
C LEU A 151 -11.87 -8.78 -7.03
N LYS A 152 -12.24 -8.15 -8.13
CA LYS A 152 -13.46 -8.20 -8.96
C LYS A 152 -13.46 -9.29 -10.04
N GLY A 153 -12.32 -9.48 -10.70
CA GLY A 153 -12.18 -10.16 -12.00
C GLY A 153 -11.49 -11.51 -11.87
N HIS A 154 -10.97 -11.80 -10.69
CA HIS A 154 -10.69 -13.16 -10.26
C HIS A 154 -11.34 -13.34 -8.89
N PRO A 155 -12.63 -12.93 -8.69
CA PRO A 155 -13.42 -12.72 -7.47
C PRO A 155 -13.68 -13.95 -6.63
N ASP A 156 -13.15 -15.12 -6.99
CA ASP A 156 -12.56 -15.89 -5.90
C ASP A 156 -11.33 -15.25 -5.18
N ALA A 157 -11.07 -13.95 -5.37
CA ALA A 157 -9.76 -13.31 -5.30
C ALA A 157 -9.04 -13.51 -3.97
N TYR A 158 -9.75 -13.25 -2.85
CA TYR A 158 -9.39 -13.69 -1.50
C TYR A 158 -10.61 -14.35 -0.83
N ASN A 159 -11.20 -15.28 -1.59
CA ASN A 159 -12.36 -16.11 -1.24
C ASN A 159 -11.98 -17.31 -0.36
N GLY A 1 4.85 14.22 11.31
CA GLY A 1 5.76 14.16 10.16
C GLY A 1 4.99 14.08 8.86
N VAL A 2 4.70 15.24 8.28
CA VAL A 2 3.92 15.31 7.03
C VAL A 2 4.65 15.91 5.84
N PHE A 3 4.83 15.09 4.81
CA PHE A 3 3.88 15.16 3.70
C PHE A 3 2.69 14.23 3.99
N THR A 4 1.48 14.64 3.61
CA THR A 4 0.28 13.80 3.63
C THR A 4 -0.08 13.43 2.19
N TYR A 5 -0.15 12.12 1.93
CA TYR A 5 -0.78 11.59 0.73
C TYR A 5 -2.14 11.03 1.20
N GLU A 6 -3.23 11.31 0.48
CA GLU A 6 -4.54 10.70 0.69
C GLU A 6 -5.07 10.26 -0.67
N SER A 7 -5.32 8.96 -0.82
CA SER A 7 -5.42 8.32 -2.14
C SER A 7 -6.58 7.33 -2.16
N GLU A 8 -7.52 7.52 -3.07
CA GLU A 8 -8.81 6.85 -3.06
C GLU A 8 -9.12 6.21 -4.41
N PHE A 9 -9.55 4.96 -4.44
CA PHE A 9 -9.94 4.27 -5.67
C PHE A 9 -11.05 3.25 -5.46
N THR A 10 -12.03 3.18 -6.36
CA THR A 10 -13.19 2.33 -6.25
C THR A 10 -12.94 0.99 -6.93
N SER A 11 -13.45 -0.12 -6.38
CA SER A 11 -13.71 -1.32 -7.19
C SER A 11 -15.09 -1.88 -6.99
N GLU A 12 -15.39 -2.68 -7.99
CA GLU A 12 -16.54 -3.54 -8.10
C GLU A 12 -16.25 -4.83 -7.28
N ILE A 13 -16.28 -4.69 -5.95
CA ILE A 13 -16.26 -5.73 -4.91
C ILE A 13 -16.77 -5.10 -3.59
N PRO A 14 -17.57 -5.83 -2.78
CA PRO A 14 -17.94 -5.42 -1.42
C PRO A 14 -16.76 -5.29 -0.44
N PRO A 15 -16.82 -4.41 0.57
CA PRO A 15 -15.71 -4.12 1.49
C PRO A 15 -14.99 -5.33 2.14
N PRO A 16 -15.65 -6.43 2.56
CA PRO A 16 -14.98 -7.55 3.24
C PRO A 16 -13.89 -8.25 2.44
N ARG A 17 -14.16 -8.50 1.14
CA ARG A 17 -13.25 -9.19 0.22
C ARG A 17 -12.05 -8.31 -0.04
N LEU A 18 -12.29 -7.00 -0.15
CA LEU A 18 -11.20 -6.07 -0.40
C LEU A 18 -10.23 -6.02 0.77
N PHE A 19 -10.74 -6.13 1.98
CA PHE A 19 -9.94 -6.11 3.19
C PHE A 19 -9.09 -7.40 3.34
N LYS A 20 -9.62 -8.58 2.99
CA LYS A 20 -8.77 -9.79 2.91
C LYS A 20 -7.59 -9.60 1.96
N ALA A 21 -7.84 -9.01 0.80
CA ALA A 21 -6.84 -8.73 -0.21
C ALA A 21 -5.85 -7.61 0.16
N PHE A 22 -6.30 -6.53 0.79
CA PHE A 22 -5.48 -5.36 1.09
C PHE A 22 -4.71 -5.50 2.41
N VAL A 23 -5.25 -6.26 3.38
CA VAL A 23 -4.65 -6.45 4.70
C VAL A 23 -4.04 -7.85 4.86
N LEU A 24 -4.87 -8.91 4.87
CA LEU A 24 -4.45 -10.17 5.51
C LEU A 24 -3.58 -11.04 4.59
N ASP A 25 -3.98 -11.25 3.35
CA ASP A 25 -3.19 -11.94 2.31
C ASP A 25 -2.50 -10.95 1.35
N ALA A 26 -2.22 -9.72 1.81
CA ALA A 26 -1.74 -8.64 0.96
C ALA A 26 -0.43 -8.93 0.22
N ASP A 27 0.50 -9.67 0.81
CA ASP A 27 1.73 -10.10 0.14
C ASP A 27 1.49 -11.09 -1.00
N ASN A 28 0.37 -11.81 -0.99
CA ASN A 28 -0.04 -12.67 -2.09
C ASN A 28 -0.84 -11.89 -3.16
N LEU A 29 -1.58 -10.84 -2.77
CA LEU A 29 -2.24 -9.90 -3.69
C LEU A 29 -1.20 -9.01 -4.41
N VAL A 30 -0.18 -8.51 -3.72
CA VAL A 30 0.65 -7.37 -4.15
C VAL A 30 1.36 -7.63 -5.48
N PRO A 31 2.12 -8.71 -5.71
CA PRO A 31 2.66 -9.02 -7.04
C PRO A 31 1.61 -9.46 -8.06
N LYS A 32 0.33 -9.66 -7.69
CA LYS A 32 -0.75 -9.75 -8.70
C LYS A 32 -1.20 -8.36 -9.21
N ILE A 33 -0.93 -7.28 -8.47
CA ILE A 33 -1.50 -5.93 -8.71
C ILE A 33 -0.53 -4.75 -8.62
N ALA A 34 0.73 -4.99 -8.27
CA ALA A 34 1.91 -4.16 -8.52
C ALA A 34 2.97 -4.81 -9.46
N PRO A 35 2.60 -5.73 -10.39
CA PRO A 35 3.53 -6.53 -11.18
C PRO A 35 4.48 -5.72 -12.06
N GLN A 36 4.18 -4.45 -12.35
CA GLN A 36 5.04 -3.52 -13.09
C GLN A 36 6.40 -3.25 -12.42
N ALA A 37 6.54 -3.56 -11.12
CA ALA A 37 7.81 -3.40 -10.40
C ALA A 37 8.07 -4.43 -9.28
N ILE A 38 7.04 -4.97 -8.61
CA ILE A 38 7.20 -5.75 -7.37
C ILE A 38 7.22 -7.28 -7.59
N LYS A 39 8.08 -7.98 -6.84
CA LYS A 39 8.47 -9.39 -7.02
C LYS A 39 8.25 -10.36 -5.85
N HIS A 40 8.69 -10.03 -4.63
CA HIS A 40 8.58 -10.87 -3.41
C HIS A 40 8.25 -10.03 -2.18
N SER A 41 8.00 -10.63 -1.01
CA SER A 41 7.65 -9.92 0.25
C SER A 41 8.04 -10.68 1.53
N GLU A 42 8.60 -9.99 2.54
CA GLU A 42 9.23 -10.66 3.71
C GLU A 42 8.58 -10.64 5.13
N ILE A 43 8.42 -11.86 5.63
CA ILE A 43 8.46 -12.00 7.07
C ILE A 43 9.97 -12.02 7.41
N LEU A 44 10.45 -10.81 7.68
CA LEU A 44 11.78 -10.42 8.17
C LEU A 44 11.64 -10.10 9.65
N GLU A 45 10.57 -9.38 9.97
CA GLU A 45 9.97 -9.57 11.30
C GLU A 45 8.62 -10.28 11.14
N GLY A 46 8.02 -10.81 12.22
CA GLY A 46 6.61 -11.16 12.27
C GLY A 46 6.24 -12.50 12.89
N ASP A 47 4.98 -12.57 13.27
CA ASP A 47 4.17 -13.80 13.29
C ASP A 47 3.11 -13.75 12.16
N GLY A 48 3.26 -12.81 11.21
CA GLY A 48 2.28 -12.56 10.13
C GLY A 48 1.18 -11.55 10.47
N GLY A 49 1.07 -11.12 11.73
CA GLY A 49 0.22 -10.00 12.14
C GLY A 49 0.98 -8.67 12.16
N PRO A 50 0.49 -7.66 12.90
CA PRO A 50 1.28 -6.50 13.29
C PRO A 50 2.64 -6.88 13.90
N GLY A 51 3.69 -6.13 13.56
CA GLY A 51 5.10 -6.44 13.76
C GLY A 51 5.81 -6.93 12.48
N THR A 52 5.10 -7.63 11.59
CA THR A 52 5.66 -8.36 10.43
C THR A 52 6.27 -7.42 9.39
N ILE A 53 7.52 -7.59 8.92
CA ILE A 53 8.21 -6.35 8.49
C ILE A 53 8.41 -6.81 7.10
N LYS A 54 7.49 -6.39 6.22
CA LYS A 54 7.31 -7.04 4.94
C LYS A 54 8.15 -6.29 3.98
N LYS A 55 9.22 -7.00 3.60
CA LYS A 55 10.29 -6.37 2.80
C LYS A 55 10.21 -6.92 1.40
N ILE A 56 9.88 -6.02 0.52
CA ILE A 56 9.37 -6.28 -0.82
C ILE A 56 10.53 -6.17 -1.79
N THR A 57 10.77 -7.23 -2.56
CA THR A 57 11.84 -7.24 -3.57
C THR A 57 11.28 -6.65 -4.86
N PHE A 58 11.93 -5.67 -5.46
CA PHE A 58 11.59 -5.18 -6.81
C PHE A 58 12.31 -5.97 -7.91
N GLY A 59 11.84 -5.89 -9.15
CA GLY A 59 12.34 -6.63 -10.31
C GLY A 59 13.77 -6.30 -10.75
N GLU A 60 14.23 -6.96 -11.82
CA GLU A 60 15.62 -6.91 -12.32
C GLU A 60 16.10 -5.52 -12.77
N GLY A 61 15.21 -4.55 -13.01
CA GLY A 61 15.55 -3.20 -13.46
C GLY A 61 16.39 -2.36 -12.48
N SER A 62 16.61 -2.81 -11.24
CA SER A 62 17.44 -2.15 -10.21
C SER A 62 17.01 -0.71 -9.87
N GLN A 63 15.76 -0.34 -10.12
CA GLN A 63 15.24 1.00 -9.82
C GLN A 63 15.10 1.30 -8.32
N TYR A 64 15.11 0.28 -7.47
CA TYR A 64 14.88 0.37 -6.03
C TYR A 64 15.80 -0.55 -5.21
N GLY A 65 15.95 -1.81 -5.62
CA GLY A 65 16.39 -2.89 -4.72
C GLY A 65 15.20 -3.46 -3.95
N TYR A 66 14.93 -2.90 -2.77
CA TYR A 66 13.82 -3.29 -1.91
C TYR A 66 13.12 -2.07 -1.27
N VAL A 67 11.95 -2.32 -0.67
CA VAL A 67 11.30 -1.41 0.30
C VAL A 67 10.79 -2.23 1.49
N LYS A 68 10.83 -1.68 2.70
CA LYS A 68 10.56 -2.40 3.95
C LYS A 68 9.31 -1.79 4.60
N HIS A 69 8.23 -2.59 4.67
CA HIS A 69 6.95 -2.27 5.35
C HIS A 69 6.97 -2.86 6.76
N LYS A 70 6.12 -2.39 7.68
CA LYS A 70 5.83 -3.00 8.98
C LYS A 70 4.34 -2.90 9.24
N ILE A 71 3.61 -4.00 9.38
CA ILE A 71 2.19 -3.85 9.77
C ILE A 71 2.12 -3.39 11.23
N ASP A 72 1.24 -2.45 11.56
CA ASP A 72 1.08 -1.87 12.89
C ASP A 72 -0.31 -2.18 13.51
N SER A 73 -1.35 -2.30 12.68
CA SER A 73 -2.68 -2.80 13.07
C SER A 73 -3.32 -3.61 11.94
N ILE A 74 -3.95 -4.73 12.28
CA ILE A 74 -4.86 -5.47 11.39
C ILE A 74 -6.16 -5.76 12.14
N ASP A 75 -7.15 -4.89 11.97
CA ASP A 75 -8.42 -4.91 12.71
C ASP A 75 -9.66 -4.86 11.80
N LYS A 76 -10.17 -6.03 11.39
CA LYS A 76 -11.39 -6.14 10.57
C LYS A 76 -12.61 -5.45 11.21
N GLU A 77 -12.81 -5.52 12.53
CA GLU A 77 -13.97 -4.91 13.21
C GLU A 77 -13.95 -3.37 13.15
N ASN A 78 -12.77 -2.76 13.28
CA ASN A 78 -12.59 -1.32 13.08
C ASN A 78 -12.51 -0.98 11.57
N HIS A 79 -12.23 -1.97 10.74
CA HIS A 79 -12.15 -1.92 9.28
C HIS A 79 -11.10 -0.94 8.73
N SER A 80 -10.02 -0.72 9.49
CA SER A 80 -8.83 -0.04 9.01
C SER A 80 -7.55 -0.87 9.27
N TYR A 81 -6.51 -0.51 8.53
CA TYR A 81 -5.24 -1.22 8.43
C TYR A 81 -4.09 -0.22 8.49
N SER A 82 -3.29 -0.33 9.55
CA SER A 82 -2.20 0.60 9.85
C SER A 82 -0.88 -0.09 9.56
N TYR A 83 0.02 0.57 8.83
CA TYR A 83 1.36 0.06 8.53
C TYR A 83 2.40 1.19 8.36
N THR A 84 3.66 0.94 8.70
CA THR A 84 4.79 1.86 8.56
C THR A 84 5.71 1.45 7.41
N LEU A 85 6.41 2.41 6.80
CA LEU A 85 7.54 2.23 5.89
C LEU A 85 8.80 2.72 6.61
N ILE A 86 9.85 1.91 6.56
CA ILE A 86 11.01 2.03 7.47
C ILE A 86 12.36 1.95 6.76
N GLU A 87 12.48 1.22 5.67
CA GLU A 87 13.79 1.08 4.98
C GLU A 87 13.66 0.86 3.46
N GLY A 88 14.74 1.11 2.72
CA GLY A 88 14.85 0.84 1.28
C GLY A 88 14.72 2.09 0.41
N ASP A 89 14.61 1.94 -0.92
CA ASP A 89 14.58 3.09 -1.85
C ASP A 89 13.52 4.15 -1.50
N ALA A 90 12.36 3.73 -1.01
CA ALA A 90 11.27 4.64 -0.61
C ALA A 90 11.63 5.51 0.60
N LEU A 91 12.62 5.14 1.43
CA LEU A 91 13.21 6.05 2.42
C LEU A 91 14.46 6.77 1.88
N GLY A 92 15.19 6.17 0.93
CA GLY A 92 16.13 6.76 -0.04
C GLY A 92 17.09 7.90 0.36
N ASP A 93 17.39 8.12 1.64
CA ASP A 93 17.93 9.39 2.17
C ASP A 93 17.03 10.62 1.91
N ASN A 94 15.78 10.41 1.50
CA ASN A 94 14.72 11.41 1.39
C ASN A 94 13.84 11.46 2.65
N LEU A 95 13.72 10.32 3.33
CA LEU A 95 12.59 9.92 4.15
C LEU A 95 13.08 9.17 5.39
N GLU A 96 12.53 9.56 6.55
CA GLU A 96 12.93 9.08 7.88
C GLU A 96 12.05 7.92 8.37
N LYS A 97 10.74 8.00 8.06
CA LYS A 97 9.72 6.93 8.11
C LYS A 97 8.41 7.41 7.50
N ILE A 98 7.51 6.50 7.15
CA ILE A 98 6.17 6.85 6.61
C ILE A 98 5.10 6.01 7.29
N SER A 99 4.15 6.64 7.98
CA SER A 99 2.94 5.96 8.45
C SER A 99 1.91 5.89 7.32
N TYR A 100 1.17 4.78 7.22
CA TYR A 100 -0.03 4.60 6.41
C TYR A 100 -1.18 4.13 7.32
N GLU A 101 -2.40 4.60 7.05
CA GLU A 101 -3.63 3.95 7.48
C GLU A 101 -4.61 3.88 6.30
N THR A 102 -5.07 2.67 5.98
CA THR A 102 -6.08 2.43 4.94
C THR A 102 -7.42 2.05 5.58
N LYS A 103 -8.50 2.58 5.01
CA LYS A 103 -9.89 2.22 5.24
C LYS A 103 -10.55 1.87 3.91
N LEU A 104 -11.35 0.81 3.92
CA LEU A 104 -11.98 0.22 2.74
C LEU A 104 -13.49 0.38 2.90
N VAL A 105 -14.00 1.47 2.32
CA VAL A 105 -15.29 2.12 2.61
C VAL A 105 -16.33 1.71 1.57
N ALA A 106 -17.62 1.92 1.78
CA ALA A 106 -18.68 1.69 0.80
C ALA A 106 -18.99 3.01 0.07
N SER A 107 -18.97 3.01 -1.27
CA SER A 107 -19.33 4.20 -2.03
C SER A 107 -20.86 4.41 -2.06
N PRO A 108 -21.37 5.66 -1.97
CA PRO A 108 -22.81 5.93 -2.00
C PRO A 108 -23.57 5.34 -3.19
N SER A 109 -22.99 5.31 -4.40
CA SER A 109 -23.65 4.85 -5.64
C SER A 109 -23.08 3.58 -6.29
N GLY A 110 -22.05 2.94 -5.72
CA GLY A 110 -21.27 1.89 -6.40
C GLY A 110 -20.65 0.88 -5.43
N GLY A 111 -19.48 0.34 -5.77
CA GLY A 111 -18.77 -0.67 -4.99
C GLY A 111 -18.03 -0.05 -3.79
N SER A 112 -16.86 -0.60 -3.44
CA SER A 112 -16.07 -0.13 -2.29
C SER A 112 -14.92 0.79 -2.69
N ILE A 113 -14.72 1.84 -1.89
CA ILE A 113 -13.58 2.77 -1.95
C ILE A 113 -12.40 2.18 -1.16
N ILE A 114 -11.33 1.82 -1.85
CA ILE A 114 -10.01 1.56 -1.25
C ILE A 114 -9.35 2.92 -0.96
N LYS A 115 -9.27 3.34 0.30
CA LYS A 115 -8.84 4.71 0.67
C LYS A 115 -7.68 4.69 1.66
N SER A 116 -6.54 5.26 1.28
CA SER A 116 -5.29 5.21 2.05
C SER A 116 -4.71 6.59 2.29
N THR A 117 -4.57 6.96 3.56
CA THR A 117 -3.89 8.19 3.99
C THR A 117 -2.56 7.87 4.66
N SER A 118 -1.51 8.63 4.37
CA SER A 118 -0.15 8.37 4.84
C SER A 118 0.65 9.64 5.14
N HIS A 119 1.47 9.60 6.19
CA HIS A 119 2.19 10.72 6.82
C HIS A 119 3.71 10.52 6.78
N TYR A 120 4.35 11.37 6.01
CA TYR A 120 5.71 11.14 5.60
C TYR A 120 6.56 12.03 6.47
N HIS A 121 7.21 11.35 7.41
CA HIS A 121 8.28 11.97 8.21
C HIS A 121 9.54 12.06 7.34
N THR A 122 9.87 13.24 6.82
CA THR A 122 10.97 13.44 5.85
C THR A 122 12.34 13.49 6.54
N LYS A 123 13.42 13.19 5.79
CA LYS A 123 14.80 13.13 6.29
C LYS A 123 15.46 14.50 6.21
N GLY A 124 16.12 14.95 7.28
CA GLY A 124 16.79 16.25 7.34
C GLY A 124 15.81 17.40 7.05
N ASP A 125 15.92 17.99 5.85
CA ASP A 125 14.97 18.97 5.31
C ASP A 125 14.62 18.70 3.83
N VAL A 126 14.57 17.41 3.48
CA VAL A 126 14.17 16.93 2.16
C VAL A 126 12.65 17.05 1.98
N GLU A 127 12.20 18.26 1.67
CA GLU A 127 10.83 18.55 1.28
C GLU A 127 10.51 17.87 -0.04
N ILE A 128 9.67 16.84 -0.02
CA ILE A 128 9.25 16.10 -1.21
C ILE A 128 8.56 17.01 -2.20
N LYS A 129 8.92 16.84 -3.46
CA LYS A 129 8.32 17.56 -4.56
C LYS A 129 6.91 17.04 -4.84
N GLU A 130 5.98 17.93 -5.11
CA GLU A 130 4.58 17.55 -5.35
C GLU A 130 4.40 16.69 -6.61
N GLU A 131 5.29 16.77 -7.60
CA GLU A 131 5.27 15.86 -8.74
C GLU A 131 5.56 14.40 -8.35
N HIS A 132 6.44 14.17 -7.36
CA HIS A 132 6.63 12.84 -6.74
C HIS A 132 5.43 12.41 -5.89
N VAL A 133 4.69 13.37 -5.31
CA VAL A 133 3.42 13.09 -4.60
C VAL A 133 2.35 12.63 -5.59
N LYS A 134 2.19 13.36 -6.69
CA LYS A 134 1.23 13.12 -7.78
C LYS A 134 1.47 11.81 -8.51
N ALA A 135 2.68 11.60 -9.05
CA ALA A 135 3.06 10.30 -9.59
C ALA A 135 2.99 9.21 -8.52
N GLY A 136 3.19 9.61 -7.27
CA GLY A 136 3.08 8.70 -6.12
C GLY A 136 1.66 8.14 -6.00
N LYS A 137 0.66 9.02 -6.08
CA LYS A 137 -0.76 8.71 -6.09
C LYS A 137 -1.20 8.02 -7.39
N GLU A 138 -0.67 8.42 -8.54
CA GLU A 138 -0.95 7.82 -9.87
C GLU A 138 -0.44 6.39 -10.06
N LYS A 139 0.57 5.95 -9.30
CA LYS A 139 1.10 4.60 -9.22
C LYS A 139 0.15 3.89 -8.32
N ALA A 140 -0.12 4.54 -7.17
CA ALA A 140 -0.62 3.79 -6.10
C ALA A 140 -2.11 3.46 -6.29
N SER A 141 -2.88 4.44 -6.78
CA SER A 141 -4.20 4.26 -7.40
C SER A 141 -4.21 3.38 -8.65
N ASN A 142 -3.08 3.15 -9.34
CA ASN A 142 -3.00 2.07 -10.35
C ASN A 142 -3.04 0.66 -9.70
N LEU A 143 -2.28 0.37 -8.65
CA LEU A 143 -2.41 -0.88 -7.89
C LEU A 143 -3.79 -0.97 -7.33
N PHE A 144 -4.37 0.13 -6.85
CA PHE A 144 -5.72 0.08 -6.32
C PHE A 144 -6.79 -0.13 -7.41
N LYS A 145 -6.47 0.16 -8.67
CA LYS A 145 -7.26 -0.20 -9.85
C LYS A 145 -6.97 -1.62 -10.31
N LEU A 146 -5.87 -2.26 -9.90
CA LEU A 146 -5.42 -3.44 -10.63
C LEU A 146 -6.19 -4.59 -10.00
N ILE A 147 -6.11 -4.63 -8.68
CA ILE A 147 -7.00 -5.17 -7.66
C ILE A 147 -8.42 -4.67 -7.77
N GLU A 148 -8.77 -3.49 -8.32
CA GLU A 148 -10.22 -3.28 -8.53
C GLU A 148 -10.68 -4.46 -9.31
N THR A 149 -10.06 -4.57 -10.48
CA THR A 149 -10.60 -5.53 -11.37
C THR A 149 -10.03 -6.91 -11.00
N TYR A 150 -8.87 -7.04 -10.32
CA TYR A 150 -8.42 -8.39 -9.97
C TYR A 150 -9.34 -8.97 -8.89
N LEU A 151 -9.77 -8.17 -7.89
CA LEU A 151 -10.54 -8.75 -6.78
C LEU A 151 -11.97 -9.16 -7.20
N LYS A 152 -12.40 -8.54 -8.28
CA LYS A 152 -13.64 -8.67 -9.08
C LYS A 152 -13.59 -9.74 -10.16
N GLY A 153 -12.46 -9.85 -10.85
CA GLY A 153 -12.29 -10.57 -12.11
C GLY A 153 -11.47 -11.84 -12.01
N HIS A 154 -10.98 -12.13 -10.80
CA HIS A 154 -10.63 -13.49 -10.41
C HIS A 154 -11.27 -13.76 -9.05
N PRO A 155 -12.56 -13.42 -8.83
CA PRO A 155 -13.37 -13.27 -7.61
C PRO A 155 -13.60 -14.52 -6.80
N ASP A 156 -12.97 -15.63 -7.15
CA ASP A 156 -12.31 -16.34 -6.06
C ASP A 156 -11.09 -15.63 -5.38
N ALA A 157 -10.94 -14.31 -5.58
CA ALA A 157 -9.68 -13.57 -5.57
C ALA A 157 -8.93 -13.67 -4.23
N TYR A 158 -9.63 -13.45 -3.11
CA TYR A 158 -9.20 -13.91 -1.77
C TYR A 158 -10.33 -14.68 -1.09
N ASN A 159 -10.85 -15.66 -1.84
CA ASN A 159 -11.82 -16.67 -1.43
C ASN A 159 -11.15 -17.79 -0.63
N GLY A 1 7.00 16.30 9.61
CA GLY A 1 6.05 15.18 9.78
C GLY A 1 5.21 14.92 8.54
N VAL A 2 4.70 15.98 7.91
CA VAL A 2 3.96 15.88 6.66
C VAL A 2 4.60 16.60 5.49
N PHE A 3 4.95 15.81 4.48
CA PHE A 3 4.13 15.83 3.28
C PHE A 3 2.99 14.81 3.45
N THR A 4 1.79 15.09 2.94
CA THR A 4 0.62 14.20 2.99
C THR A 4 0.29 13.68 1.59
N TYR A 5 -0.03 12.39 1.49
CA TYR A 5 -0.74 11.81 0.36
C TYR A 5 -2.14 11.44 0.83
N GLU A 6 -3.15 11.62 -0.02
CA GLU A 6 -4.48 11.05 0.16
C GLU A 6 -4.99 10.59 -1.21
N SER A 7 -5.43 9.34 -1.30
CA SER A 7 -5.81 8.70 -2.56
C SER A 7 -7.04 7.81 -2.37
N GLU A 8 -7.87 7.72 -3.40
CA GLU A 8 -9.06 6.89 -3.47
C GLU A 8 -9.12 6.21 -4.83
N PHE A 9 -9.49 4.93 -4.90
CA PHE A 9 -9.94 4.32 -6.14
C PHE A 9 -11.00 3.26 -5.91
N THR A 10 -11.97 3.17 -6.81
CA THR A 10 -13.17 2.36 -6.68
C THR A 10 -12.97 0.98 -7.30
N SER A 11 -13.55 -0.06 -6.72
CA SER A 11 -13.87 -1.29 -7.48
C SER A 11 -15.28 -1.75 -7.33
N GLU A 12 -15.59 -2.58 -8.30
CA GLU A 12 -16.71 -3.48 -8.34
C GLU A 12 -16.39 -4.72 -7.48
N ILE A 13 -16.48 -4.58 -6.14
CA ILE A 13 -16.41 -5.64 -5.11
C ILE A 13 -16.94 -5.07 -3.79
N PRO A 14 -17.65 -5.85 -2.95
CA PRO A 14 -18.01 -5.46 -1.59
C PRO A 14 -16.80 -5.22 -0.65
N PRO A 15 -16.84 -4.22 0.25
CA PRO A 15 -15.73 -3.89 1.14
C PRO A 15 -15.05 -5.05 1.89
N PRO A 16 -15.76 -6.11 2.36
CA PRO A 16 -15.14 -7.24 3.05
C PRO A 16 -14.07 -8.00 2.27
N ARG A 17 -14.31 -8.25 0.97
CA ARG A 17 -13.37 -8.94 0.08
C ARG A 17 -12.15 -8.09 -0.15
N LEU A 18 -12.37 -6.78 -0.30
CA LEU A 18 -11.29 -5.85 -0.58
C LEU A 18 -10.30 -5.76 0.57
N PHE A 19 -10.79 -5.87 1.79
CA PHE A 19 -9.98 -5.79 3.00
C PHE A 19 -9.12 -7.06 3.21
N LYS A 20 -9.61 -8.25 2.85
CA LYS A 20 -8.77 -9.45 2.78
C LYS A 20 -7.58 -9.23 1.84
N ALA A 21 -7.86 -8.69 0.66
CA ALA A 21 -6.87 -8.39 -0.37
C ALA A 21 -5.87 -7.29 0.03
N PHE A 22 -6.34 -6.17 0.61
CA PHE A 22 -5.51 -5.01 0.90
C PHE A 22 -4.72 -5.16 2.21
N VAL A 23 -5.24 -5.92 3.18
CA VAL A 23 -4.63 -6.08 4.52
C VAL A 23 -4.07 -7.49 4.74
N LEU A 24 -4.91 -8.53 4.82
CA LEU A 24 -4.51 -9.79 5.44
C LEU A 24 -3.72 -10.73 4.52
N ASP A 25 -4.09 -10.79 3.23
CA ASP A 25 -3.40 -11.53 2.17
C ASP A 25 -2.60 -10.60 1.24
N ALA A 26 -2.26 -9.39 1.70
CA ALA A 26 -1.72 -8.34 0.83
C ALA A 26 -0.40 -8.70 0.12
N ASP A 27 0.48 -9.48 0.75
CA ASP A 27 1.68 -10.04 0.13
C ASP A 27 1.38 -11.00 -1.03
N ASN A 28 0.21 -11.66 -1.01
CA ASN A 28 -0.29 -12.47 -2.11
C ASN A 28 -1.02 -11.64 -3.17
N LEU A 29 -1.75 -10.57 -2.77
CA LEU A 29 -2.40 -9.63 -3.71
C LEU A 29 -1.34 -8.83 -4.48
N VAL A 30 -0.30 -8.32 -3.82
CA VAL A 30 0.52 -7.19 -4.30
C VAL A 30 1.18 -7.50 -5.64
N PRO A 31 2.05 -8.50 -5.86
CA PRO A 31 2.54 -8.84 -7.21
C PRO A 31 1.48 -9.34 -8.18
N LYS A 32 0.22 -9.59 -7.76
CA LYS A 32 -0.88 -9.73 -8.75
C LYS A 32 -1.39 -8.37 -9.27
N ILE A 33 -1.15 -7.27 -8.56
CA ILE A 33 -1.67 -5.91 -8.87
C ILE A 33 -0.65 -4.75 -8.77
N ALA A 34 0.60 -5.08 -8.50
CA ALA A 34 1.84 -4.35 -8.73
C ALA A 34 2.82 -5.13 -9.65
N PRO A 35 2.32 -5.93 -10.62
CA PRO A 35 3.13 -6.87 -11.39
C PRO A 35 4.17 -6.18 -12.28
N GLN A 36 4.01 -4.88 -12.57
CA GLN A 36 4.98 -4.12 -13.34
C GLN A 36 6.31 -3.88 -12.59
N ALA A 37 6.38 -4.12 -11.27
CA ALA A 37 7.59 -3.85 -10.48
C ALA A 37 7.84 -4.79 -9.29
N ILE A 38 6.82 -5.24 -8.55
CA ILE A 38 7.01 -5.95 -7.27
C ILE A 38 7.16 -7.47 -7.45
N LYS A 39 7.97 -8.09 -6.58
CA LYS A 39 8.47 -9.46 -6.66
C LYS A 39 8.14 -10.38 -5.49
N HIS A 40 8.35 -9.94 -4.25
CA HIS A 40 8.22 -10.74 -3.00
C HIS A 40 7.83 -9.85 -1.82
N SER A 41 7.55 -10.40 -0.63
CA SER A 41 7.25 -9.65 0.60
C SER A 41 7.57 -10.41 1.90
N GLU A 42 8.22 -9.76 2.87
CA GLU A 42 8.84 -10.48 4.03
C GLU A 42 8.21 -10.39 5.46
N ILE A 43 8.07 -11.59 6.03
CA ILE A 43 8.11 -11.66 7.47
C ILE A 43 9.61 -11.67 7.80
N LEU A 44 10.15 -10.45 7.84
CA LEU A 44 11.51 -10.09 8.27
C LEU A 44 11.44 -9.78 9.76
N GLU A 45 10.39 -9.06 10.13
CA GLU A 45 9.81 -9.26 11.47
C GLU A 45 8.42 -9.88 11.34
N GLY A 46 7.83 -10.37 12.43
CA GLY A 46 6.39 -10.65 12.51
C GLY A 46 5.99 -11.95 13.15
N ASP A 47 4.79 -11.91 13.74
CA ASP A 47 3.94 -13.10 13.93
C ASP A 47 2.94 -13.25 12.77
N GLY A 48 2.99 -12.35 11.76
CA GLY A 48 2.05 -12.28 10.64
C GLY A 48 1.05 -11.12 10.69
N GLY A 49 0.74 -10.60 11.88
CA GLY A 49 -0.11 -9.42 12.09
C GLY A 49 0.70 -8.13 12.33
N PRO A 50 0.20 -7.19 13.14
CA PRO A 50 0.96 -6.00 13.54
C PRO A 50 2.33 -6.34 14.16
N GLY A 51 3.38 -5.66 13.69
CA GLY A 51 4.79 -5.96 13.96
C GLY A 51 5.55 -6.53 12.74
N THR A 52 4.85 -7.22 11.84
CA THR A 52 5.42 -7.95 10.70
C THR A 52 6.03 -7.04 9.64
N ILE A 53 7.28 -7.23 9.18
CA ILE A 53 7.98 -6.00 8.69
C ILE A 53 8.11 -6.52 7.31
N LYS A 54 7.16 -6.12 6.45
CA LYS A 54 6.91 -6.79 5.20
C LYS A 54 7.71 -6.04 4.20
N LYS A 55 8.79 -6.73 3.83
CA LYS A 55 9.87 -6.11 3.09
C LYS A 55 9.85 -6.67 1.69
N ILE A 56 9.44 -5.79 0.79
CA ILE A 56 9.00 -6.07 -0.56
C ILE A 56 10.20 -5.96 -1.49
N THR A 57 10.48 -7.03 -2.24
CA THR A 57 11.57 -7.02 -3.23
C THR A 57 11.00 -6.58 -4.59
N PHE A 58 11.77 -5.84 -5.37
CA PHE A 58 11.38 -5.44 -6.73
C PHE A 58 12.03 -6.32 -7.82
N GLY A 59 11.63 -6.11 -9.07
CA GLY A 59 12.12 -6.84 -10.25
C GLY A 59 13.55 -6.51 -10.69
N GLU A 60 13.98 -7.14 -11.78
CA GLU A 60 15.35 -7.12 -12.30
C GLU A 60 15.83 -5.72 -12.74
N GLY A 61 14.90 -4.78 -12.99
CA GLY A 61 15.20 -3.39 -13.34
C GLY A 61 16.00 -2.62 -12.29
N SER A 62 16.09 -3.13 -11.05
CA SER A 62 17.03 -2.71 -10.01
C SER A 62 16.99 -1.21 -9.65
N GLN A 63 15.86 -0.54 -9.92
CA GLN A 63 15.64 0.90 -9.72
C GLN A 63 15.48 1.31 -8.25
N TYR A 64 15.17 0.35 -7.37
CA TYR A 64 14.74 0.55 -5.99
C TYR A 64 15.41 -0.42 -4.99
N GLY A 65 15.73 -1.64 -5.42
CA GLY A 65 16.18 -2.74 -4.55
C GLY A 65 15.02 -3.35 -3.77
N TYR A 66 14.61 -2.68 -2.69
CA TYR A 66 13.51 -3.09 -1.82
C TYR A 66 12.78 -1.88 -1.18
N VAL A 67 11.63 -2.15 -0.55
CA VAL A 67 10.96 -1.26 0.41
C VAL A 67 10.51 -2.05 1.63
N LYS A 68 10.55 -1.47 2.82
CA LYS A 68 10.28 -2.15 4.10
C LYS A 68 9.00 -1.55 4.71
N HIS A 69 7.92 -2.33 4.78
CA HIS A 69 6.66 -1.96 5.47
C HIS A 69 6.66 -2.55 6.88
N LYS A 70 5.86 -2.04 7.82
CA LYS A 70 5.59 -2.64 9.14
C LYS A 70 4.12 -2.46 9.42
N ILE A 71 3.35 -3.54 9.53
CA ILE A 71 1.94 -3.37 9.90
C ILE A 71 1.87 -2.87 11.35
N ASP A 72 1.05 -1.87 11.62
CA ASP A 72 0.96 -1.17 12.91
C ASP A 72 -0.35 -1.51 13.64
N SER A 73 -1.45 -1.67 12.88
CA SER A 73 -2.73 -2.20 13.36
C SER A 73 -3.50 -2.89 12.22
N ILE A 74 -4.12 -4.05 12.50
CA ILE A 74 -5.08 -4.68 11.59
C ILE A 74 -6.40 -4.86 12.32
N ASP A 75 -7.45 -4.19 11.84
CA ASP A 75 -8.79 -4.28 12.40
C ASP A 75 -9.89 -4.34 11.33
N LYS A 76 -10.33 -5.54 10.96
CA LYS A 76 -11.53 -5.77 10.12
C LYS A 76 -12.79 -5.13 10.73
N GLU A 77 -12.97 -5.22 12.04
CA GLU A 77 -14.17 -4.76 12.75
C GLU A 77 -14.31 -3.23 12.75
N ASN A 78 -13.21 -2.51 12.96
CA ASN A 78 -13.14 -1.06 12.77
C ASN A 78 -12.99 -0.68 11.28
N HIS A 79 -12.62 -1.65 10.44
CA HIS A 79 -12.44 -1.56 8.99
C HIS A 79 -11.41 -0.50 8.55
N SER A 80 -10.37 -0.28 9.34
CA SER A 80 -9.17 0.46 8.92
C SER A 80 -7.88 -0.30 9.25
N TYR A 81 -6.85 0.03 8.49
CA TYR A 81 -5.60 -0.72 8.42
C TYR A 81 -4.42 0.23 8.40
N SER A 82 -3.60 0.15 9.44
CA SER A 82 -2.52 1.08 9.74
C SER A 82 -1.18 0.39 9.54
N TYR A 83 -0.27 1.02 8.80
CA TYR A 83 1.09 0.52 8.61
C TYR A 83 2.13 1.64 8.46
N THR A 84 3.34 1.41 8.95
CA THR A 84 4.51 2.27 8.75
C THR A 84 5.32 1.78 7.54
N LEU A 85 6.05 2.68 6.88
CA LEU A 85 7.04 2.39 5.86
C LEU A 85 8.35 3.03 6.33
N ILE A 86 9.40 2.20 6.45
CA ILE A 86 10.51 2.43 7.39
C ILE A 86 11.90 2.34 6.76
N GLU A 87 12.07 1.62 5.66
CA GLU A 87 13.37 1.51 4.97
C GLU A 87 13.27 1.21 3.46
N GLY A 88 14.37 1.45 2.73
CA GLY A 88 14.56 1.12 1.31
C GLY A 88 14.55 2.32 0.39
N ASP A 89 14.43 2.13 -0.92
CA ASP A 89 14.35 3.25 -1.88
C ASP A 89 13.20 4.22 -1.57
N ALA A 90 12.08 3.69 -1.09
CA ALA A 90 10.93 4.47 -0.68
C ALA A 90 11.14 5.27 0.63
N LEU A 91 12.31 5.16 1.28
CA LEU A 91 12.80 6.25 2.14
C LEU A 91 14.03 7.00 1.54
N GLY A 92 14.84 6.33 0.72
CA GLY A 92 15.85 6.90 -0.20
C GLY A 92 16.80 7.99 0.31
N ASP A 93 17.01 8.12 1.63
CA ASP A 93 17.59 9.31 2.29
C ASP A 93 16.84 10.64 1.97
N ASN A 94 15.62 10.55 1.45
CA ASN A 94 14.63 11.62 1.42
C ASN A 94 13.81 11.67 2.73
N LEU A 95 13.68 10.51 3.40
CA LEU A 95 12.62 10.23 4.37
C LEU A 95 13.16 9.58 5.66
N GLU A 96 12.60 9.98 6.79
CA GLU A 96 12.84 9.44 8.13
C GLU A 96 11.91 8.25 8.41
N LYS A 97 10.61 8.41 8.11
CA LYS A 97 9.58 7.35 8.03
C LYS A 97 8.34 7.84 7.28
N ILE A 98 7.42 6.94 6.94
CA ILE A 98 6.09 7.31 6.44
C ILE A 98 5.03 6.51 7.21
N SER A 99 4.03 7.20 7.75
CA SER A 99 2.83 6.58 8.31
C SER A 99 1.74 6.45 7.25
N TYR A 100 1.12 5.28 7.09
CA TYR A 100 -0.09 5.06 6.27
C TYR A 100 -1.26 4.60 7.13
N GLU A 101 -2.48 5.01 6.77
CA GLU A 101 -3.69 4.30 7.19
C GLU A 101 -4.74 4.30 6.08
N THR A 102 -5.34 3.12 5.85
CA THR A 102 -6.34 2.85 4.81
C THR A 102 -7.71 2.55 5.38
N LYS A 103 -8.75 2.97 4.64
CA LYS A 103 -10.15 2.59 4.81
C LYS A 103 -10.76 2.15 3.47
N LEU A 104 -11.58 1.10 3.50
CA LEU A 104 -12.22 0.48 2.34
C LEU A 104 -13.74 0.63 2.53
N VAL A 105 -14.29 1.68 1.94
CA VAL A 105 -15.63 2.24 2.24
C VAL A 105 -16.61 1.76 1.17
N ALA A 106 -17.92 1.84 1.38
CA ALA A 106 -18.91 1.55 0.34
C ALA A 106 -19.07 2.81 -0.53
N SER A 107 -19.08 2.68 -1.87
CA SER A 107 -19.34 3.84 -2.72
C SER A 107 -20.84 4.15 -2.80
N PRO A 108 -21.28 5.41 -2.93
CA PRO A 108 -22.70 5.75 -3.10
C PRO A 108 -23.30 5.20 -4.41
N SER A 109 -22.46 4.98 -5.44
CA SER A 109 -22.87 4.64 -6.81
C SER A 109 -22.64 3.19 -7.21
N GLY A 110 -22.03 2.36 -6.36
CA GLY A 110 -21.44 1.09 -6.82
C GLY A 110 -20.87 0.23 -5.70
N GLY A 111 -19.67 -0.34 -5.92
CA GLY A 111 -19.03 -1.28 -5.01
C GLY A 111 -18.37 -0.59 -3.80
N SER A 112 -17.04 -0.41 -3.86
CA SER A 112 -16.25 0.05 -2.72
C SER A 112 -15.08 0.96 -3.11
N ILE A 113 -14.84 1.97 -2.26
CA ILE A 113 -13.79 2.98 -2.34
C ILE A 113 -12.57 2.51 -1.53
N ILE A 114 -11.50 2.12 -2.22
CA ILE A 114 -10.19 1.76 -1.67
C ILE A 114 -9.40 3.02 -1.41
N LYS A 115 -9.33 3.43 -0.13
CA LYS A 115 -8.80 4.74 0.24
C LYS A 115 -7.65 4.63 1.22
N SER A 116 -6.66 5.49 1.00
CA SER A 116 -5.47 5.63 1.84
C SER A 116 -5.10 7.09 2.07
N THR A 117 -4.78 7.44 3.32
CA THR A 117 -4.08 8.69 3.67
C THR A 117 -2.75 8.37 4.35
N SER A 118 -1.68 9.11 4.04
CA SER A 118 -0.34 8.86 4.59
C SER A 118 0.50 10.15 4.76
N HIS A 119 1.48 10.11 5.67
CA HIS A 119 2.15 11.26 6.30
C HIS A 119 3.68 11.07 6.37
N TYR A 120 4.39 11.96 5.71
CA TYR A 120 5.73 11.64 5.27
C TYR A 120 6.61 12.47 6.14
N HIS A 121 7.23 11.76 7.07
CA HIS A 121 8.27 12.32 7.92
C HIS A 121 9.58 12.36 7.14
N THR A 122 9.98 13.54 6.70
CA THR A 122 11.13 13.74 5.80
C THR A 122 12.48 13.77 6.55
N LYS A 123 13.59 13.57 5.83
CA LYS A 123 14.95 13.36 6.39
C LYS A 123 15.75 14.65 6.29
N GLY A 124 16.23 15.16 7.43
CA GLY A 124 16.81 16.51 7.49
C GLY A 124 15.74 17.54 7.09
N ASP A 125 15.88 18.14 5.91
CA ASP A 125 14.87 19.01 5.29
C ASP A 125 14.70 18.74 3.79
N VAL A 126 14.80 17.45 3.40
CA VAL A 126 14.55 17.01 2.04
C VAL A 126 13.05 17.03 1.73
N GLU A 127 12.58 18.14 1.18
CA GLU A 127 11.17 18.37 0.88
C GLU A 127 10.67 17.56 -0.33
N ILE A 128 9.45 17.00 -0.24
CA ILE A 128 8.82 16.24 -1.31
C ILE A 128 7.93 17.11 -2.18
N LYS A 129 8.25 17.09 -3.47
CA LYS A 129 7.61 17.91 -4.48
C LYS A 129 6.24 17.37 -4.92
N GLU A 130 5.29 18.27 -5.15
CA GLU A 130 3.92 17.92 -5.52
C GLU A 130 3.82 17.17 -6.86
N GLU A 131 4.74 17.42 -7.80
CA GLU A 131 4.86 16.66 -9.05
C GLU A 131 5.11 15.16 -8.78
N HIS A 132 5.95 14.83 -7.79
CA HIS A 132 6.17 13.44 -7.35
C HIS A 132 4.93 12.87 -6.66
N VAL A 133 4.22 13.70 -5.89
CA VAL A 133 2.98 13.32 -5.18
C VAL A 133 1.87 12.99 -6.17
N LYS A 134 1.74 13.75 -7.26
CA LYS A 134 0.76 13.59 -8.33
C LYS A 134 0.94 12.28 -9.10
N ALA A 135 2.11 12.12 -9.72
CA ALA A 135 2.51 10.86 -10.33
C ALA A 135 2.43 9.70 -9.34
N GLY A 136 2.65 10.03 -8.06
CA GLY A 136 2.62 9.06 -6.97
C GLY A 136 1.22 8.50 -6.79
N LYS A 137 0.23 9.38 -6.62
CA LYS A 137 -1.19 9.04 -6.58
C LYS A 137 -1.61 8.30 -7.85
N GLU A 138 -1.15 8.71 -9.02
CA GLU A 138 -1.44 8.07 -10.32
C GLU A 138 -0.81 6.67 -10.53
N LYS A 139 0.29 6.31 -9.85
CA LYS A 139 0.90 4.98 -9.84
C LYS A 139 0.08 4.20 -8.87
N ALA A 140 -0.15 4.81 -7.71
CA ALA A 140 -0.50 4.06 -6.57
C ALA A 140 -1.98 3.64 -6.64
N SER A 141 -2.83 4.57 -7.08
CA SER A 141 -4.18 4.30 -7.56
C SER A 141 -4.24 3.38 -8.78
N ASN A 142 -3.21 3.26 -9.63
CA ASN A 142 -3.26 2.20 -10.67
C ASN A 142 -3.32 0.78 -10.04
N LEU A 143 -2.57 0.53 -8.98
CA LEU A 143 -2.53 -0.74 -8.23
C LEU A 143 -3.84 -0.87 -7.47
N PHE A 144 -4.44 0.23 -7.03
CA PHE A 144 -5.80 0.19 -6.49
C PHE A 144 -6.91 -0.01 -7.55
N LYS A 145 -6.64 0.29 -8.82
CA LYS A 145 -7.47 -0.01 -9.98
C LYS A 145 -7.23 -1.42 -10.48
N LEU A 146 -6.12 -2.09 -10.13
CA LEU A 146 -5.69 -3.25 -10.88
C LEU A 146 -6.42 -4.42 -10.26
N ILE A 147 -6.31 -4.50 -8.94
CA ILE A 147 -7.16 -5.05 -7.90
C ILE A 147 -8.58 -4.57 -8.02
N GLU A 148 -8.97 -3.41 -8.57
CA GLU A 148 -10.41 -3.24 -8.76
C GLU A 148 -10.86 -4.42 -9.55
N THR A 149 -10.26 -4.51 -10.72
CA THR A 149 -10.79 -5.46 -11.61
C THR A 149 -10.19 -6.82 -11.27
N TYR A 150 -9.02 -6.93 -10.59
CA TYR A 150 -8.48 -8.24 -10.25
C TYR A 150 -9.32 -8.87 -9.13
N LEU A 151 -9.80 -8.10 -8.14
CA LEU A 151 -10.55 -8.69 -7.00
C LEU A 151 -11.98 -9.12 -7.39
N LYS A 152 -12.43 -8.52 -8.48
CA LYS A 152 -13.67 -8.67 -9.29
C LYS A 152 -13.60 -9.74 -10.38
N GLY A 153 -12.45 -9.89 -11.01
CA GLY A 153 -12.28 -10.58 -12.29
C GLY A 153 -11.57 -11.90 -12.17
N HIS A 154 -10.95 -12.13 -11.01
CA HIS A 154 -10.57 -13.46 -10.55
C HIS A 154 -11.21 -13.68 -9.18
N PRO A 155 -12.52 -13.35 -9.00
CA PRO A 155 -13.33 -13.15 -7.78
C PRO A 155 -13.53 -14.35 -6.89
N ASP A 156 -12.92 -15.49 -7.22
CA ASP A 156 -12.35 -16.21 -6.09
C ASP A 156 -11.12 -15.51 -5.40
N ALA A 157 -10.93 -14.21 -5.65
CA ALA A 157 -9.66 -13.48 -5.63
C ALA A 157 -9.00 -13.50 -4.25
N TYR A 158 -9.76 -13.20 -3.20
CA TYR A 158 -9.45 -13.56 -1.81
C TYR A 158 -10.68 -14.21 -1.16
N ASN A 159 -11.15 -15.25 -1.84
CA ASN A 159 -12.25 -16.12 -1.44
C ASN A 159 -11.82 -17.09 -0.34
N GLY A 1 5.08 15.20 10.76
CA GLY A 1 5.86 14.39 9.81
C GLY A 1 5.16 14.29 8.48
N VAL A 2 4.82 15.45 7.89
CA VAL A 2 4.12 15.53 6.61
C VAL A 2 4.91 16.24 5.52
N PHE A 3 5.19 15.51 4.46
CA PHE A 3 4.30 15.61 3.30
C PHE A 3 3.11 14.64 3.48
N THR A 4 1.89 15.06 3.16
CA THR A 4 0.67 14.25 3.21
C THR A 4 0.27 13.81 1.81
N TYR A 5 0.02 12.50 1.63
CA TYR A 5 -0.66 11.97 0.45
C TYR A 5 -2.01 11.38 0.90
N GLU A 6 -3.09 11.72 0.21
CA GLU A 6 -4.35 10.98 0.24
C GLU A 6 -4.68 10.42 -1.14
N SER A 7 -5.09 9.15 -1.18
CA SER A 7 -5.50 8.43 -2.39
C SER A 7 -6.91 7.87 -2.21
N GLU A 8 -7.72 7.91 -3.26
CA GLU A 8 -9.00 7.20 -3.34
C GLU A 8 -9.17 6.56 -4.73
N PHE A 9 -9.48 5.26 -4.77
CA PHE A 9 -9.84 4.57 -6.01
C PHE A 9 -10.90 3.50 -5.75
N THR A 10 -11.88 3.36 -6.63
CA THR A 10 -13.04 2.50 -6.45
C THR A 10 -12.80 1.12 -7.04
N SER A 11 -13.38 0.05 -6.49
CA SER A 11 -13.73 -1.13 -7.32
C SER A 11 -15.17 -1.55 -7.17
N GLU A 12 -15.51 -2.31 -8.18
CA GLU A 12 -16.70 -3.11 -8.27
C GLU A 12 -16.47 -4.42 -7.50
N ILE A 13 -16.54 -4.31 -6.17
CA ILE A 13 -16.52 -5.37 -5.14
C ILE A 13 -17.04 -4.80 -3.80
N PRO A 14 -17.80 -5.57 -2.99
CA PRO A 14 -18.19 -5.17 -1.63
C PRO A 14 -16.97 -4.92 -0.70
N PRO A 15 -17.01 -3.91 0.19
CA PRO A 15 -15.87 -3.52 1.02
C PRO A 15 -15.17 -4.67 1.79
N PRO A 16 -15.87 -5.71 2.31
CA PRO A 16 -15.24 -6.83 3.00
C PRO A 16 -14.23 -7.64 2.19
N ARG A 17 -14.50 -7.89 0.91
CA ARG A 17 -13.62 -8.62 0.00
C ARG A 17 -12.37 -7.81 -0.26
N LEU A 18 -12.56 -6.49 -0.39
CA LEU A 18 -11.45 -5.59 -0.60
C LEU A 18 -10.50 -5.58 0.60
N PHE A 19 -11.08 -5.64 1.80
CA PHE A 19 -10.35 -5.65 3.06
C PHE A 19 -9.55 -6.96 3.27
N LYS A 20 -10.06 -8.12 2.83
CA LYS A 20 -9.23 -9.34 2.79
C LYS A 20 -7.99 -9.14 1.90
N ALA A 21 -8.20 -8.61 0.71
CA ALA A 21 -7.13 -8.37 -0.26
C ALA A 21 -6.10 -7.31 0.18
N PHE A 22 -6.56 -6.21 0.79
CA PHE A 22 -5.72 -5.06 1.16
C PHE A 22 -5.06 -5.23 2.54
N VAL A 23 -5.72 -5.92 3.49
CA VAL A 23 -5.17 -6.18 4.82
C VAL A 23 -4.64 -7.60 4.95
N LEU A 24 -5.50 -8.63 5.02
CA LEU A 24 -5.09 -9.91 5.61
C LEU A 24 -4.23 -10.77 4.67
N ASP A 25 -4.36 -10.58 3.36
CA ASP A 25 -3.72 -11.39 2.33
C ASP A 25 -2.92 -10.53 1.32
N ALA A 26 -2.51 -9.33 1.73
CA ALA A 26 -1.83 -8.39 0.83
C ALA A 26 -0.54 -8.94 0.22
N ASP A 27 0.19 -9.83 0.90
CA ASP A 27 1.34 -10.55 0.34
C ASP A 27 0.97 -11.47 -0.85
N ASN A 28 -0.25 -11.99 -0.90
CA ASN A 28 -0.76 -12.72 -2.07
C ASN A 28 -1.36 -11.78 -3.13
N LEU A 29 -2.11 -10.75 -2.72
CA LEU A 29 -2.71 -9.75 -3.63
C LEU A 29 -1.61 -8.98 -4.39
N VAL A 30 -0.55 -8.53 -3.71
CA VAL A 30 0.35 -7.48 -4.19
C VAL A 30 1.03 -7.84 -5.50
N PRO A 31 1.78 -8.94 -5.70
CA PRO A 31 2.26 -9.32 -7.03
C PRO A 31 1.18 -9.75 -8.02
N LYS A 32 -0.09 -9.88 -7.64
CA LYS A 32 -1.17 -9.90 -8.68
C LYS A 32 -1.51 -8.51 -9.22
N ILE A 33 -1.20 -7.44 -8.47
CA ILE A 33 -1.63 -6.06 -8.77
C ILE A 33 -0.53 -4.98 -8.69
N ALA A 34 0.70 -5.39 -8.40
CA ALA A 34 2.02 -4.79 -8.67
C ALA A 34 2.91 -5.76 -9.47
N PRO A 35 2.36 -6.48 -10.47
CA PRO A 35 3.03 -7.60 -11.14
C PRO A 35 4.25 -7.21 -11.99
N GLN A 36 4.35 -5.95 -12.45
CA GLN A 36 5.50 -5.51 -13.25
C GLN A 36 6.78 -5.41 -12.41
N ALA A 37 6.67 -5.26 -11.09
CA ALA A 37 7.80 -4.86 -10.23
C ALA A 37 7.98 -5.73 -8.98
N ILE A 38 6.92 -6.03 -8.22
CA ILE A 38 7.02 -6.72 -6.92
C ILE A 38 7.03 -8.25 -7.08
N LYS A 39 7.81 -8.92 -6.22
CA LYS A 39 8.12 -10.35 -6.24
C LYS A 39 7.76 -11.14 -4.99
N HIS A 40 8.16 -10.67 -3.81
CA HIS A 40 7.97 -11.37 -2.52
C HIS A 40 7.59 -10.37 -1.41
N SER A 41 7.26 -10.86 -0.21
CA SER A 41 6.87 -10.03 0.93
C SER A 41 7.16 -10.71 2.27
N GLU A 42 7.78 -10.01 3.23
CA GLU A 42 8.39 -10.67 4.41
C GLU A 42 7.77 -10.53 5.83
N ILE A 43 7.59 -11.71 6.42
CA ILE A 43 7.63 -11.73 7.86
C ILE A 43 9.13 -11.75 8.18
N LEU A 44 9.65 -10.52 8.33
CA LEU A 44 11.00 -10.14 8.78
C LEU A 44 10.88 -9.75 10.24
N GLU A 45 9.80 -9.03 10.55
CA GLU A 45 9.16 -9.27 11.86
C GLU A 45 7.76 -9.87 11.65
N GLY A 46 7.12 -10.41 12.69
CA GLY A 46 5.67 -10.54 12.74
C GLY A 46 5.10 -11.84 13.28
N ASP A 47 3.89 -11.73 13.83
CA ASP A 47 2.95 -12.85 13.98
C ASP A 47 2.09 -13.03 12.71
N GLY A 48 2.29 -12.19 11.69
CA GLY A 48 1.35 -12.03 10.57
C GLY A 48 0.20 -11.04 10.84
N GLY A 49 0.26 -10.27 11.93
CA GLY A 49 -0.62 -9.14 12.23
C GLY A 49 0.16 -7.82 12.38
N PRO A 50 -0.33 -6.85 13.16
CA PRO A 50 0.42 -5.65 13.52
C PRO A 50 1.79 -5.97 14.16
N GLY A 51 2.85 -5.31 13.70
CA GLY A 51 4.26 -5.62 13.98
C GLY A 51 4.97 -6.40 12.87
N THR A 52 4.25 -7.03 11.93
CA THR A 52 4.84 -7.84 10.84
C THR A 52 5.52 -6.97 9.78
N ILE A 53 6.80 -7.19 9.37
CA ILE A 53 7.52 -6.02 8.83
C ILE A 53 7.73 -6.61 7.50
N LYS A 54 6.84 -6.24 6.56
CA LYS A 54 6.63 -6.97 5.33
C LYS A 54 7.52 -6.30 4.33
N LYS A 55 8.57 -7.05 4.03
CA LYS A 55 9.70 -6.52 3.27
C LYS A 55 9.73 -7.20 1.93
N ILE A 56 9.66 -6.35 0.92
CA ILE A 56 8.97 -6.63 -0.33
C ILE A 56 10.02 -6.59 -1.42
N THR A 57 10.29 -7.73 -2.05
CA THR A 57 11.41 -7.83 -2.99
C THR A 57 10.96 -7.34 -4.36
N PHE A 58 11.77 -6.51 -5.02
CA PHE A 58 11.55 -6.15 -6.42
C PHE A 58 12.36 -7.05 -7.38
N GLY A 59 11.92 -7.09 -8.64
CA GLY A 59 12.48 -7.98 -9.68
C GLY A 59 13.89 -7.62 -10.15
N GLU A 60 14.31 -8.24 -11.24
CA GLU A 60 15.68 -8.18 -11.75
C GLU A 60 16.14 -6.78 -12.20
N GLY A 61 15.21 -5.83 -12.36
CA GLY A 61 15.47 -4.47 -12.86
C GLY A 61 16.26 -3.54 -11.95
N SER A 62 16.50 -3.91 -10.69
CA SER A 62 17.35 -3.19 -9.70
C SER A 62 16.97 -1.73 -9.40
N GLN A 63 15.78 -1.28 -9.82
CA GLN A 63 15.28 0.09 -9.62
C GLN A 63 14.84 0.40 -8.17
N TYR A 64 14.76 -0.60 -7.29
CA TYR A 64 14.31 -0.47 -5.91
C TYR A 64 15.08 -1.33 -4.92
N GLY A 65 15.46 -2.55 -5.31
CA GLY A 65 15.96 -3.56 -4.39
C GLY A 65 14.82 -4.16 -3.55
N TYR A 66 14.40 -3.43 -2.52
CA TYR A 66 13.28 -3.77 -1.65
C TYR A 66 12.59 -2.50 -1.11
N VAL A 67 11.42 -2.70 -0.51
CA VAL A 67 10.79 -1.73 0.41
C VAL A 67 10.28 -2.44 1.65
N LYS A 68 10.33 -1.81 2.81
CA LYS A 68 10.02 -2.42 4.11
C LYS A 68 8.75 -1.76 4.64
N HIS A 69 7.67 -2.54 4.71
CA HIS A 69 6.36 -2.13 5.26
C HIS A 69 6.25 -2.70 6.68
N LYS A 70 5.36 -2.17 7.51
CA LYS A 70 4.99 -2.72 8.82
C LYS A 70 3.49 -2.56 8.95
N ILE A 71 2.73 -3.63 9.19
CA ILE A 71 1.33 -3.41 9.58
C ILE A 71 1.32 -2.84 11.00
N ASP A 72 0.49 -1.84 11.23
CA ASP A 72 0.45 -1.09 12.49
C ASP A 72 -0.87 -1.25 13.25
N SER A 73 -1.98 -1.54 12.57
CA SER A 73 -3.26 -2.01 13.15
C SER A 73 -4.08 -2.78 12.11
N ILE A 74 -4.71 -3.88 12.53
CA ILE A 74 -5.68 -4.63 11.72
C ILE A 74 -6.90 -4.92 12.59
N ASP A 75 -8.03 -4.30 12.25
CA ASP A 75 -9.34 -4.70 12.79
C ASP A 75 -10.46 -4.68 11.74
N LYS A 76 -10.93 -5.86 11.30
CA LYS A 76 -12.08 -6.05 10.37
C LYS A 76 -13.36 -5.43 10.88
N GLU A 77 -13.66 -5.55 12.17
CA GLU A 77 -14.88 -5.03 12.80
C GLU A 77 -14.92 -3.49 12.75
N ASN A 78 -13.77 -2.86 12.97
CA ASN A 78 -13.56 -1.42 12.82
C ASN A 78 -13.36 -0.99 11.34
N HIS A 79 -13.12 -1.95 10.45
CA HIS A 79 -12.98 -1.84 9.00
C HIS A 79 -11.92 -0.85 8.48
N SER A 80 -10.90 -0.56 9.29
CA SER A 80 -9.74 0.26 8.92
C SER A 80 -8.42 -0.45 9.23
N TYR A 81 -7.36 0.03 8.58
CA TYR A 81 -6.05 -0.61 8.52
C TYR A 81 -4.95 0.44 8.62
N SER A 82 -4.19 0.39 9.72
CA SER A 82 -3.00 1.23 9.87
C SER A 82 -1.78 0.44 9.42
N TYR A 83 -0.89 1.08 8.65
CA TYR A 83 0.42 0.53 8.30
C TYR A 83 1.48 1.63 8.17
N THR A 84 2.73 1.24 8.08
CA THR A 84 3.91 2.10 8.16
C THR A 84 4.94 1.62 7.15
N LEU A 85 5.80 2.49 6.66
CA LEU A 85 6.86 2.20 5.69
C LEU A 85 8.15 2.82 6.22
N ILE A 86 9.16 1.97 6.42
CA ILE A 86 10.27 2.20 7.34
C ILE A 86 11.65 2.17 6.67
N GLU A 87 11.83 1.38 5.61
CA GLU A 87 13.13 1.21 4.95
C GLU A 87 13.06 0.84 3.46
N GLY A 88 14.16 1.02 2.72
CA GLY A 88 14.34 0.63 1.31
C GLY A 88 14.44 1.84 0.37
N ASP A 89 14.34 1.61 -0.95
CA ASP A 89 14.37 2.69 -1.96
C ASP A 89 13.37 3.83 -1.67
N ALA A 90 12.20 3.48 -1.14
CA ALA A 90 11.17 4.42 -0.75
C ALA A 90 11.59 5.39 0.37
N LEU A 91 12.61 5.06 1.19
CA LEU A 91 13.21 5.99 2.14
C LEU A 91 14.46 6.70 1.59
N GLY A 92 15.20 6.06 0.66
CA GLY A 92 16.10 6.65 -0.34
C GLY A 92 17.03 7.82 0.04
N ASP A 93 17.42 8.00 1.30
CA ASP A 93 18.05 9.23 1.85
C ASP A 93 17.23 10.51 1.59
N ASN A 94 15.92 10.36 1.43
CA ASN A 94 14.94 11.45 1.27
C ASN A 94 13.85 11.41 2.36
N LEU A 95 13.68 10.27 3.01
CA LEU A 95 12.52 9.88 3.81
C LEU A 95 12.99 9.13 5.07
N GLU A 96 12.42 9.49 6.22
CA GLU A 96 12.79 8.99 7.56
C GLU A 96 11.87 7.85 8.04
N LYS A 97 10.56 8.01 7.81
CA LYS A 97 9.49 6.99 7.80
C LYS A 97 8.23 7.55 7.18
N ILE A 98 7.28 6.70 6.83
CA ILE A 98 5.98 7.10 6.31
C ILE A 98 4.87 6.33 7.04
N SER A 99 3.95 7.05 7.68
CA SER A 99 2.74 6.47 8.29
C SER A 99 1.59 6.43 7.28
N TYR A 100 0.69 5.46 7.41
CA TYR A 100 -0.54 5.31 6.64
C TYR A 100 -1.70 4.97 7.58
N GLU A 101 -2.90 5.41 7.22
CA GLU A 101 -4.16 4.82 7.64
C GLU A 101 -5.09 4.68 6.44
N THR A 102 -5.71 3.50 6.31
CA THR A 102 -6.56 3.11 5.20
C THR A 102 -7.97 2.82 5.69
N LYS A 103 -8.97 3.26 4.91
CA LYS A 103 -10.35 2.82 5.03
C LYS A 103 -10.89 2.36 3.68
N LEU A 104 -11.59 1.23 3.70
CA LEU A 104 -12.16 0.59 2.52
C LEU A 104 -13.69 0.69 2.67
N VAL A 105 -14.27 1.68 2.01
CA VAL A 105 -15.57 2.29 2.34
C VAL A 105 -16.60 1.99 1.25
N ALA A 106 -17.88 2.20 1.49
CA ALA A 106 -18.93 2.13 0.49
C ALA A 106 -19.06 3.49 -0.21
N SER A 107 -18.95 3.56 -1.54
CA SER A 107 -19.12 4.83 -2.25
C SER A 107 -20.60 5.29 -2.21
N PRO A 108 -20.92 6.59 -2.30
CA PRO A 108 -22.28 7.09 -2.10
C PRO A 108 -23.30 6.59 -3.14
N SER A 109 -22.90 6.39 -4.39
CA SER A 109 -23.75 5.92 -5.50
C SER A 109 -23.38 4.55 -6.09
N GLY A 110 -22.45 3.78 -5.49
CA GLY A 110 -21.78 2.69 -6.21
C GLY A 110 -21.00 1.68 -5.37
N GLY A 111 -19.93 1.14 -5.97
CA GLY A 111 -19.04 0.13 -5.40
C GLY A 111 -18.18 0.68 -4.25
N SER A 112 -17.07 0.02 -3.90
CA SER A 112 -16.29 0.36 -2.71
C SER A 112 -15.05 1.19 -3.00
N ILE A 113 -14.86 2.26 -2.21
CA ILE A 113 -13.70 3.15 -2.21
C ILE A 113 -12.54 2.50 -1.42
N ILE A 114 -11.44 2.19 -2.10
CA ILE A 114 -10.13 1.92 -1.50
C ILE A 114 -9.47 3.27 -1.21
N LYS A 115 -9.41 3.68 0.06
CA LYS A 115 -8.89 5.00 0.43
C LYS A 115 -7.78 4.89 1.47
N SER A 116 -6.70 5.62 1.23
CA SER A 116 -5.53 5.68 2.11
C SER A 116 -5.01 7.09 2.27
N THR A 117 -4.79 7.52 3.52
CA THR A 117 -4.20 8.83 3.88
C THR A 117 -2.90 8.58 4.64
N SER A 118 -1.85 9.36 4.39
CA SER A 118 -0.49 8.99 4.78
C SER A 118 0.44 10.20 4.97
N HIS A 119 1.43 10.06 5.86
CA HIS A 119 2.23 11.14 6.46
C HIS A 119 3.74 10.85 6.39
N TYR A 120 4.42 11.63 5.58
CA TYR A 120 5.77 11.32 5.17
C TYR A 120 6.66 12.17 6.05
N HIS A 121 7.27 11.49 7.01
CA HIS A 121 8.35 12.08 7.81
C HIS A 121 9.61 12.12 6.93
N THR A 122 9.96 13.29 6.39
CA THR A 122 11.08 13.43 5.43
C THR A 122 12.44 13.47 6.13
N LYS A 123 13.50 13.00 5.43
CA LYS A 123 14.86 12.88 5.98
C LYS A 123 15.57 14.22 5.92
N GLY A 124 16.13 14.67 7.04
CA GLY A 124 16.72 16.00 7.17
C GLY A 124 15.70 17.08 6.80
N ASP A 125 15.95 17.80 5.70
CA ASP A 125 15.00 18.75 5.09
C ASP A 125 14.85 18.50 3.58
N VAL A 126 14.87 17.23 3.20
CA VAL A 126 14.62 16.78 1.82
C VAL A 126 13.11 16.81 1.53
N GLU A 127 12.62 17.96 1.09
CA GLU A 127 11.20 18.20 0.83
C GLU A 127 10.74 17.52 -0.46
N ILE A 128 9.73 16.65 -0.37
CA ILE A 128 9.27 15.84 -1.51
C ILE A 128 8.46 16.68 -2.49
N LYS A 129 8.97 16.68 -3.71
CA LYS A 129 8.43 17.41 -4.83
C LYS A 129 7.04 16.90 -5.19
N GLU A 130 6.16 17.82 -5.49
CA GLU A 130 4.77 17.52 -5.81
C GLU A 130 4.61 16.70 -7.09
N GLU A 131 5.53 16.81 -8.05
CA GLU A 131 5.57 15.96 -9.24
C GLU A 131 5.77 14.48 -8.87
N HIS A 132 6.58 14.19 -7.84
CA HIS A 132 6.73 12.85 -7.25
C HIS A 132 5.56 12.47 -6.33
N VAL A 133 4.84 13.43 -5.75
CA VAL A 133 3.58 13.17 -5.03
C VAL A 133 2.50 12.68 -6.00
N LYS A 134 2.34 13.41 -7.11
CA LYS A 134 1.37 13.17 -8.19
C LYS A 134 1.60 11.85 -8.89
N ALA A 135 2.76 11.65 -9.51
CA ALA A 135 3.17 10.35 -10.07
C ALA A 135 3.13 9.27 -8.99
N GLY A 136 3.36 9.67 -7.74
CA GLY A 136 3.23 8.76 -6.59
C GLY A 136 1.82 8.18 -6.52
N LYS A 137 0.80 9.04 -6.58
CA LYS A 137 -0.62 8.67 -6.60
C LYS A 137 -1.04 8.00 -7.92
N GLU A 138 -0.58 8.47 -9.07
CA GLU A 138 -0.96 7.95 -10.39
C GLU A 138 -0.41 6.53 -10.71
N LYS A 139 0.68 6.08 -10.07
CA LYS A 139 1.25 4.75 -10.12
C LYS A 139 0.45 3.95 -9.15
N ALA A 140 0.30 4.50 -7.95
CA ALA A 140 -0.05 3.69 -6.86
C ALA A 140 -1.54 3.33 -6.88
N SER A 141 -2.36 4.28 -7.35
CA SER A 141 -3.73 4.03 -7.79
C SER A 141 -3.83 3.12 -9.02
N ASN A 142 -2.81 2.96 -9.89
CA ASN A 142 -2.91 1.86 -10.89
C ASN A 142 -3.07 0.48 -10.19
N LEU A 143 -2.35 0.24 -9.11
CA LEU A 143 -2.34 -1.00 -8.33
C LEU A 143 -3.62 -1.07 -7.52
N PHE A 144 -4.17 0.07 -7.09
CA PHE A 144 -5.52 0.10 -6.50
C PHE A 144 -6.66 -0.06 -7.53
N LYS A 145 -6.39 0.21 -8.80
CA LYS A 145 -7.25 -0.07 -9.95
C LYS A 145 -7.08 -1.48 -10.47
N LEU A 146 -6.00 -2.19 -10.13
CA LEU A 146 -5.62 -3.37 -10.89
C LEU A 146 -6.41 -4.49 -10.27
N ILE A 147 -6.29 -4.55 -8.94
CA ILE A 147 -7.17 -5.04 -7.89
C ILE A 147 -8.57 -4.52 -8.02
N GLU A 148 -8.91 -3.32 -8.56
CA GLU A 148 -10.36 -3.12 -8.74
C GLU A 148 -10.84 -4.28 -9.55
N THR A 149 -10.24 -4.37 -10.72
CA THR A 149 -10.79 -5.33 -11.61
C THR A 149 -10.25 -6.71 -11.24
N TYR A 150 -9.10 -6.87 -10.56
CA TYR A 150 -8.64 -8.22 -10.20
C TYR A 150 -9.56 -8.80 -9.12
N LEU A 151 -9.99 -7.99 -8.12
CA LEU A 151 -10.78 -8.52 -6.99
C LEU A 151 -12.23 -8.90 -7.41
N LYS A 152 -12.64 -8.29 -8.52
CA LYS A 152 -13.86 -8.40 -9.34
C LYS A 152 -13.81 -9.48 -10.42
N GLY A 153 -12.67 -9.62 -11.08
CA GLY A 153 -12.47 -10.33 -12.35
C GLY A 153 -11.70 -11.62 -12.21
N HIS A 154 -11.25 -11.92 -10.98
CA HIS A 154 -10.97 -13.28 -10.54
C HIS A 154 -11.67 -13.47 -9.18
N PRO A 155 -12.95 -13.07 -9.02
CA PRO A 155 -13.74 -12.84 -7.81
C PRO A 155 -13.99 -14.05 -6.93
N ASP A 156 -13.44 -15.21 -7.26
CA ASP A 156 -12.87 -15.96 -6.14
C ASP A 156 -11.64 -15.32 -5.42
N ALA A 157 -11.40 -14.02 -5.65
CA ALA A 157 -10.09 -13.36 -5.63
C ALA A 157 -9.41 -13.48 -4.25
N TYR A 158 -10.17 -13.19 -3.19
CA TYR A 158 -9.87 -13.60 -1.80
C TYR A 158 -11.12 -14.22 -1.16
N ASN A 159 -11.64 -15.25 -1.85
CA ASN A 159 -12.86 -16.00 -1.50
C ASN A 159 -12.63 -17.05 -0.42
N GLY A 1 5.10 15.47 11.37
CA GLY A 1 5.61 14.65 10.25
C GLY A 1 4.68 14.63 9.06
N VAL A 2 4.23 15.81 8.59
CA VAL A 2 3.47 15.91 7.34
C VAL A 2 4.11 16.74 6.25
N PHE A 3 4.42 16.08 5.14
CA PHE A 3 3.51 16.16 4.00
C PHE A 3 2.42 15.07 4.15
N THR A 4 1.19 15.35 3.74
CA THR A 4 0.06 14.41 3.73
C THR A 4 -0.29 14.01 2.30
N TYR A 5 -0.54 12.72 2.08
CA TYR A 5 -1.15 12.19 0.86
C TYR A 5 -2.51 11.56 1.20
N GLU A 6 -3.45 11.63 0.28
CA GLU A 6 -4.72 10.91 0.35
C GLU A 6 -5.06 10.37 -1.05
N SER A 7 -5.25 9.06 -1.19
CA SER A 7 -5.62 8.39 -2.44
C SER A 7 -7.02 7.78 -2.36
N GLU A 8 -7.77 7.79 -3.46
CA GLU A 8 -9.05 7.10 -3.64
C GLU A 8 -9.12 6.41 -5.01
N PHE A 9 -9.47 5.13 -5.08
CA PHE A 9 -9.85 4.50 -6.36
C PHE A 9 -10.85 3.34 -6.16
N THR A 10 -11.79 3.18 -7.09
CA THR A 10 -12.90 2.24 -7.00
C THR A 10 -12.54 0.90 -7.64
N SER A 11 -13.06 -0.22 -7.14
CA SER A 11 -13.33 -1.39 -7.98
C SER A 11 -14.76 -1.84 -7.92
N GLU A 12 -15.06 -2.59 -8.95
CA GLU A 12 -16.24 -3.42 -9.04
C GLU A 12 -16.00 -4.69 -8.20
N ILE A 13 -16.03 -4.51 -6.87
CA ILE A 13 -16.03 -5.50 -5.79
C ILE A 13 -16.51 -4.80 -4.49
N PRO A 14 -17.32 -5.45 -3.62
CA PRO A 14 -17.68 -4.92 -2.29
C PRO A 14 -16.51 -4.92 -1.28
N PRO A 15 -16.57 -4.07 -0.23
CA PRO A 15 -15.46 -3.88 0.72
C PRO A 15 -14.80 -5.15 1.31
N PRO A 16 -15.53 -6.22 1.69
CA PRO A 16 -14.93 -7.38 2.36
C PRO A 16 -13.85 -8.12 1.57
N ARG A 17 -14.09 -8.31 0.27
CA ARG A 17 -13.20 -9.04 -0.65
C ARG A 17 -11.96 -8.23 -0.91
N LEU A 18 -12.12 -6.90 -1.01
CA LEU A 18 -10.99 -6.02 -1.25
C LEU A 18 -10.02 -5.99 -0.08
N PHE A 19 -10.55 -6.01 1.13
CA PHE A 19 -9.75 -5.92 2.36
C PHE A 19 -8.85 -7.15 2.56
N LYS A 20 -9.33 -8.36 2.22
CA LYS A 20 -8.47 -9.54 2.22
C LYS A 20 -7.26 -9.38 1.31
N ALA A 21 -7.47 -8.89 0.09
CA ALA A 21 -6.42 -8.69 -0.89
C ALA A 21 -5.49 -7.50 -0.57
N PHE A 22 -6.03 -6.40 -0.04
CA PHE A 22 -5.31 -5.15 0.15
C PHE A 22 -4.50 -5.10 1.46
N VAL A 23 -4.84 -5.93 2.46
CA VAL A 23 -4.03 -6.13 3.67
C VAL A 23 -3.60 -7.57 3.87
N LEU A 24 -4.54 -8.49 4.08
CA LEU A 24 -4.27 -9.71 4.84
C LEU A 24 -3.60 -10.82 4.00
N ASP A 25 -3.68 -10.73 2.68
CA ASP A 25 -2.89 -11.51 1.73
C ASP A 25 -2.15 -10.60 0.72
N ALA A 26 -1.82 -9.37 1.13
CA ALA A 26 -1.25 -8.35 0.24
C ALA A 26 0.16 -8.69 -0.29
N ASP A 27 0.92 -9.57 0.37
CA ASP A 27 2.15 -10.12 -0.19
C ASP A 27 1.88 -10.99 -1.43
N ASN A 28 0.70 -11.62 -1.49
CA ASN A 28 0.23 -12.42 -2.60
C ASN A 28 -0.38 -11.56 -3.72
N LEU A 29 -1.17 -10.54 -3.36
CA LEU A 29 -1.79 -9.61 -4.31
C LEU A 29 -0.74 -8.70 -4.98
N VAL A 30 0.23 -8.15 -4.25
CA VAL A 30 1.03 -6.98 -4.69
C VAL A 30 1.77 -7.23 -6.01
N PRO A 31 2.61 -8.25 -6.20
CA PRO A 31 3.20 -8.57 -7.51
C PRO A 31 2.19 -9.09 -8.54
N LYS A 32 0.92 -9.36 -8.21
CA LYS A 32 -0.11 -9.51 -9.28
C LYS A 32 -0.58 -8.18 -9.86
N ILE A 33 -0.43 -7.06 -9.13
CA ILE A 33 -1.02 -5.75 -9.48
C ILE A 33 -0.06 -4.54 -9.42
N ALA A 34 1.18 -4.75 -8.97
CA ALA A 34 2.38 -3.94 -9.24
C ALA A 34 3.45 -4.65 -10.13
N PRO A 35 3.09 -5.57 -11.06
CA PRO A 35 4.02 -6.43 -11.80
C PRO A 35 4.97 -5.69 -12.73
N GLN A 36 4.78 -4.38 -12.95
CA GLN A 36 5.68 -3.56 -13.75
C GLN A 36 7.06 -3.41 -13.09
N ALA A 37 7.14 -3.58 -11.77
CA ALA A 37 8.39 -3.43 -11.01
C ALA A 37 8.57 -4.37 -9.80
N ILE A 38 7.53 -5.06 -9.30
CA ILE A 38 7.55 -5.69 -7.96
C ILE A 38 7.54 -7.24 -8.00
N LYS A 39 8.26 -7.84 -7.04
CA LYS A 39 8.66 -9.26 -7.00
C LYS A 39 8.08 -10.08 -5.83
N HIS A 40 8.44 -9.76 -4.60
CA HIS A 40 8.11 -10.51 -3.36
C HIS A 40 7.83 -9.54 -2.19
N SER A 41 7.40 -10.01 -1.01
CA SER A 41 7.10 -9.17 0.18
C SER A 41 7.29 -9.92 1.52
N GLU A 42 8.03 -9.32 2.47
CA GLU A 42 8.73 -10.09 3.53
C GLU A 42 8.34 -10.11 5.04
N ILE A 43 8.46 -11.31 5.57
CA ILE A 43 8.51 -11.43 7.02
C ILE A 43 10.00 -11.35 7.35
N LEU A 44 10.40 -10.10 7.61
CA LEU A 44 11.72 -9.60 8.04
C LEU A 44 11.60 -9.07 9.46
N GLU A 45 10.40 -8.55 9.76
CA GLU A 45 9.83 -8.82 11.08
C GLU A 45 8.48 -9.52 10.94
N GLY A 46 7.87 -10.00 12.02
CA GLY A 46 6.50 -10.50 12.06
C GLY A 46 6.30 -11.92 12.55
N ASP A 47 5.06 -12.17 12.93
CA ASP A 47 4.39 -13.48 12.83
C ASP A 47 3.30 -13.45 11.73
N GLY A 48 3.30 -12.41 10.89
CA GLY A 48 2.35 -12.24 9.77
C GLY A 48 1.41 -11.03 9.87
N GLY A 49 0.83 -10.80 11.05
CA GLY A 49 -0.05 -9.65 11.32
C GLY A 49 0.70 -8.36 11.69
N PRO A 50 0.14 -7.48 12.53
CA PRO A 50 0.85 -6.33 13.09
C PRO A 50 2.21 -6.71 13.70
N GLY A 51 3.22 -5.87 13.46
CA GLY A 51 4.65 -6.11 13.68
C GLY A 51 5.43 -6.53 12.41
N THR A 52 4.78 -7.14 11.42
CA THR A 52 5.43 -7.82 10.27
C THR A 52 6.01 -6.85 9.24
N ILE A 53 7.28 -7.00 8.79
CA ILE A 53 7.94 -5.75 8.32
C ILE A 53 8.09 -6.21 6.92
N LYS A 54 7.15 -5.81 6.04
CA LYS A 54 6.98 -6.52 4.79
C LYS A 54 7.80 -5.80 3.77
N LYS A 55 8.85 -6.53 3.39
CA LYS A 55 9.96 -5.92 2.65
C LYS A 55 9.91 -6.43 1.22
N ILE A 56 9.46 -5.51 0.38
CA ILE A 56 8.97 -5.72 -0.95
C ILE A 56 10.14 -5.59 -1.92
N THR A 57 10.49 -6.68 -2.60
CA THR A 57 11.65 -6.68 -3.51
C THR A 57 11.21 -6.20 -4.88
N PHE A 58 11.98 -5.31 -5.50
CA PHE A 58 11.78 -4.88 -6.88
C PHE A 58 12.60 -5.74 -7.87
N GLY A 59 12.25 -5.69 -9.15
CA GLY A 59 12.81 -6.54 -10.20
C GLY A 59 14.29 -6.33 -10.51
N GLU A 60 14.81 -7.14 -11.43
CA GLU A 60 16.24 -7.33 -11.74
C GLU A 60 17.00 -6.07 -12.21
N GLY A 61 16.31 -4.98 -12.54
CA GLY A 61 16.91 -3.71 -12.99
C GLY A 61 17.59 -2.86 -11.90
N SER A 62 17.51 -3.24 -10.62
CA SER A 62 18.18 -2.56 -9.47
C SER A 62 17.78 -1.09 -9.23
N GLN A 63 16.67 -0.63 -9.81
CA GLN A 63 16.15 0.75 -9.75
C GLN A 63 15.64 1.19 -8.35
N TYR A 64 15.52 0.25 -7.39
CA TYR A 64 14.99 0.48 -6.04
C TYR A 64 15.69 -0.35 -4.94
N GLY A 65 16.13 -1.57 -5.26
CA GLY A 65 16.47 -2.58 -4.27
C GLY A 65 15.20 -3.16 -3.63
N TYR A 66 14.68 -2.48 -2.61
CA TYR A 66 13.45 -2.85 -1.89
C TYR A 66 12.70 -1.62 -1.37
N VAL A 67 11.48 -1.83 -0.86
CA VAL A 67 10.81 -0.92 0.10
C VAL A 67 10.29 -1.72 1.29
N LYS A 68 10.32 -1.16 2.49
CA LYS A 68 10.09 -1.87 3.76
C LYS A 68 8.84 -1.30 4.42
N HIS A 69 7.79 -2.12 4.51
CA HIS A 69 6.52 -1.81 5.20
C HIS A 69 6.59 -2.37 6.63
N LYS A 70 5.77 -1.90 7.55
CA LYS A 70 5.51 -2.51 8.87
C LYS A 70 4.03 -2.40 9.13
N ILE A 71 3.29 -3.50 9.21
CA ILE A 71 1.87 -3.41 9.58
C ILE A 71 1.79 -3.08 11.07
N ASP A 72 0.93 -2.14 11.46
CA ASP A 72 0.79 -1.69 12.85
C ASP A 72 -0.59 -2.00 13.47
N SER A 73 -1.63 -2.16 12.64
CA SER A 73 -2.92 -2.76 13.02
C SER A 73 -3.56 -3.48 11.82
N ILE A 74 -4.24 -4.61 12.07
CA ILE A 74 -5.10 -5.30 11.09
C ILE A 74 -6.43 -5.64 11.74
N ASP A 75 -7.40 -4.75 11.55
CA ASP A 75 -8.74 -4.85 12.14
C ASP A 75 -9.86 -4.88 11.07
N LYS A 76 -10.31 -6.06 10.67
CA LYS A 76 -11.51 -6.24 9.82
C LYS A 76 -12.75 -5.60 10.44
N GLU A 77 -12.93 -5.74 11.75
CA GLU A 77 -14.16 -5.33 12.45
C GLU A 77 -14.24 -3.81 12.72
N ASN A 78 -13.10 -3.13 12.87
CA ASN A 78 -13.02 -1.65 12.76
C ASN A 78 -12.92 -1.16 11.29
N HIS A 79 -12.66 -2.08 10.36
CA HIS A 79 -12.58 -1.90 8.91
C HIS A 79 -11.54 -0.88 8.39
N SER A 80 -10.41 -0.76 9.09
CA SER A 80 -9.23 -0.05 8.59
C SER A 80 -7.97 -0.90 8.73
N TYR A 81 -6.94 -0.54 7.98
CA TYR A 81 -5.62 -1.19 7.92
C TYR A 81 -4.54 -0.13 8.15
N SER A 82 -3.84 -0.24 9.29
CA SER A 82 -2.83 0.73 9.71
C SER A 82 -1.43 0.16 9.52
N TYR A 83 -0.55 0.93 8.89
CA TYR A 83 0.85 0.55 8.68
C TYR A 83 1.81 1.74 8.67
N THR A 84 3.09 1.42 8.60
CA THR A 84 4.23 2.34 8.51
C THR A 84 5.13 1.89 7.35
N LEU A 85 5.87 2.80 6.76
CA LEU A 85 6.86 2.54 5.71
C LEU A 85 8.17 3.19 6.16
N ILE A 86 9.22 2.40 6.23
CA ILE A 86 10.37 2.63 7.14
C ILE A 86 11.73 2.57 6.47
N GLU A 87 11.90 1.83 5.39
CA GLU A 87 13.20 1.76 4.70
C GLU A 87 13.05 1.49 3.19
N GLY A 88 14.11 1.73 2.43
CA GLY A 88 14.26 1.42 1.01
C GLY A 88 14.31 2.65 0.13
N ASP A 89 14.20 2.46 -1.19
CA ASP A 89 14.19 3.55 -2.17
C ASP A 89 13.18 4.66 -1.84
N ALA A 90 12.03 4.28 -1.28
CA ALA A 90 10.97 5.21 -0.88
C ALA A 90 11.32 6.08 0.34
N LEU A 91 12.32 5.74 1.16
CA LEU A 91 12.82 6.65 2.22
C LEU A 91 14.09 7.42 1.79
N GLY A 92 14.92 6.84 0.91
CA GLY A 92 16.02 7.48 0.15
C GLY A 92 16.92 8.53 0.83
N ASP A 93 17.11 8.54 2.16
CA ASP A 93 17.66 9.68 2.93
C ASP A 93 16.91 11.02 2.71
N ASN A 94 15.69 10.97 2.16
CA ASN A 94 14.71 12.06 2.11
C ASN A 94 13.72 11.98 3.28
N LEU A 95 13.50 10.78 3.82
CA LEU A 95 12.35 10.43 4.65
C LEU A 95 12.78 9.62 5.89
N GLU A 96 12.27 9.97 7.06
CA GLU A 96 12.55 9.30 8.34
C GLU A 96 11.56 8.14 8.59
N LYS A 97 10.29 8.34 8.22
CA LYS A 97 9.25 7.30 8.00
C LYS A 97 8.05 7.87 7.26
N ILE A 98 7.12 7.01 6.86
CA ILE A 98 5.80 7.39 6.38
C ILE A 98 4.74 6.56 7.12
N SER A 99 3.82 7.21 7.82
CA SER A 99 2.66 6.56 8.44
C SER A 99 1.54 6.41 7.40
N TYR A 100 0.78 5.31 7.45
CA TYR A 100 -0.33 4.98 6.54
C TYR A 100 -1.55 4.49 7.32
N GLU A 101 -2.75 4.82 6.84
CA GLU A 101 -3.97 4.08 7.18
C GLU A 101 -4.96 4.05 6.01
N THR A 102 -5.43 2.85 5.69
CA THR A 102 -6.37 2.56 4.61
C THR A 102 -7.76 2.26 5.15
N LYS A 103 -8.77 2.81 4.49
CA LYS A 103 -10.18 2.42 4.57
C LYS A 103 -10.72 2.05 3.19
N LEU A 104 -11.36 0.89 3.10
CA LEU A 104 -11.98 0.38 1.88
C LEU A 104 -13.48 0.63 2.00
N VAL A 105 -13.92 1.76 1.47
CA VAL A 105 -15.24 2.37 1.73
C VAL A 105 -16.24 1.94 0.65
N ALA A 106 -17.55 2.04 0.88
CA ALA A 106 -18.57 1.63 -0.08
C ALA A 106 -19.05 2.84 -0.88
N SER A 107 -18.96 2.81 -2.22
CA SER A 107 -19.41 3.95 -3.04
C SER A 107 -20.96 4.08 -3.01
N PRO A 108 -21.55 5.27 -3.21
CA PRO A 108 -23.00 5.47 -3.01
C PRO A 108 -23.90 4.54 -3.83
N SER A 109 -23.53 4.32 -5.09
CA SER A 109 -24.30 3.56 -6.09
C SER A 109 -23.62 2.27 -6.57
N GLY A 110 -22.51 1.85 -5.95
CA GLY A 110 -21.55 0.92 -6.58
C GLY A 110 -20.63 0.19 -5.62
N GLY A 111 -19.54 -0.35 -6.20
CA GLY A 111 -18.52 -1.13 -5.51
C GLY A 111 -17.60 -0.23 -4.66
N SER A 112 -16.47 -0.75 -4.19
CA SER A 112 -15.76 -0.15 -3.07
C SER A 112 -14.58 0.72 -3.47
N ILE A 113 -14.48 1.86 -2.80
CA ILE A 113 -13.42 2.86 -2.82
C ILE A 113 -12.25 2.36 -1.95
N ILE A 114 -11.19 1.87 -2.58
CA ILE A 114 -9.88 1.64 -1.97
C ILE A 114 -9.27 3.00 -1.66
N LYS A 115 -9.23 3.38 -0.37
CA LYS A 115 -8.82 4.73 0.02
C LYS A 115 -7.75 4.70 1.10
N SER A 116 -6.67 5.45 0.91
CA SER A 116 -5.51 5.42 1.80
C SER A 116 -4.95 6.82 2.06
N THR A 117 -4.89 7.21 3.34
CA THR A 117 -4.28 8.47 3.79
C THR A 117 -2.93 8.18 4.46
N SER A 118 -1.94 9.04 4.27
CA SER A 118 -0.57 8.84 4.79
C SER A 118 0.18 10.14 5.08
N HIS A 119 1.14 10.07 6.03
CA HIS A 119 1.81 11.22 6.67
C HIS A 119 3.33 11.07 6.65
N TYR A 120 4.00 12.01 6.02
CA TYR A 120 5.35 11.79 5.56
C TYR A 120 6.21 12.57 6.52
N HIS A 121 6.84 11.80 7.39
CA HIS A 121 7.83 12.29 8.35
C HIS A 121 9.19 12.42 7.66
N THR A 122 9.55 13.62 7.20
CA THR A 122 10.73 13.86 6.36
C THR A 122 12.04 13.91 7.17
N LYS A 123 13.18 13.77 6.48
CA LYS A 123 14.53 13.58 7.05
C LYS A 123 15.36 14.85 6.90
N GLY A 124 15.95 15.33 7.99
CA GLY A 124 16.63 16.64 8.01
C GLY A 124 15.62 17.74 7.69
N ASP A 125 15.71 18.35 6.51
CA ASP A 125 14.67 19.25 5.98
C ASP A 125 14.38 19.03 4.49
N VAL A 126 14.42 17.76 4.06
CA VAL A 126 14.11 17.35 2.68
C VAL A 126 12.60 17.32 2.47
N GLU A 127 12.04 18.43 1.98
CA GLU A 127 10.60 18.57 1.76
C GLU A 127 10.13 17.78 0.51
N ILE A 128 8.92 17.22 0.57
CA ILE A 128 8.37 16.41 -0.53
C ILE A 128 7.71 17.30 -1.57
N LYS A 129 8.19 17.17 -2.80
CA LYS A 129 7.70 17.93 -3.94
C LYS A 129 6.37 17.40 -4.44
N GLU A 130 5.46 18.31 -4.78
CA GLU A 130 4.12 17.96 -5.23
C GLU A 130 4.11 17.13 -6.52
N GLU A 131 5.10 17.30 -7.39
CA GLU A 131 5.28 16.46 -8.57
C GLU A 131 5.45 14.97 -8.20
N HIS A 132 6.19 14.71 -7.11
CA HIS A 132 6.34 13.37 -6.50
C HIS A 132 5.08 12.94 -5.73
N VAL A 133 4.34 13.87 -5.13
CA VAL A 133 3.05 13.59 -4.46
C VAL A 133 2.04 13.05 -5.47
N LYS A 134 1.89 13.78 -6.57
CA LYS A 134 1.00 13.51 -7.69
C LYS A 134 1.32 12.21 -8.41
N ALA A 135 2.52 12.05 -8.95
CA ALA A 135 2.98 10.78 -9.52
C ALA A 135 2.89 9.66 -8.48
N GLY A 136 3.02 10.04 -7.20
CA GLY A 136 2.88 9.11 -6.08
C GLY A 136 1.47 8.52 -5.99
N LYS A 137 0.45 9.34 -6.22
CA LYS A 137 -0.96 8.92 -6.34
C LYS A 137 -1.24 8.23 -7.68
N GLU A 138 -0.76 8.78 -8.78
CA GLU A 138 -1.05 8.36 -10.16
C GLU A 138 -0.45 7.02 -10.61
N LYS A 139 0.62 6.55 -9.98
CA LYS A 139 1.24 5.24 -10.14
C LYS A 139 0.41 4.34 -9.29
N ALA A 140 0.26 4.75 -8.04
CA ALA A 140 -0.14 3.81 -7.05
C ALA A 140 -1.63 3.45 -7.18
N SER A 141 -2.45 4.42 -7.60
CA SER A 141 -3.80 4.20 -8.10
C SER A 141 -3.86 3.38 -9.39
N ASN A 142 -2.77 3.22 -10.18
CA ASN A 142 -2.77 2.17 -11.22
C ASN A 142 -2.85 0.75 -10.61
N LEU A 143 -2.05 0.45 -9.59
CA LEU A 143 -2.11 -0.81 -8.83
C LEU A 143 -3.46 -0.92 -8.18
N PHE A 144 -4.03 0.18 -7.70
CA PHE A 144 -5.36 0.12 -7.11
C PHE A 144 -6.49 -0.05 -8.15
N LYS A 145 -6.22 0.23 -9.42
CA LYS A 145 -7.06 -0.08 -10.57
C LYS A 145 -6.79 -1.49 -11.06
N LEU A 146 -5.66 -2.14 -10.72
CA LEU A 146 -5.25 -3.31 -11.47
C LEU A 146 -5.95 -4.50 -10.86
N ILE A 147 -5.83 -4.55 -9.53
CA ILE A 147 -6.67 -5.14 -8.51
C ILE A 147 -8.10 -4.66 -8.60
N GLU A 148 -8.47 -3.49 -9.13
CA GLU A 148 -9.92 -3.33 -9.33
C GLU A 148 -10.36 -4.50 -10.13
N THR A 149 -9.74 -4.58 -11.31
CA THR A 149 -10.28 -5.52 -12.21
C THR A 149 -9.69 -6.89 -11.87
N TYR A 150 -8.55 -7.03 -11.16
CA TYR A 150 -8.10 -8.38 -10.79
C TYR A 150 -9.05 -8.96 -9.74
N LEU A 151 -9.49 -8.17 -8.75
CA LEU A 151 -10.31 -8.71 -7.64
C LEU A 151 -11.74 -9.08 -8.08
N LYS A 152 -12.13 -8.46 -9.18
CA LYS A 152 -13.35 -8.56 -10.00
C LYS A 152 -13.33 -9.64 -11.07
N GLY A 153 -12.21 -9.75 -11.77
CA GLY A 153 -12.07 -10.43 -13.06
C GLY A 153 -11.28 -11.72 -12.94
N HIS A 154 -10.68 -11.96 -11.78
CA HIS A 154 -10.29 -13.29 -11.34
C HIS A 154 -10.89 -13.50 -9.94
N PRO A 155 -12.18 -13.17 -9.71
CA PRO A 155 -12.90 -12.98 -8.44
C PRO A 155 -13.03 -14.20 -7.58
N ASP A 156 -12.46 -15.34 -7.97
CA ASP A 156 -11.85 -16.11 -6.90
C ASP A 156 -10.59 -15.47 -6.23
N ALA A 157 -10.37 -14.16 -6.42
CA ALA A 157 -9.07 -13.48 -6.36
C ALA A 157 -8.38 -13.64 -5.01
N TYR A 158 -9.10 -13.30 -3.92
CA TYR A 158 -8.81 -13.75 -2.55
C TYR A 158 -10.09 -14.31 -1.91
N ASN A 159 -10.77 -15.14 -2.70
CA ASN A 159 -11.80 -16.10 -2.29
C ASN A 159 -11.20 -17.14 -1.35
N GLY A 1 5.07 15.62 11.20
CA GLY A 1 5.69 14.70 10.22
C GLY A 1 4.87 14.56 8.96
N VAL A 2 4.52 15.68 8.34
CA VAL A 2 3.78 15.70 7.08
C VAL A 2 4.55 16.37 5.95
N PHE A 3 4.78 15.62 4.89
CA PHE A 3 3.84 15.71 3.78
C PHE A 3 2.67 14.73 4.01
N THR A 4 1.43 15.11 3.69
CA THR A 4 0.27 14.20 3.72
C THR A 4 0.01 13.69 2.30
N TYR A 5 -0.32 12.41 2.16
CA TYR A 5 -1.03 11.90 0.97
C TYR A 5 -2.41 11.42 1.43
N GLU A 6 -3.43 11.61 0.59
CA GLU A 6 -4.75 11.00 0.76
C GLU A 6 -5.25 10.50 -0.60
N SER A 7 -5.64 9.23 -0.70
CA SER A 7 -6.02 8.55 -1.93
C SER A 7 -7.29 7.74 -1.74
N GLU A 8 -8.21 7.81 -2.70
CA GLU A 8 -9.37 6.94 -2.83
C GLU A 8 -9.38 6.34 -4.25
N PHE A 9 -9.67 5.05 -4.37
CA PHE A 9 -10.07 4.45 -5.65
C PHE A 9 -11.10 3.35 -5.41
N THR A 10 -12.14 3.28 -6.24
CA THR A 10 -13.27 2.39 -6.04
C THR A 10 -13.04 1.07 -6.77
N SER A 11 -13.50 -0.07 -6.21
CA SER A 11 -13.78 -1.24 -7.05
C SER A 11 -15.12 -1.85 -6.86
N GLU A 12 -15.40 -2.60 -7.90
CA GLU A 12 -16.52 -3.50 -8.05
C GLU A 12 -16.26 -4.78 -7.22
N ILE A 13 -16.22 -4.62 -5.90
CA ILE A 13 -16.15 -5.66 -4.86
C ILE A 13 -16.65 -5.09 -3.52
N PRO A 14 -17.38 -5.88 -2.71
CA PRO A 14 -17.75 -5.51 -1.35
C PRO A 14 -16.57 -5.21 -0.39
N PRO A 15 -16.76 -4.31 0.61
CA PRO A 15 -15.73 -3.98 1.60
C PRO A 15 -15.03 -5.18 2.28
N PRO A 16 -15.72 -6.29 2.67
CA PRO A 16 -15.08 -7.42 3.34
C PRO A 16 -13.97 -8.10 2.53
N ARG A 17 -14.21 -8.32 1.23
CA ARG A 17 -13.27 -9.01 0.33
C ARG A 17 -12.02 -8.18 0.15
N LEU A 18 -12.19 -6.86 0.06
CA LEU A 18 -11.09 -5.99 -0.26
C LEU A 18 -10.04 -5.95 0.85
N PHE A 19 -10.49 -6.07 2.10
CA PHE A 19 -9.64 -6.02 3.28
C PHE A 19 -8.78 -7.27 3.46
N LYS A 20 -9.28 -8.44 3.03
CA LYS A 20 -8.42 -9.64 2.94
C LYS A 20 -7.26 -9.40 1.98
N ALA A 21 -7.55 -8.84 0.81
CA ALA A 21 -6.56 -8.53 -0.21
C ALA A 21 -5.58 -7.40 0.17
N PHE A 22 -6.06 -6.34 0.83
CA PHE A 22 -5.26 -5.16 1.15
C PHE A 22 -4.42 -5.34 2.44
N VAL A 23 -4.87 -6.18 3.38
CA VAL A 23 -4.15 -6.42 4.66
C VAL A 23 -3.63 -7.85 4.78
N LEU A 24 -4.51 -8.85 4.87
CA LEU A 24 -4.12 -10.16 5.44
C LEU A 24 -3.40 -11.09 4.44
N ASP A 25 -3.76 -11.02 3.16
CA ASP A 25 -3.12 -11.73 2.03
C ASP A 25 -2.45 -10.76 1.03
N ALA A 26 -2.10 -9.56 1.48
CA ALA A 26 -1.38 -8.56 0.70
C ALA A 26 0.03 -9.02 0.24
N ASP A 27 0.63 -10.02 0.86
CA ASP A 27 1.83 -10.67 0.29
C ASP A 27 1.52 -11.37 -1.03
N ASN A 28 0.37 -12.04 -1.12
CA ASN A 28 -0.05 -12.75 -2.31
C ASN A 28 -0.69 -11.81 -3.36
N LEU A 29 -1.45 -10.79 -2.93
CA LEU A 29 -2.06 -9.79 -3.81
C LEU A 29 -1.01 -8.86 -4.44
N VAL A 30 -0.03 -8.33 -3.69
CA VAL A 30 0.70 -7.13 -4.10
C VAL A 30 1.51 -7.30 -5.40
N PRO A 31 2.38 -8.30 -5.61
CA PRO A 31 2.96 -8.53 -6.95
C PRO A 31 1.97 -8.97 -8.03
N LYS A 32 0.70 -9.25 -7.71
CA LYS A 32 -0.33 -9.41 -8.78
C LYS A 32 -0.88 -8.07 -9.27
N ILE A 33 -0.79 -7.00 -8.47
CA ILE A 33 -1.43 -5.68 -8.74
C ILE A 33 -0.51 -4.46 -8.57
N ALA A 34 0.72 -4.69 -8.13
CA ALA A 34 1.90 -3.83 -8.23
C ALA A 34 3.04 -4.40 -9.12
N PRO A 35 2.76 -5.24 -10.15
CA PRO A 35 3.79 -5.92 -10.96
C PRO A 35 4.69 -4.97 -11.76
N GLN A 36 4.34 -3.69 -11.90
CA GLN A 36 5.20 -2.65 -12.51
C GLN A 36 6.57 -2.57 -11.81
N ALA A 37 6.62 -2.97 -10.53
CA ALA A 37 7.84 -3.00 -9.74
C ALA A 37 7.95 -4.22 -8.80
N ILE A 38 6.90 -4.65 -8.11
CA ILE A 38 7.00 -5.58 -6.96
C ILE A 38 7.09 -7.07 -7.38
N LYS A 39 7.85 -7.84 -6.59
CA LYS A 39 8.24 -9.25 -6.76
C LYS A 39 7.86 -10.19 -5.60
N HIS A 40 8.17 -9.83 -4.35
CA HIS A 40 8.02 -10.65 -3.13
C HIS A 40 7.64 -9.78 -1.91
N SER A 41 7.34 -10.36 -0.73
CA SER A 41 6.91 -9.64 0.48
C SER A 41 7.22 -10.40 1.80
N GLU A 42 7.91 -9.77 2.76
CA GLU A 42 8.58 -10.50 3.87
C GLU A 42 8.04 -10.43 5.35
N ILE A 43 7.97 -11.63 5.90
CA ILE A 43 8.03 -11.70 7.35
C ILE A 43 9.54 -11.71 7.64
N LEU A 44 10.08 -10.48 7.75
CA LEU A 44 11.43 -10.12 8.19
C LEU A 44 11.35 -9.79 9.66
N GLU A 45 10.29 -9.08 10.02
CA GLU A 45 9.76 -9.22 11.38
C GLU A 45 8.38 -9.90 11.31
N GLY A 46 7.83 -10.37 12.43
CA GLY A 46 6.40 -10.64 12.59
C GLY A 46 6.02 -12.01 13.12
N ASP A 47 4.77 -12.10 13.55
CA ASP A 47 3.99 -13.34 13.58
C ASP A 47 2.90 -13.31 12.49
N GLY A 48 3.05 -12.41 11.50
CA GLY A 48 2.09 -12.17 10.42
C GLY A 48 0.99 -11.13 10.70
N GLY A 49 0.82 -10.69 11.94
CA GLY A 49 -0.05 -9.59 12.34
C GLY A 49 0.70 -8.25 12.42
N PRO A 50 0.26 -7.30 13.26
CA PRO A 50 1.07 -6.14 13.63
C PRO A 50 2.45 -6.54 14.17
N GLY A 51 3.48 -5.76 13.85
CA GLY A 51 4.91 -6.09 14.02
C GLY A 51 5.57 -6.59 12.73
N THR A 52 4.84 -7.25 11.82
CA THR A 52 5.39 -7.98 10.66
C THR A 52 5.99 -7.06 9.60
N ILE A 53 7.24 -7.27 9.12
CA ILE A 53 7.93 -6.05 8.62
C ILE A 53 8.04 -6.53 7.25
N LYS A 54 7.07 -6.09 6.42
CA LYS A 54 6.77 -6.76 5.18
C LYS A 54 7.58 -6.05 4.14
N LYS A 55 8.55 -6.81 3.67
CA LYS A 55 9.71 -6.22 3.01
C LYS A 55 9.87 -6.87 1.66
N ILE A 56 9.92 -6.00 0.67
CA ILE A 56 9.17 -6.17 -0.55
C ILE A 56 10.17 -5.98 -1.67
N THR A 57 10.41 -7.06 -2.42
CA THR A 57 11.51 -7.08 -3.39
C THR A 57 11.00 -6.43 -4.66
N PHE A 58 11.73 -5.48 -5.23
CA PHE A 58 11.42 -4.96 -6.56
C PHE A 58 12.13 -5.76 -7.67
N GLY A 59 11.65 -5.66 -8.91
CA GLY A 59 12.08 -6.49 -10.05
C GLY A 59 13.54 -6.32 -10.45
N GLU A 60 14.00 -7.22 -11.33
CA GLU A 60 15.43 -7.34 -11.71
C GLU A 60 16.01 -6.07 -12.37
N GLY A 61 15.17 -5.19 -12.92
CA GLY A 61 15.55 -3.87 -13.43
C GLY A 61 16.18 -2.93 -12.39
N SER A 62 16.18 -3.29 -11.10
CA SER A 62 17.04 -2.72 -10.06
C SER A 62 16.87 -1.22 -9.75
N GLN A 63 15.81 -0.59 -10.27
CA GLN A 63 15.53 0.85 -10.13
C GLN A 63 15.19 1.30 -8.69
N TYR A 64 14.88 0.36 -7.79
CA TYR A 64 14.37 0.62 -6.46
C TYR A 64 15.04 -0.28 -5.39
N GLY A 65 15.41 -1.53 -5.72
CA GLY A 65 15.96 -2.50 -4.76
C GLY A 65 14.84 -3.17 -3.96
N TYR A 66 14.47 -2.60 -2.81
CA TYR A 66 13.36 -3.06 -1.99
C TYR A 66 12.63 -1.91 -1.30
N VAL A 67 11.50 -2.20 -0.65
CA VAL A 67 10.81 -1.31 0.31
C VAL A 67 10.40 -2.09 1.55
N LYS A 68 10.30 -1.46 2.72
CA LYS A 68 10.09 -2.13 4.01
C LYS A 68 8.88 -1.52 4.69
N HIS A 69 7.80 -2.30 4.84
CA HIS A 69 6.58 -1.94 5.58
C HIS A 69 6.64 -2.57 6.97
N LYS A 70 5.88 -2.08 7.95
CA LYS A 70 5.66 -2.67 9.28
C LYS A 70 4.18 -2.51 9.59
N ILE A 71 3.42 -3.59 9.68
CA ILE A 71 2.02 -3.41 10.08
C ILE A 71 1.98 -2.93 11.54
N ASP A 72 1.18 -1.90 11.83
CA ASP A 72 1.11 -1.27 13.15
C ASP A 72 -0.21 -1.59 13.87
N SER A 73 -1.31 -1.73 13.13
CA SER A 73 -2.60 -2.26 13.59
C SER A 73 -3.31 -3.06 12.49
N ILE A 74 -3.90 -4.20 12.85
CA ILE A 74 -4.90 -4.92 12.03
C ILE A 74 -6.14 -5.11 12.87
N ASP A 75 -7.20 -4.39 12.51
CA ASP A 75 -8.50 -4.44 13.20
C ASP A 75 -9.67 -4.48 12.22
N LYS A 76 -9.84 -5.67 11.63
CA LYS A 76 -10.83 -6.05 10.63
C LYS A 76 -12.28 -5.79 11.06
N GLU A 77 -12.60 -5.89 12.36
CA GLU A 77 -13.94 -5.61 12.90
C GLU A 77 -14.29 -4.12 12.84
N ASN A 78 -13.30 -3.26 13.13
CA ASN A 78 -13.39 -1.80 12.98
C ASN A 78 -13.19 -1.37 11.51
N HIS A 79 -12.64 -2.27 10.69
CA HIS A 79 -12.42 -2.20 9.25
C HIS A 79 -11.40 -1.16 8.77
N SER A 80 -10.47 -0.76 9.64
CA SER A 80 -9.30 0.06 9.30
C SER A 80 -7.99 -0.67 9.58
N TYR A 81 -6.91 -0.15 9.01
CA TYR A 81 -5.61 -0.81 8.89
C TYR A 81 -4.49 0.21 8.97
N SER A 82 -3.61 0.06 9.95
CA SER A 82 -2.51 1.00 10.20
C SER A 82 -1.17 0.32 9.96
N TYR A 83 -0.28 0.98 9.24
CA TYR A 83 1.09 0.53 9.01
C TYR A 83 2.10 1.69 8.95
N THR A 84 3.38 1.40 9.17
CA THR A 84 4.50 2.34 9.00
C THR A 84 5.42 1.82 7.89
N LEU A 85 6.04 2.72 7.13
CA LEU A 85 7.03 2.44 6.10
C LEU A 85 8.37 3.02 6.56
N ILE A 86 9.41 2.18 6.58
CA ILE A 86 10.59 2.34 7.43
C ILE A 86 11.93 2.29 6.70
N GLU A 87 12.02 1.59 5.57
CA GLU A 87 13.27 1.46 4.80
C GLU A 87 13.05 1.22 3.28
N GLY A 88 14.09 1.46 2.48
CA GLY A 88 14.18 1.13 1.05
C GLY A 88 13.91 2.32 0.13
N ASP A 89 13.60 2.08 -1.15
CA ASP A 89 13.45 3.15 -2.17
C ASP A 89 12.51 4.29 -1.73
N ALA A 90 11.39 3.93 -1.10
CA ALA A 90 10.39 4.88 -0.63
C ALA A 90 10.81 5.70 0.61
N LEU A 91 11.92 5.37 1.30
CA LEU A 91 12.58 6.31 2.22
C LEU A 91 13.80 7.00 1.56
N GLY A 92 14.47 6.35 0.59
CA GLY A 92 15.43 6.91 -0.37
C GLY A 92 16.49 7.94 0.08
N ASP A 93 16.76 8.12 1.38
CA ASP A 93 17.47 9.29 1.96
C ASP A 93 16.73 10.63 1.74
N ASN A 94 15.46 10.58 1.34
CA ASN A 94 14.52 11.72 1.29
C ASN A 94 13.59 11.74 2.52
N LEU A 95 13.41 10.57 3.15
CA LEU A 95 12.30 10.23 4.03
C LEU A 95 12.79 9.47 5.27
N GLU A 96 12.28 9.87 6.45
CA GLU A 96 12.71 9.38 7.78
C GLU A 96 11.83 8.22 8.26
N LYS A 97 10.51 8.35 8.05
CA LYS A 97 9.48 7.30 8.15
C LYS A 97 8.18 7.79 7.53
N ILE A 98 7.28 6.89 7.17
CA ILE A 98 5.94 7.26 6.68
C ILE A 98 4.87 6.47 7.43
N SER A 99 4.01 7.15 8.17
CA SER A 99 2.80 6.56 8.74
C SER A 99 1.72 6.40 7.65
N TYR A 100 0.99 5.30 7.67
CA TYR A 100 -0.21 5.03 6.87
C TYR A 100 -1.38 4.61 7.78
N GLU A 101 -2.58 5.03 7.39
CA GLU A 101 -3.82 4.38 7.81
C GLU A 101 -4.80 4.28 6.62
N THR A 102 -5.47 3.14 6.50
CA THR A 102 -6.38 2.80 5.41
C THR A 102 -7.74 2.42 5.97
N LYS A 103 -8.78 2.75 5.18
CA LYS A 103 -10.12 2.20 5.32
C LYS A 103 -10.70 1.80 3.97
N LEU A 104 -11.49 0.73 3.97
CA LEU A 104 -12.07 0.12 2.77
C LEU A 104 -13.58 0.18 2.94
N VAL A 105 -14.19 1.24 2.40
CA VAL A 105 -15.51 1.75 2.80
C VAL A 105 -16.58 1.39 1.74
N ALA A 106 -17.86 1.45 2.06
CA ALA A 106 -18.94 1.30 1.09
C ALA A 106 -19.24 2.67 0.47
N SER A 107 -19.19 2.80 -0.86
CA SER A 107 -19.57 4.04 -1.51
C SER A 107 -21.11 4.20 -1.54
N PRO A 108 -21.71 5.37 -1.30
CA PRO A 108 -23.17 5.49 -1.18
C PRO A 108 -23.96 5.21 -2.48
N SER A 109 -23.33 5.27 -3.65
CA SER A 109 -23.94 4.98 -4.97
C SER A 109 -23.35 3.75 -5.69
N GLY A 110 -22.39 3.02 -5.11
CA GLY A 110 -21.56 2.09 -5.89
C GLY A 110 -20.82 1.04 -5.09
N GLY A 111 -19.66 0.61 -5.59
CA GLY A 111 -18.82 -0.42 -4.98
C GLY A 111 -18.08 0.07 -3.73
N SER A 112 -16.90 -0.49 -3.43
CA SER A 112 -16.14 -0.13 -2.24
C SER A 112 -14.99 0.85 -2.53
N ILE A 113 -14.87 1.88 -1.69
CA ILE A 113 -13.81 2.88 -1.67
C ILE A 113 -12.56 2.28 -1.00
N ILE A 114 -11.52 1.97 -1.77
CA ILE A 114 -10.20 1.61 -1.27
C ILE A 114 -9.47 2.90 -0.93
N LYS A 115 -9.35 3.24 0.36
CA LYS A 115 -8.82 4.52 0.78
C LYS A 115 -7.60 4.38 1.67
N SER A 116 -6.62 5.25 1.44
CA SER A 116 -5.38 5.35 2.20
C SER A 116 -4.99 6.80 2.47
N THR A 117 -4.60 7.08 3.71
CA THR A 117 -4.18 8.40 4.19
C THR A 117 -2.88 8.27 4.97
N SER A 118 -1.85 9.08 4.69
CA SER A 118 -0.49 8.84 5.17
C SER A 118 0.32 10.12 5.42
N HIS A 119 1.28 10.05 6.36
CA HIS A 119 2.02 11.19 6.94
C HIS A 119 3.54 10.97 6.85
N TYR A 120 4.18 11.81 6.08
CA TYR A 120 5.52 11.56 5.60
C TYR A 120 6.39 12.45 6.45
N HIS A 121 7.06 11.79 7.38
CA HIS A 121 8.13 12.41 8.16
C HIS A 121 9.39 12.50 7.28
N THR A 122 9.74 13.68 6.77
CA THR A 122 10.85 13.85 5.81
C THR A 122 12.24 13.88 6.46
N LYS A 123 13.26 13.47 5.71
CA LYS A 123 14.65 13.27 6.19
C LYS A 123 15.47 14.54 6.01
N GLY A 124 16.20 14.94 7.04
CA GLY A 124 16.97 16.18 7.04
C GLY A 124 16.05 17.36 6.75
N ASP A 125 16.22 17.97 5.58
CA ASP A 125 15.30 19.00 5.05
C ASP A 125 14.98 18.78 3.58
N VAL A 126 14.68 17.51 3.26
CA VAL A 126 14.26 17.07 1.93
C VAL A 126 12.73 16.99 1.85
N GLU A 127 12.09 18.13 1.59
CA GLU A 127 10.64 18.20 1.38
C GLU A 127 10.22 17.45 0.10
N ILE A 128 9.05 16.81 0.11
CA ILE A 128 8.56 16.00 -1.03
C ILE A 128 7.71 16.85 -1.95
N LYS A 129 8.23 16.98 -3.18
CA LYS A 129 7.67 17.81 -4.22
C LYS A 129 6.29 17.34 -4.67
N GLU A 130 5.39 18.29 -4.95
CA GLU A 130 4.03 18.01 -5.39
C GLU A 130 3.97 17.14 -6.66
N GLU A 131 4.92 17.31 -7.57
CA GLU A 131 5.05 16.47 -8.76
C GLU A 131 5.28 14.98 -8.42
N HIS A 132 5.96 14.69 -7.29
CA HIS A 132 6.08 13.34 -6.71
C HIS A 132 4.83 12.92 -5.95
N VAL A 133 4.12 13.86 -5.30
CA VAL A 133 2.82 13.61 -4.63
C VAL A 133 1.78 13.11 -5.62
N LYS A 134 1.59 13.87 -6.71
CA LYS A 134 0.67 13.63 -7.82
C LYS A 134 0.91 12.30 -8.53
N ALA A 135 2.12 12.11 -9.08
CA ALA A 135 2.53 10.82 -9.65
C ALA A 135 2.45 9.71 -8.60
N GLY A 136 2.63 10.08 -7.34
CA GLY A 136 2.60 9.13 -6.23
C GLY A 136 1.22 8.53 -6.05
N LYS A 137 0.20 9.40 -6.09
CA LYS A 137 -1.22 9.04 -6.13
C LYS A 137 -1.61 8.32 -7.43
N GLU A 138 -1.06 8.69 -8.59
CA GLU A 138 -1.30 8.00 -9.88
C GLU A 138 -0.66 6.60 -10.00
N LYS A 139 0.38 6.28 -9.24
CA LYS A 139 1.00 4.96 -9.20
C LYS A 139 0.06 4.21 -8.33
N ALA A 140 -0.20 4.79 -7.16
CA ALA A 140 -0.70 4.03 -6.10
C ALA A 140 -2.19 3.67 -6.29
N SER A 141 -2.97 4.62 -6.81
CA SER A 141 -4.30 4.36 -7.35
C SER A 141 -4.30 3.46 -8.58
N ASN A 142 -3.23 3.36 -9.41
CA ASN A 142 -3.20 2.27 -10.41
C ASN A 142 -3.20 0.87 -9.73
N LEU A 143 -2.43 0.63 -8.66
CA LEU A 143 -2.50 -0.62 -7.91
C LEU A 143 -3.87 -0.78 -7.32
N PHE A 144 -4.49 0.29 -6.82
CA PHE A 144 -5.83 0.17 -6.29
C PHE A 144 -6.91 -0.06 -7.36
N LYS A 145 -6.61 0.25 -8.61
CA LYS A 145 -7.36 -0.10 -9.82
C LYS A 145 -7.03 -1.49 -10.33
N LEU A 146 -5.91 -2.12 -9.94
CA LEU A 146 -5.44 -3.29 -10.68
C LEU A 146 -6.22 -4.46 -10.09
N ILE A 147 -6.12 -4.54 -8.77
CA ILE A 147 -6.97 -5.12 -7.73
C ILE A 147 -8.39 -4.64 -7.82
N GLU A 148 -8.78 -3.47 -8.38
CA GLU A 148 -10.22 -3.27 -8.53
C GLU A 148 -10.71 -4.45 -9.30
N THR A 149 -10.12 -4.55 -10.49
CA THR A 149 -10.68 -5.52 -11.36
C THR A 149 -10.08 -6.87 -10.98
N TYR A 150 -8.88 -6.99 -10.35
CA TYR A 150 -8.42 -8.34 -10.00
C TYR A 150 -9.31 -8.93 -8.90
N LEU A 151 -9.75 -8.14 -7.91
CA LEU A 151 -10.54 -8.70 -6.80
C LEU A 151 -11.97 -9.09 -7.22
N LYS A 152 -12.38 -8.51 -8.34
CA LYS A 152 -13.63 -8.63 -9.12
C LYS A 152 -13.61 -9.75 -10.16
N GLY A 153 -12.48 -9.93 -10.84
CA GLY A 153 -12.36 -10.68 -12.09
C GLY A 153 -11.64 -12.00 -11.94
N HIS A 154 -11.02 -12.21 -10.77
CA HIS A 154 -10.65 -13.54 -10.31
C HIS A 154 -11.20 -13.72 -8.90
N PRO A 155 -12.47 -13.37 -8.62
CA PRO A 155 -13.18 -13.13 -7.36
C PRO A 155 -13.35 -14.33 -6.46
N ASP A 156 -12.81 -15.49 -6.83
CA ASP A 156 -12.13 -16.21 -5.75
C ASP A 156 -10.88 -15.49 -5.15
N ALA A 157 -10.72 -14.18 -5.40
CA ALA A 157 -9.44 -13.46 -5.48
C ALA A 157 -8.67 -13.52 -4.15
N TYR A 158 -9.33 -13.15 -3.06
CA TYR A 158 -8.96 -13.49 -1.68
C TYR A 158 -10.21 -14.00 -0.96
N ASN A 159 -10.68 -15.13 -1.50
CA ASN A 159 -11.83 -15.90 -1.06
C ASN A 159 -11.52 -16.73 0.19
N GLY A 1 7.08 16.36 10.13
CA GLY A 1 6.23 15.17 10.21
C GLY A 1 5.30 15.01 9.02
N VAL A 2 4.76 16.11 8.50
CA VAL A 2 3.92 16.07 7.30
C VAL A 2 4.47 16.86 6.13
N PHE A 3 4.75 16.10 5.08
CA PHE A 3 3.83 16.14 3.96
C PHE A 3 2.71 15.12 4.24
N THR A 4 1.47 15.41 3.87
CA THR A 4 0.33 14.49 3.90
C THR A 4 -0.02 14.07 2.47
N TYR A 5 -0.24 12.78 2.23
CA TYR A 5 -0.92 12.29 1.02
C TYR A 5 -2.28 11.70 1.45
N GLU A 6 -3.29 11.83 0.60
CA GLU A 6 -4.57 11.12 0.70
C GLU A 6 -4.98 10.66 -0.70
N SER A 7 -5.21 9.35 -0.89
CA SER A 7 -5.62 8.77 -2.17
C SER A 7 -6.90 7.94 -1.99
N GLU A 8 -7.86 8.09 -2.90
CA GLU A 8 -9.10 7.32 -2.94
C GLU A 8 -9.32 6.75 -4.35
N PHE A 9 -9.63 5.45 -4.44
CA PHE A 9 -9.94 4.79 -5.71
C PHE A 9 -10.93 3.63 -5.50
N THR A 10 -11.96 3.50 -6.34
CA THR A 10 -13.03 2.53 -6.18
C THR A 10 -12.73 1.23 -6.92
N SER A 11 -13.14 0.07 -6.39
CA SER A 11 -13.44 -1.09 -7.25
C SER A 11 -14.85 -1.58 -7.10
N GLU A 12 -15.20 -2.32 -8.13
CA GLU A 12 -16.33 -3.19 -8.20
C GLU A 12 -16.00 -4.47 -7.39
N ILE A 13 -16.08 -4.39 -6.06
CA ILE A 13 -16.06 -5.48 -5.06
C ILE A 13 -16.58 -4.95 -3.70
N PRO A 14 -17.33 -5.74 -2.92
CA PRO A 14 -17.69 -5.43 -1.53
C PRO A 14 -16.47 -5.22 -0.61
N PRO A 15 -16.49 -4.23 0.32
CA PRO A 15 -15.33 -3.90 1.14
C PRO A 15 -14.65 -5.08 1.87
N PRO A 16 -15.35 -6.11 2.39
CA PRO A 16 -14.72 -7.25 3.05
C PRO A 16 -13.73 -8.06 2.22
N ARG A 17 -14.04 -8.31 0.94
CA ARG A 17 -13.17 -9.02 0.00
C ARG A 17 -11.92 -8.20 -0.23
N LEU A 18 -12.10 -6.89 -0.35
CA LEU A 18 -10.98 -6.00 -0.61
C LEU A 18 -9.99 -5.95 0.55
N PHE A 19 -10.52 -6.02 1.76
CA PHE A 19 -9.71 -6.00 2.97
C PHE A 19 -8.85 -7.26 3.13
N LYS A 20 -9.36 -8.44 2.73
CA LYS A 20 -8.49 -9.62 2.69
C LYS A 20 -7.29 -9.40 1.77
N ALA A 21 -7.54 -8.85 0.58
CA ALA A 21 -6.53 -8.62 -0.44
C ALA A 21 -5.52 -7.50 -0.12
N PHE A 22 -5.99 -6.37 0.41
CA PHE A 22 -5.15 -5.20 0.71
C PHE A 22 -4.36 -5.38 2.01
N VAL A 23 -4.88 -6.18 2.94
CA VAL A 23 -4.35 -6.36 4.30
C VAL A 23 -3.74 -7.73 4.48
N LEU A 24 -4.59 -8.75 4.64
CA LEU A 24 -4.16 -9.98 5.30
C LEU A 24 -3.40 -10.94 4.36
N ASP A 25 -3.83 -11.05 3.11
CA ASP A 25 -3.17 -11.78 2.02
C ASP A 25 -2.35 -10.85 1.10
N ALA A 26 -2.01 -9.65 1.55
CA ALA A 26 -1.39 -8.63 0.72
C ALA A 26 -0.05 -9.02 0.10
N ASP A 27 0.78 -9.85 0.74
CA ASP A 27 2.01 -10.36 0.09
C ASP A 27 1.70 -11.21 -1.14
N ASN A 28 0.53 -11.86 -1.19
CA ASN A 28 0.05 -12.63 -2.32
C ASN A 28 -0.63 -11.75 -3.39
N LEU A 29 -1.37 -10.71 -2.98
CA LEU A 29 -1.99 -9.72 -3.88
C LEU A 29 -0.93 -8.82 -4.54
N VAL A 30 0.08 -8.34 -3.80
CA VAL A 30 0.91 -7.19 -4.16
C VAL A 30 1.61 -7.35 -5.51
N PRO A 31 2.37 -8.41 -5.81
CA PRO A 31 2.92 -8.64 -7.16
C PRO A 31 1.90 -9.14 -8.18
N LYS A 32 0.66 -9.47 -7.80
CA LYS A 32 -0.43 -9.56 -8.81
C LYS A 32 -0.89 -8.18 -9.30
N ILE A 33 -0.70 -7.10 -8.54
CA ILE A 33 -1.28 -5.76 -8.81
C ILE A 33 -0.33 -4.55 -8.70
N ALA A 34 0.95 -4.77 -8.36
CA ALA A 34 2.10 -3.92 -8.67
C ALA A 34 3.13 -4.60 -9.62
N PRO A 35 2.72 -5.50 -10.54
CA PRO A 35 3.59 -6.40 -11.31
C PRO A 35 4.61 -5.72 -12.23
N GLN A 36 4.41 -4.45 -12.55
CA GLN A 36 5.28 -3.67 -13.43
C GLN A 36 6.66 -3.40 -12.81
N ALA A 37 6.80 -3.56 -11.49
CA ALA A 37 8.02 -3.22 -10.76
C ALA A 37 8.28 -4.12 -9.52
N ILE A 38 7.23 -4.59 -8.83
CA ILE A 38 7.32 -5.30 -7.53
C ILE A 38 7.25 -6.82 -7.68
N LYS A 39 7.98 -7.53 -6.81
CA LYS A 39 8.33 -8.95 -6.89
C LYS A 39 7.85 -9.81 -5.73
N HIS A 40 8.18 -9.46 -4.49
CA HIS A 40 7.95 -10.24 -3.25
C HIS A 40 7.72 -9.32 -2.04
N SER A 41 7.38 -9.85 -0.86
CA SER A 41 7.17 -9.12 0.42
C SER A 41 7.63 -9.93 1.65
N GLU A 42 8.35 -9.32 2.61
CA GLU A 42 9.01 -10.07 3.72
C GLU A 42 8.51 -10.01 5.20
N ILE A 43 8.45 -11.21 5.75
CA ILE A 43 8.56 -11.30 7.19
C ILE A 43 10.07 -11.31 7.44
N LEU A 44 10.59 -10.07 7.61
CA LEU A 44 11.95 -9.71 8.03
C LEU A 44 11.91 -9.38 9.51
N GLU A 45 10.82 -8.70 9.89
CA GLU A 45 10.30 -8.87 11.25
C GLU A 45 8.90 -9.50 11.19
N GLY A 46 8.32 -9.91 12.32
CA GLY A 46 6.92 -10.28 12.45
C GLY A 46 6.62 -11.62 13.06
N ASP A 47 5.38 -11.74 13.53
CA ASP A 47 4.62 -12.99 13.58
C ASP A 47 3.46 -12.94 12.56
N GLY A 48 3.60 -12.11 11.51
CA GLY A 48 2.60 -11.92 10.44
C GLY A 48 1.63 -10.74 10.63
N GLY A 49 1.40 -10.32 11.88
CA GLY A 49 0.52 -9.21 12.24
C GLY A 49 1.28 -7.88 12.44
N PRO A 50 0.73 -6.94 13.22
CA PRO A 50 1.43 -5.71 13.57
C PRO A 50 2.80 -5.96 14.24
N GLY A 51 3.85 -5.39 13.64
CA GLY A 51 5.26 -5.64 13.89
C GLY A 51 6.01 -6.25 12.69
N THR A 52 5.32 -6.90 11.75
CA THR A 52 5.88 -7.64 10.60
C THR A 52 6.44 -6.72 9.52
N ILE A 53 7.68 -6.92 9.00
CA ILE A 53 8.36 -5.69 8.51
C ILE A 53 8.50 -6.17 7.13
N LYS A 54 7.54 -5.74 6.30
CA LYS A 54 7.26 -6.39 5.04
C LYS A 54 8.05 -5.65 4.02
N LYS A 55 9.10 -6.35 3.60
CA LYS A 55 10.12 -5.74 2.77
C LYS A 55 9.93 -6.23 1.36
N ILE A 56 9.49 -5.30 0.54
CA ILE A 56 8.94 -5.52 -0.78
C ILE A 56 10.10 -5.45 -1.77
N THR A 57 10.38 -6.55 -2.47
CA THR A 57 11.50 -6.60 -3.42
C THR A 57 11.03 -6.03 -4.74
N PHE A 58 11.80 -5.13 -5.36
CA PHE A 58 11.57 -4.72 -6.75
C PHE A 58 12.44 -5.54 -7.72
N GLY A 59 12.12 -5.46 -9.01
CA GLY A 59 12.76 -6.24 -10.07
C GLY A 59 14.28 -6.03 -10.25
N GLU A 60 14.85 -6.89 -11.07
CA GLU A 60 16.28 -7.00 -11.41
C GLU A 60 16.94 -5.68 -11.86
N GLY A 61 16.18 -4.78 -12.49
CA GLY A 61 16.66 -3.56 -13.14
C GLY A 61 17.15 -2.43 -12.21
N SER A 62 17.22 -2.66 -10.89
CA SER A 62 17.82 -1.73 -9.89
C SER A 62 17.16 -0.35 -9.74
N GLN A 63 15.99 -0.11 -10.34
CA GLN A 63 15.26 1.18 -10.27
C GLN A 63 14.78 1.54 -8.85
N TYR A 64 14.82 0.59 -7.91
CA TYR A 64 14.42 0.75 -6.51
C TYR A 64 15.21 -0.15 -5.54
N GLY A 65 15.56 -1.37 -5.95
CA GLY A 65 16.07 -2.38 -5.02
C GLY A 65 14.93 -2.99 -4.20
N TYR A 66 14.58 -2.33 -3.10
CA TYR A 66 13.52 -2.73 -2.17
C TYR A 66 12.85 -1.50 -1.51
N VAL A 67 11.74 -1.73 -0.83
CA VAL A 67 11.14 -0.81 0.16
C VAL A 67 10.66 -1.60 1.37
N LYS A 68 10.71 -1.03 2.57
CA LYS A 68 10.49 -1.75 3.84
C LYS A 68 9.25 -1.18 4.54
N HIS A 69 8.19 -1.98 4.66
CA HIS A 69 6.95 -1.63 5.38
C HIS A 69 6.99 -2.24 6.78
N LYS A 70 6.19 -1.76 7.73
CA LYS A 70 5.90 -2.39 9.03
C LYS A 70 4.43 -2.22 9.30
N ILE A 71 3.68 -3.30 9.48
CA ILE A 71 2.28 -3.14 9.89
C ILE A 71 2.24 -2.65 11.35
N ASP A 72 1.39 -1.69 11.67
CA ASP A 72 1.23 -1.13 13.02
C ASP A 72 -0.16 -1.39 13.64
N SER A 73 -1.20 -1.60 12.82
CA SER A 73 -2.48 -2.18 13.26
C SER A 73 -3.17 -2.96 12.14
N ILE A 74 -3.75 -4.12 12.49
CA ILE A 74 -4.66 -4.89 11.64
C ILE A 74 -5.94 -5.15 12.42
N ASP A 75 -7.01 -4.48 12.02
CA ASP A 75 -8.37 -4.77 12.53
C ASP A 75 -9.43 -4.73 11.43
N LYS A 76 -9.80 -5.91 10.91
CA LYS A 76 -10.97 -6.11 10.01
C LYS A 76 -12.23 -5.50 10.61
N GLU A 77 -12.44 -5.65 11.91
CA GLU A 77 -13.65 -5.25 12.61
C GLU A 77 -13.84 -3.72 12.60
N ASN A 78 -12.76 -2.97 12.76
CA ASN A 78 -12.70 -1.51 12.61
C ASN A 78 -12.63 -1.09 11.12
N HIS A 79 -12.28 -2.02 10.23
CA HIS A 79 -12.21 -1.88 8.77
C HIS A 79 -11.14 -0.90 8.24
N SER A 80 -10.10 -0.67 9.06
CA SER A 80 -8.89 0.08 8.69
C SER A 80 -7.59 -0.67 9.04
N TYR A 81 -6.51 -0.20 8.44
CA TYR A 81 -5.23 -0.88 8.32
C TYR A 81 -4.08 0.13 8.37
N SER A 82 -3.29 0.07 9.43
CA SER A 82 -2.21 1.02 9.72
C SER A 82 -0.85 0.38 9.47
N TYR A 83 0.03 1.06 8.73
CA TYR A 83 1.41 0.63 8.51
C TYR A 83 2.41 1.80 8.38
N THR A 84 3.61 1.61 8.93
CA THR A 84 4.80 2.45 8.76
C THR A 84 5.60 2.00 7.53
N LEU A 85 6.36 2.90 6.92
CA LEU A 85 7.35 2.63 5.89
C LEU A 85 8.68 3.26 6.34
N ILE A 86 9.72 2.42 6.42
CA ILE A 86 10.92 2.65 7.27
C ILE A 86 12.24 2.68 6.49
N GLU A 87 12.36 1.94 5.38
CA GLU A 87 13.64 1.83 4.65
C GLU A 87 13.49 1.57 3.13
N GLY A 88 14.54 1.83 2.34
CA GLY A 88 14.66 1.50 0.91
C GLY A 88 14.60 2.72 -0.01
N ASP A 89 14.39 2.52 -1.33
CA ASP A 89 14.34 3.63 -2.31
C ASP A 89 13.38 4.76 -1.92
N ALA A 90 12.23 4.42 -1.36
CA ALA A 90 11.20 5.36 -0.93
C ALA A 90 11.59 6.25 0.27
N LEU A 91 12.63 5.90 1.05
CA LEU A 91 13.19 6.80 2.07
C LEU A 91 14.33 7.67 1.50
N GLY A 92 15.06 7.20 0.47
CA GLY A 92 15.88 8.00 -0.44
C GLY A 92 16.96 8.95 0.10
N ASP A 93 17.27 8.96 1.41
CA ASP A 93 17.88 10.09 2.13
C ASP A 93 17.11 11.42 1.99
N ASN A 94 15.79 11.31 1.73
CA ASN A 94 14.81 12.39 1.72
C ASN A 94 13.79 12.25 2.86
N LEU A 95 13.67 11.04 3.39
CA LEU A 95 12.59 10.54 4.24
C LEU A 95 13.18 9.73 5.40
N GLU A 96 12.66 9.96 6.61
CA GLU A 96 13.12 9.35 7.86
C GLU A 96 12.15 8.24 8.33
N LYS A 97 10.84 8.45 8.10
CA LYS A 97 9.79 7.41 8.07
C LYS A 97 8.53 7.96 7.41
N ILE A 98 7.59 7.08 7.05
CA ILE A 98 6.25 7.47 6.60
C ILE A 98 5.21 6.64 7.36
N SER A 99 4.24 7.29 7.98
CA SER A 99 3.04 6.61 8.50
C SER A 99 1.96 6.53 7.41
N TYR A 100 1.26 5.41 7.31
CA TYR A 100 0.02 5.22 6.54
C TYR A 100 -1.12 4.74 7.43
N GLU A 101 -2.34 5.10 7.08
CA GLU A 101 -3.56 4.36 7.42
C GLU A 101 -4.50 4.31 6.22
N THR A 102 -4.80 3.09 5.79
CA THR A 102 -5.83 2.78 4.82
C THR A 102 -7.16 2.45 5.50
N LYS A 103 -8.27 2.85 4.88
CA LYS A 103 -9.58 2.24 5.11
C LYS A 103 -10.24 1.86 3.79
N LEU A 104 -10.98 0.76 3.80
CA LEU A 104 -11.70 0.24 2.63
C LEU A 104 -13.20 0.40 2.93
N VAL A 105 -13.85 1.30 2.23
CA VAL A 105 -15.14 1.89 2.62
C VAL A 105 -16.20 1.58 1.56
N ALA A 106 -17.49 1.70 1.86
CA ALA A 106 -18.57 1.56 0.89
C ALA A 106 -18.84 2.93 0.26
N SER A 107 -18.89 3.02 -1.07
CA SER A 107 -19.33 4.25 -1.72
C SER A 107 -20.86 4.41 -1.61
N PRO A 108 -21.43 5.62 -1.53
CA PRO A 108 -22.87 5.81 -1.46
C PRO A 108 -23.61 5.36 -2.73
N SER A 109 -22.95 5.33 -3.90
CA SER A 109 -23.58 4.97 -5.18
C SER A 109 -23.22 3.57 -5.71
N GLY A 110 -22.22 2.90 -5.15
CA GLY A 110 -21.51 1.85 -5.92
C GLY A 110 -20.63 0.92 -5.10
N GLY A 111 -19.49 0.56 -5.68
CA GLY A 111 -18.51 -0.35 -5.11
C GLY A 111 -17.74 0.25 -3.92
N SER A 112 -16.57 -0.31 -3.60
CA SER A 112 -15.82 0.05 -2.40
C SER A 112 -14.66 1.01 -2.69
N ILE A 113 -14.56 2.07 -1.88
CA ILE A 113 -13.50 3.07 -1.88
C ILE A 113 -12.28 2.46 -1.17
N ILE A 114 -11.25 2.12 -1.93
CA ILE A 114 -9.91 1.78 -1.45
C ILE A 114 -9.19 3.09 -1.17
N LYS A 115 -9.06 3.44 0.11
CA LYS A 115 -8.54 4.74 0.53
C LYS A 115 -7.29 4.59 1.39
N SER A 116 -6.30 5.43 1.14
CA SER A 116 -4.98 5.43 1.80
C SER A 116 -4.47 6.84 2.11
N THR A 117 -4.25 7.15 3.39
CA THR A 117 -3.81 8.49 3.84
C THR A 117 -2.58 8.36 4.73
N SER A 118 -1.60 9.26 4.57
CA SER A 118 -0.24 9.04 5.09
C SER A 118 0.52 10.34 5.43
N HIS A 119 1.40 10.30 6.45
CA HIS A 119 2.21 11.43 6.98
C HIS A 119 3.72 11.18 6.83
N TYR A 120 4.40 12.09 6.17
CA TYR A 120 5.71 11.77 5.65
C TYR A 120 6.66 12.59 6.48
N HIS A 121 7.32 11.86 7.37
CA HIS A 121 8.33 12.42 8.27
C HIS A 121 9.68 12.51 7.53
N THR A 122 10.04 13.70 7.07
CA THR A 122 11.16 13.91 6.14
C THR A 122 12.52 13.93 6.84
N LYS A 123 13.59 13.76 6.05
CA LYS A 123 14.98 13.59 6.52
C LYS A 123 15.73 14.92 6.41
N GLY A 124 16.42 15.34 7.47
CA GLY A 124 17.12 16.62 7.50
C GLY A 124 16.16 17.81 7.32
N ASP A 125 16.27 18.51 6.20
CA ASP A 125 15.32 19.52 5.72
C ASP A 125 14.98 19.31 4.24
N VAL A 126 14.80 18.04 3.86
CA VAL A 126 14.38 17.62 2.53
C VAL A 126 12.86 17.62 2.40
N GLU A 127 12.30 18.71 1.87
CA GLU A 127 10.87 18.88 1.68
C GLU A 127 10.41 18.18 0.40
N ILE A 128 9.39 17.32 0.48
CA ILE A 128 8.92 16.54 -0.68
C ILE A 128 8.15 17.42 -1.65
N LYS A 129 8.61 17.35 -2.90
CA LYS A 129 8.04 18.07 -4.01
C LYS A 129 6.64 17.56 -4.37
N GLU A 130 5.74 18.47 -4.68
CA GLU A 130 4.34 18.16 -4.99
C GLU A 130 4.17 17.33 -6.28
N GLU A 131 5.08 17.48 -7.25
CA GLU A 131 5.17 16.62 -8.45
C GLU A 131 5.41 15.14 -8.09
N HIS A 132 6.19 14.86 -7.04
CA HIS A 132 6.36 13.50 -6.50
C HIS A 132 5.17 13.06 -5.64
N VAL A 133 4.46 13.99 -4.99
CA VAL A 133 3.21 13.69 -4.27
C VAL A 133 2.13 13.22 -5.26
N LYS A 134 1.94 13.97 -6.34
CA LYS A 134 1.03 13.70 -7.47
C LYS A 134 1.32 12.36 -8.14
N ALA A 135 2.52 12.18 -8.69
CA ALA A 135 2.93 10.90 -9.28
C ALA A 135 2.85 9.77 -8.25
N GLY A 136 2.97 10.12 -6.97
CA GLY A 136 2.80 9.17 -5.88
C GLY A 136 1.37 8.61 -5.89
N LYS A 137 0.39 9.50 -5.80
CA LYS A 137 -1.04 9.19 -5.88
C LYS A 137 -1.42 8.53 -7.21
N GLU A 138 -0.87 8.97 -8.34
CA GLU A 138 -1.11 8.40 -9.68
C GLU A 138 -0.48 7.01 -9.94
N LYS A 139 0.56 6.61 -9.22
CA LYS A 139 1.17 5.28 -9.25
C LYS A 139 0.31 4.44 -8.39
N ALA A 140 0.04 4.96 -7.19
CA ALA A 140 -0.40 4.15 -6.14
C ALA A 140 -1.88 3.77 -6.33
N SER A 141 -2.67 4.71 -6.84
CA SER A 141 -3.97 4.44 -7.46
C SER A 141 -3.91 3.50 -8.66
N ASN A 142 -2.81 3.36 -9.41
CA ASN A 142 -2.76 2.25 -10.40
C ASN A 142 -2.88 0.86 -9.74
N LEU A 143 -2.17 0.59 -8.66
CA LEU A 143 -2.30 -0.66 -7.90
C LEU A 143 -3.70 -0.76 -7.38
N PHE A 144 -4.29 0.34 -6.89
CA PHE A 144 -5.64 0.28 -6.39
C PHE A 144 -6.69 0.06 -7.49
N LYS A 145 -6.34 0.38 -8.74
CA LYS A 145 -7.10 0.09 -9.95
C LYS A 145 -6.83 -1.31 -10.46
N LEU A 146 -5.74 -1.99 -10.04
CA LEU A 146 -5.28 -3.15 -10.77
C LEU A 146 -6.06 -4.33 -10.19
N ILE A 147 -5.97 -4.41 -8.88
CA ILE A 147 -6.83 -5.00 -7.87
C ILE A 147 -8.24 -4.50 -7.95
N GLU A 148 -8.60 -3.30 -8.47
CA GLU A 148 -10.04 -3.09 -8.67
C GLU A 148 -10.50 -4.25 -9.49
N THR A 149 -9.88 -4.30 -10.66
CA THR A 149 -10.43 -5.21 -11.59
C THR A 149 -9.89 -6.60 -11.27
N TYR A 150 -8.74 -6.77 -10.59
CA TYR A 150 -8.31 -8.14 -10.27
C TYR A 150 -9.25 -8.75 -9.21
N LEU A 151 -9.65 -7.98 -8.19
CA LEU A 151 -10.45 -8.58 -7.09
C LEU A 151 -11.89 -8.93 -7.53
N LYS A 152 -12.28 -8.29 -8.62
CA LYS A 152 -13.51 -8.36 -9.45
C LYS A 152 -13.48 -9.42 -10.56
N GLY A 153 -12.35 -9.54 -11.25
CA GLY A 153 -12.21 -10.21 -12.54
C GLY A 153 -11.45 -11.53 -12.46
N HIS A 154 -10.87 -11.82 -11.29
CA HIS A 154 -10.51 -13.17 -10.91
C HIS A 154 -11.11 -13.41 -9.53
N PRO A 155 -12.39 -13.06 -9.29
CA PRO A 155 -13.11 -12.86 -8.03
C PRO A 155 -13.28 -14.08 -7.17
N ASP A 156 -12.74 -15.23 -7.55
CA ASP A 156 -12.13 -16.03 -6.49
C ASP A 156 -10.87 -15.39 -5.81
N ALA A 157 -10.65 -14.08 -6.01
CA ALA A 157 -9.37 -13.39 -5.98
C ALA A 157 -8.69 -13.50 -4.61
N TYR A 158 -9.41 -13.15 -3.54
CA TYR A 158 -9.12 -13.56 -2.16
C TYR A 158 -10.37 -14.18 -1.53
N ASN A 159 -10.88 -15.18 -2.25
CA ASN A 159 -11.99 -16.05 -1.85
C ASN A 159 -11.50 -17.08 -0.82
N GLY A 1 7.22 15.77 10.20
CA GLY A 1 6.45 14.52 10.12
C GLY A 1 5.51 14.45 8.93
N VAL A 2 4.98 15.59 8.45
CA VAL A 2 4.17 15.60 7.24
C VAL A 2 4.76 16.44 6.11
N PHE A 3 5.05 15.73 5.02
CA PHE A 3 4.18 15.81 3.86
C PHE A 3 3.04 14.79 4.05
N THR A 4 1.81 15.12 3.69
CA THR A 4 0.64 14.23 3.71
C THR A 4 0.25 13.85 2.29
N TYR A 5 -0.01 12.56 2.05
CA TYR A 5 -0.69 12.08 0.85
C TYR A 5 -2.04 11.49 1.27
N GLU A 6 -3.06 11.68 0.44
CA GLU A 6 -4.31 10.90 0.48
C GLU A 6 -4.63 10.41 -0.93
N SER A 7 -5.00 9.13 -1.07
CA SER A 7 -5.31 8.49 -2.35
C SER A 7 -6.55 7.62 -2.23
N GLU A 8 -7.47 7.73 -3.19
CA GLU A 8 -8.78 7.06 -3.20
C GLU A 8 -9.06 6.46 -4.58
N PHE A 9 -9.50 5.19 -4.65
CA PHE A 9 -9.90 4.57 -5.91
C PHE A 9 -10.93 3.45 -5.69
N THR A 10 -11.92 3.31 -6.57
CA THR A 10 -13.03 2.38 -6.41
C THR A 10 -12.72 1.04 -7.08
N SER A 11 -13.27 -0.07 -6.59
CA SER A 11 -13.59 -1.20 -7.47
C SER A 11 -15.02 -1.67 -7.35
N GLU A 12 -15.34 -2.40 -8.40
CA GLU A 12 -16.47 -3.29 -8.50
C GLU A 12 -16.19 -4.54 -7.64
N ILE A 13 -16.31 -4.42 -6.31
CA ILE A 13 -16.30 -5.50 -5.31
C ILE A 13 -16.94 -4.99 -3.99
N PRO A 14 -17.66 -5.84 -3.22
CA PRO A 14 -18.07 -5.54 -1.84
C PRO A 14 -16.86 -5.32 -0.89
N PRO A 15 -16.87 -4.31 0.01
CA PRO A 15 -15.71 -3.94 0.83
C PRO A 15 -15.01 -5.09 1.60
N PRO A 16 -15.70 -6.13 2.11
CA PRO A 16 -15.07 -7.27 2.78
C PRO A 16 -14.01 -8.00 1.96
N ARG A 17 -14.26 -8.22 0.66
CA ARG A 17 -13.36 -8.94 -0.25
C ARG A 17 -12.12 -8.12 -0.51
N LEU A 18 -12.31 -6.81 -0.65
CA LEU A 18 -11.20 -5.91 -0.82
C LEU A 18 -10.27 -5.93 0.39
N PHE A 19 -10.83 -6.07 1.58
CA PHE A 19 -10.10 -6.09 2.84
C PHE A 19 -9.34 -7.41 3.08
N LYS A 20 -9.89 -8.55 2.62
CA LYS A 20 -9.12 -9.79 2.53
C LYS A 20 -7.87 -9.61 1.65
N ALA A 21 -8.05 -8.99 0.49
CA ALA A 21 -6.97 -8.74 -0.45
C ALA A 21 -5.97 -7.66 -0.01
N PHE A 22 -6.40 -6.62 0.71
CA PHE A 22 -5.55 -5.50 1.11
C PHE A 22 -4.91 -5.68 2.48
N VAL A 23 -5.47 -6.51 3.38
CA VAL A 23 -4.86 -6.83 4.68
C VAL A 23 -4.38 -8.28 4.75
N LEU A 24 -5.27 -9.26 4.68
CA LEU A 24 -4.93 -10.61 5.19
C LEU A 24 -4.09 -11.42 4.20
N ASP A 25 -4.41 -11.37 2.91
CA ASP A 25 -3.66 -11.99 1.80
C ASP A 25 -2.90 -10.97 0.93
N ALA A 26 -2.56 -9.80 1.48
CA ALA A 26 -1.90 -8.72 0.75
C ALA A 26 -0.53 -9.06 0.15
N ASP A 27 0.22 -9.99 0.74
CA ASP A 27 1.46 -10.54 0.17
C ASP A 27 1.23 -11.42 -1.06
N ASN A 28 0.05 -12.00 -1.21
CA ASN A 28 -0.37 -12.74 -2.40
C ASN A 28 -1.00 -11.81 -3.45
N LEU A 29 -1.77 -10.79 -3.02
CA LEU A 29 -2.29 -9.73 -3.88
C LEU A 29 -1.16 -8.85 -4.48
N VAL A 30 -0.14 -8.47 -3.70
CA VAL A 30 0.82 -7.41 -4.07
C VAL A 30 1.50 -7.66 -5.43
N PRO A 31 2.12 -8.81 -5.74
CA PRO A 31 2.60 -9.13 -7.09
C PRO A 31 1.52 -9.56 -8.07
N LYS A 32 0.27 -9.75 -7.68
CA LYS A 32 -0.83 -9.75 -8.68
C LYS A 32 -1.16 -8.35 -9.19
N ILE A 33 -0.92 -7.30 -8.39
CA ILE A 33 -1.34 -5.90 -8.69
C ILE A 33 -0.27 -4.80 -8.60
N ALA A 34 0.98 -5.17 -8.33
CA ALA A 34 2.22 -4.50 -8.73
C ALA A 34 3.11 -5.35 -9.68
N PRO A 35 2.51 -6.15 -10.59
CA PRO A 35 3.19 -7.24 -11.29
C PRO A 35 4.31 -6.82 -12.24
N GLN A 36 4.32 -5.57 -12.71
CA GLN A 36 5.31 -5.07 -13.66
C GLN A 36 6.70 -4.94 -13.04
N ALA A 37 6.80 -4.54 -11.77
CA ALA A 37 8.06 -4.22 -11.10
C ALA A 37 8.34 -5.06 -9.84
N ILE A 38 7.32 -5.66 -9.20
CA ILE A 38 7.43 -6.29 -7.87
C ILE A 38 7.31 -7.82 -7.92
N LYS A 39 8.10 -8.47 -7.05
CA LYS A 39 8.47 -9.90 -7.10
C LYS A 39 7.97 -10.76 -5.93
N HIS A 40 8.32 -10.38 -4.70
CA HIS A 40 8.07 -11.14 -3.46
C HIS A 40 7.76 -10.19 -2.28
N SER A 41 7.40 -10.70 -1.11
CA SER A 41 7.05 -9.93 0.11
C SER A 41 7.49 -10.66 1.39
N GLU A 42 8.10 -9.98 2.38
CA GLU A 42 8.74 -10.69 3.52
C GLU A 42 8.12 -10.64 4.95
N ILE A 43 8.01 -11.84 5.49
CA ILE A 43 8.09 -11.92 6.94
C ILE A 43 9.59 -11.99 7.22
N LEU A 44 10.14 -10.78 7.29
CA LEU A 44 11.51 -10.42 7.66
C LEU A 44 11.50 -10.07 9.13
N GLU A 45 10.45 -9.37 9.54
CA GLU A 45 9.99 -9.51 10.94
C GLU A 45 8.56 -10.10 10.93
N GLY A 46 8.03 -10.54 12.07
CA GLY A 46 6.61 -10.84 12.26
C GLY A 46 6.27 -12.22 12.80
N ASP A 47 5.07 -12.30 13.37
CA ASP A 47 4.30 -13.55 13.43
C ASP A 47 3.26 -13.61 12.29
N GLY A 48 3.23 -12.58 11.42
CA GLY A 48 2.19 -12.41 10.39
C GLY A 48 1.10 -11.37 10.71
N GLY A 49 0.92 -10.98 11.97
CA GLY A 49 0.07 -9.84 12.35
C GLY A 49 0.81 -8.50 12.25
N PRO A 50 0.38 -7.46 12.99
CA PRO A 50 1.21 -6.29 13.25
C PRO A 50 2.60 -6.64 13.81
N GLY A 51 3.62 -5.85 13.48
CA GLY A 51 5.05 -6.12 13.68
C GLY A 51 5.76 -6.80 12.49
N THR A 52 5.01 -7.37 11.54
CA THR A 52 5.51 -8.16 10.38
C THR A 52 6.06 -7.30 9.25
N ILE A 53 7.29 -7.54 8.72
CA ILE A 53 7.97 -6.31 8.22
C ILE A 53 8.08 -6.81 6.84
N LYS A 54 7.11 -6.37 6.02
CA LYS A 54 6.83 -7.01 4.75
C LYS A 54 7.61 -6.25 3.74
N LYS A 55 8.65 -6.97 3.31
CA LYS A 55 9.69 -6.33 2.50
C LYS A 55 9.58 -6.85 1.10
N ILE A 56 9.18 -5.94 0.22
CA ILE A 56 8.73 -6.21 -1.12
C ILE A 56 9.93 -6.15 -2.04
N THR A 57 10.30 -7.26 -2.67
CA THR A 57 11.48 -7.30 -3.54
C THR A 57 11.10 -6.81 -4.93
N PHE A 58 11.85 -5.87 -5.50
CA PHE A 58 11.68 -5.47 -6.90
C PHE A 58 12.47 -6.40 -7.83
N GLY A 59 12.05 -6.47 -9.10
CA GLY A 59 12.60 -7.37 -10.11
C GLY A 59 14.05 -7.08 -10.51
N GLU A 60 14.58 -7.90 -11.41
CA GLU A 60 16.01 -8.03 -11.74
C GLU A 60 16.69 -6.74 -12.25
N GLY A 61 15.92 -5.77 -12.77
CA GLY A 61 16.44 -4.50 -13.31
C GLY A 61 17.19 -3.61 -12.31
N SER A 62 17.19 -3.97 -11.02
CA SER A 62 18.01 -3.38 -9.95
C SER A 62 17.77 -1.87 -9.74
N GLN A 63 16.51 -1.45 -9.92
CA GLN A 63 16.05 -0.06 -9.85
C GLN A 63 15.66 0.43 -8.44
N TYR A 64 15.50 -0.47 -7.47
CA TYR A 64 15.03 -0.19 -6.10
C TYR A 64 15.74 -1.00 -5.01
N GLY A 65 16.14 -2.24 -5.31
CA GLY A 65 16.35 -3.30 -4.33
C GLY A 65 15.00 -3.78 -3.81
N TYR A 66 14.48 -3.08 -2.82
CA TYR A 66 13.24 -3.38 -2.11
C TYR A 66 12.54 -2.11 -1.61
N VAL A 67 11.34 -2.28 -1.06
CA VAL A 67 10.74 -1.39 -0.05
C VAL A 67 10.31 -2.21 1.16
N LYS A 68 10.43 -1.66 2.37
CA LYS A 68 10.20 -2.37 3.64
C LYS A 68 8.97 -1.76 4.32
N HIS A 69 7.87 -2.53 4.44
CA HIS A 69 6.67 -2.13 5.19
C HIS A 69 6.70 -2.79 6.58
N LYS A 70 5.95 -2.31 7.56
CA LYS A 70 5.72 -2.92 8.88
C LYS A 70 4.26 -2.71 9.21
N ILE A 71 3.45 -3.77 9.27
CA ILE A 71 2.05 -3.57 9.64
C ILE A 71 1.98 -3.12 11.10
N ASP A 72 1.15 -2.15 11.41
CA ASP A 72 1.04 -1.51 12.72
C ASP A 72 -0.30 -1.84 13.41
N SER A 73 -1.37 -2.05 12.64
CA SER A 73 -2.68 -2.55 13.11
C SER A 73 -3.39 -3.33 12.01
N ILE A 74 -4.00 -4.48 12.37
CA ILE A 74 -4.89 -5.25 11.50
C ILE A 74 -6.14 -5.61 12.28
N ASP A 75 -7.27 -4.99 11.94
CA ASP A 75 -8.58 -5.54 12.33
C ASP A 75 -9.65 -5.45 11.23
N LYS A 76 -10.26 -6.58 10.87
CA LYS A 76 -11.58 -6.60 10.22
C LYS A 76 -12.65 -5.91 11.10
N GLU A 77 -12.54 -6.02 12.42
CA GLU A 77 -13.54 -5.53 13.39
C GLU A 77 -13.59 -3.99 13.49
N ASN A 78 -12.45 -3.31 13.35
CA ASN A 78 -12.37 -1.85 13.13
C ASN A 78 -12.43 -1.49 11.63
N HIS A 79 -12.06 -2.43 10.74
CA HIS A 79 -12.08 -2.33 9.28
C HIS A 79 -11.10 -1.31 8.66
N SER A 80 -9.97 -1.06 9.34
CA SER A 80 -8.84 -0.31 8.76
C SER A 80 -7.51 -1.06 8.96
N TYR A 81 -6.50 -0.61 8.21
CA TYR A 81 -5.18 -1.24 8.05
C TYR A 81 -4.09 -0.18 8.22
N SER A 82 -3.48 -0.14 9.40
CA SER A 82 -2.40 0.81 9.72
C SER A 82 -1.05 0.16 9.47
N TYR A 83 -0.12 0.84 8.82
CA TYR A 83 1.25 0.36 8.60
C TYR A 83 2.29 1.49 8.48
N THR A 84 3.54 1.19 8.84
CA THR A 84 4.71 2.04 8.62
C THR A 84 5.49 1.54 7.39
N LEU A 85 6.21 2.43 6.72
CA LEU A 85 7.18 2.17 5.67
C LEU A 85 8.52 2.75 6.15
N ILE A 86 9.52 1.87 6.26
CA ILE A 86 10.70 2.05 7.11
C ILE A 86 12.03 2.06 6.36
N GLU A 87 12.16 1.29 5.26
CA GLU A 87 13.46 1.16 4.58
C GLU A 87 13.35 0.88 3.07
N GLY A 88 14.44 1.14 2.34
CA GLY A 88 14.59 0.85 0.90
C GLY A 88 14.55 2.09 0.02
N ASP A 89 14.34 1.91 -1.28
CA ASP A 89 14.36 3.01 -2.27
C ASP A 89 13.39 4.15 -1.93
N ALA A 90 12.22 3.80 -1.38
CA ALA A 90 11.18 4.73 -0.98
C ALA A 90 11.57 5.63 0.23
N LEU A 91 12.60 5.28 1.02
CA LEU A 91 13.19 6.21 2.00
C LEU A 91 14.39 6.99 1.41
N GLY A 92 15.10 6.43 0.43
CA GLY A 92 16.07 7.06 -0.48
C GLY A 92 17.09 8.08 0.05
N ASP A 93 17.33 8.20 1.36
CA ASP A 93 17.99 9.37 2.00
C ASP A 93 17.22 10.69 1.79
N ASN A 94 15.94 10.58 1.45
CA ASN A 94 14.93 11.65 1.38
C ASN A 94 14.03 11.64 2.63
N LEU A 95 13.89 10.46 3.23
CA LEU A 95 12.80 10.07 4.11
C LEU A 95 13.34 9.28 5.30
N GLU A 96 12.80 9.56 6.49
CA GLU A 96 13.20 8.98 7.78
C GLU A 96 12.26 7.83 8.19
N LYS A 97 10.96 8.00 7.94
CA LYS A 97 9.90 6.96 7.92
C LYS A 97 8.63 7.50 7.28
N ILE A 98 7.68 6.65 6.93
CA ILE A 98 6.36 7.06 6.43
C ILE A 98 5.26 6.24 7.12
N SER A 99 4.31 6.91 7.77
CA SER A 99 3.09 6.28 8.28
C SER A 99 2.03 6.21 7.17
N TYR A 100 1.26 5.12 7.11
CA TYR A 100 0.08 4.90 6.28
C TYR A 100 -1.08 4.37 7.14
N GLU A 101 -2.32 4.73 6.79
CA GLU A 101 -3.50 3.99 7.24
C GLU A 101 -4.56 3.94 6.13
N THR A 102 -4.95 2.72 5.76
CA THR A 102 -5.93 2.42 4.73
C THR A 102 -7.30 2.07 5.34
N LYS A 103 -8.36 2.51 4.66
CA LYS A 103 -9.76 2.09 4.87
C LYS A 103 -10.45 1.78 3.55
N LEU A 104 -11.32 0.77 3.57
CA LEU A 104 -11.93 0.16 2.38
C LEU A 104 -13.45 0.26 2.53
N VAL A 105 -14.02 1.30 1.91
CA VAL A 105 -15.31 1.93 2.24
C VAL A 105 -16.34 1.68 1.13
N ALA A 106 -17.61 1.97 1.34
CA ALA A 106 -18.68 1.81 0.34
C ALA A 106 -19.03 3.16 -0.32
N SER A 107 -18.95 3.25 -1.66
CA SER A 107 -19.23 4.51 -2.37
C SER A 107 -20.74 4.82 -2.46
N PRO A 108 -21.20 6.09 -2.45
CA PRO A 108 -22.61 6.45 -2.57
C PRO A 108 -23.29 5.90 -3.83
N SER A 109 -22.65 5.99 -5.00
CA SER A 109 -23.24 5.58 -6.29
C SER A 109 -22.89 4.16 -6.74
N GLY A 110 -21.90 3.49 -6.13
CA GLY A 110 -21.18 2.40 -6.80
C GLY A 110 -20.57 1.36 -5.86
N GLY A 111 -19.39 0.87 -6.25
CA GLY A 111 -18.64 -0.15 -5.55
C GLY A 111 -17.88 0.39 -4.33
N SER A 112 -16.74 -0.22 -4.00
CA SER A 112 -15.99 0.07 -2.77
C SER A 112 -14.73 0.90 -3.01
N ILE A 113 -14.56 1.96 -2.21
CA ILE A 113 -13.42 2.85 -2.20
C ILE A 113 -12.25 2.22 -1.44
N ILE A 114 -11.18 1.87 -2.14
CA ILE A 114 -9.84 1.64 -1.60
C ILE A 114 -9.21 2.99 -1.32
N LYS A 115 -9.06 3.35 -0.05
CA LYS A 115 -8.56 4.66 0.35
C LYS A 115 -7.42 4.54 1.36
N SER A 116 -6.41 5.37 1.19
CA SER A 116 -5.26 5.47 2.11
C SER A 116 -4.83 6.92 2.36
N THR A 117 -4.56 7.26 3.62
CA THR A 117 -3.89 8.50 4.03
C THR A 117 -2.52 8.17 4.62
N SER A 118 -1.51 9.04 4.46
CA SER A 118 -0.13 8.76 4.88
C SER A 118 0.70 10.02 5.18
N HIS A 119 1.60 9.94 6.17
CA HIS A 119 2.42 11.06 6.73
C HIS A 119 3.92 10.80 6.60
N TYR A 120 4.63 11.72 5.97
CA TYR A 120 5.96 11.44 5.51
C TYR A 120 6.87 12.24 6.40
N HIS A 121 7.50 11.49 7.29
CA HIS A 121 8.54 11.98 8.18
C HIS A 121 9.87 12.04 7.43
N THR A 122 10.31 13.25 7.08
CA THR A 122 11.39 13.51 6.13
C THR A 122 12.79 13.49 6.76
N LYS A 123 13.80 13.25 5.92
CA LYS A 123 15.22 13.13 6.30
C LYS A 123 15.92 14.47 6.10
N GLY A 124 16.68 14.93 7.09
CA GLY A 124 17.32 16.25 7.05
C GLY A 124 16.29 17.37 6.91
N ASP A 125 16.36 18.12 5.82
CA ASP A 125 15.27 18.94 5.27
C ASP A 125 15.09 18.67 3.78
N VAL A 126 15.01 17.38 3.41
CA VAL A 126 14.45 17.00 2.11
C VAL A 126 12.95 17.24 2.17
N GLU A 127 12.47 18.19 1.39
CA GLU A 127 11.05 18.48 1.21
C GLU A 127 10.50 17.69 0.01
N ILE A 128 9.42 16.92 0.22
CA ILE A 128 8.88 16.04 -0.83
C ILE A 128 8.08 16.83 -1.83
N LYS A 129 8.58 16.81 -3.07
CA LYS A 129 8.04 17.58 -4.17
C LYS A 129 6.67 17.06 -4.61
N GLU A 130 5.78 17.98 -4.93
CA GLU A 130 4.41 17.66 -5.30
C GLU A 130 4.31 16.83 -6.59
N GLU A 131 5.26 16.98 -7.52
CA GLU A 131 5.36 16.11 -8.69
C GLU A 131 5.59 14.63 -8.33
N HIS A 132 6.34 14.37 -7.25
CA HIS A 132 6.53 13.03 -6.67
C HIS A 132 5.31 12.59 -5.85
N VAL A 133 4.57 13.52 -5.23
CA VAL A 133 3.28 13.23 -4.55
C VAL A 133 2.27 12.70 -5.58
N LYS A 134 2.12 13.44 -6.69
CA LYS A 134 1.28 13.16 -7.84
C LYS A 134 1.60 11.84 -8.52
N ALA A 135 2.84 11.63 -8.99
CA ALA A 135 3.26 10.34 -9.54
C ALA A 135 3.14 9.22 -8.52
N GLY A 136 3.22 9.59 -7.24
CA GLY A 136 3.05 8.67 -6.12
C GLY A 136 1.63 8.13 -6.12
N LYS A 137 0.65 9.03 -6.14
CA LYS A 137 -0.79 8.74 -6.26
C LYS A 137 -1.14 8.05 -7.58
N GLU A 138 -0.51 8.42 -8.69
CA GLU A 138 -0.63 7.76 -10.01
C GLU A 138 -0.06 6.34 -10.09
N LYS A 139 0.88 5.92 -9.23
CA LYS A 139 1.29 4.53 -9.09
C LYS A 139 0.23 3.95 -8.21
N ALA A 140 0.00 4.61 -7.08
CA ALA A 140 -0.49 3.91 -5.97
C ALA A 140 -1.98 3.58 -6.15
N SER A 141 -2.75 4.56 -6.62
CA SER A 141 -4.09 4.35 -7.15
C SER A 141 -4.13 3.51 -8.44
N ASN A 142 -3.06 3.37 -9.24
CA ASN A 142 -3.10 2.37 -10.34
C ASN A 142 -3.06 0.91 -9.83
N LEU A 143 -2.28 0.60 -8.80
CA LEU A 143 -2.19 -0.71 -8.15
C LEU A 143 -3.45 -0.91 -7.31
N PHE A 144 -4.11 0.17 -6.87
CA PHE A 144 -5.50 0.10 -6.38
C PHE A 144 -6.56 -0.07 -7.50
N LYS A 145 -6.28 0.33 -8.73
CA LYS A 145 -7.10 0.07 -9.91
C LYS A 145 -6.88 -1.33 -10.46
N LEU A 146 -5.78 -2.02 -10.11
CA LEU A 146 -5.37 -3.17 -10.89
C LEU A 146 -6.18 -4.32 -10.32
N ILE A 147 -6.06 -4.44 -8.99
CA ILE A 147 -6.95 -4.99 -8.00
C ILE A 147 -8.37 -4.48 -8.11
N GLU A 148 -8.71 -3.29 -8.66
CA GLU A 148 -10.16 -3.09 -8.87
C GLU A 148 -10.63 -4.25 -9.69
N THR A 149 -10.01 -4.33 -10.85
CA THR A 149 -10.50 -5.28 -11.77
C THR A 149 -9.94 -6.65 -11.41
N TYR A 150 -8.79 -6.80 -10.69
CA TYR A 150 -8.33 -8.13 -10.32
C TYR A 150 -9.26 -8.74 -9.27
N LEU A 151 -9.73 -7.94 -8.29
CA LEU A 151 -10.50 -8.51 -7.17
C LEU A 151 -11.93 -8.91 -7.58
N LYS A 152 -12.36 -8.32 -8.68
CA LYS A 152 -13.58 -8.46 -9.49
C LYS A 152 -13.49 -9.54 -10.57
N GLY A 153 -12.36 -9.60 -11.29
CA GLY A 153 -12.21 -10.31 -12.56
C GLY A 153 -11.37 -11.56 -12.46
N HIS A 154 -10.83 -11.81 -11.27
CA HIS A 154 -10.43 -13.13 -10.82
C HIS A 154 -11.09 -13.37 -9.46
N PRO A 155 -12.40 -13.08 -9.27
CA PRO A 155 -13.17 -12.92 -8.03
C PRO A 155 -13.32 -14.16 -7.16
N ASP A 156 -12.71 -15.29 -7.54
CA ASP A 156 -12.10 -16.04 -6.43
C ASP A 156 -10.91 -15.31 -5.72
N ALA A 157 -10.75 -13.99 -5.92
CA ALA A 157 -9.49 -13.25 -5.87
C ALA A 157 -8.80 -13.41 -4.51
N TYR A 158 -9.52 -13.15 -3.42
CA TYR A 158 -9.22 -13.68 -2.08
C TYR A 158 -10.50 -14.21 -1.44
N ASN A 159 -10.99 -15.28 -2.06
CA ASN A 159 -12.21 -16.04 -1.73
C ASN A 159 -11.96 -17.08 -0.64
N GLY A 1 7.21 16.18 9.33
CA GLY A 1 6.36 14.98 9.37
C GLY A 1 5.43 14.87 8.17
N VAL A 2 5.04 15.99 7.56
CA VAL A 2 4.27 15.98 6.32
C VAL A 2 5.00 16.64 5.16
N PHE A 3 5.22 15.83 4.13
CA PHE A 3 4.31 15.88 2.98
C PHE A 3 3.15 14.88 3.23
N THR A 4 1.92 15.19 2.83
CA THR A 4 0.73 14.34 2.93
C THR A 4 0.38 13.77 1.56
N TYR A 5 0.01 12.49 1.51
CA TYR A 5 -0.60 11.87 0.33
C TYR A 5 -1.91 11.20 0.77
N GLU A 6 -2.98 11.39 -0.01
CA GLU A 6 -4.26 10.70 0.11
C GLU A 6 -4.64 10.14 -1.26
N SER A 7 -4.94 8.84 -1.34
CA SER A 7 -5.16 8.14 -2.62
C SER A 7 -6.35 7.18 -2.51
N GLU A 8 -7.26 7.26 -3.48
CA GLU A 8 -8.57 6.60 -3.43
C GLU A 8 -8.93 5.97 -4.78
N PHE A 9 -9.39 4.72 -4.79
CA PHE A 9 -9.85 4.03 -6.00
C PHE A 9 -10.88 2.95 -5.70
N THR A 10 -11.90 2.78 -6.55
CA THR A 10 -13.02 1.86 -6.35
C THR A 10 -12.71 0.51 -6.98
N SER A 11 -13.18 -0.59 -6.39
CA SER A 11 -13.48 -1.79 -7.19
C SER A 11 -14.90 -2.27 -7.05
N GLU A 12 -15.21 -3.06 -8.05
CA GLU A 12 -16.35 -3.93 -8.11
C GLU A 12 -16.05 -5.17 -7.24
N ILE A 13 -16.07 -5.00 -5.92
CA ILE A 13 -15.99 -6.02 -4.84
C ILE A 13 -16.47 -5.38 -3.50
N PRO A 14 -17.21 -6.11 -2.65
CA PRO A 14 -17.55 -5.67 -1.28
C PRO A 14 -16.32 -5.47 -0.37
N PRO A 15 -16.34 -4.49 0.57
CA PRO A 15 -15.18 -4.14 1.39
C PRO A 15 -14.44 -5.30 2.09
N PRO A 16 -15.10 -6.36 2.62
CA PRO A 16 -14.40 -7.44 3.32
C PRO A 16 -13.41 -8.27 2.50
N ARG A 17 -13.75 -8.56 1.24
CA ARG A 17 -12.86 -9.27 0.30
C ARG A 17 -11.67 -8.40 -0.01
N LEU A 18 -11.91 -7.09 -0.16
CA LEU A 18 -10.85 -6.14 -0.39
C LEU A 18 -9.89 -6.03 0.79
N PHE A 19 -10.43 -6.10 1.99
CA PHE A 19 -9.68 -6.02 3.24
C PHE A 19 -8.85 -7.30 3.51
N LYS A 20 -9.37 -8.49 3.19
CA LYS A 20 -8.51 -9.69 3.13
C LYS A 20 -7.34 -9.49 2.18
N ALA A 21 -7.61 -9.01 0.97
CA ALA A 21 -6.61 -8.82 -0.06
C ALA A 21 -5.53 -7.79 0.30
N PHE A 22 -5.92 -6.58 0.72
CA PHE A 22 -4.99 -5.46 0.87
C PHE A 22 -4.43 -5.29 2.29
N VAL A 23 -5.04 -5.93 3.31
CA VAL A 23 -4.45 -6.02 4.67
C VAL A 23 -3.84 -7.40 4.93
N LEU A 24 -4.63 -8.47 5.03
CA LEU A 24 -4.18 -9.71 5.69
C LEU A 24 -3.31 -10.58 4.77
N ASP A 25 -3.76 -10.85 3.54
CA ASP A 25 -3.00 -11.56 2.51
C ASP A 25 -2.28 -10.60 1.55
N ALA A 26 -1.93 -9.38 2.00
CA ALA A 26 -1.28 -8.39 1.14
C ALA A 26 0.06 -8.86 0.57
N ASP A 27 0.82 -9.71 1.27
CA ASP A 27 2.02 -10.38 0.71
C ASP A 27 1.70 -11.29 -0.48
N ASN A 28 0.50 -11.86 -0.56
CA ASN A 28 0.07 -12.63 -1.72
C ASN A 28 -0.53 -11.73 -2.81
N LEU A 29 -1.35 -10.75 -2.43
CA LEU A 29 -1.95 -9.77 -3.37
C LEU A 29 -0.85 -8.93 -4.05
N VAL A 30 0.16 -8.47 -3.33
CA VAL A 30 1.08 -7.40 -3.77
C VAL A 30 1.79 -7.73 -5.07
N PRO A 31 2.50 -8.85 -5.28
CA PRO A 31 3.04 -9.18 -6.61
C PRO A 31 1.99 -9.70 -7.59
N LYS A 32 0.72 -9.95 -7.21
CA LYS A 32 -0.33 -10.06 -8.23
C LYS A 32 -0.70 -8.70 -8.84
N ILE A 33 -0.59 -7.59 -8.07
CA ILE A 33 -1.08 -6.24 -8.47
C ILE A 33 -0.09 -5.08 -8.36
N ALA A 34 1.17 -5.35 -8.04
CA ALA A 34 2.37 -4.58 -8.33
C ALA A 34 3.40 -5.33 -9.22
N PRO A 35 2.96 -6.23 -10.12
CA PRO A 35 3.85 -7.15 -10.84
C PRO A 35 4.88 -6.47 -11.74
N GLN A 36 4.60 -5.24 -12.19
CA GLN A 36 5.43 -4.47 -13.11
C GLN A 36 6.77 -4.01 -12.50
N ALA A 37 6.92 -4.08 -11.17
CA ALA A 37 8.16 -3.72 -10.48
C ALA A 37 8.45 -4.55 -9.20
N ILE A 38 7.44 -5.15 -8.55
CA ILE A 38 7.55 -5.80 -7.23
C ILE A 38 7.41 -7.33 -7.30
N LYS A 39 8.11 -8.02 -6.40
CA LYS A 39 8.39 -9.47 -6.40
C LYS A 39 7.94 -10.27 -5.19
N HIS A 40 8.41 -9.91 -3.99
CA HIS A 40 8.22 -10.63 -2.72
C HIS A 40 7.98 -9.64 -1.56
N SER A 41 7.67 -10.13 -0.36
CA SER A 41 7.38 -9.34 0.85
C SER A 41 7.84 -10.09 2.12
N GLU A 42 8.54 -9.43 3.06
CA GLU A 42 9.24 -10.15 4.16
C GLU A 42 8.73 -10.09 5.63
N ILE A 43 8.65 -11.28 6.19
CA ILE A 43 8.74 -11.35 7.63
C ILE A 43 10.26 -11.34 7.90
N LEU A 44 10.75 -10.10 8.03
CA LEU A 44 12.09 -9.71 8.49
C LEU A 44 11.99 -9.43 9.97
N GLU A 45 10.93 -8.71 10.33
CA GLU A 45 10.32 -8.95 11.65
C GLU A 45 8.96 -9.62 11.47
N GLY A 46 8.40 -10.19 12.53
CA GLY A 46 6.98 -10.50 12.62
C GLY A 46 6.64 -11.88 13.16
N ASP A 47 5.43 -11.95 13.67
CA ASP A 47 4.64 -13.18 13.73
C ASP A 47 3.45 -13.10 12.75
N GLY A 48 3.56 -12.23 11.74
CA GLY A 48 2.59 -12.08 10.64
C GLY A 48 1.44 -11.10 10.89
N GLY A 49 1.12 -10.77 12.14
CA GLY A 49 0.26 -9.64 12.49
C GLY A 49 1.03 -8.32 12.58
N PRO A 50 0.54 -7.32 13.33
CA PRO A 50 1.30 -6.10 13.63
C PRO A 50 2.66 -6.40 14.29
N GLY A 51 3.69 -5.64 13.88
CA GLY A 51 5.11 -5.84 14.17
C GLY A 51 5.92 -6.35 12.97
N THR A 52 5.26 -7.01 12.01
CA THR A 52 5.87 -7.75 10.87
C THR A 52 6.46 -6.82 9.82
N ILE A 53 7.75 -6.98 9.37
CA ILE A 53 8.39 -5.72 8.88
C ILE A 53 8.58 -6.22 7.51
N LYS A 54 7.62 -5.84 6.65
CA LYS A 54 7.38 -6.50 5.40
C LYS A 54 8.17 -5.77 4.37
N LYS A 55 9.23 -6.46 3.95
CA LYS A 55 10.21 -5.85 3.06
C LYS A 55 9.92 -6.34 1.65
N ILE A 56 9.39 -5.42 0.86
CA ILE A 56 8.79 -5.65 -0.44
C ILE A 56 9.90 -5.51 -1.48
N THR A 57 10.32 -6.61 -2.11
CA THR A 57 11.50 -6.60 -2.98
C THR A 57 11.11 -6.26 -4.40
N PHE A 58 11.87 -5.40 -5.07
CA PHE A 58 11.67 -5.02 -6.46
C PHE A 58 12.53 -5.85 -7.43
N GLY A 59 12.21 -5.76 -8.73
CA GLY A 59 12.79 -6.57 -9.81
C GLY A 59 14.30 -6.41 -10.07
N GLU A 60 14.83 -7.34 -10.86
CA GLU A 60 16.25 -7.62 -11.08
C GLU A 60 17.09 -6.46 -11.64
N GLY A 61 16.46 -5.44 -12.25
CA GLY A 61 17.12 -4.21 -12.70
C GLY A 61 17.61 -3.29 -11.57
N SER A 62 17.39 -3.65 -10.30
CA SER A 62 17.91 -2.96 -9.11
C SER A 62 17.53 -1.47 -9.02
N GLN A 63 16.39 -1.07 -9.60
CA GLN A 63 15.88 0.32 -9.57
C GLN A 63 15.52 0.78 -8.14
N TYR A 64 15.29 -0.14 -7.21
CA TYR A 64 14.89 0.15 -5.84
C TYR A 64 15.59 -0.74 -4.80
N GLY A 65 15.85 -2.01 -5.10
CA GLY A 65 16.21 -2.99 -4.07
C GLY A 65 14.95 -3.49 -3.37
N TYR A 66 14.64 -2.88 -2.22
CA TYR A 66 13.38 -3.10 -1.49
C TYR A 66 12.75 -1.77 -1.02
N VAL A 67 11.50 -1.85 -0.55
CA VAL A 67 10.93 -0.89 0.43
C VAL A 67 10.43 -1.66 1.65
N LYS A 68 10.55 -1.10 2.85
CA LYS A 68 10.35 -1.81 4.12
C LYS A 68 9.12 -1.22 4.82
N HIS A 69 8.05 -2.00 4.93
CA HIS A 69 6.82 -1.70 5.68
C HIS A 69 6.92 -2.30 7.08
N LYS A 70 6.12 -1.84 8.02
CA LYS A 70 5.83 -2.45 9.32
C LYS A 70 4.33 -2.34 9.51
N ILE A 71 3.59 -3.44 9.56
CA ILE A 71 2.18 -3.34 9.95
C ILE A 71 2.14 -2.90 11.41
N ASP A 72 1.38 -1.86 11.74
CA ASP A 72 1.32 -1.24 13.06
C ASP A 72 -0.01 -1.55 13.77
N SER A 73 -1.10 -1.72 13.01
CA SER A 73 -2.35 -2.36 13.47
C SER A 73 -3.08 -3.07 12.32
N ILE A 74 -3.73 -4.20 12.64
CA ILE A 74 -4.74 -4.88 11.82
C ILE A 74 -5.92 -5.22 12.72
N ASP A 75 -7.03 -4.54 12.51
CA ASP A 75 -8.33 -4.89 13.14
C ASP A 75 -9.48 -4.77 12.13
N LYS A 76 -9.98 -5.91 11.62
CA LYS A 76 -11.11 -5.99 10.67
C LYS A 76 -12.38 -5.33 11.18
N GLU A 77 -12.71 -5.49 12.47
CA GLU A 77 -13.96 -4.95 13.05
C GLU A 77 -13.91 -3.43 13.23
N ASN A 78 -12.71 -2.87 13.41
CA ASN A 78 -12.43 -1.44 13.34
C ASN A 78 -12.33 -0.96 11.86
N HIS A 79 -12.21 -1.90 10.92
CA HIS A 79 -12.19 -1.72 9.48
C HIS A 79 -11.08 -0.81 8.94
N SER A 80 -9.96 -0.68 9.65
CA SER A 80 -8.76 0.04 9.20
C SER A 80 -7.48 -0.78 9.34
N TYR A 81 -6.48 -0.39 8.55
CA TYR A 81 -5.17 -1.04 8.45
C TYR A 81 -4.07 0.02 8.48
N SER A 82 -3.32 0.02 9.58
CA SER A 82 -2.28 0.99 9.89
C SER A 82 -0.90 0.37 9.67
N TYR A 83 -0.02 1.08 8.97
CA TYR A 83 1.36 0.66 8.77
C TYR A 83 2.34 1.84 8.69
N THR A 84 3.57 1.61 9.15
CA THR A 84 4.72 2.51 8.97
C THR A 84 5.57 2.00 7.80
N LEU A 85 6.29 2.88 7.14
CA LEU A 85 7.26 2.58 6.09
C LEU A 85 8.59 3.22 6.49
N ILE A 86 9.61 2.37 6.66
CA ILE A 86 10.79 2.63 7.52
C ILE A 86 12.12 2.65 6.78
N GLU A 87 12.26 1.89 5.70
CA GLU A 87 13.55 1.75 5.00
C GLU A 87 13.42 1.44 3.50
N GLY A 88 14.49 1.62 2.73
CA GLY A 88 14.61 1.24 1.32
C GLY A 88 14.55 2.45 0.38
N ASP A 89 14.30 2.21 -0.92
CA ASP A 89 14.39 3.26 -1.95
C ASP A 89 13.44 4.45 -1.70
N ALA A 90 12.29 4.17 -1.09
CA ALA A 90 11.30 5.15 -0.69
C ALA A 90 11.73 6.02 0.52
N LEU A 91 12.80 5.66 1.23
CA LEU A 91 13.47 6.49 2.25
C LEU A 91 14.74 7.15 1.70
N GLY A 92 15.40 6.54 0.70
CA GLY A 92 16.19 7.19 -0.36
C GLY A 92 17.21 8.30 -0.01
N ASP A 93 17.70 8.45 1.23
CA ASP A 93 18.38 9.66 1.75
C ASP A 93 17.54 10.97 1.69
N ASN A 94 16.25 10.88 1.42
CA ASN A 94 15.32 12.01 1.34
C ASN A 94 14.14 11.89 2.31
N LEU A 95 13.91 10.70 2.85
CA LEU A 95 12.78 10.31 3.68
C LEU A 95 13.28 9.58 4.95
N GLU A 96 12.67 9.93 6.09
CA GLU A 96 13.04 9.46 7.44
C GLU A 96 12.07 8.39 7.99
N LYS A 97 10.76 8.58 7.75
CA LYS A 97 9.71 7.55 7.85
C LYS A 97 8.45 8.02 7.13
N ILE A 98 7.59 7.10 6.72
CA ILE A 98 6.27 7.44 6.17
C ILE A 98 5.21 6.65 6.93
N SER A 99 4.27 7.37 7.54
CA SER A 99 3.13 6.77 8.23
C SER A 99 1.94 6.61 7.28
N TYR A 100 1.17 5.53 7.40
CA TYR A 100 -0.07 5.28 6.65
C TYR A 100 -1.23 4.86 7.57
N GLU A 101 -2.46 5.21 7.19
CA GLU A 101 -3.65 4.46 7.59
C GLU A 101 -4.63 4.31 6.42
N THR A 102 -4.98 3.06 6.13
CA THR A 102 -5.94 2.64 5.10
C THR A 102 -7.32 2.42 5.69
N LYS A 103 -8.35 2.86 4.95
CA LYS A 103 -9.75 2.49 5.09
C LYS A 103 -10.36 2.03 3.77
N LEU A 104 -11.09 0.93 3.83
CA LEU A 104 -11.75 0.31 2.68
C LEU A 104 -13.27 0.56 2.84
N VAL A 105 -13.74 1.57 2.12
CA VAL A 105 -14.98 2.34 2.36
C VAL A 105 -16.10 1.90 1.40
N ALA A 106 -17.34 2.24 1.70
CA ALA A 106 -18.49 2.09 0.80
C ALA A 106 -18.52 3.30 -0.15
N SER A 107 -18.35 3.10 -1.47
CA SER A 107 -18.47 4.22 -2.42
C SER A 107 -19.95 4.59 -2.65
N PRO A 108 -20.30 5.89 -2.70
CA PRO A 108 -21.70 6.33 -2.66
C PRO A 108 -22.53 5.87 -3.86
N SER A 109 -21.94 5.68 -5.05
CA SER A 109 -22.65 5.22 -6.26
C SER A 109 -22.20 3.84 -6.77
N GLY A 110 -21.08 3.31 -6.28
CA GLY A 110 -20.39 2.14 -6.83
C GLY A 110 -20.13 1.07 -5.76
N GLY A 111 -19.02 0.35 -5.92
CA GLY A 111 -18.58 -0.74 -5.05
C GLY A 111 -17.86 -0.21 -3.81
N SER A 112 -16.71 -0.79 -3.45
CA SER A 112 -15.89 -0.30 -2.33
C SER A 112 -14.69 0.53 -2.78
N ILE A 113 -14.43 1.64 -2.07
CA ILE A 113 -13.23 2.47 -2.20
C ILE A 113 -12.08 1.86 -1.39
N ILE A 114 -10.98 1.54 -2.04
CA ILE A 114 -9.65 1.36 -1.43
C ILE A 114 -9.08 2.75 -1.20
N LYS A 115 -8.98 3.20 0.07
CA LYS A 115 -8.51 4.55 0.39
C LYS A 115 -7.41 4.52 1.43
N SER A 116 -6.38 5.31 1.23
CA SER A 116 -5.26 5.45 2.18
C SER A 116 -4.80 6.89 2.30
N THR A 117 -4.56 7.35 3.53
CA THR A 117 -3.92 8.65 3.83
C THR A 117 -2.59 8.42 4.56
N SER A 118 -1.59 9.25 4.28
CA SER A 118 -0.21 9.01 4.71
C SER A 118 0.62 10.29 4.87
N HIS A 119 1.61 10.26 5.78
CA HIS A 119 2.37 11.43 6.27
C HIS A 119 3.89 11.19 6.23
N TYR A 120 4.57 12.00 5.43
CA TYR A 120 5.91 11.69 5.02
C TYR A 120 6.81 12.57 5.84
N HIS A 121 7.44 11.92 6.80
CA HIS A 121 8.52 12.52 7.60
C HIS A 121 9.80 12.53 6.76
N THR A 122 10.21 13.71 6.30
CA THR A 122 11.33 13.90 5.37
C THR A 122 12.68 13.97 6.08
N LYS A 123 13.76 13.69 5.36
CA LYS A 123 15.11 13.49 5.90
C LYS A 123 15.92 14.78 5.82
N GLY A 124 16.42 15.26 6.95
CA GLY A 124 16.99 16.60 7.07
C GLY A 124 15.98 17.66 6.63
N ASP A 125 16.22 18.27 5.46
CA ASP A 125 15.34 19.26 4.82
C ASP A 125 15.21 19.00 3.32
N VAL A 126 15.00 17.73 2.96
CA VAL A 126 14.74 17.29 1.59
C VAL A 126 13.22 17.24 1.34
N GLU A 127 12.68 18.31 0.77
CA GLU A 127 11.24 18.46 0.51
C GLU A 127 10.78 17.71 -0.75
N ILE A 128 9.79 16.83 -0.61
CA ILE A 128 9.30 16.01 -1.72
C ILE A 128 8.49 16.84 -2.71
N LYS A 129 8.84 16.65 -3.98
CA LYS A 129 8.30 17.37 -5.12
C LYS A 129 6.92 16.86 -5.53
N GLU A 130 6.04 17.75 -5.95
CA GLU A 130 4.69 17.41 -6.42
C GLU A 130 4.70 16.48 -7.65
N GLU A 131 5.67 16.59 -8.55
CA GLU A 131 5.83 15.66 -9.68
C GLU A 131 6.02 14.21 -9.22
N HIS A 132 6.69 13.99 -8.08
CA HIS A 132 6.81 12.68 -7.42
C HIS A 132 5.59 12.32 -6.56
N VAL A 133 4.86 13.30 -6.03
CA VAL A 133 3.57 13.08 -5.35
C VAL A 133 2.56 12.49 -6.34
N LYS A 134 2.48 13.11 -7.52
CA LYS A 134 1.65 12.75 -8.67
C LYS A 134 1.96 11.36 -9.19
N ALA A 135 3.20 11.09 -9.61
CA ALA A 135 3.61 9.72 -9.96
C ALA A 135 3.36 8.76 -8.80
N GLY A 136 3.45 9.28 -7.59
CA GLY A 136 3.21 8.49 -6.38
C GLY A 136 1.78 7.95 -6.33
N LYS A 137 0.80 8.81 -6.60
CA LYS A 137 -0.63 8.51 -6.67
C LYS A 137 -1.02 7.76 -7.96
N GLU A 138 -0.45 8.13 -9.10
CA GLU A 138 -0.59 7.54 -10.44
C GLU A 138 -0.02 6.12 -10.59
N LYS A 139 0.92 5.72 -9.73
CA LYS A 139 1.42 4.37 -9.58
C LYS A 139 0.39 3.70 -8.74
N ALA A 140 0.14 4.32 -7.58
CA ALA A 140 -0.38 3.56 -6.51
C ALA A 140 -1.87 3.22 -6.70
N SER A 141 -2.64 4.20 -7.20
CA SER A 141 -3.97 4.01 -7.79
C SER A 141 -3.99 3.02 -8.95
N ASN A 142 -2.90 2.80 -9.71
CA ASN A 142 -2.93 1.69 -10.69
C ASN A 142 -2.98 0.30 -10.00
N LEU A 143 -2.23 0.09 -8.94
CA LEU A 143 -2.20 -1.13 -8.11
C LEU A 143 -3.53 -1.25 -7.41
N PHE A 144 -4.13 -0.14 -6.96
CA PHE A 144 -5.49 -0.14 -6.43
C PHE A 144 -6.58 -0.37 -7.50
N LYS A 145 -6.29 -0.13 -8.78
CA LYS A 145 -7.12 -0.47 -9.92
C LYS A 145 -6.88 -1.90 -10.39
N LEU A 146 -5.77 -2.53 -10.01
CA LEU A 146 -5.30 -3.69 -10.73
C LEU A 146 -6.03 -4.85 -10.08
N ILE A 147 -5.91 -4.89 -8.76
CA ILE A 147 -6.76 -5.42 -7.71
C ILE A 147 -8.19 -4.95 -7.84
N GLU A 148 -8.58 -3.79 -8.41
CA GLU A 148 -10.03 -3.64 -8.59
C GLU A 148 -10.46 -4.82 -9.39
N THR A 149 -9.87 -4.90 -10.57
CA THR A 149 -10.40 -5.87 -11.45
C THR A 149 -9.78 -7.23 -11.10
N TYR A 150 -8.64 -7.32 -10.39
CA TYR A 150 -8.11 -8.64 -10.03
C TYR A 150 -8.98 -9.25 -8.93
N LEU A 151 -9.44 -8.46 -7.93
CA LEU A 151 -10.20 -9.03 -6.80
C LEU A 151 -11.62 -9.45 -7.20
N LYS A 152 -12.07 -8.85 -8.29
CA LYS A 152 -13.31 -9.00 -9.07
C LYS A 152 -13.26 -10.07 -10.16
N GLY A 153 -12.14 -10.18 -10.87
CA GLY A 153 -12.01 -10.90 -12.13
C GLY A 153 -11.21 -12.18 -12.00
N HIS A 154 -10.63 -12.41 -10.82
CA HIS A 154 -10.24 -13.73 -10.36
C HIS A 154 -10.85 -13.94 -8.98
N PRO A 155 -12.16 -13.64 -8.76
CA PRO A 155 -12.93 -13.46 -7.52
C PRO A 155 -13.08 -14.67 -6.66
N ASP A 156 -12.49 -15.82 -6.99
CA ASP A 156 -11.87 -16.51 -5.85
C ASP A 156 -10.67 -15.78 -5.17
N ALA A 157 -10.49 -14.48 -5.43
CA ALA A 157 -9.21 -13.75 -5.40
C ALA A 157 -8.53 -13.77 -4.03
N TYR A 158 -9.29 -13.52 -2.96
CA TYR A 158 -8.96 -13.90 -1.59
C TYR A 158 -10.19 -14.56 -0.93
N ASN A 159 -10.70 -15.57 -1.65
CA ASN A 159 -11.74 -16.49 -1.21
C ASN A 159 -11.14 -17.57 -0.31
N GLY A 1 5.74 14.77 11.13
CA GLY A 1 6.38 14.18 9.94
C GLY A 1 5.48 14.24 8.73
N VAL A 2 5.20 15.44 8.25
CA VAL A 2 4.40 15.64 7.04
C VAL A 2 5.18 16.34 5.92
N PHE A 3 5.36 15.63 4.82
CA PHE A 3 4.47 15.81 3.66
C PHE A 3 3.31 14.81 3.75
N THR A 4 2.11 15.17 3.32
CA THR A 4 0.90 14.34 3.36
C THR A 4 0.47 13.94 1.95
N TYR A 5 0.12 12.67 1.78
CA TYR A 5 -0.57 12.14 0.60
C TYR A 5 -1.93 11.59 1.06
N GLU A 6 -2.95 11.72 0.22
CA GLU A 6 -4.20 10.96 0.32
C GLU A 6 -4.57 10.40 -1.05
N SER A 7 -4.68 9.08 -1.13
CA SER A 7 -5.18 8.36 -2.30
C SER A 7 -6.61 7.89 -2.06
N GLU A 8 -7.45 7.96 -3.10
CA GLU A 8 -8.75 7.30 -3.20
C GLU A 8 -8.89 6.71 -4.62
N PHE A 9 -9.21 5.42 -4.74
CA PHE A 9 -9.53 4.80 -6.03
C PHE A 9 -10.50 3.64 -5.83
N THR A 10 -11.50 3.48 -6.69
CA THR A 10 -12.60 2.54 -6.47
C THR A 10 -12.30 1.17 -7.11
N SER A 11 -12.84 0.06 -6.59
CA SER A 11 -13.21 -1.07 -7.45
C SER A 11 -14.63 -1.52 -7.24
N GLU A 12 -15.08 -2.19 -8.27
CA GLU A 12 -16.27 -2.98 -8.29
C GLU A 12 -15.98 -4.31 -7.56
N ILE A 13 -16.01 -4.28 -6.22
CA ILE A 13 -15.97 -5.42 -5.28
C ILE A 13 -16.52 -4.97 -3.89
N PRO A 14 -17.11 -5.87 -3.09
CA PRO A 14 -17.45 -5.62 -1.69
C PRO A 14 -16.25 -5.18 -0.83
N PRO A 15 -16.38 -4.16 0.06
CA PRO A 15 -15.26 -3.67 0.87
C PRO A 15 -14.47 -4.76 1.64
N PRO A 16 -15.09 -5.83 2.19
CA PRO A 16 -14.37 -6.91 2.85
C PRO A 16 -13.36 -7.68 1.99
N ARG A 17 -13.72 -8.01 0.74
CA ARG A 17 -12.85 -8.73 -0.20
C ARG A 17 -11.63 -7.90 -0.51
N LEU A 18 -11.82 -6.59 -0.61
CA LEU A 18 -10.72 -5.70 -0.91
C LEU A 18 -9.69 -5.68 0.21
N PHE A 19 -10.15 -5.71 1.45
CA PHE A 19 -9.32 -5.65 2.64
C PHE A 19 -8.46 -6.91 2.83
N LYS A 20 -9.01 -8.09 2.50
CA LYS A 20 -8.21 -9.32 2.44
C LYS A 20 -7.04 -9.17 1.46
N ALA A 21 -7.31 -8.63 0.28
CA ALA A 21 -6.33 -8.44 -0.77
C ALA A 21 -5.31 -7.30 -0.52
N PHE A 22 -5.71 -6.21 0.13
CA PHE A 22 -4.86 -5.03 0.35
C PHE A 22 -3.94 -5.18 1.57
N VAL A 23 -4.39 -5.85 2.65
CA VAL A 23 -3.53 -6.19 3.80
C VAL A 23 -3.18 -7.67 3.85
N LEU A 24 -4.17 -8.52 4.11
CA LEU A 24 -3.85 -9.76 4.86
C LEU A 24 -3.23 -10.86 3.98
N ASP A 25 -3.61 -10.95 2.72
CA ASP A 25 -3.03 -11.84 1.70
C ASP A 25 -2.27 -11.05 0.61
N ALA A 26 -1.87 -9.82 0.92
CA ALA A 26 -1.33 -8.87 -0.05
C ALA A 26 0.02 -9.31 -0.66
N ASP A 27 0.85 -10.09 0.03
CA ASP A 27 2.04 -10.69 -0.57
C ASP A 27 1.72 -11.69 -1.71
N ASN A 28 0.47 -12.15 -1.83
CA ASN A 28 -0.04 -12.91 -2.98
C ASN A 28 -0.77 -12.04 -4.02
N LEU A 29 -1.47 -10.96 -3.61
CA LEU A 29 -2.08 -9.98 -4.55
C LEU A 29 -1.02 -9.13 -5.27
N VAL A 30 -0.01 -8.60 -4.57
CA VAL A 30 0.73 -7.39 -4.98
C VAL A 30 1.43 -7.56 -6.32
N PRO A 31 2.34 -8.51 -6.57
CA PRO A 31 2.86 -8.77 -7.92
C PRO A 31 1.85 -9.29 -8.93
N LYS A 32 0.60 -9.62 -8.59
CA LYS A 32 -0.45 -9.75 -9.64
C LYS A 32 -0.90 -8.39 -10.20
N ILE A 33 -0.74 -7.29 -9.43
CA ILE A 33 -1.31 -5.95 -9.72
C ILE A 33 -0.33 -4.77 -9.58
N ALA A 34 0.90 -5.04 -9.17
CA ALA A 34 2.12 -4.25 -9.35
C ALA A 34 3.17 -5.02 -10.19
N PRO A 35 2.77 -5.84 -11.19
CA PRO A 35 3.64 -6.80 -11.87
C PRO A 35 4.80 -6.16 -12.65
N GLN A 36 4.67 -4.88 -12.99
CA GLN A 36 5.68 -4.07 -13.67
C GLN A 36 6.86 -3.72 -12.74
N ALA A 37 6.70 -3.93 -11.43
CA ALA A 37 7.60 -3.46 -10.39
C ALA A 37 8.02 -4.55 -9.39
N ILE A 38 7.06 -5.26 -8.78
CA ILE A 38 7.30 -6.05 -7.55
C ILE A 38 7.52 -7.55 -7.83
N LYS A 39 8.29 -8.21 -6.95
CA LYS A 39 8.78 -9.58 -7.05
C LYS A 39 8.39 -10.51 -5.90
N HIS A 40 8.67 -10.11 -4.65
CA HIS A 40 8.44 -10.86 -3.40
C HIS A 40 8.14 -9.87 -2.25
N SER A 41 7.73 -10.33 -1.06
CA SER A 41 7.45 -9.50 0.13
C SER A 41 7.71 -10.23 1.46
N GLU A 42 8.38 -9.59 2.42
CA GLU A 42 9.04 -10.32 3.54
C GLU A 42 8.50 -10.26 5.01
N ILE A 43 8.37 -11.46 5.53
CA ILE A 43 8.48 -11.56 6.97
C ILE A 43 10.01 -11.58 7.23
N LEU A 44 10.53 -10.36 7.45
CA LEU A 44 11.91 -10.01 7.83
C LEU A 44 11.92 -9.61 9.30
N GLU A 45 10.87 -8.92 9.69
CA GLU A 45 10.31 -9.17 11.03
C GLU A 45 8.96 -9.88 10.89
N GLY A 46 8.43 -10.46 11.97
CA GLY A 46 7.00 -10.68 12.13
C GLY A 46 6.59 -12.02 12.69
N ASP A 47 5.39 -12.04 13.23
CA ASP A 47 4.55 -13.24 13.29
C ASP A 47 3.39 -13.13 12.27
N GLY A 48 3.53 -12.26 11.26
CA GLY A 48 2.52 -12.03 10.22
C GLY A 48 1.45 -10.99 10.56
N GLY A 49 1.25 -10.66 11.83
CA GLY A 49 0.44 -9.52 12.27
C GLY A 49 1.23 -8.20 12.25
N PRO A 50 0.81 -7.19 13.03
CA PRO A 50 1.65 -6.03 13.34
C PRO A 50 3.05 -6.41 13.84
N GLY A 51 4.06 -5.60 13.54
CA GLY A 51 5.49 -5.88 13.71
C GLY A 51 6.18 -6.41 12.45
N THR A 52 5.47 -7.19 11.62
CA THR A 52 5.99 -7.88 10.43
C THR A 52 6.54 -6.90 9.38
N ILE A 53 7.74 -7.12 8.77
CA ILE A 53 8.42 -5.90 8.23
C ILE A 53 8.57 -6.47 6.87
N LYS A 54 7.60 -6.09 6.04
CA LYS A 54 7.28 -6.72 4.79
C LYS A 54 8.07 -5.96 3.79
N LYS A 55 9.08 -6.69 3.32
CA LYS A 55 10.20 -6.08 2.61
C LYS A 55 10.20 -6.63 1.21
N ILE A 56 9.85 -5.73 0.32
CA ILE A 56 9.36 -5.97 -1.02
C ILE A 56 10.58 -5.96 -1.95
N THR A 57 10.82 -7.05 -2.66
CA THR A 57 11.88 -7.07 -3.67
C THR A 57 11.27 -6.61 -4.98
N PHE A 58 11.95 -5.74 -5.71
CA PHE A 58 11.52 -5.32 -7.04
C PHE A 58 12.22 -6.15 -8.14
N GLY A 59 11.67 -6.16 -9.34
CA GLY A 59 12.16 -6.97 -10.45
C GLY A 59 13.51 -6.56 -11.04
N GLU A 60 13.96 -7.30 -12.05
CA GLU A 60 15.33 -7.32 -12.59
C GLU A 60 15.91 -5.95 -13.00
N GLY A 61 15.05 -4.97 -13.35
CA GLY A 61 15.42 -3.60 -13.71
C GLY A 61 16.07 -2.73 -12.62
N SER A 62 16.24 -3.24 -11.39
CA SER A 62 17.06 -2.66 -10.31
C SER A 62 16.75 -1.22 -9.85
N GLN A 63 15.58 -0.67 -10.20
CA GLN A 63 15.18 0.73 -9.96
C GLN A 63 14.97 1.12 -8.47
N TYR A 64 15.04 0.17 -7.52
CA TYR A 64 14.69 0.37 -6.12
C TYR A 64 15.62 -0.37 -5.15
N GLY A 65 16.14 -1.54 -5.53
CA GLY A 65 16.69 -2.54 -4.63
C GLY A 65 15.54 -3.26 -3.92
N TYR A 66 15.15 -2.74 -2.77
CA TYR A 66 13.96 -3.14 -2.01
C TYR A 66 13.22 -1.91 -1.46
N VAL A 67 12.06 -2.14 -0.85
CA VAL A 67 11.43 -1.21 0.11
C VAL A 67 10.85 -1.98 1.29
N LYS A 68 10.89 -1.41 2.48
CA LYS A 68 10.69 -2.12 3.76
C LYS A 68 9.50 -1.50 4.50
N HIS A 69 8.42 -2.27 4.76
CA HIS A 69 7.15 -1.78 5.37
C HIS A 69 6.78 -2.52 6.67
N LYS A 70 6.71 -1.86 7.83
CA LYS A 70 6.32 -2.45 9.12
C LYS A 70 4.83 -2.27 9.33
N ILE A 71 4.07 -3.35 9.45
CA ILE A 71 2.66 -3.23 9.86
C ILE A 71 2.61 -2.73 11.31
N ASP A 72 1.75 -1.76 11.59
CA ASP A 72 1.70 -1.03 12.87
C ASP A 72 0.39 -1.34 13.62
N SER A 73 -0.72 -1.53 12.88
CA SER A 73 -1.94 -2.20 13.36
C SER A 73 -2.64 -2.93 12.21
N ILE A 74 -3.31 -4.06 12.51
CA ILE A 74 -4.27 -4.68 11.59
C ILE A 74 -5.59 -4.89 12.34
N ASP A 75 -6.59 -4.14 11.92
CA ASP A 75 -7.88 -3.98 12.60
C ASP A 75 -9.07 -4.14 11.63
N LYS A 76 -9.23 -5.35 11.09
CA LYS A 76 -10.31 -5.74 10.16
C LYS A 76 -11.72 -5.46 10.71
N GLU A 77 -11.92 -5.58 12.03
CA GLU A 77 -13.16 -5.24 12.72
C GLU A 77 -13.51 -3.74 12.61
N ASN A 78 -12.50 -2.88 12.60
CA ASN A 78 -12.61 -1.41 12.44
C ASN A 78 -12.46 -0.96 10.97
N HIS A 79 -12.11 -1.91 10.08
CA HIS A 79 -11.94 -1.75 8.64
C HIS A 79 -10.82 -0.80 8.16
N SER A 80 -9.80 -0.58 8.99
CA SER A 80 -8.58 0.15 8.62
C SER A 80 -7.29 -0.61 8.96
N TYR A 81 -6.22 -0.23 8.25
CA TYR A 81 -4.94 -0.92 8.18
C TYR A 81 -3.80 0.09 8.28
N SER A 82 -3.01 -0.01 9.35
CA SER A 82 -1.98 0.94 9.72
C SER A 82 -0.59 0.34 9.54
N TYR A 83 0.31 1.04 8.86
CA TYR A 83 1.70 0.63 8.69
C TYR A 83 2.67 1.83 8.59
N THR A 84 3.96 1.62 8.84
CA THR A 84 5.02 2.60 8.56
C THR A 84 6.13 1.97 7.74
N LEU A 85 6.46 2.58 6.60
CA LEU A 85 7.56 2.28 5.71
C LEU A 85 8.85 2.93 6.26
N ILE A 86 9.92 2.13 6.34
CA ILE A 86 11.08 2.37 7.20
C ILE A 86 12.41 2.46 6.45
N GLU A 87 12.60 1.69 5.36
CA GLU A 87 13.87 1.63 4.63
C GLU A 87 13.69 1.28 3.15
N GLY A 88 14.71 1.54 2.33
CA GLY A 88 14.76 1.24 0.90
C GLY A 88 14.69 2.51 0.04
N ASP A 89 14.52 2.34 -1.27
CA ASP A 89 14.56 3.47 -2.23
C ASP A 89 13.59 4.62 -1.88
N ALA A 90 12.41 4.30 -1.35
CA ALA A 90 11.41 5.28 -0.89
C ALA A 90 11.87 6.18 0.28
N LEU A 91 12.96 5.86 1.00
CA LEU A 91 13.58 6.75 2.00
C LEU A 91 14.74 7.57 1.40
N GLY A 92 15.43 7.07 0.38
CA GLY A 92 16.29 7.81 -0.57
C GLY A 92 17.30 8.87 -0.06
N ASP A 93 17.72 8.88 1.21
CA ASP A 93 18.40 10.04 1.84
C ASP A 93 17.61 11.36 1.70
N ASN A 94 16.28 11.25 1.59
CA ASN A 94 15.30 12.34 1.54
C ASN A 94 14.22 12.19 2.63
N LEU A 95 14.04 10.98 3.14
CA LEU A 95 12.89 10.49 3.90
C LEU A 95 13.40 9.67 5.09
N GLU A 96 12.80 9.86 6.27
CA GLU A 96 13.24 9.29 7.56
C GLU A 96 12.36 8.11 8.01
N LYS A 97 11.04 8.22 7.81
CA LYS A 97 10.03 7.15 7.79
C LYS A 97 8.74 7.66 7.16
N ILE A 98 7.86 6.77 6.73
CA ILE A 98 6.64 7.16 6.03
C ILE A 98 5.45 6.36 6.57
N SER A 99 4.60 7.02 7.34
CA SER A 99 3.43 6.37 7.96
C SER A 99 2.25 6.31 6.98
N TYR A 100 1.40 5.30 7.12
CA TYR A 100 0.21 5.03 6.32
C TYR A 100 -0.94 4.60 7.23
N GLU A 101 -2.16 5.03 6.94
CA GLU A 101 -3.38 4.33 7.36
C GLU A 101 -4.38 4.27 6.21
N THR A 102 -4.68 3.05 5.78
CA THR A 102 -5.64 2.75 4.73
C THR A 102 -6.99 2.40 5.32
N LYS A 103 -8.08 2.93 4.77
CA LYS A 103 -9.44 2.38 4.94
C LYS A 103 -10.06 2.04 3.59
N LEU A 104 -10.74 0.91 3.54
CA LEU A 104 -11.38 0.39 2.33
C LEU A 104 -12.89 0.52 2.52
N VAL A 105 -13.47 1.53 1.87
CA VAL A 105 -14.73 2.18 2.24
C VAL A 105 -15.81 1.84 1.21
N ALA A 106 -17.08 2.12 1.48
CA ALA A 106 -18.13 2.12 0.47
C ALA A 106 -18.08 3.46 -0.28
N SER A 107 -18.30 3.45 -1.59
CA SER A 107 -18.56 4.69 -2.33
C SER A 107 -20.06 5.00 -2.36
N PRO A 108 -20.47 6.28 -2.37
CA PRO A 108 -21.88 6.66 -2.22
C PRO A 108 -22.81 6.20 -3.36
N SER A 109 -22.30 6.05 -4.59
CA SER A 109 -23.07 5.58 -5.77
C SER A 109 -22.62 4.24 -6.36
N GLY A 110 -21.48 3.68 -5.92
CA GLY A 110 -20.74 2.69 -6.72
C GLY A 110 -20.07 1.61 -5.89
N GLY A 111 -18.88 1.20 -6.32
CA GLY A 111 -18.08 0.15 -5.70
C GLY A 111 -17.45 0.58 -4.36
N SER A 112 -16.36 -0.07 -3.96
CA SER A 112 -15.63 0.25 -2.73
C SER A 112 -14.39 1.10 -3.01
N ILE A 113 -14.22 2.17 -2.23
CA ILE A 113 -13.07 3.07 -2.28
C ILE A 113 -11.88 2.43 -1.56
N ILE A 114 -10.83 2.07 -2.28
CA ILE A 114 -9.50 1.80 -1.75
C ILE A 114 -8.88 3.16 -1.37
N LYS A 115 -8.83 3.51 -0.08
CA LYS A 115 -8.41 4.84 0.35
C LYS A 115 -7.24 4.76 1.35
N SER A 116 -6.19 5.53 1.08
CA SER A 116 -4.94 5.48 1.83
C SER A 116 -4.34 6.86 2.08
N THR A 117 -4.31 7.30 3.33
CA THR A 117 -3.59 8.51 3.75
C THR A 117 -2.20 8.14 4.26
N SER A 118 -1.18 8.93 3.93
CA SER A 118 0.19 8.74 4.40
C SER A 118 0.92 10.04 4.72
N HIS A 119 1.88 9.96 5.67
CA HIS A 119 2.55 11.08 6.33
C HIS A 119 4.07 10.87 6.40
N TYR A 120 4.76 11.76 5.71
CA TYR A 120 6.10 11.49 5.29
C TYR A 120 6.95 12.32 6.22
N HIS A 121 7.56 11.61 7.16
CA HIS A 121 8.63 12.17 8.00
C HIS A 121 9.89 12.31 7.14
N THR A 122 10.24 13.51 6.71
CA THR A 122 11.39 13.74 5.81
C THR A 122 12.72 13.73 6.55
N LYS A 123 13.81 13.44 5.84
CA LYS A 123 15.16 13.37 6.39
C LYS A 123 15.69 14.80 6.55
N GLY A 124 15.95 15.22 7.78
CA GLY A 124 16.18 16.63 8.13
C GLY A 124 15.00 17.53 7.72
N ASP A 125 15.19 18.25 6.62
CA ASP A 125 14.16 19.05 5.95
C ASP A 125 14.32 18.99 4.42
N VAL A 126 14.60 17.79 3.90
CA VAL A 126 14.53 17.50 2.46
C VAL A 126 13.06 17.42 2.04
N GLU A 127 12.51 18.58 1.65
CA GLU A 127 11.10 18.71 1.27
C GLU A 127 10.77 17.92 -0.01
N ILE A 128 9.57 17.33 -0.07
CA ILE A 128 9.14 16.49 -1.18
C ILE A 128 8.29 17.28 -2.18
N LYS A 129 8.65 17.14 -3.46
CA LYS A 129 8.08 17.92 -4.55
C LYS A 129 6.69 17.41 -4.92
N GLU A 130 5.75 18.32 -5.10
CA GLU A 130 4.37 17.99 -5.47
C GLU A 130 4.29 17.23 -6.80
N GLU A 131 5.15 17.54 -7.76
CA GLU A 131 5.20 16.83 -9.04
C GLU A 131 5.52 15.33 -8.89
N HIS A 132 6.31 14.95 -7.88
CA HIS A 132 6.53 13.54 -7.49
C HIS A 132 5.42 13.00 -6.58
N VAL A 133 4.74 13.82 -5.78
CA VAL A 133 3.55 13.45 -4.99
C VAL A 133 2.39 13.02 -5.91
N LYS A 134 2.14 13.81 -6.94
CA LYS A 134 1.14 13.66 -8.01
C LYS A 134 1.31 12.36 -8.79
N ALA A 135 2.49 12.16 -9.38
CA ALA A 135 2.87 10.86 -9.95
C ALA A 135 2.84 9.75 -8.90
N GLY A 136 3.06 10.10 -7.63
CA GLY A 136 3.02 9.14 -6.52
C GLY A 136 1.63 8.55 -6.32
N LYS A 137 0.60 9.39 -6.45
CA LYS A 137 -0.81 9.01 -6.44
C LYS A 137 -1.20 8.31 -7.75
N GLU A 138 -0.80 8.85 -8.90
CA GLU A 138 -1.06 8.32 -10.26
C GLU A 138 -0.41 6.96 -10.60
N LYS A 139 0.67 6.54 -9.92
CA LYS A 139 1.36 5.26 -10.04
C LYS A 139 0.53 4.35 -9.21
N ALA A 140 0.35 4.77 -7.96
CA ALA A 140 -0.05 3.85 -6.97
C ALA A 140 -1.54 3.47 -7.10
N SER A 141 -2.37 4.43 -7.51
CA SER A 141 -3.72 4.20 -8.03
C SER A 141 -3.78 3.37 -9.32
N ASN A 142 -2.71 3.21 -10.12
CA ASN A 142 -2.72 2.17 -11.17
C ASN A 142 -2.80 0.76 -10.59
N LEU A 143 -1.99 0.44 -9.56
CA LEU A 143 -2.09 -0.83 -8.83
C LEU A 143 -3.44 -0.91 -8.19
N PHE A 144 -3.98 0.20 -7.68
CA PHE A 144 -5.33 0.15 -7.11
C PHE A 144 -6.46 0.01 -8.15
N LYS A 145 -6.18 0.30 -9.43
CA LYS A 145 -7.02 -0.04 -10.57
C LYS A 145 -6.79 -1.46 -11.05
N LEU A 146 -5.65 -2.12 -10.74
CA LEU A 146 -5.29 -3.31 -11.48
C LEU A 146 -6.07 -4.44 -10.83
N ILE A 147 -5.93 -4.50 -9.51
CA ILE A 147 -6.77 -5.02 -8.45
C ILE A 147 -8.17 -4.47 -8.49
N GLU A 148 -8.52 -3.28 -9.05
CA GLU A 148 -9.97 -3.05 -9.18
C GLU A 148 -10.49 -4.21 -9.95
N THR A 149 -9.93 -4.31 -11.14
CA THR A 149 -10.56 -5.23 -12.01
C THR A 149 -10.01 -6.63 -11.69
N TYR A 150 -8.84 -6.80 -11.03
CA TYR A 150 -8.42 -8.17 -10.68
C TYR A 150 -9.32 -8.73 -9.58
N LEU A 151 -9.67 -7.93 -8.55
CA LEU A 151 -10.41 -8.48 -7.40
C LEU A 151 -11.86 -8.85 -7.77
N LYS A 152 -12.33 -8.19 -8.82
CA LYS A 152 -13.60 -8.22 -9.55
C LYS A 152 -13.68 -9.27 -10.65
N GLY A 153 -12.60 -9.42 -11.40
CA GLY A 153 -12.58 -10.12 -12.69
C GLY A 153 -11.87 -11.46 -12.62
N HIS A 154 -11.22 -11.73 -11.48
CA HIS A 154 -10.88 -13.08 -11.09
C HIS A 154 -11.42 -13.31 -9.67
N PRO A 155 -12.70 -12.94 -9.38
CA PRO A 155 -13.39 -12.75 -8.09
C PRO A 155 -13.59 -13.98 -7.25
N ASP A 156 -13.08 -15.13 -7.67
CA ASP A 156 -12.43 -15.92 -6.63
C ASP A 156 -11.12 -15.31 -6.01
N ALA A 157 -10.88 -14.00 -6.22
CA ALA A 157 -9.58 -13.34 -6.23
C ALA A 157 -8.84 -13.50 -4.90
N TYR A 158 -9.49 -13.15 -3.78
CA TYR A 158 -9.09 -13.52 -2.42
C TYR A 158 -10.26 -14.17 -1.68
N ASN A 159 -10.86 -15.12 -2.41
CA ASN A 159 -11.90 -16.04 -1.97
C ASN A 159 -11.34 -17.15 -1.08
N GLY A 1 7.53 16.18 10.13
CA GLY A 1 6.76 14.93 10.18
C GLY A 1 5.78 14.75 9.03
N VAL A 2 5.24 15.85 8.48
CA VAL A 2 4.37 15.78 7.31
C VAL A 2 4.93 16.52 6.11
N PHE A 3 5.17 15.72 5.08
CA PHE A 3 4.31 15.75 3.91
C PHE A 3 3.20 14.69 4.11
N THR A 4 1.98 14.94 3.65
CA THR A 4 0.85 14.01 3.75
C THR A 4 0.36 13.60 2.37
N TYR A 5 0.14 12.30 2.19
CA TYR A 5 -0.51 11.74 1.01
C TYR A 5 -1.83 11.11 1.43
N GLU A 6 -2.90 11.38 0.70
CA GLU A 6 -4.18 10.69 0.83
C GLU A 6 -4.77 10.37 -0.55
N SER A 7 -5.19 9.11 -0.75
CA SER A 7 -5.75 8.66 -2.02
C SER A 7 -6.92 7.70 -1.79
N GLU A 8 -7.97 7.84 -2.61
CA GLU A 8 -9.21 7.07 -2.55
C GLU A 8 -9.57 6.56 -3.95
N PHE A 9 -9.81 5.25 -4.12
CA PHE A 9 -10.25 4.69 -5.40
C PHE A 9 -11.08 3.43 -5.20
N THR A 10 -12.15 3.27 -5.98
CA THR A 10 -13.17 2.26 -5.78
C THR A 10 -12.86 0.99 -6.57
N SER A 11 -13.26 -0.19 -6.07
CA SER A 11 -13.55 -1.32 -6.96
C SER A 11 -14.95 -1.84 -6.78
N GLU A 12 -15.32 -2.56 -7.81
CA GLU A 12 -16.49 -3.38 -7.88
C GLU A 12 -16.27 -4.69 -7.08
N ILE A 13 -16.22 -4.55 -5.75
CA ILE A 13 -16.10 -5.62 -4.73
C ILE A 13 -16.52 -5.06 -3.36
N PRO A 14 -17.18 -5.86 -2.48
CA PRO A 14 -17.49 -5.44 -1.11
C PRO A 14 -16.24 -5.29 -0.22
N PRO A 15 -16.26 -4.38 0.78
CA PRO A 15 -15.07 -4.04 1.57
C PRO A 15 -14.34 -5.22 2.22
N PRO A 16 -15.02 -6.27 2.74
CA PRO A 16 -14.36 -7.44 3.31
C PRO A 16 -13.42 -8.20 2.38
N ARG A 17 -13.80 -8.43 1.12
CA ARG A 17 -12.95 -9.12 0.13
C ARG A 17 -11.73 -8.27 -0.17
N LEU A 18 -11.95 -6.95 -0.24
CA LEU A 18 -10.85 -6.03 -0.48
C LEU A 18 -9.84 -6.05 0.66
N PHE A 19 -10.33 -6.16 1.89
CA PHE A 19 -9.50 -6.20 3.10
C PHE A 19 -8.79 -7.56 3.27
N LYS A 20 -9.37 -8.67 2.83
CA LYS A 20 -8.61 -9.94 2.69
C LYS A 20 -7.40 -9.75 1.78
N ALA A 21 -7.60 -9.10 0.64
CA ALA A 21 -6.53 -8.80 -0.32
C ALA A 21 -5.55 -7.70 0.13
N PHE A 22 -5.99 -6.70 0.90
CA PHE A 22 -5.16 -5.58 1.34
C PHE A 22 -4.41 -5.87 2.64
N VAL A 23 -4.91 -6.79 3.49
CA VAL A 23 -4.29 -7.16 4.77
C VAL A 23 -3.86 -8.64 4.81
N LEU A 24 -4.79 -9.60 4.71
CA LEU A 24 -4.50 -10.95 5.24
C LEU A 24 -3.64 -11.83 4.31
N ASP A 25 -3.62 -11.55 3.01
CA ASP A 25 -2.70 -12.20 2.06
C ASP A 25 -2.06 -11.21 1.07
N ALA A 26 -1.82 -9.98 1.52
CA ALA A 26 -1.48 -8.88 0.62
C ALA A 26 -0.20 -9.09 -0.20
N ASP A 27 0.81 -9.78 0.33
CA ASP A 27 2.03 -10.16 -0.41
C ASP A 27 1.75 -11.09 -1.60
N ASN A 28 0.66 -11.86 -1.58
CA ASN A 28 0.24 -12.65 -2.74
C ASN A 28 -0.58 -11.83 -3.75
N LEU A 29 -1.36 -10.83 -3.29
CA LEU A 29 -2.01 -9.86 -4.17
C LEU A 29 -0.95 -8.96 -4.84
N VAL A 30 0.08 -8.53 -4.11
CA VAL A 30 0.95 -7.39 -4.46
C VAL A 30 1.63 -7.55 -5.81
N PRO A 31 2.41 -8.59 -6.13
CA PRO A 31 2.94 -8.80 -7.49
C PRO A 31 1.90 -9.26 -8.51
N LYS A 32 0.66 -9.57 -8.13
CA LYS A 32 -0.42 -9.64 -9.15
C LYS A 32 -0.86 -8.26 -9.62
N ILE A 33 -0.68 -7.21 -8.80
CA ILE A 33 -1.18 -5.83 -9.05
C ILE A 33 -0.16 -4.69 -8.89
N ALA A 34 1.10 -5.01 -8.62
CA ALA A 34 2.32 -4.23 -8.82
C ALA A 34 3.31 -4.87 -9.83
N PRO A 35 2.82 -5.64 -10.83
CA PRO A 35 3.65 -6.53 -11.64
C PRO A 35 4.68 -5.83 -12.54
N GLN A 36 4.54 -4.51 -12.76
CA GLN A 36 5.49 -3.73 -13.54
C GLN A 36 6.88 -3.69 -12.87
N ALA A 37 6.95 -3.79 -11.54
CA ALA A 37 8.17 -3.51 -10.78
C ALA A 37 8.43 -4.40 -9.55
N ILE A 38 7.40 -4.99 -8.91
CA ILE A 38 7.51 -5.63 -7.58
C ILE A 38 7.41 -7.16 -7.65
N LYS A 39 8.19 -7.85 -6.79
CA LYS A 39 8.53 -9.29 -6.89
C LYS A 39 8.18 -10.20 -5.71
N HIS A 40 8.67 -9.89 -4.50
CA HIS A 40 8.56 -10.72 -3.28
C HIS A 40 8.28 -9.85 -2.06
N SER A 41 8.04 -10.40 -0.86
CA SER A 41 7.74 -9.66 0.38
C SER A 41 8.14 -10.41 1.67
N GLU A 42 8.75 -9.72 2.66
CA GLU A 42 9.43 -10.38 3.79
C GLU A 42 8.83 -10.33 5.24
N ILE A 43 8.76 -11.53 5.80
CA ILE A 43 8.79 -11.60 7.24
C ILE A 43 10.28 -11.52 7.58
N LEU A 44 10.72 -10.27 7.75
CA LEU A 44 12.06 -9.80 8.14
C LEU A 44 11.98 -9.36 9.59
N GLU A 45 10.83 -8.79 9.95
CA GLU A 45 10.28 -9.05 11.28
C GLU A 45 8.91 -9.73 11.12
N GLY A 46 8.28 -10.22 12.20
CA GLY A 46 6.90 -10.67 12.24
C GLY A 46 6.67 -12.11 12.70
N ASP A 47 5.42 -12.34 13.08
CA ASP A 47 4.73 -13.63 12.94
C ASP A 47 3.81 -13.62 11.69
N GLY A 48 3.69 -12.46 11.02
CA GLY A 48 2.71 -12.22 9.94
C GLY A 48 1.53 -11.31 10.29
N GLY A 49 1.32 -11.01 11.57
CA GLY A 49 0.41 -9.94 12.00
C GLY A 49 1.09 -8.56 11.99
N PRO A 50 0.65 -7.62 12.83
CA PRO A 50 1.46 -6.46 13.21
C PRO A 50 2.87 -6.84 13.73
N GLY A 51 3.80 -5.90 13.62
CA GLY A 51 5.25 -6.11 13.78
C GLY A 51 5.97 -6.60 12.50
N THR A 52 5.27 -7.23 11.55
CA THR A 52 5.87 -7.96 10.43
C THR A 52 6.46 -7.04 9.36
N ILE A 53 7.75 -7.18 8.95
CA ILE A 53 8.39 -5.92 8.50
C ILE A 53 8.53 -6.40 7.11
N LYS A 54 7.58 -6.02 6.25
CA LYS A 54 7.42 -6.73 5.00
C LYS A 54 8.22 -5.99 3.98
N LYS A 55 9.28 -6.68 3.59
CA LYS A 55 10.31 -6.06 2.75
C LYS A 55 10.17 -6.61 1.36
N ILE A 56 9.68 -5.74 0.50
CA ILE A 56 9.16 -5.99 -0.82
C ILE A 56 10.31 -5.85 -1.80
N THR A 57 10.71 -6.94 -2.47
CA THR A 57 11.85 -6.90 -3.40
C THR A 57 11.34 -6.56 -4.79
N PHE A 58 12.07 -5.74 -5.55
CA PHE A 58 11.72 -5.36 -6.91
C PHE A 58 12.34 -6.28 -7.97
N GLY A 59 11.97 -6.07 -9.24
CA GLY A 59 12.37 -6.90 -10.37
C GLY A 59 13.80 -6.66 -10.91
N GLU A 60 14.10 -7.36 -12.01
CA GLU A 60 15.41 -7.47 -12.65
C GLU A 60 15.97 -6.15 -13.22
N GLY A 61 15.21 -5.05 -13.20
CA GLY A 61 15.72 -3.70 -13.52
C GLY A 61 16.69 -3.14 -12.47
N SER A 62 16.72 -3.67 -11.25
CA SER A 62 17.54 -3.19 -10.12
C SER A 62 17.33 -1.72 -9.70
N GLN A 63 16.31 -1.03 -10.20
CA GLN A 63 16.06 0.41 -9.99
C GLN A 63 15.59 0.79 -8.58
N TYR A 64 15.47 -0.17 -7.66
CA TYR A 64 15.00 0.03 -6.29
C TYR A 64 15.76 -0.82 -5.26
N GLY A 65 16.06 -2.07 -5.60
CA GLY A 65 16.45 -3.07 -4.60
C GLY A 65 15.20 -3.60 -3.88
N TYR A 66 14.84 -2.95 -2.77
CA TYR A 66 13.65 -3.26 -1.97
C TYR A 66 12.97 -1.99 -1.40
N VAL A 67 11.77 -2.17 -0.82
CA VAL A 67 11.15 -1.22 0.14
C VAL A 67 10.64 -1.97 1.36
N LYS A 68 10.71 -1.39 2.55
CA LYS A 68 10.50 -2.08 3.84
C LYS A 68 9.26 -1.48 4.51
N HIS A 69 8.19 -2.27 4.62
CA HIS A 69 6.92 -1.95 5.31
C HIS A 69 6.96 -2.54 6.72
N LYS A 70 6.15 -2.08 7.67
CA LYS A 70 5.90 -2.70 8.98
C LYS A 70 4.41 -2.60 9.27
N ILE A 71 3.69 -3.71 9.35
CA ILE A 71 2.28 -3.60 9.78
C ILE A 71 2.25 -3.22 11.26
N ASP A 72 1.38 -2.31 11.67
CA ASP A 72 1.32 -1.73 13.02
C ASP A 72 0.00 -2.07 13.74
N SER A 73 -1.11 -2.21 12.99
CA SER A 73 -2.35 -2.85 13.44
C SER A 73 -3.08 -3.53 12.29
N ILE A 74 -3.71 -4.68 12.55
CA ILE A 74 -4.65 -5.31 11.62
C ILE A 74 -5.92 -5.66 12.39
N ASP A 75 -6.99 -4.94 12.09
CA ASP A 75 -8.30 -5.17 12.70
C ASP A 75 -9.46 -5.07 11.72
N LYS A 76 -9.98 -6.22 11.26
CA LYS A 76 -11.18 -6.32 10.41
C LYS A 76 -12.41 -5.65 11.00
N GLU A 77 -12.66 -5.77 12.31
CA GLU A 77 -13.85 -5.20 12.95
C GLU A 77 -13.81 -3.66 13.00
N ASN A 78 -12.63 -3.08 13.20
CA ASN A 78 -12.37 -1.64 13.08
C ASN A 78 -12.21 -1.22 11.59
N HIS A 79 -12.02 -2.20 10.71
CA HIS A 79 -11.90 -2.15 9.25
C HIS A 79 -10.83 -1.21 8.69
N SER A 80 -9.82 -0.89 9.49
CA SER A 80 -8.64 -0.13 9.09
C SER A 80 -7.36 -0.94 9.27
N TYR A 81 -6.33 -0.54 8.53
CA TYR A 81 -5.05 -1.25 8.38
C TYR A 81 -3.92 -0.24 8.55
N SER A 82 -3.30 -0.26 9.73
CA SER A 82 -2.26 0.68 10.14
C SER A 82 -0.89 0.06 9.88
N TYR A 83 -0.01 0.81 9.23
CA TYR A 83 1.35 0.36 8.92
C TYR A 83 2.35 1.53 8.85
N THR A 84 3.62 1.19 8.67
CA THR A 84 4.77 2.10 8.62
C THR A 84 5.66 1.71 7.45
N LEU A 85 6.40 2.64 6.88
CA LEU A 85 7.39 2.41 5.83
C LEU A 85 8.72 3.03 6.30
N ILE A 86 9.76 2.20 6.35
CA ILE A 86 10.93 2.40 7.22
C ILE A 86 12.27 2.37 6.49
N GLU A 87 12.40 1.60 5.41
CA GLU A 87 13.68 1.47 4.70
C GLU A 87 13.52 1.15 3.20
N GLY A 88 14.59 1.27 2.42
CA GLY A 88 14.66 0.92 0.99
C GLY A 88 14.52 2.13 0.06
N ASP A 89 14.35 1.91 -1.24
CA ASP A 89 14.36 2.99 -2.26
C ASP A 89 13.41 4.15 -1.95
N ALA A 90 12.24 3.85 -1.39
CA ALA A 90 11.23 4.82 -1.03
C ALA A 90 11.67 5.79 0.09
N LEU A 91 12.58 5.39 0.99
CA LEU A 91 13.16 6.34 1.97
C LEU A 91 14.35 7.11 1.37
N GLY A 92 15.08 6.54 0.40
CA GLY A 92 16.02 7.25 -0.50
C GLY A 92 17.11 8.16 0.11
N ASP A 93 17.31 8.20 1.43
CA ASP A 93 17.96 9.30 2.16
C ASP A 93 17.27 10.68 1.98
N ASN A 94 16.03 10.67 1.47
CA ASN A 94 15.10 11.79 1.45
C ASN A 94 14.16 11.76 2.67
N LEU A 95 13.98 10.57 3.25
CA LEU A 95 12.92 10.20 4.18
C LEU A 95 13.49 9.39 5.36
N GLU A 96 12.96 9.65 6.56
CA GLU A 96 13.41 9.06 7.83
C GLU A 96 12.46 7.93 8.30
N LYS A 97 11.15 8.13 8.11
CA LYS A 97 10.08 7.10 8.15
C LYS A 97 8.81 7.67 7.54
N ILE A 98 7.82 6.82 7.27
CA ILE A 98 6.50 7.24 6.83
C ILE A 98 5.42 6.41 7.53
N SER A 99 4.52 7.06 8.26
CA SER A 99 3.33 6.42 8.84
C SER A 99 2.21 6.29 7.81
N TYR A 100 1.42 5.21 7.88
CA TYR A 100 0.24 4.94 7.04
C TYR A 100 -0.93 4.42 7.88
N GLU A 101 -2.15 4.77 7.50
CA GLU A 101 -3.34 3.99 7.84
C GLU A 101 -4.35 4.01 6.68
N THR A 102 -4.69 2.81 6.21
CA THR A 102 -5.74 2.56 5.21
C THR A 102 -7.09 2.29 5.86
N LYS A 103 -8.17 2.68 5.19
CA LYS A 103 -9.52 2.14 5.41
C LYS A 103 -10.20 1.79 4.09
N LEU A 104 -10.98 0.72 4.10
CA LEU A 104 -11.67 0.19 2.92
C LEU A 104 -13.18 0.42 3.12
N VAL A 105 -13.67 1.52 2.57
CA VAL A 105 -14.97 2.16 2.87
C VAL A 105 -16.01 1.66 1.87
N ALA A 106 -17.30 1.68 2.21
CA ALA A 106 -18.39 1.42 1.27
C ALA A 106 -18.77 2.72 0.57
N SER A 107 -18.72 2.78 -0.77
CA SER A 107 -19.08 3.99 -1.52
C SER A 107 -20.61 4.13 -1.62
N PRO A 108 -21.22 5.33 -1.51
CA PRO A 108 -22.68 5.40 -1.35
C PRO A 108 -23.52 4.94 -2.56
N SER A 109 -22.98 4.95 -3.79
CA SER A 109 -23.65 4.44 -5.00
C SER A 109 -22.96 3.23 -5.66
N GLY A 110 -21.73 2.88 -5.26
CA GLY A 110 -20.86 1.92 -5.94
C GLY A 110 -20.41 0.80 -5.02
N GLY A 111 -19.20 0.29 -5.27
CA GLY A 111 -18.58 -0.81 -4.53
C GLY A 111 -17.79 -0.24 -3.36
N SER A 112 -16.63 -0.79 -3.03
CA SER A 112 -15.80 -0.28 -1.93
C SER A 112 -14.62 0.60 -2.39
N ILE A 113 -14.44 1.72 -1.69
CA ILE A 113 -13.30 2.64 -1.78
C ILE A 113 -12.12 2.04 -1.02
N ILE A 114 -11.05 1.71 -1.74
CA ILE A 114 -9.71 1.51 -1.19
C ILE A 114 -9.14 2.89 -0.90
N LYS A 115 -8.90 3.20 0.37
CA LYS A 115 -8.42 4.51 0.80
C LYS A 115 -7.20 4.37 1.71
N SER A 116 -6.22 5.24 1.49
CA SER A 116 -4.96 5.27 2.25
C SER A 116 -4.47 6.69 2.56
N THR A 117 -4.23 6.98 3.85
CA THR A 117 -3.69 8.26 4.34
C THR A 117 -2.36 8.04 5.03
N SER A 118 -1.39 8.96 4.89
CA SER A 118 0.00 8.70 5.32
C SER A 118 0.83 9.98 5.51
N HIS A 119 1.83 9.95 6.40
CA HIS A 119 2.54 11.11 6.99
C HIS A 119 4.06 10.93 6.95
N TYR A 120 4.76 11.82 6.27
CA TYR A 120 6.08 11.50 5.78
C TYR A 120 7.03 12.32 6.61
N HIS A 121 7.67 11.60 7.52
CA HIS A 121 8.77 12.14 8.33
C HIS A 121 10.06 12.18 7.51
N THR A 122 10.50 13.37 7.14
CA THR A 122 11.58 13.61 6.17
C THR A 122 12.98 13.62 6.79
N LYS A 123 14.00 13.37 5.96
CA LYS A 123 15.40 13.19 6.37
C LYS A 123 16.17 14.50 6.29
N GLY A 124 16.89 14.87 7.35
CA GLY A 124 17.59 16.16 7.41
C GLY A 124 16.60 17.32 7.21
N ASP A 125 16.72 18.03 6.08
CA ASP A 125 15.75 19.03 5.60
C ASP A 125 15.41 18.80 4.12
N VAL A 126 15.18 17.55 3.75
CA VAL A 126 14.73 17.14 2.41
C VAL A 126 13.21 17.21 2.32
N GLU A 127 12.68 18.27 1.72
CA GLU A 127 11.26 18.47 1.54
C GLU A 127 10.73 17.79 0.27
N ILE A 128 9.76 16.88 0.41
CA ILE A 128 9.21 16.09 -0.70
C ILE A 128 8.30 16.93 -1.58
N LYS A 129 8.61 16.87 -2.88
CA LYS A 129 7.97 17.67 -3.92
C LYS A 129 6.56 17.19 -4.24
N GLU A 130 5.67 18.12 -4.58
CA GLU A 130 4.28 17.81 -4.89
C GLU A 130 4.11 16.97 -6.17
N GLU A 131 4.98 17.07 -7.17
CA GLU A 131 4.94 16.19 -8.34
C GLU A 131 5.22 14.72 -7.97
N HIS A 132 6.14 14.46 -7.02
CA HIS A 132 6.37 13.12 -6.47
C HIS A 132 5.24 12.67 -5.52
N VAL A 133 4.44 13.60 -4.97
CA VAL A 133 3.19 13.29 -4.27
C VAL A 133 2.13 12.82 -5.27
N LYS A 134 1.93 13.59 -6.33
CA LYS A 134 0.95 13.38 -7.41
C LYS A 134 1.20 12.11 -8.20
N ALA A 135 2.36 12.00 -8.87
CA ALA A 135 2.79 10.77 -9.51
C ALA A 135 2.89 9.63 -8.49
N GLY A 136 3.15 9.97 -7.23
CA GLY A 136 3.15 9.00 -6.13
C GLY A 136 1.79 8.32 -5.98
N LYS A 137 0.72 9.12 -6.03
CA LYS A 137 -0.67 8.67 -6.02
C LYS A 137 -1.10 8.07 -7.36
N GLU A 138 -0.70 8.61 -8.51
CA GLU A 138 -1.08 8.11 -9.85
C GLU A 138 -0.49 6.74 -10.24
N LYS A 139 0.61 6.30 -9.63
CA LYS A 139 1.20 4.98 -9.76
C LYS A 139 0.40 4.12 -8.83
N ALA A 140 0.27 4.62 -7.60
CA ALA A 140 -0.05 3.75 -6.54
C ALA A 140 -1.56 3.39 -6.50
N SER A 141 -2.41 4.38 -6.75
CA SER A 141 -3.81 4.21 -7.11
C SER A 141 -4.02 3.43 -8.41
N ASN A 142 -3.03 3.31 -9.32
CA ASN A 142 -3.17 2.33 -10.42
C ASN A 142 -3.12 0.86 -9.92
N LEU A 143 -2.30 0.54 -8.91
CA LEU A 143 -2.26 -0.77 -8.23
C LEU A 143 -3.56 -0.95 -7.49
N PHE A 144 -4.11 0.11 -6.89
CA PHE A 144 -5.43 0.06 -6.28
C PHE A 144 -6.60 -0.02 -7.30
N LYS A 145 -6.37 0.33 -8.57
CA LYS A 145 -7.25 0.10 -9.71
C LYS A 145 -7.04 -1.29 -10.32
N LEU A 146 -5.91 -1.96 -10.06
CA LEU A 146 -5.52 -3.08 -10.90
C LEU A 146 -6.23 -4.28 -10.28
N ILE A 147 -6.04 -4.40 -8.97
CA ILE A 147 -6.86 -5.01 -7.93
C ILE A 147 -8.28 -4.52 -7.94
N GLU A 148 -8.69 -3.32 -8.41
CA GLU A 148 -10.15 -3.15 -8.54
C GLU A 148 -10.62 -4.31 -9.36
N THR A 149 -10.06 -4.34 -10.55
CA THR A 149 -10.61 -5.27 -11.46
C THR A 149 -10.02 -6.65 -11.16
N TYR A 150 -8.84 -6.79 -10.51
CA TYR A 150 -8.32 -8.13 -10.22
C TYR A 150 -9.16 -8.78 -9.12
N LEU A 151 -9.61 -8.04 -8.10
CA LEU A 151 -10.38 -8.63 -6.99
C LEU A 151 -11.83 -8.99 -7.38
N LYS A 152 -12.28 -8.34 -8.45
CA LYS A 152 -13.53 -8.42 -9.22
C LYS A 152 -13.53 -9.47 -10.34
N GLY A 153 -12.40 -9.61 -11.02
CA GLY A 153 -12.28 -10.27 -12.33
C GLY A 153 -11.56 -11.60 -12.26
N HIS A 154 -10.96 -11.90 -11.11
CA HIS A 154 -10.64 -13.27 -10.73
C HIS A 154 -11.26 -13.50 -9.35
N PRO A 155 -12.53 -13.13 -9.10
CA PRO A 155 -13.24 -12.94 -7.82
C PRO A 155 -13.41 -14.18 -6.96
N ASP A 156 -12.89 -15.34 -7.38
CA ASP A 156 -12.25 -16.13 -6.34
C ASP A 156 -10.98 -15.50 -5.67
N ALA A 157 -10.77 -14.18 -5.87
CA ALA A 157 -9.47 -13.50 -5.91
C ALA A 157 -8.67 -13.66 -4.63
N TYR A 158 -9.33 -13.44 -3.49
CA TYR A 158 -8.93 -13.93 -2.16
C TYR A 158 -10.15 -14.54 -1.48
N ASN A 159 -10.73 -15.53 -2.18
CA ASN A 159 -11.86 -16.35 -1.75
C ASN A 159 -11.41 -17.54 -0.89
N GLY A 1 5.04 15.71 10.78
CA GLY A 1 5.68 14.94 9.71
C GLY A 1 4.84 14.93 8.46
N VAL A 2 4.62 16.10 7.86
CA VAL A 2 3.84 16.22 6.62
C VAL A 2 4.61 16.78 5.44
N PHE A 3 4.74 15.96 4.41
CA PHE A 3 3.77 16.07 3.33
C PHE A 3 2.60 15.11 3.60
N THR A 4 1.38 15.47 3.24
CA THR A 4 0.19 14.63 3.41
C THR A 4 -0.31 14.20 2.05
N TYR A 5 -0.64 12.93 1.91
CA TYR A 5 -1.29 12.38 0.72
C TYR A 5 -2.58 11.70 1.17
N GLU A 6 -3.67 11.89 0.42
CA GLU A 6 -4.87 11.08 0.55
C GLU A 6 -5.27 10.56 -0.83
N SER A 7 -5.42 9.24 -0.99
CA SER A 7 -5.81 8.59 -2.24
C SER A 7 -7.13 7.84 -2.04
N GLU A 8 -8.04 7.93 -3.01
CA GLU A 8 -9.34 7.24 -2.99
C GLU A 8 -9.65 6.63 -4.35
N PHE A 9 -10.03 5.35 -4.41
CA PHE A 9 -10.45 4.71 -5.66
C PHE A 9 -11.42 3.55 -5.38
N THR A 10 -12.48 3.39 -6.18
CA THR A 10 -13.54 2.42 -5.95
C THR A 10 -13.23 1.12 -6.69
N SER A 11 -13.62 -0.03 -6.12
CA SER A 11 -13.95 -1.19 -6.96
C SER A 11 -15.37 -1.65 -6.76
N GLU A 12 -15.75 -2.40 -7.77
CA GLU A 12 -16.95 -3.18 -7.84
C GLU A 12 -16.72 -4.49 -7.06
N ILE A 13 -16.69 -4.39 -5.71
CA ILE A 13 -16.62 -5.46 -4.70
C ILE A 13 -17.08 -4.91 -3.33
N PRO A 14 -17.81 -5.72 -2.52
CA PRO A 14 -18.17 -5.37 -1.14
C PRO A 14 -16.96 -5.13 -0.20
N PRO A 15 -17.07 -4.23 0.81
CA PRO A 15 -15.96 -3.87 1.68
C PRO A 15 -15.18 -5.01 2.35
N PRO A 16 -15.79 -6.14 2.78
CA PRO A 16 -15.06 -7.23 3.45
C PRO A 16 -13.98 -7.90 2.58
N ARG A 17 -14.30 -8.19 1.31
CA ARG A 17 -13.38 -8.84 0.36
C ARG A 17 -12.17 -7.96 0.14
N LEU A 18 -12.43 -6.65 0.07
CA LEU A 18 -11.37 -5.72 -0.25
C LEU A 18 -10.31 -5.68 0.86
N PHE A 19 -10.73 -5.86 2.10
CA PHE A 19 -9.87 -5.86 3.29
C PHE A 19 -9.08 -7.16 3.44
N LYS A 20 -9.65 -8.30 3.04
CA LYS A 20 -8.86 -9.56 2.91
C LYS A 20 -7.70 -9.38 1.94
N ALA A 21 -7.97 -8.70 0.83
CA ALA A 21 -6.99 -8.39 -0.21
C ALA A 21 -5.97 -7.30 0.18
N PHE A 22 -6.40 -6.22 0.84
CA PHE A 22 -5.53 -5.11 1.24
C PHE A 22 -4.68 -5.45 2.48
N VAL A 23 -5.19 -6.28 3.40
CA VAL A 23 -4.50 -6.64 4.65
C VAL A 23 -4.05 -8.09 4.67
N LEU A 24 -4.97 -9.07 4.75
CA LEU A 24 -4.60 -10.38 5.34
C LEU A 24 -3.89 -11.33 4.37
N ASP A 25 -4.18 -11.24 3.07
CA ASP A 25 -3.51 -11.95 1.98
C ASP A 25 -2.80 -11.00 1.00
N ALA A 26 -2.38 -9.83 1.48
CA ALA A 26 -1.74 -8.80 0.66
C ALA A 26 -0.36 -9.18 0.10
N ASP A 27 0.33 -10.17 0.65
CA ASP A 27 1.48 -10.83 -0.01
C ASP A 27 1.09 -11.40 -1.39
N ASN A 28 -0.15 -11.89 -1.51
CA ASN A 28 -0.65 -12.57 -2.68
C ASN A 28 -1.43 -11.63 -3.61
N LEU A 29 -2.15 -10.64 -3.07
CA LEU A 29 -2.79 -9.60 -3.88
C LEU A 29 -1.71 -8.74 -4.58
N VAL A 30 -0.68 -8.27 -3.87
CA VAL A 30 0.08 -7.08 -4.27
C VAL A 30 0.85 -7.25 -5.58
N PRO A 31 1.71 -8.24 -5.84
CA PRO A 31 2.28 -8.44 -7.18
C PRO A 31 1.25 -8.87 -8.24
N LYS A 32 -0.01 -9.20 -7.90
CA LYS A 32 -1.06 -9.33 -8.94
C LYS A 32 -1.57 -7.96 -9.44
N ILE A 33 -1.36 -6.87 -8.69
CA ILE A 33 -1.98 -5.55 -8.91
C ILE A 33 -1.03 -4.35 -8.75
N ALA A 34 0.21 -4.60 -8.34
CA ALA A 34 1.38 -3.74 -8.41
C ALA A 34 2.53 -4.32 -9.29
N PRO A 35 2.24 -5.12 -10.36
CA PRO A 35 3.26 -5.80 -11.16
C PRO A 35 4.20 -4.84 -11.91
N GLN A 36 3.87 -3.55 -12.00
CA GLN A 36 4.74 -2.50 -12.55
C GLN A 36 6.01 -2.27 -11.70
N ALA A 37 6.13 -2.89 -10.52
CA ALA A 37 7.39 -2.97 -9.78
C ALA A 37 7.50 -4.16 -8.81
N ILE A 38 6.42 -4.62 -8.16
CA ILE A 38 6.53 -5.49 -6.96
C ILE A 38 6.70 -6.97 -7.30
N LYS A 39 7.48 -7.69 -6.47
CA LYS A 39 7.73 -9.14 -6.53
C LYS A 39 7.38 -9.95 -5.28
N HIS A 40 7.96 -9.61 -4.13
CA HIS A 40 7.72 -10.27 -2.82
C HIS A 40 7.44 -9.24 -1.72
N SER A 41 7.04 -9.66 -0.52
CA SER A 41 6.58 -8.78 0.58
C SER A 41 6.70 -9.47 1.96
N GLU A 42 7.48 -8.91 2.88
CA GLU A 42 8.10 -9.78 3.92
C GLU A 42 7.61 -9.73 5.39
N ILE A 43 7.44 -10.93 5.89
CA ILE A 43 7.56 -11.06 7.32
C ILE A 43 9.08 -11.14 7.54
N LEU A 44 9.65 -9.95 7.76
CA LEU A 44 11.03 -9.64 8.14
C LEU A 44 11.02 -9.38 9.63
N GLU A 45 10.06 -8.54 10.03
CA GLU A 45 9.53 -8.64 11.40
C GLU A 45 8.12 -9.24 11.34
N GLY A 46 7.55 -9.66 12.48
CA GLY A 46 6.14 -9.95 12.63
C GLY A 46 5.80 -11.28 13.25
N ASP A 47 4.54 -11.38 13.66
CA ASP A 47 3.77 -12.61 13.71
C ASP A 47 2.69 -12.63 12.60
N GLY A 48 2.76 -11.68 11.65
CA GLY A 48 1.80 -11.50 10.55
C GLY A 48 0.74 -10.42 10.76
N GLY A 49 0.45 -10.02 11.99
CA GLY A 49 -0.39 -8.87 12.32
C GLY A 49 0.42 -7.56 12.41
N PRO A 50 0.01 -6.61 13.26
CA PRO A 50 0.82 -5.44 13.61
C PRO A 50 2.24 -5.81 14.10
N GLY A 51 3.21 -4.94 13.85
CA GLY A 51 4.65 -5.18 14.00
C GLY A 51 5.33 -5.78 12.75
N THR A 52 4.61 -6.51 11.89
CA THR A 52 5.15 -7.25 10.75
C THR A 52 5.73 -6.34 9.67
N ILE A 53 6.96 -6.57 9.14
CA ILE A 53 7.66 -5.39 8.58
C ILE A 53 7.80 -5.94 7.22
N LYS A 54 6.87 -5.53 6.35
CA LYS A 54 6.58 -6.20 5.09
C LYS A 54 7.40 -5.48 4.09
N LYS A 55 8.51 -6.17 3.81
CA LYS A 55 9.60 -5.59 3.05
C LYS A 55 9.54 -6.16 1.64
N ILE A 56 9.17 -5.26 0.75
CA ILE A 56 8.68 -5.51 -0.58
C ILE A 56 9.87 -5.49 -1.53
N THR A 57 10.11 -6.61 -2.23
CA THR A 57 11.20 -6.65 -3.22
C THR A 57 10.64 -6.23 -4.56
N PHE A 58 11.35 -5.36 -5.27
CA PHE A 58 10.97 -4.94 -6.63
C PHE A 58 11.70 -5.77 -7.71
N GLY A 59 11.12 -5.84 -8.92
CA GLY A 59 11.60 -6.66 -10.03
C GLY A 59 12.99 -6.30 -10.57
N GLU A 60 13.55 -7.18 -11.40
CA GLU A 60 14.96 -7.14 -11.84
C GLU A 60 15.33 -5.91 -12.68
N GLY A 61 14.34 -5.12 -13.13
CA GLY A 61 14.55 -3.84 -13.83
C GLY A 61 15.38 -2.82 -13.03
N SER A 62 15.48 -2.97 -11.71
CA SER A 62 16.45 -2.27 -10.85
C SER A 62 16.32 -0.74 -10.89
N GLN A 63 15.20 -0.23 -10.35
CA GLN A 63 14.89 1.20 -10.19
C GLN A 63 14.50 1.61 -8.75
N TYR A 64 14.22 0.63 -7.87
CA TYR A 64 13.65 0.81 -6.54
C TYR A 64 14.22 -0.15 -5.48
N GLY A 65 14.91 -1.24 -5.86
CA GLY A 65 15.55 -2.21 -4.96
C GLY A 65 14.53 -2.92 -4.05
N TYR A 66 14.31 -2.37 -2.85
CA TYR A 66 13.19 -2.71 -1.97
C TYR A 66 12.54 -1.47 -1.34
N VAL A 67 11.36 -1.66 -0.76
CA VAL A 67 10.75 -0.73 0.22
C VAL A 67 10.27 -1.52 1.44
N LYS A 68 10.37 -0.94 2.63
CA LYS A 68 10.05 -1.61 3.92
C LYS A 68 8.76 -1.03 4.50
N HIS A 69 7.69 -1.84 4.60
CA HIS A 69 6.43 -1.44 5.28
C HIS A 69 6.43 -2.00 6.70
N LYS A 70 5.62 -1.48 7.63
CA LYS A 70 5.36 -2.03 8.97
C LYS A 70 3.87 -1.87 9.26
N ILE A 71 3.15 -2.92 9.61
CA ILE A 71 1.76 -2.73 10.06
C ILE A 71 1.76 -2.21 11.49
N ASP A 72 0.91 -1.23 11.78
CA ASP A 72 0.83 -0.56 13.08
C ASP A 72 -0.43 -0.97 13.86
N SER A 73 -1.55 -1.18 13.15
CA SER A 73 -2.79 -1.79 13.68
C SER A 73 -3.55 -2.53 12.58
N ILE A 74 -4.17 -3.67 12.92
CA ILE A 74 -5.16 -4.34 12.07
C ILE A 74 -6.40 -4.61 12.90
N ASP A 75 -7.50 -3.98 12.52
CA ASP A 75 -8.84 -4.35 13.00
C ASP A 75 -9.89 -4.30 11.87
N LYS A 76 -10.30 -5.47 11.34
CA LYS A 76 -11.43 -5.60 10.41
C LYS A 76 -12.71 -4.95 10.94
N GLU A 77 -12.99 -5.07 12.23
CA GLU A 77 -14.22 -4.57 12.86
C GLU A 77 -14.29 -3.04 12.86
N ASN A 78 -13.15 -2.37 13.02
CA ASN A 78 -12.98 -0.94 12.82
C ASN A 78 -12.86 -0.57 11.32
N HIS A 79 -12.57 -1.56 10.48
CA HIS A 79 -12.46 -1.50 9.02
C HIS A 79 -11.38 -0.56 8.47
N SER A 80 -10.38 -0.27 9.29
CA SER A 80 -9.14 0.41 8.89
C SER A 80 -7.88 -0.42 9.16
N TYR A 81 -6.86 -0.14 8.36
CA TYR A 81 -5.56 -0.79 8.30
C TYR A 81 -4.49 0.29 8.46
N SER A 82 -3.92 0.38 9.66
CA SER A 82 -2.92 1.39 10.02
C SER A 82 -1.53 0.80 9.82
N TYR A 83 -0.67 1.50 9.08
CA TYR A 83 0.68 1.02 8.76
C TYR A 83 1.67 2.17 8.55
N THR A 84 2.93 1.83 8.28
CA THR A 84 4.08 2.72 8.21
C THR A 84 5.00 2.24 7.11
N LEU A 85 5.77 3.13 6.52
CA LEU A 85 6.79 2.86 5.51
C LEU A 85 8.09 3.52 5.99
N ILE A 86 9.12 2.70 6.18
CA ILE A 86 10.25 2.98 7.07
C ILE A 86 11.62 2.97 6.39
N GLU A 87 11.81 2.17 5.35
CA GLU A 87 13.14 2.02 4.71
C GLU A 87 13.08 1.72 3.20
N GLY A 88 14.20 1.91 2.48
CA GLY A 88 14.36 1.58 1.06
C GLY A 88 14.22 2.78 0.10
N ASP A 89 14.00 2.53 -1.19
CA ASP A 89 14.01 3.59 -2.23
C ASP A 89 13.04 4.72 -1.91
N ALA A 90 11.83 4.37 -1.43
CA ALA A 90 10.79 5.30 -1.05
C ALA A 90 11.08 6.11 0.23
N LEU A 91 12.20 5.89 0.94
CA LEU A 91 12.75 6.90 1.86
C LEU A 91 14.00 7.62 1.29
N GLY A 92 14.78 6.97 0.42
CA GLY A 92 15.85 7.54 -0.43
C GLY A 92 16.80 8.60 0.15
N ASP A 93 16.97 8.72 1.48
CA ASP A 93 17.53 9.91 2.16
C ASP A 93 16.78 11.24 1.88
N ASN A 94 15.58 11.19 1.28
CA ASN A 94 14.63 12.29 1.20
C ASN A 94 13.69 12.32 2.42
N LEU A 95 13.48 11.15 3.02
CA LEU A 95 12.37 10.82 3.90
C LEU A 95 12.87 10.06 5.13
N GLU A 96 12.29 10.35 6.30
CA GLU A 96 12.66 9.75 7.58
C GLU A 96 11.72 8.59 7.98
N LYS A 97 10.42 8.75 7.70
CA LYS A 97 9.36 7.71 7.69
C LYS A 97 8.08 8.24 7.07
N ILE A 98 7.16 7.36 6.68
CA ILE A 98 5.85 7.72 6.15
C ILE A 98 4.77 6.91 6.87
N SER A 99 3.90 7.57 7.62
CA SER A 99 2.74 6.94 8.27
C SER A 99 1.58 6.80 7.28
N TYR A 100 0.75 5.76 7.40
CA TYR A 100 -0.40 5.44 6.55
C TYR A 100 -1.59 4.92 7.38
N GLU A 101 -2.82 5.24 6.99
CA GLU A 101 -4.01 4.50 7.42
C GLU A 101 -5.04 4.40 6.30
N THR A 102 -5.28 3.16 5.86
CA THR A 102 -6.31 2.79 4.88
C THR A 102 -7.66 2.54 5.55
N LYS A 103 -8.77 2.93 4.91
CA LYS A 103 -10.14 2.49 5.19
C LYS A 103 -10.88 2.15 3.88
N LEU A 104 -11.72 1.13 3.93
CA LEU A 104 -12.36 0.52 2.74
C LEU A 104 -13.87 0.74 2.85
N VAL A 105 -14.31 1.89 2.33
CA VAL A 105 -15.58 2.57 2.64
C VAL A 105 -16.66 2.19 1.64
N ALA A 106 -17.95 2.38 1.95
CA ALA A 106 -19.04 2.15 1.01
C ALA A 106 -19.31 3.43 0.19
N SER A 107 -19.11 3.41 -1.13
CA SER A 107 -19.42 4.58 -1.96
C SER A 107 -20.96 4.72 -2.15
N PRO A 108 -21.52 5.94 -2.20
CA PRO A 108 -22.97 6.14 -2.19
C PRO A 108 -23.70 5.61 -3.44
N SER A 109 -23.13 5.76 -4.64
CA SER A 109 -23.73 5.28 -5.91
C SER A 109 -22.91 4.18 -6.60
N GLY A 110 -21.97 3.55 -5.89
CA GLY A 110 -21.03 2.59 -6.47
C GLY A 110 -20.64 1.48 -5.48
N GLY A 111 -19.49 0.85 -5.71
CA GLY A 111 -18.97 -0.25 -4.90
C GLY A 111 -18.24 0.29 -3.68
N SER A 112 -17.13 -0.31 -3.26
CA SER A 112 -16.35 0.16 -2.11
C SER A 112 -15.12 0.97 -2.51
N ILE A 113 -14.95 2.13 -1.86
CA ILE A 113 -13.81 3.04 -1.97
C ILE A 113 -12.65 2.49 -1.14
N ILE A 114 -11.57 2.11 -1.82
CA ILE A 114 -10.24 1.88 -1.26
C ILE A 114 -9.61 3.26 -1.02
N LYS A 115 -9.61 3.70 0.25
CA LYS A 115 -9.13 5.03 0.63
C LYS A 115 -7.95 4.90 1.58
N SER A 116 -6.93 5.73 1.42
CA SER A 116 -5.79 5.81 2.35
C SER A 116 -5.32 7.25 2.59
N THR A 117 -5.10 7.64 3.85
CA THR A 117 -4.45 8.91 4.22
C THR A 117 -3.05 8.62 4.79
N SER A 118 -2.06 9.46 4.50
CA SER A 118 -0.65 9.21 4.84
C SER A 118 0.16 10.49 5.08
N HIS A 119 1.15 10.44 5.98
CA HIS A 119 1.91 11.58 6.53
C HIS A 119 3.43 11.37 6.47
N TYR A 120 4.08 12.20 5.70
CA TYR A 120 5.44 11.96 5.27
C TYR A 120 6.33 12.82 6.15
N HIS A 121 6.98 12.14 7.08
CA HIS A 121 8.04 12.71 7.92
C HIS A 121 9.32 12.84 7.10
N THR A 122 9.68 14.04 6.67
CA THR A 122 10.78 14.31 5.72
C THR A 122 12.15 14.41 6.39
N LYS A 123 13.21 14.05 5.66
CA LYS A 123 14.59 13.96 6.18
C LYS A 123 15.23 15.35 6.17
N GLY A 124 15.73 15.82 7.32
CA GLY A 124 16.25 17.18 7.48
C GLY A 124 15.23 18.25 7.08
N ASP A 125 15.46 18.91 5.94
CA ASP A 125 14.56 19.86 5.27
C ASP A 125 14.40 19.55 3.78
N VAL A 126 14.32 18.27 3.44
CA VAL A 126 14.05 17.79 2.08
C VAL A 126 12.54 17.85 1.82
N GLU A 127 12.10 18.93 1.19
CA GLU A 127 10.71 19.17 0.83
C GLU A 127 10.31 18.34 -0.40
N ILE A 128 9.25 17.54 -0.29
CA ILE A 128 8.73 16.75 -1.41
C ILE A 128 7.95 17.63 -2.36
N LYS A 129 8.31 17.51 -3.64
CA LYS A 129 7.70 18.26 -4.72
C LYS A 129 6.27 17.77 -5.00
N GLU A 130 5.37 18.70 -5.29
CA GLU A 130 3.97 18.37 -5.56
C GLU A 130 3.80 17.53 -6.84
N GLU A 131 4.69 17.62 -7.82
CA GLU A 131 4.69 16.74 -9.00
C GLU A 131 4.93 15.26 -8.64
N HIS A 132 5.69 14.97 -7.57
CA HIS A 132 5.79 13.63 -6.97
C HIS A 132 4.59 13.25 -6.11
N VAL A 133 3.89 14.22 -5.52
CA VAL A 133 2.62 13.99 -4.81
C VAL A 133 1.52 13.56 -5.79
N LYS A 134 1.43 14.29 -6.90
CA LYS A 134 0.52 14.16 -8.03
C LYS A 134 0.64 12.82 -8.72
N ALA A 135 1.83 12.51 -9.26
CA ALA A 135 2.14 11.19 -9.75
C ALA A 135 2.04 10.14 -8.64
N GLY A 136 2.25 10.54 -7.39
CA GLY A 136 2.18 9.65 -6.23
C GLY A 136 0.78 9.07 -6.03
N LYS A 137 -0.24 9.93 -6.13
CA LYS A 137 -1.66 9.57 -6.13
C LYS A 137 -2.03 8.77 -7.38
N GLU A 138 -1.52 9.16 -8.54
CA GLU A 138 -1.77 8.49 -9.83
C GLU A 138 -1.13 7.11 -10.01
N LYS A 139 -0.07 6.76 -9.29
CA LYS A 139 0.63 5.48 -9.29
C LYS A 139 -0.23 4.62 -8.43
N ALA A 140 -0.53 5.16 -7.25
CA ALA A 140 -1.01 4.36 -6.20
C ALA A 140 -2.48 3.96 -6.43
N SER A 141 -3.28 4.92 -6.93
CA SER A 141 -4.60 4.64 -7.51
C SER A 141 -4.57 3.74 -8.76
N ASN A 142 -3.45 3.55 -9.48
CA ASN A 142 -3.41 2.43 -10.45
C ASN A 142 -3.53 1.06 -9.77
N LEU A 143 -2.76 0.78 -8.72
CA LEU A 143 -2.90 -0.46 -7.95
C LEU A 143 -4.28 -0.55 -7.39
N PHE A 144 -4.86 0.56 -6.91
CA PHE A 144 -6.20 0.50 -6.38
C PHE A 144 -7.29 0.29 -7.45
N LYS A 145 -6.98 0.56 -8.72
CA LYS A 145 -7.78 0.21 -9.88
C LYS A 145 -7.50 -1.21 -10.36
N LEU A 146 -6.38 -1.85 -9.98
CA LEU A 146 -5.92 -3.02 -10.71
C LEU A 146 -6.64 -4.21 -10.09
N ILE A 147 -6.51 -4.25 -8.77
CA ILE A 147 -7.35 -4.84 -7.73
C ILE A 147 -8.77 -4.40 -7.83
N GLU A 148 -9.16 -3.21 -8.36
CA GLU A 148 -10.60 -3.05 -8.51
C GLU A 148 -11.06 -4.21 -9.32
N THR A 149 -10.48 -4.28 -10.50
CA THR A 149 -11.02 -5.24 -11.38
C THR A 149 -10.43 -6.61 -11.01
N TYR A 150 -9.26 -6.73 -10.33
CA TYR A 150 -8.81 -8.09 -9.99
C TYR A 150 -9.74 -8.69 -8.93
N LEU A 151 -10.15 -7.91 -7.91
CA LEU A 151 -10.94 -8.48 -6.80
C LEU A 151 -12.38 -8.84 -7.20
N LYS A 152 -12.80 -8.21 -8.29
CA LYS A 152 -14.05 -8.25 -9.09
C LYS A 152 -14.07 -9.32 -10.18
N GLY A 153 -12.97 -9.48 -10.90
CA GLY A 153 -12.89 -10.20 -12.18
C GLY A 153 -12.14 -11.51 -12.06
N HIS A 154 -11.59 -11.79 -10.87
CA HIS A 154 -11.25 -13.15 -10.47
C HIS A 154 -11.87 -13.36 -9.09
N PRO A 155 -13.15 -12.99 -8.84
CA PRO A 155 -13.84 -12.74 -7.57
C PRO A 155 -14.06 -13.96 -6.70
N ASP A 156 -13.58 -15.13 -7.12
CA ASP A 156 -12.96 -15.95 -6.09
C ASP A 156 -11.68 -15.36 -5.43
N ALA A 157 -11.43 -14.05 -5.60
CA ALA A 157 -10.12 -13.39 -5.59
C ALA A 157 -9.38 -13.58 -4.25
N TYR A 158 -10.09 -13.36 -3.14
CA TYR A 158 -9.69 -13.76 -1.78
C TYR A 158 -10.92 -14.38 -1.07
N ASN A 159 -11.52 -15.36 -1.76
CA ASN A 159 -12.75 -16.08 -1.44
C ASN A 159 -12.55 -17.13 -0.35
N GLY A 1 5.78 15.44 10.86
CA GLY A 1 6.13 14.45 9.82
C GLY A 1 5.20 14.46 8.63
N VAL A 2 4.79 15.64 8.17
CA VAL A 2 3.97 15.79 6.95
C VAL A 2 4.65 16.60 5.86
N PHE A 3 4.87 15.94 4.73
CA PHE A 3 3.93 16.12 3.62
C PHE A 3 2.81 15.07 3.76
N THR A 4 1.58 15.41 3.41
CA THR A 4 0.42 14.50 3.36
C THR A 4 0.11 14.09 1.93
N TYR A 5 -0.18 12.80 1.72
CA TYR A 5 -0.80 12.28 0.50
C TYR A 5 -2.13 11.62 0.92
N GLU A 6 -3.25 11.92 0.25
CA GLU A 6 -4.53 11.24 0.46
C GLU A 6 -5.11 10.84 -0.90
N SER A 7 -5.36 9.54 -1.09
CA SER A 7 -5.64 8.95 -2.40
C SER A 7 -6.80 7.96 -2.34
N GLU A 8 -7.68 8.00 -3.34
CA GLU A 8 -8.94 7.26 -3.41
C GLU A 8 -9.15 6.64 -4.79
N PHE A 9 -9.49 5.35 -4.85
CA PHE A 9 -9.93 4.69 -6.08
C PHE A 9 -10.93 3.55 -5.80
N THR A 10 -11.93 3.39 -6.66
CA THR A 10 -13.05 2.48 -6.46
C THR A 10 -12.80 1.10 -7.06
N SER A 11 -13.31 0.01 -6.47
CA SER A 11 -13.59 -1.21 -7.25
C SER A 11 -15.00 -1.72 -7.09
N GLU A 12 -15.30 -2.54 -8.08
CA GLU A 12 -16.44 -3.42 -8.12
C GLU A 12 -16.12 -4.68 -7.29
N ILE A 13 -16.18 -4.54 -5.96
CA ILE A 13 -16.09 -5.58 -4.90
C ILE A 13 -16.61 -4.97 -3.58
N PRO A 14 -17.33 -5.74 -2.73
CA PRO A 14 -17.70 -5.30 -1.39
C PRO A 14 -16.47 -5.06 -0.47
N PRO A 15 -16.48 -4.01 0.40
CA PRO A 15 -15.28 -3.57 1.11
C PRO A 15 -14.52 -4.64 1.93
N PRO A 16 -15.14 -5.66 2.54
CA PRO A 16 -14.44 -6.71 3.27
C PRO A 16 -13.51 -7.60 2.46
N ARG A 17 -13.89 -7.95 1.23
CA ARG A 17 -13.07 -8.73 0.29
C ARG A 17 -11.85 -7.93 -0.06
N LEU A 18 -12.03 -6.62 -0.21
CA LEU A 18 -10.92 -5.73 -0.47
C LEU A 18 -9.94 -5.67 0.70
N PHE A 19 -10.43 -5.75 1.92
CA PHE A 19 -9.62 -5.69 3.13
C PHE A 19 -8.83 -6.99 3.38
N LYS A 20 -9.39 -8.14 2.97
CA LYS A 20 -8.58 -9.36 2.92
C LYS A 20 -7.38 -9.21 1.98
N ALA A 21 -7.64 -8.68 0.79
CA ALA A 21 -6.62 -8.40 -0.21
C ALA A 21 -5.62 -7.29 0.18
N PHE A 22 -6.08 -6.25 0.89
CA PHE A 22 -5.25 -5.09 1.21
C PHE A 22 -4.43 -5.27 2.49
N VAL A 23 -4.86 -6.14 3.42
CA VAL A 23 -4.22 -6.30 4.73
C VAL A 23 -3.75 -7.74 4.96
N LEU A 24 -4.66 -8.70 4.99
CA LEU A 24 -4.33 -10.02 5.58
C LEU A 24 -3.58 -10.98 4.65
N ASP A 25 -3.80 -10.88 3.34
CA ASP A 25 -3.07 -11.61 2.29
C ASP A 25 -2.32 -10.64 1.34
N ALA A 26 -1.97 -9.46 1.84
CA ALA A 26 -1.54 -8.35 1.02
C ALA A 26 -0.27 -8.61 0.21
N ASP A 27 0.70 -9.38 0.71
CA ASP A 27 1.86 -9.78 -0.10
C ASP A 27 1.64 -10.96 -1.05
N ASN A 28 0.49 -11.63 -0.97
CA ASN A 28 0.00 -12.45 -2.07
C ASN A 28 -0.74 -11.60 -3.12
N LEU A 29 -1.45 -10.54 -2.70
CA LEU A 29 -2.06 -9.55 -3.61
C LEU A 29 -0.98 -8.70 -4.32
N VAL A 30 0.11 -8.31 -3.64
CA VAL A 30 1.00 -7.22 -4.11
C VAL A 30 1.64 -7.51 -5.46
N PRO A 31 2.34 -8.62 -5.74
CA PRO A 31 2.80 -8.91 -7.12
C PRO A 31 1.67 -9.31 -8.08
N LYS A 32 0.42 -9.50 -7.62
CA LYS A 32 -0.73 -9.49 -8.54
C LYS A 32 -1.15 -8.08 -9.00
N ILE A 33 -0.86 -7.02 -8.23
CA ILE A 33 -1.36 -5.65 -8.50
C ILE A 33 -0.34 -4.51 -8.34
N ALA A 34 0.92 -4.85 -8.11
CA ALA A 34 2.15 -4.12 -8.38
C ALA A 34 3.09 -4.91 -9.35
N PRO A 35 2.58 -5.70 -10.30
CA PRO A 35 3.38 -6.62 -11.12
C PRO A 35 4.47 -5.94 -11.94
N GLN A 36 4.24 -4.67 -12.33
CA GLN A 36 5.20 -3.81 -13.02
C GLN A 36 6.49 -3.55 -12.20
N ALA A 37 6.45 -3.78 -10.89
CA ALA A 37 7.43 -3.29 -9.92
C ALA A 37 7.99 -4.38 -8.98
N ILE A 38 7.15 -5.22 -8.38
CA ILE A 38 7.49 -5.94 -7.13
C ILE A 38 7.59 -7.46 -7.30
N LYS A 39 8.43 -8.09 -6.46
CA LYS A 39 8.88 -9.48 -6.50
C LYS A 39 8.59 -10.31 -5.24
N HIS A 40 8.88 -9.79 -4.06
CA HIS A 40 8.78 -10.49 -2.77
C HIS A 40 8.42 -9.51 -1.64
N SER A 41 8.19 -10.00 -0.42
CA SER A 41 7.77 -9.20 0.75
C SER A 41 8.06 -9.91 2.08
N GLU A 42 8.75 -9.24 3.01
CA GLU A 42 9.43 -9.98 4.11
C GLU A 42 8.94 -9.93 5.58
N ILE A 43 8.81 -11.14 6.12
CA ILE A 43 8.81 -11.23 7.57
C ILE A 43 10.31 -11.28 7.92
N LEU A 44 10.83 -10.06 8.16
CA LEU A 44 12.17 -9.69 8.62
C LEU A 44 12.06 -9.31 10.08
N GLU A 45 11.01 -8.56 10.40
CA GLU A 45 10.38 -8.74 11.71
C GLU A 45 9.02 -9.42 11.53
N GLY A 46 8.41 -9.95 12.59
CA GLY A 46 7.01 -10.33 12.63
C GLY A 46 6.72 -11.73 13.12
N ASP A 47 5.49 -11.88 13.61
CA ASP A 47 4.75 -13.14 13.59
C ASP A 47 3.57 -13.03 12.58
N GLY A 48 3.65 -12.09 11.63
CA GLY A 48 2.65 -11.87 10.58
C GLY A 48 1.51 -10.91 10.93
N GLY A 49 1.35 -10.54 12.21
CA GLY A 49 0.49 -9.42 12.64
C GLY A 49 1.24 -8.08 12.61
N PRO A 50 0.77 -7.05 13.33
CA PRO A 50 1.54 -5.84 13.57
C PRO A 50 2.92 -6.12 14.20
N GLY A 51 3.91 -5.30 13.83
CA GLY A 51 5.35 -5.50 14.00
C GLY A 51 6.06 -6.07 12.76
N THR A 52 5.37 -6.80 11.88
CA THR A 52 5.95 -7.58 10.77
C THR A 52 6.57 -6.68 9.69
N ILE A 53 7.86 -6.84 9.29
CA ILE A 53 8.55 -5.60 8.80
C ILE A 53 8.79 -6.11 7.44
N LYS A 54 7.89 -5.73 6.52
CA LYS A 54 7.73 -6.39 5.25
C LYS A 54 8.57 -5.67 4.26
N LYS A 55 9.66 -6.36 3.92
CA LYS A 55 10.68 -5.79 3.03
C LYS A 55 10.53 -6.40 1.65
N ILE A 56 10.29 -5.51 0.70
CA ILE A 56 9.57 -5.77 -0.52
C ILE A 56 10.52 -5.59 -1.67
N THR A 57 10.89 -6.67 -2.34
CA THR A 57 11.98 -6.62 -3.34
C THR A 57 11.42 -6.14 -4.66
N PHE A 58 12.05 -5.15 -5.29
CA PHE A 58 11.67 -4.71 -6.64
C PHE A 58 12.40 -5.50 -7.74
N GLY A 59 11.87 -5.42 -8.96
CA GLY A 59 12.27 -6.20 -10.12
C GLY A 59 13.71 -5.99 -10.61
N GLU A 60 14.08 -6.80 -11.59
CA GLU A 60 15.45 -7.03 -12.08
C GLU A 60 16.24 -5.78 -12.48
N GLY A 61 15.58 -4.71 -12.96
CA GLY A 61 16.23 -3.51 -13.50
C GLY A 61 16.86 -2.54 -12.49
N SER A 62 16.85 -2.89 -11.20
CA SER A 62 17.51 -2.14 -10.11
C SER A 62 17.07 -0.67 -9.95
N GLN A 63 15.79 -0.36 -10.17
CA GLN A 63 15.24 0.99 -9.97
C GLN A 63 15.09 1.38 -8.49
N TYR A 64 15.14 0.43 -7.55
CA TYR A 64 14.85 0.65 -6.13
C TYR A 64 15.74 -0.16 -5.17
N GLY A 65 16.02 -1.43 -5.49
CA GLY A 65 16.40 -2.44 -4.49
C GLY A 65 15.15 -2.96 -3.77
N TYR A 66 14.77 -2.29 -2.67
CA TYR A 66 13.60 -2.65 -1.86
C TYR A 66 12.87 -1.43 -1.28
N VAL A 67 11.70 -1.67 -0.68
CA VAL A 67 11.06 -0.79 0.31
C VAL A 67 10.65 -1.60 1.53
N LYS A 68 10.73 -1.02 2.73
CA LYS A 68 10.53 -1.72 3.99
C LYS A 68 9.32 -1.14 4.69
N HIS A 69 8.26 -1.94 4.83
CA HIS A 69 7.00 -1.63 5.54
C HIS A 69 7.05 -2.22 6.95
N LYS A 70 6.24 -1.75 7.88
CA LYS A 70 5.95 -2.35 9.19
C LYS A 70 4.46 -2.20 9.45
N ILE A 71 3.70 -3.28 9.51
CA ILE A 71 2.28 -3.13 9.90
C ILE A 71 2.24 -2.66 11.36
N ASP A 72 1.42 -1.67 11.71
CA ASP A 72 1.35 -1.12 13.08
C ASP A 72 -0.01 -1.35 13.75
N SER A 73 -1.09 -1.51 12.97
CA SER A 73 -2.36 -2.08 13.42
C SER A 73 -3.11 -2.76 12.27
N ILE A 74 -3.75 -3.90 12.55
CA ILE A 74 -4.68 -4.61 11.66
C ILE A 74 -6.03 -4.76 12.36
N ASP A 75 -7.03 -4.04 11.90
CA ASP A 75 -8.38 -4.04 12.51
C ASP A 75 -9.55 -4.04 11.51
N LYS A 76 -10.10 -5.24 11.24
CA LYS A 76 -11.31 -5.44 10.42
C LYS A 76 -12.56 -4.78 11.02
N GLU A 77 -12.70 -4.79 12.34
CA GLU A 77 -13.94 -4.33 13.02
C GLU A 77 -14.07 -2.79 13.00
N ASN A 78 -12.96 -2.07 13.15
CA ASN A 78 -12.87 -0.63 12.91
C ASN A 78 -12.76 -0.32 11.39
N HIS A 79 -12.34 -1.32 10.61
CA HIS A 79 -12.22 -1.34 9.15
C HIS A 79 -11.16 -0.40 8.57
N SER A 80 -10.11 -0.11 9.35
CA SER A 80 -8.92 0.61 8.89
C SER A 80 -7.62 -0.13 9.24
N TYR A 81 -6.56 0.18 8.50
CA TYR A 81 -5.30 -0.54 8.47
C TYR A 81 -4.11 0.42 8.47
N SER A 82 -3.24 0.27 9.46
CA SER A 82 -2.13 1.19 9.75
C SER A 82 -0.80 0.52 9.50
N TYR A 83 0.07 1.14 8.71
CA TYR A 83 1.44 0.66 8.46
C TYR A 83 2.47 1.78 8.29
N THR A 84 3.63 1.61 8.90
CA THR A 84 4.82 2.45 8.77
C THR A 84 5.68 2.00 7.58
N LEU A 85 6.43 2.90 6.98
CA LEU A 85 7.39 2.65 5.92
C LEU A 85 8.73 3.30 6.33
N ILE A 86 9.72 2.44 6.57
CA ILE A 86 10.88 2.72 7.43
C ILE A 86 12.20 2.81 6.67
N GLU A 87 12.37 2.04 5.60
CA GLU A 87 13.66 1.93 4.89
C GLU A 87 13.50 1.60 3.38
N GLY A 88 14.57 1.80 2.61
CA GLY A 88 14.68 1.45 1.18
C GLY A 88 14.75 2.67 0.26
N ASP A 89 14.54 2.47 -1.04
CA ASP A 89 14.56 3.55 -2.04
C ASP A 89 13.62 4.69 -1.67
N ALA A 90 12.44 4.35 -1.15
CA ALA A 90 11.40 5.26 -0.70
C ALA A 90 11.78 6.13 0.52
N LEU A 91 12.91 5.87 1.20
CA LEU A 91 13.50 6.80 2.17
C LEU A 91 14.72 7.54 1.60
N GLY A 92 15.44 6.95 0.65
CA GLY A 92 16.33 7.58 -0.33
C GLY A 92 17.28 8.73 0.07
N ASP A 93 17.67 8.88 1.33
CA ASP A 93 18.31 10.10 1.87
C ASP A 93 17.48 11.39 1.61
N ASN A 94 16.17 11.25 1.44
CA ASN A 94 15.18 12.33 1.27
C ASN A 94 14.04 12.25 2.30
N LEU A 95 13.88 11.10 2.94
CA LEU A 95 12.74 10.69 3.75
C LEU A 95 13.26 10.00 5.02
N GLU A 96 12.73 10.41 6.17
CA GLU A 96 13.08 9.96 7.52
C GLU A 96 12.21 8.78 7.96
N LYS A 97 10.92 8.82 7.61
CA LYS A 97 9.94 7.71 7.52
C LYS A 97 8.67 8.17 6.81
N ILE A 98 7.82 7.22 6.43
CA ILE A 98 6.46 7.46 5.97
C ILE A 98 5.49 6.65 6.85
N SER A 99 4.28 7.16 7.04
CA SER A 99 3.24 6.52 7.85
C SER A 99 1.93 6.48 7.07
N TYR A 100 1.29 5.33 6.94
CA TYR A 100 0.03 5.12 6.22
C TYR A 100 -1.11 4.77 7.17
N GLU A 101 -2.32 5.18 6.80
CA GLU A 101 -3.57 4.57 7.24
C GLU A 101 -4.55 4.47 6.08
N THR A 102 -5.05 3.26 5.82
CA THR A 102 -6.04 2.95 4.79
C THR A 102 -7.40 2.65 5.40
N LYS A 103 -8.47 3.12 4.74
CA LYS A 103 -9.86 2.68 4.91
C LYS A 103 -10.45 2.23 3.58
N LEU A 104 -11.20 1.14 3.60
CA LEU A 104 -11.88 0.57 2.43
C LEU A 104 -13.38 0.79 2.67
N VAL A 105 -13.90 1.85 2.07
CA VAL A 105 -15.18 2.49 2.40
C VAL A 105 -16.24 2.03 1.41
N ALA A 106 -17.52 2.21 1.74
CA ALA A 106 -18.61 2.07 0.80
C ALA A 106 -18.76 3.37 0.02
N SER A 107 -18.89 3.32 -1.31
CA SER A 107 -19.30 4.51 -2.07
C SER A 107 -20.83 4.67 -1.98
N PRO A 108 -21.41 5.89 -1.94
CA PRO A 108 -22.86 6.04 -1.78
C PRO A 108 -23.69 5.49 -2.95
N SER A 109 -23.17 5.58 -4.18
CA SER A 109 -23.85 5.16 -5.43
C SER A 109 -23.20 3.98 -6.17
N GLY A 110 -22.25 3.26 -5.58
CA GLY A 110 -21.45 2.26 -6.31
C GLY A 110 -20.76 1.20 -5.45
N GLY A 111 -19.56 0.78 -5.87
CA GLY A 111 -18.75 -0.25 -5.21
C GLY A 111 -18.01 0.29 -3.98
N SER A 112 -16.83 -0.25 -3.67
CA SER A 112 -16.02 0.19 -2.51
C SER A 112 -14.90 1.15 -2.90
N ILE A 113 -14.74 2.22 -2.13
CA ILE A 113 -13.64 3.18 -2.22
C ILE A 113 -12.41 2.63 -1.46
N ILE A 114 -11.35 2.26 -2.17
CA ILE A 114 -10.03 1.96 -1.60
C ILE A 114 -9.33 3.30 -1.33
N LYS A 115 -9.18 3.67 -0.06
CA LYS A 115 -8.73 5.01 0.32
C LYS A 115 -7.56 4.95 1.31
N SER A 116 -6.52 5.71 1.02
CA SER A 116 -5.26 5.70 1.77
C SER A 116 -4.70 7.10 2.02
N THR A 117 -4.54 7.46 3.30
CA THR A 117 -3.84 8.69 3.73
C THR A 117 -2.46 8.35 4.26
N SER A 118 -1.45 9.19 4.01
CA SER A 118 -0.10 8.98 4.51
C SER A 118 0.69 10.27 4.76
N HIS A 119 1.69 10.18 5.64
CA HIS A 119 2.40 11.29 6.30
C HIS A 119 3.92 11.13 6.19
N TYR A 120 4.54 12.07 5.52
CA TYR A 120 5.89 11.90 5.06
C TYR A 120 6.72 12.73 6.00
N HIS A 121 7.39 12.00 6.87
CA HIS A 121 8.45 12.58 7.71
C HIS A 121 9.70 12.74 6.84
N THR A 122 10.01 13.95 6.40
CA THR A 122 11.06 14.24 5.39
C THR A 122 12.44 14.45 6.03
N LYS A 123 13.51 14.08 5.32
CA LYS A 123 14.89 14.05 5.85
C LYS A 123 15.55 15.41 5.73
N GLY A 124 16.11 15.93 6.82
CA GLY A 124 16.62 17.30 6.86
C GLY A 124 15.56 18.31 6.42
N ASP A 125 15.85 19.09 5.38
CA ASP A 125 14.92 20.04 4.77
C ASP A 125 14.51 19.68 3.33
N VAL A 126 14.35 18.39 3.06
CA VAL A 126 13.86 17.88 1.78
C VAL A 126 12.34 17.95 1.69
N GLU A 127 11.82 19.12 1.33
CA GLU A 127 10.41 19.29 0.95
C GLU A 127 10.13 18.55 -0.37
N ILE A 128 9.09 17.70 -0.39
CA ILE A 128 8.73 16.89 -1.56
C ILE A 128 7.89 17.69 -2.52
N LYS A 129 8.25 17.58 -3.80
CA LYS A 129 7.63 18.33 -4.87
C LYS A 129 6.24 17.80 -5.19
N GLU A 130 5.30 18.70 -5.49
CA GLU A 130 3.91 18.34 -5.78
C GLU A 130 3.76 17.46 -7.01
N GLU A 131 4.62 17.61 -8.03
CA GLU A 131 4.62 16.71 -9.19
C GLU A 131 4.91 15.25 -8.77
N HIS A 132 5.84 15.04 -7.83
CA HIS A 132 6.13 13.72 -7.23
C HIS A 132 5.06 13.27 -6.24
N VAL A 133 4.32 14.20 -5.62
CA VAL A 133 3.15 13.88 -4.76
C VAL A 133 2.02 13.31 -5.62
N LYS A 134 1.67 14.03 -6.69
CA LYS A 134 0.66 13.73 -7.68
C LYS A 134 0.93 12.45 -8.44
N ALA A 135 2.06 12.36 -9.15
CA ALA A 135 2.48 11.12 -9.81
C ALA A 135 2.63 9.99 -8.78
N GLY A 136 2.93 10.36 -7.53
CA GLY A 136 2.96 9.39 -6.42
C GLY A 136 1.59 8.75 -6.23
N LYS A 137 0.57 9.59 -6.03
CA LYS A 137 -0.84 9.18 -5.98
C LYS A 137 -1.30 8.47 -7.26
N GLU A 138 -0.82 8.83 -8.44
CA GLU A 138 -1.17 8.21 -9.74
C GLU A 138 -0.55 6.82 -9.99
N LYS A 139 0.57 6.47 -9.33
CA LYS A 139 1.20 5.15 -9.33
C LYS A 139 0.36 4.36 -8.38
N ALA A 140 0.11 4.98 -7.23
CA ALA A 140 -0.29 4.29 -6.08
C ALA A 140 -1.77 3.85 -6.17
N SER A 141 -2.61 4.78 -6.61
CA SER A 141 -3.99 4.53 -7.08
C SER A 141 -4.05 3.66 -8.34
N ASN A 142 -3.00 3.52 -9.15
CA ASN A 142 -3.06 2.48 -10.21
C ASN A 142 -3.06 1.04 -9.62
N LEU A 143 -2.33 0.77 -8.56
CA LEU A 143 -2.35 -0.50 -7.82
C LEU A 143 -3.71 -0.64 -7.17
N PHE A 144 -4.33 0.46 -6.71
CA PHE A 144 -5.71 0.40 -6.23
C PHE A 144 -6.75 0.16 -7.34
N LYS A 145 -6.42 0.50 -8.59
CA LYS A 145 -7.21 0.20 -9.79
C LYS A 145 -6.95 -1.21 -10.30
N LEU A 146 -5.85 -1.86 -9.91
CA LEU A 146 -5.37 -3.01 -10.65
C LEU A 146 -6.11 -4.19 -10.07
N ILE A 147 -6.02 -4.26 -8.73
CA ILE A 147 -6.86 -4.84 -7.71
C ILE A 147 -8.29 -4.38 -7.81
N GLU A 148 -8.69 -3.22 -8.38
CA GLU A 148 -10.13 -3.08 -8.59
C GLU A 148 -10.56 -4.28 -9.36
N THR A 149 -9.93 -4.36 -10.52
CA THR A 149 -10.44 -5.31 -11.43
C THR A 149 -9.84 -6.67 -11.05
N TYR A 150 -8.67 -6.76 -10.37
CA TYR A 150 -8.12 -8.06 -10.02
C TYR A 150 -9.00 -8.70 -8.93
N LEU A 151 -9.51 -7.93 -7.95
CA LEU A 151 -10.27 -8.55 -6.83
C LEU A 151 -11.70 -8.98 -7.24
N LYS A 152 -12.14 -8.37 -8.34
CA LYS A 152 -13.37 -8.50 -9.13
C LYS A 152 -13.34 -9.58 -10.22
N GLY A 153 -12.21 -9.70 -10.91
CA GLY A 153 -12.06 -10.44 -12.16
C GLY A 153 -11.27 -11.73 -12.01
N HIS A 154 -10.75 -11.98 -10.81
CA HIS A 154 -10.38 -13.31 -10.37
C HIS A 154 -11.05 -13.52 -9.01
N PRO A 155 -12.36 -13.18 -8.83
CA PRO A 155 -13.13 -12.96 -7.60
C PRO A 155 -13.31 -14.17 -6.70
N ASP A 156 -12.74 -15.31 -7.04
CA ASP A 156 -12.10 -16.03 -5.95
C ASP A 156 -10.87 -15.32 -5.27
N ALA A 157 -10.70 -14.00 -5.49
CA ALA A 157 -9.40 -13.33 -5.51
C ALA A 157 -8.67 -13.40 -4.16
N TYR A 158 -9.39 -13.07 -3.08
CA TYR A 158 -9.07 -13.43 -1.70
C TYR A 158 -10.31 -14.06 -1.05
N ASN A 159 -10.74 -15.15 -1.69
CA ASN A 159 -11.84 -16.01 -1.28
C ASN A 159 -11.31 -17.06 -0.31
N GLY A 1 4.49 14.47 11.08
CA GLY A 1 5.54 14.46 10.05
C GLY A 1 4.89 14.51 8.70
N VAL A 2 4.69 15.72 8.19
CA VAL A 2 3.94 15.93 6.95
C VAL A 2 4.77 16.57 5.84
N PHE A 3 4.88 15.86 4.72
CA PHE A 3 3.89 16.02 3.66
C PHE A 3 2.72 15.03 3.85
N THR A 4 1.49 15.43 3.53
CA THR A 4 0.28 14.59 3.57
C THR A 4 -0.08 14.16 2.17
N TYR A 5 -0.37 12.88 1.99
CA TYR A 5 -0.99 12.36 0.77
C TYR A 5 -2.37 11.80 1.15
N GLU A 6 -3.35 11.95 0.27
CA GLU A 6 -4.64 11.26 0.35
C GLU A 6 -5.01 10.77 -1.04
N SER A 7 -5.06 9.45 -1.25
CA SER A 7 -5.43 8.83 -2.53
C SER A 7 -6.66 7.96 -2.35
N GLU A 8 -7.60 8.05 -3.30
CA GLU A 8 -8.85 7.29 -3.30
C GLU A 8 -9.12 6.78 -4.72
N PHE A 9 -9.30 5.47 -4.90
CA PHE A 9 -9.64 4.86 -6.20
C PHE A 9 -10.65 3.73 -6.01
N THR A 10 -11.66 3.64 -6.88
CA THR A 10 -12.78 2.73 -6.73
C THR A 10 -12.55 1.39 -7.45
N SER A 11 -13.00 0.26 -6.90
CA SER A 11 -13.25 -0.95 -7.72
C SER A 11 -14.65 -1.50 -7.60
N GLU A 12 -14.92 -2.29 -8.61
CA GLU A 12 -16.06 -3.17 -8.68
C GLU A 12 -15.78 -4.43 -7.84
N ILE A 13 -15.86 -4.32 -6.51
CA ILE A 13 -15.85 -5.39 -5.51
C ILE A 13 -16.41 -4.86 -4.17
N PRO A 14 -17.19 -5.66 -3.42
CA PRO A 14 -17.58 -5.31 -2.05
C PRO A 14 -16.39 -5.14 -1.08
N PRO A 15 -16.42 -4.15 -0.17
CA PRO A 15 -15.28 -3.80 0.68
C PRO A 15 -14.57 -4.94 1.45
N PRO A 16 -15.26 -6.01 1.92
CA PRO A 16 -14.60 -7.12 2.62
C PRO A 16 -13.56 -7.91 1.82
N ARG A 17 -13.85 -8.20 0.54
CA ARG A 17 -12.91 -8.90 -0.36
C ARG A 17 -11.68 -8.05 -0.58
N LEU A 18 -11.89 -6.73 -0.67
CA LEU A 18 -10.81 -5.81 -0.91
C LEU A 18 -9.82 -5.73 0.24
N PHE A 19 -10.32 -5.84 1.46
CA PHE A 19 -9.49 -5.83 2.65
C PHE A 19 -8.63 -7.10 2.77
N LYS A 20 -9.18 -8.29 2.50
CA LYS A 20 -8.38 -9.51 2.32
C LYS A 20 -7.23 -9.31 1.32
N ALA A 21 -7.50 -8.67 0.19
CA ALA A 21 -6.49 -8.42 -0.84
C ALA A 21 -5.42 -7.37 -0.47
N PHE A 22 -5.83 -6.19 -0.01
CA PHE A 22 -4.95 -5.05 0.22
C PHE A 22 -4.13 -5.20 1.51
N VAL A 23 -4.71 -5.83 2.52
CA VAL A 23 -4.16 -5.96 3.87
C VAL A 23 -3.66 -7.38 4.11
N LEU A 24 -4.59 -8.31 4.05
CA LEU A 24 -4.56 -9.58 4.78
C LEU A 24 -3.59 -10.57 4.13
N ASP A 25 -3.76 -10.75 2.83
CA ASP A 25 -2.97 -11.61 1.95
C ASP A 25 -2.16 -10.79 0.94
N ALA A 26 -1.78 -9.55 1.32
CA ALA A 26 -1.21 -8.57 0.42
C ALA A 26 0.09 -9.00 -0.28
N ASP A 27 0.91 -9.89 0.31
CA ASP A 27 2.09 -10.42 -0.39
C ASP A 27 1.73 -11.46 -1.48
N ASN A 28 0.53 -12.02 -1.45
CA ASN A 28 -0.06 -12.73 -2.58
C ASN A 28 -0.62 -11.75 -3.62
N LEU A 29 -1.32 -10.67 -3.22
CA LEU A 29 -1.88 -9.65 -4.14
C LEU A 29 -0.78 -8.81 -4.85
N VAL A 30 0.28 -8.39 -4.16
CA VAL A 30 1.12 -7.23 -4.55
C VAL A 30 1.76 -7.37 -5.92
N PRO A 31 2.56 -8.40 -6.26
CA PRO A 31 3.07 -8.59 -7.62
C PRO A 31 2.00 -9.01 -8.63
N LYS A 32 0.75 -9.31 -8.23
CA LYS A 32 -0.34 -9.38 -9.22
C LYS A 32 -0.78 -8.00 -9.73
N ILE A 33 -0.53 -6.93 -8.96
CA ILE A 33 -1.09 -5.59 -9.19
C ILE A 33 -0.10 -4.42 -9.07
N ALA A 34 1.15 -4.68 -8.70
CA ALA A 34 2.34 -3.86 -8.93
C ALA A 34 3.36 -4.49 -9.92
N PRO A 35 2.95 -5.35 -10.89
CA PRO A 35 3.84 -6.19 -11.71
C PRO A 35 4.80 -5.40 -12.60
N GLN A 36 4.55 -4.12 -12.83
CA GLN A 36 5.39 -3.26 -13.68
C GLN A 36 6.78 -3.03 -13.07
N ALA A 37 6.92 -3.18 -11.74
CA ALA A 37 8.16 -2.86 -11.01
C ALA A 37 8.46 -3.74 -9.78
N ILE A 38 7.47 -4.42 -9.19
CA ILE A 38 7.55 -5.05 -7.85
C ILE A 38 7.37 -6.58 -7.90
N LYS A 39 8.09 -7.31 -7.04
CA LYS A 39 8.42 -8.74 -7.18
C LYS A 39 7.99 -9.66 -6.03
N HIS A 40 8.46 -9.41 -4.81
CA HIS A 40 8.23 -10.22 -3.60
C HIS A 40 8.07 -9.29 -2.38
N SER A 41 7.76 -9.84 -1.19
CA SER A 41 7.48 -9.08 0.05
C SER A 41 7.91 -9.87 1.30
N GLU A 42 8.51 -9.20 2.29
CA GLU A 42 9.21 -9.91 3.42
C GLU A 42 8.61 -9.93 4.87
N ILE A 43 8.54 -11.15 5.35
CA ILE A 43 8.65 -11.29 6.80
C ILE A 43 10.17 -11.26 7.05
N LEU A 44 10.64 -10.03 7.30
CA LEU A 44 11.98 -9.64 7.75
C LEU A 44 11.89 -9.37 9.23
N GLU A 45 10.80 -8.72 9.63
CA GLU A 45 10.24 -9.02 10.96
C GLU A 45 8.90 -9.73 10.79
N GLY A 46 8.35 -10.37 11.83
CA GLY A 46 6.93 -10.65 11.93
C GLY A 46 6.52 -12.05 12.33
N ASP A 47 5.34 -12.11 12.94
CA ASP A 47 4.47 -13.29 13.00
C ASP A 47 3.50 -13.31 11.81
N GLY A 48 3.53 -12.28 10.95
CA GLY A 48 2.61 -12.05 9.83
C GLY A 48 1.50 -11.02 10.09
N GLY A 49 1.25 -10.64 11.35
CA GLY A 49 0.36 -9.53 11.74
C GLY A 49 1.13 -8.22 11.95
N PRO A 50 0.59 -7.27 12.76
CA PRO A 50 1.34 -6.10 13.19
C PRO A 50 2.69 -6.46 13.83
N GLY A 51 3.75 -5.75 13.43
CA GLY A 51 5.17 -6.06 13.71
C GLY A 51 5.93 -6.53 12.46
N THR A 52 5.26 -7.15 11.49
CA THR A 52 5.85 -7.80 10.30
C THR A 52 6.41 -6.81 9.29
N ILE A 53 7.64 -6.97 8.74
CA ILE A 53 8.31 -5.71 8.30
C ILE A 53 8.48 -6.14 6.91
N LYS A 54 7.53 -5.70 6.06
CA LYS A 54 7.31 -6.33 4.78
C LYS A 54 8.11 -5.57 3.78
N LYS A 55 9.16 -6.26 3.35
CA LYS A 55 10.21 -5.62 2.56
C LYS A 55 10.10 -6.13 1.14
N ILE A 56 9.60 -5.24 0.31
CA ILE A 56 9.08 -5.47 -1.03
C ILE A 56 10.24 -5.29 -2.00
N THR A 57 10.57 -6.34 -2.76
CA THR A 57 11.73 -6.30 -3.68
C THR A 57 11.28 -5.86 -5.06
N PHE A 58 12.06 -5.01 -5.71
CA PHE A 58 11.82 -4.53 -7.09
C PHE A 58 12.54 -5.38 -8.13
N GLY A 59 12.22 -5.16 -9.41
CA GLY A 59 12.78 -5.88 -10.56
C GLY A 59 14.29 -5.74 -10.79
N GLU A 60 14.80 -6.45 -11.78
CA GLU A 60 16.23 -6.62 -12.08
C GLU A 60 16.91 -5.36 -12.66
N GLY A 61 16.14 -4.30 -12.95
CA GLY A 61 16.66 -2.99 -13.34
C GLY A 61 17.39 -2.26 -12.20
N SER A 62 17.16 -2.64 -10.94
CA SER A 62 17.85 -2.12 -9.75
C SER A 62 17.73 -0.60 -9.51
N GLN A 63 16.70 0.07 -10.07
CA GLN A 63 16.40 1.49 -9.84
C GLN A 63 15.99 1.80 -8.38
N TYR A 64 15.47 0.81 -7.65
CA TYR A 64 14.90 0.95 -6.30
C TYR A 64 15.52 -0.04 -5.29
N GLY A 65 15.82 -1.27 -5.71
CA GLY A 65 16.25 -2.35 -4.81
C GLY A 65 15.06 -2.89 -4.01
N TYR A 66 14.75 -2.23 -2.90
CA TYR A 66 13.63 -2.59 -2.03
C TYR A 66 12.93 -1.37 -1.42
N VAL A 67 11.74 -1.59 -0.86
CA VAL A 67 11.10 -0.70 0.14
C VAL A 67 10.62 -1.52 1.33
N LYS A 68 10.69 -0.99 2.55
CA LYS A 68 10.46 -1.71 3.80
C LYS A 68 9.24 -1.13 4.49
N HIS A 69 8.16 -1.92 4.58
CA HIS A 69 6.90 -1.61 5.30
C HIS A 69 6.98 -2.23 6.70
N LYS A 70 6.18 -1.78 7.66
CA LYS A 70 5.93 -2.40 8.97
C LYS A 70 4.45 -2.28 9.23
N ILE A 71 3.71 -3.40 9.27
CA ILE A 71 2.30 -3.29 9.66
C ILE A 71 2.27 -2.87 11.14
N ASP A 72 1.50 -1.84 11.47
CA ASP A 72 1.40 -1.28 12.82
C ASP A 72 0.05 -1.61 13.47
N SER A 73 -0.99 -1.75 12.65
CA SER A 73 -2.33 -2.20 13.06
C SER A 73 -2.97 -3.04 11.95
N ILE A 74 -3.66 -4.12 12.32
CA ILE A 74 -4.64 -4.80 11.46
C ILE A 74 -5.91 -5.01 12.27
N ASP A 75 -6.96 -4.32 11.87
CA ASP A 75 -8.26 -4.32 12.55
C ASP A 75 -9.42 -4.35 11.55
N LYS A 76 -9.74 -5.56 11.06
CA LYS A 76 -10.70 -5.82 9.97
C LYS A 76 -12.12 -5.34 10.29
N GLU A 77 -12.60 -5.41 11.53
CA GLU A 77 -13.95 -4.95 11.91
C GLU A 77 -14.03 -3.42 12.08
N ASN A 78 -12.92 -2.75 12.38
CA ASN A 78 -12.77 -1.30 12.22
C ASN A 78 -12.48 -0.93 10.74
N HIS A 79 -12.09 -1.93 9.94
CA HIS A 79 -11.89 -1.94 8.49
C HIS A 79 -10.86 -0.93 7.96
N SER A 80 -9.93 -0.52 8.82
CA SER A 80 -8.70 0.17 8.45
C SER A 80 -7.45 -0.69 8.68
N TYR A 81 -6.35 -0.27 8.07
CA TYR A 81 -5.04 -0.94 8.06
C TYR A 81 -3.95 0.10 8.22
N SER A 82 -3.21 0.07 9.33
CA SER A 82 -2.12 1.01 9.58
C SER A 82 -0.76 0.36 9.30
N TYR A 83 0.10 1.03 8.55
CA TYR A 83 1.50 0.63 8.36
C TYR A 83 2.46 1.81 8.30
N THR A 84 3.65 1.61 8.85
CA THR A 84 4.80 2.50 8.68
C THR A 84 5.64 2.04 7.50
N LEU A 85 6.36 2.95 6.87
CA LEU A 85 7.31 2.69 5.80
C LEU A 85 8.65 3.33 6.23
N ILE A 86 9.67 2.49 6.38
CA ILE A 86 10.83 2.72 7.28
C ILE A 86 12.18 2.77 6.56
N GLU A 87 12.34 2.00 5.47
CA GLU A 87 13.64 1.88 4.79
C GLU A 87 13.52 1.58 3.29
N GLY A 88 14.61 1.81 2.53
CA GLY A 88 14.74 1.48 1.11
C GLY A 88 14.81 2.71 0.20
N ASP A 89 14.65 2.53 -1.12
CA ASP A 89 14.62 3.65 -2.08
C ASP A 89 13.58 4.72 -1.68
N ALA A 90 12.42 4.27 -1.21
CA ALA A 90 11.31 5.12 -0.80
C ALA A 90 11.61 6.01 0.41
N LEU A 91 12.71 5.80 1.15
CA LEU A 91 13.22 6.79 2.10
C LEU A 91 14.41 7.59 1.55
N GLY A 92 15.22 7.01 0.65
CA GLY A 92 16.20 7.68 -0.23
C GLY A 92 17.13 8.79 0.31
N ASP A 93 17.25 9.01 1.63
CA ASP A 93 17.74 10.25 2.26
C ASP A 93 16.83 11.48 2.00
N ASN A 94 15.70 11.30 1.32
CA ASN A 94 14.62 12.29 1.22
C ASN A 94 13.75 12.29 2.50
N LEU A 95 13.67 11.13 3.15
CA LEU A 95 12.58 10.68 4.01
C LEU A 95 13.16 9.93 5.21
N GLU A 96 12.64 10.24 6.40
CA GLU A 96 13.06 9.62 7.68
C GLU A 96 12.13 8.45 8.05
N LYS A 97 10.84 8.59 7.75
CA LYS A 97 9.81 7.53 7.67
C LYS A 97 8.53 8.06 7.04
N ILE A 98 7.58 7.19 6.74
CA ILE A 98 6.24 7.55 6.29
C ILE A 98 5.21 6.72 7.04
N SER A 99 4.20 7.36 7.61
CA SER A 99 3.02 6.67 8.15
C SER A 99 1.93 6.57 7.07
N TYR A 100 1.20 5.45 7.00
CA TYR A 100 0.01 5.24 6.17
C TYR A 100 -1.13 4.66 7.03
N GLU A 101 -2.35 5.18 6.87
CA GLU A 101 -3.57 4.42 7.17
C GLU A 101 -4.43 4.26 5.92
N THR A 102 -4.74 3.01 5.61
CA THR A 102 -5.68 2.57 4.58
C THR A 102 -7.07 2.36 5.17
N LYS A 103 -8.13 2.70 4.42
CA LYS A 103 -9.52 2.30 4.65
C LYS A 103 -10.23 2.01 3.34
N LEU A 104 -11.05 0.97 3.36
CA LEU A 104 -11.66 0.36 2.16
C LEU A 104 -13.17 0.45 2.35
N VAL A 105 -13.79 1.46 1.76
CA VAL A 105 -15.15 1.94 2.10
C VAL A 105 -16.11 1.60 0.95
N ALA A 106 -17.43 1.65 1.15
CA ALA A 106 -18.40 1.60 0.04
C ALA A 106 -18.58 3.01 -0.51
N SER A 107 -18.52 3.21 -1.82
CA SER A 107 -18.77 4.53 -2.40
C SER A 107 -20.26 4.91 -2.26
N PRO A 108 -20.62 6.21 -2.25
CA PRO A 108 -21.98 6.62 -1.88
C PRO A 108 -23.12 6.05 -2.75
N SER A 109 -22.87 5.75 -4.04
CA SER A 109 -23.81 4.99 -4.89
C SER A 109 -23.35 3.62 -5.39
N GLY A 110 -22.05 3.28 -5.29
CA GLY A 110 -21.40 2.29 -6.16
C GLY A 110 -20.46 1.31 -5.46
N GLY A 111 -19.39 0.92 -6.16
CA GLY A 111 -18.38 -0.04 -5.70
C GLY A 111 -17.52 0.52 -4.58
N SER A 112 -16.39 -0.09 -4.27
CA SER A 112 -15.66 0.21 -3.03
C SER A 112 -14.48 1.16 -3.28
N ILE A 113 -14.39 2.18 -2.43
CA ILE A 113 -13.33 3.19 -2.38
C ILE A 113 -12.12 2.58 -1.67
N ILE A 114 -11.07 2.27 -2.43
CA ILE A 114 -9.75 1.89 -1.93
C ILE A 114 -9.01 3.17 -1.59
N LYS A 115 -8.94 3.51 -0.30
CA LYS A 115 -8.42 4.80 0.15
C LYS A 115 -7.23 4.63 1.09
N SER A 116 -6.24 5.49 0.93
CA SER A 116 -5.06 5.55 1.78
C SER A 116 -4.64 6.99 2.07
N THR A 117 -4.38 7.31 3.34
CA THR A 117 -3.99 8.65 3.80
C THR A 117 -2.70 8.56 4.61
N SER A 118 -1.72 9.40 4.29
CA SER A 118 -0.32 9.14 4.62
C SER A 118 0.43 10.40 5.05
N HIS A 119 1.33 10.30 6.03
CA HIS A 119 2.12 11.41 6.60
C HIS A 119 3.62 11.14 6.50
N TYR A 120 4.28 11.99 5.72
CA TYR A 120 5.64 11.77 5.33
C TYR A 120 6.49 12.61 6.26
N HIS A 121 7.12 11.91 7.20
CA HIS A 121 8.20 12.47 8.02
C HIS A 121 9.46 12.62 7.14
N THR A 122 9.72 13.82 6.63
CA THR A 122 10.86 14.06 5.73
C THR A 122 12.18 14.22 6.50
N LYS A 123 13.29 13.93 5.82
CA LYS A 123 14.63 13.84 6.41
C LYS A 123 15.23 15.24 6.54
N GLY A 124 15.58 15.67 7.76
CA GLY A 124 16.02 17.04 8.05
C GLY A 124 15.05 18.10 7.54
N ASP A 125 15.49 18.89 6.56
CA ASP A 125 14.70 19.86 5.79
C ASP A 125 14.77 19.57 4.29
N VAL A 126 14.60 18.29 3.95
CA VAL A 126 13.96 17.91 2.67
C VAL A 126 12.47 18.23 2.76
N GLU A 127 11.94 18.90 1.75
CA GLU A 127 10.51 18.91 1.42
C GLU A 127 10.21 18.16 0.12
N ILE A 128 9.02 17.53 0.05
CA ILE A 128 8.59 16.74 -1.11
C ILE A 128 7.67 17.55 -2.01
N LYS A 129 7.97 17.49 -3.30
CA LYS A 129 7.39 18.35 -4.33
C LYS A 129 6.01 17.86 -4.75
N GLU A 130 5.12 18.77 -5.11
CA GLU A 130 3.76 18.42 -5.50
C GLU A 130 3.69 17.53 -6.75
N GLU A 131 4.59 17.71 -7.72
CA GLU A 131 4.67 16.84 -8.89
C GLU A 131 5.02 15.38 -8.51
N HIS A 132 5.81 15.17 -7.45
CA HIS A 132 6.07 13.84 -6.87
C HIS A 132 4.95 13.37 -5.92
N VAL A 133 4.23 14.27 -5.24
CA VAL A 133 3.01 13.93 -4.48
C VAL A 133 1.95 13.35 -5.43
N LYS A 134 1.69 14.06 -6.53
CA LYS A 134 0.80 13.71 -7.63
C LYS A 134 1.19 12.40 -8.31
N ALA A 135 2.43 12.29 -8.80
CA ALA A 135 2.95 11.03 -9.35
C ALA A 135 2.84 9.90 -8.33
N GLY A 136 2.91 10.28 -7.05
CA GLY A 136 2.85 9.35 -5.92
C GLY A 136 1.46 8.72 -5.81
N LYS A 137 0.44 9.57 -5.80
CA LYS A 137 -0.98 9.20 -5.82
C LYS A 137 -1.36 8.50 -7.14
N GLU A 138 -0.77 8.90 -8.25
CA GLU A 138 -0.90 8.32 -9.60
C GLU A 138 -0.19 6.97 -9.83
N LYS A 139 0.84 6.62 -9.05
CA LYS A 139 1.50 5.32 -9.03
C LYS A 139 0.55 4.47 -8.27
N ALA A 140 0.18 4.99 -7.10
CA ALA A 140 -0.39 4.17 -6.13
C ALA A 140 -1.83 3.78 -6.50
N SER A 141 -2.59 4.75 -7.04
CA SER A 141 -3.84 4.51 -7.77
C SER A 141 -3.70 3.69 -9.05
N ASN A 142 -2.53 3.54 -9.69
CA ASN A 142 -2.40 2.45 -10.70
C ASN A 142 -2.57 1.06 -10.07
N LEU A 143 -1.87 0.75 -8.98
CA LEU A 143 -2.00 -0.51 -8.27
C LEU A 143 -3.38 -0.61 -7.69
N PHE A 144 -3.98 0.49 -7.23
CA PHE A 144 -5.36 0.43 -6.77
C PHE A 144 -6.39 0.23 -7.90
N LYS A 145 -6.04 0.57 -9.14
CA LYS A 145 -6.79 0.23 -10.34
C LYS A 145 -6.51 -1.18 -10.81
N LEU A 146 -5.41 -1.82 -10.39
CA LEU A 146 -4.96 -3.00 -11.11
C LEU A 146 -5.73 -4.16 -10.52
N ILE A 147 -5.67 -4.21 -9.19
CA ILE A 147 -6.55 -4.77 -8.19
C ILE A 147 -7.96 -4.28 -8.30
N GLU A 148 -8.34 -3.09 -8.84
CA GLU A 148 -9.77 -2.90 -9.05
C GLU A 148 -10.20 -4.08 -9.86
N THR A 149 -9.58 -4.16 -11.02
CA THR A 149 -10.12 -5.09 -11.94
C THR A 149 -9.53 -6.47 -11.59
N TYR A 150 -8.39 -6.62 -10.88
CA TYR A 150 -7.95 -7.97 -10.52
C TYR A 150 -8.92 -8.57 -9.50
N LEU A 151 -9.35 -7.79 -8.48
CA LEU A 151 -10.14 -8.39 -7.39
C LEU A 151 -11.56 -8.79 -7.83
N LYS A 152 -11.97 -8.15 -8.92
CA LYS A 152 -13.17 -8.23 -9.75
C LYS A 152 -13.10 -9.28 -10.86
N GLY A 153 -11.96 -9.42 -11.50
CA GLY A 153 -11.79 -10.10 -12.79
C GLY A 153 -11.06 -11.43 -12.68
N HIS A 154 -10.53 -11.72 -11.49
CA HIS A 154 -10.24 -13.07 -11.08
C HIS A 154 -10.93 -13.31 -9.74
N PRO A 155 -12.22 -12.94 -9.56
CA PRO A 155 -13.02 -12.77 -8.33
C PRO A 155 -13.25 -14.01 -7.51
N ASP A 156 -12.68 -15.14 -7.88
CA ASP A 156 -12.06 -15.90 -6.82
C ASP A 156 -10.84 -15.23 -6.10
N ALA A 157 -10.62 -13.91 -6.26
CA ALA A 157 -9.30 -13.28 -6.25
C ALA A 157 -8.59 -13.40 -4.91
N TYR A 158 -9.30 -13.11 -3.82
CA TYR A 158 -8.99 -13.55 -2.45
C TYR A 158 -10.21 -14.25 -1.84
N ASN A 159 -10.68 -15.25 -2.61
CA ASN A 159 -11.72 -16.21 -2.26
C ASN A 159 -11.15 -17.34 -1.41
N GLY A 1 6.10 14.61 10.88
CA GLY A 1 6.62 14.17 9.57
C GLY A 1 5.56 14.15 8.49
N VAL A 2 5.14 15.33 8.05
CA VAL A 2 4.32 15.50 6.86
C VAL A 2 5.01 16.31 5.78
N PHE A 3 5.23 15.64 4.66
CA PHE A 3 4.29 15.80 3.54
C PHE A 3 3.16 14.75 3.70
N THR A 4 1.93 15.08 3.33
CA THR A 4 0.78 14.17 3.34
C THR A 4 0.38 13.78 1.92
N TYR A 5 0.10 12.51 1.71
CA TYR A 5 -0.64 12.01 0.54
C TYR A 5 -1.97 11.43 1.06
N GLU A 6 -3.06 11.61 0.31
CA GLU A 6 -4.28 10.81 0.43
C GLU A 6 -4.64 10.27 -0.95
N SER A 7 -4.58 8.95 -1.10
CA SER A 7 -5.05 8.24 -2.29
C SER A 7 -6.54 7.89 -2.17
N GLU A 8 -7.31 8.06 -3.24
CA GLU A 8 -8.67 7.53 -3.39
C GLU A 8 -8.85 6.95 -4.80
N PHE A 9 -9.15 5.65 -4.94
CA PHE A 9 -9.45 5.05 -6.25
C PHE A 9 -10.40 3.85 -6.16
N THR A 10 -11.32 3.71 -7.12
CA THR A 10 -12.45 2.78 -7.08
C THR A 10 -12.13 1.42 -7.74
N SER A 11 -12.68 0.30 -7.24
CA SER A 11 -13.01 -0.84 -8.11
C SER A 11 -14.43 -1.31 -7.94
N GLU A 12 -14.82 -2.03 -8.97
CA GLU A 12 -16.00 -2.84 -9.00
C GLU A 12 -15.71 -4.18 -8.28
N ILE A 13 -15.76 -4.13 -6.94
CA ILE A 13 -15.74 -5.23 -5.96
C ILE A 13 -16.22 -4.64 -4.62
N PRO A 14 -16.97 -5.36 -3.76
CA PRO A 14 -17.35 -4.87 -2.44
C PRO A 14 -16.15 -4.76 -1.47
N PRO A 15 -16.20 -3.87 -0.46
CA PRO A 15 -15.06 -3.61 0.42
C PRO A 15 -14.34 -4.83 1.04
N PRO A 16 -15.02 -5.93 1.46
CA PRO A 16 -14.36 -7.06 2.12
C PRO A 16 -13.31 -7.80 1.29
N ARG A 17 -13.61 -8.04 0.01
CA ARG A 17 -12.71 -8.74 -0.92
C ARG A 17 -11.51 -7.88 -1.19
N LEU A 18 -11.73 -6.57 -1.28
CA LEU A 18 -10.63 -5.64 -1.50
C LEU A 18 -9.68 -5.62 -0.32
N PHE A 19 -10.22 -5.71 0.89
CA PHE A 19 -9.45 -5.69 2.13
C PHE A 19 -8.63 -6.97 2.32
N LYS A 20 -9.12 -8.13 1.89
CA LYS A 20 -8.24 -9.30 1.80
C LYS A 20 -7.06 -9.05 0.87
N ALA A 21 -7.32 -8.56 -0.33
CA ALA A 21 -6.31 -8.30 -1.35
C ALA A 21 -5.26 -7.24 -0.97
N PHE A 22 -5.72 -6.14 -0.35
CA PHE A 22 -4.90 -4.96 -0.06
C PHE A 22 -4.21 -5.03 1.32
N VAL A 23 -4.76 -5.80 2.26
CA VAL A 23 -4.22 -6.01 3.61
C VAL A 23 -3.53 -7.36 3.69
N LEU A 24 -4.33 -8.42 3.80
CA LEU A 24 -3.88 -9.68 4.36
C LEU A 24 -3.12 -10.56 3.36
N ASP A 25 -3.49 -10.50 2.07
CA ASP A 25 -2.87 -11.20 0.94
C ASP A 25 -2.10 -10.28 -0.03
N ALA A 26 -1.72 -9.08 0.41
CA ALA A 26 -0.97 -8.13 -0.43
C ALA A 26 0.36 -8.70 -0.95
N ASP A 27 1.02 -9.61 -0.24
CA ASP A 27 2.20 -10.33 -0.76
C ASP A 27 1.91 -11.16 -2.02
N ASN A 28 0.68 -11.70 -2.15
CA ASN A 28 0.25 -12.42 -3.34
C ASN A 28 -0.44 -11.52 -4.38
N LEU A 29 -1.19 -10.49 -3.96
CA LEU A 29 -1.82 -9.52 -4.86
C LEU A 29 -0.73 -8.67 -5.57
N VAL A 30 0.28 -8.17 -4.87
CA VAL A 30 1.08 -7.03 -5.33
C VAL A 30 1.85 -7.34 -6.62
N PRO A 31 2.66 -8.39 -6.81
CA PRO A 31 3.19 -8.73 -8.13
C PRO A 31 2.15 -9.19 -9.16
N LYS A 32 0.88 -9.40 -8.82
CA LYS A 32 -0.17 -9.48 -9.88
C LYS A 32 -0.58 -8.10 -10.42
N ILE A 33 -0.37 -7.02 -9.65
CA ILE A 33 -0.90 -5.68 -9.96
C ILE A 33 0.11 -4.52 -9.88
N ALA A 34 1.35 -4.81 -9.49
CA ALA A 34 2.60 -4.06 -9.66
C ALA A 34 3.65 -4.88 -10.45
N PRO A 35 3.24 -5.73 -11.43
CA PRO A 35 4.11 -6.72 -12.08
C PRO A 35 5.31 -6.13 -12.83
N GLN A 36 5.18 -4.87 -13.26
CA GLN A 36 6.17 -4.12 -14.04
C GLN A 36 7.47 -3.87 -13.26
N ALA A 37 7.44 -4.00 -11.92
CA ALA A 37 8.55 -3.67 -11.03
C ALA A 37 8.73 -4.66 -9.87
N ILE A 38 7.66 -5.13 -9.21
CA ILE A 38 7.77 -5.88 -7.94
C ILE A 38 7.97 -7.39 -8.16
N LYS A 39 8.82 -8.00 -7.31
CA LYS A 39 9.25 -9.40 -7.36
C LYS A 39 8.68 -10.29 -6.25
N HIS A 40 8.98 -9.97 -4.99
CA HIS A 40 8.80 -10.81 -3.79
C HIS A 40 8.49 -9.94 -2.56
N SER A 41 8.19 -10.51 -1.39
CA SER A 41 7.79 -9.78 -0.17
C SER A 41 8.15 -10.53 1.12
N GLU A 42 8.73 -9.84 2.12
CA GLU A 42 9.31 -10.51 3.32
C GLU A 42 8.65 -10.43 4.73
N ILE A 43 8.48 -11.62 5.26
CA ILE A 43 8.46 -11.72 6.70
C ILE A 43 9.95 -11.76 7.09
N LEU A 44 10.51 -10.54 7.19
CA LEU A 44 11.86 -10.18 7.66
C LEU A 44 11.77 -9.89 9.14
N GLU A 45 10.66 -9.25 9.50
CA GLU A 45 10.06 -9.52 10.81
C GLU A 45 8.64 -10.08 10.62
N GLY A 46 8.03 -10.63 11.68
CA GLY A 46 6.61 -10.89 11.80
C GLY A 46 6.22 -12.35 12.07
N ASP A 47 4.94 -12.53 12.33
CA ASP A 47 4.25 -13.77 11.95
C ASP A 47 3.16 -13.49 10.91
N GLY A 48 3.30 -12.38 10.19
CA GLY A 48 2.31 -11.92 9.19
C GLY A 48 1.23 -10.99 9.72
N GLY A 49 1.18 -10.72 11.03
CA GLY A 49 0.34 -9.66 11.62
C GLY A 49 1.05 -8.31 11.68
N PRO A 50 0.56 -7.36 12.47
CA PRO A 50 1.32 -6.18 12.89
C PRO A 50 2.70 -6.56 13.44
N GLY A 51 3.72 -5.78 13.06
CA GLY A 51 5.15 -6.05 13.26
C GLY A 51 5.88 -6.61 12.03
N THR A 52 5.17 -7.25 11.09
CA THR A 52 5.76 -7.99 9.95
C THR A 52 6.40 -7.05 8.92
N ILE A 53 7.64 -7.28 8.41
CA ILE A 53 8.36 -6.08 7.92
C ILE A 53 8.62 -6.62 6.57
N LYS A 54 7.74 -6.23 5.65
CA LYS A 54 7.53 -6.88 4.37
C LYS A 54 8.40 -6.15 3.41
N LYS A 55 9.54 -6.82 3.21
CA LYS A 55 10.60 -6.25 2.41
C LYS A 55 10.47 -6.80 1.01
N ILE A 56 10.06 -5.91 0.13
CA ILE A 56 9.68 -6.19 -1.24
C ILE A 56 10.92 -6.03 -2.09
N THR A 57 11.23 -7.09 -2.85
CA THR A 57 12.34 -7.03 -3.81
C THR A 57 11.78 -6.54 -5.15
N PHE A 58 12.49 -5.66 -5.84
CA PHE A 58 12.15 -5.28 -7.22
C PHE A 58 12.93 -6.13 -8.24
N GLY A 59 12.44 -6.17 -9.49
CA GLY A 59 13.01 -6.97 -10.56
C GLY A 59 14.36 -6.49 -11.10
N GLU A 60 14.84 -7.15 -12.15
CA GLU A 60 16.19 -6.99 -12.70
C GLU A 60 16.48 -5.60 -13.28
N GLY A 61 15.45 -4.78 -13.58
CA GLY A 61 15.58 -3.42 -14.12
C GLY A 61 16.45 -2.46 -13.27
N SER A 62 16.77 -2.82 -12.03
CA SER A 62 17.78 -2.17 -11.18
C SER A 62 17.53 -0.66 -10.98
N GLN A 63 16.26 -0.28 -10.87
CA GLN A 63 15.78 1.09 -10.62
C GLN A 63 15.55 1.38 -9.13
N TYR A 64 15.54 0.36 -8.26
CA TYR A 64 15.11 0.45 -6.87
C TYR A 64 15.96 -0.40 -5.91
N GLY A 65 16.20 -1.69 -6.21
CA GLY A 65 16.75 -2.66 -5.27
C GLY A 65 15.64 -3.32 -4.46
N TYR A 66 15.42 -2.83 -3.24
CA TYR A 66 14.34 -3.25 -2.34
C TYR A 66 13.58 -2.03 -1.78
N VAL A 67 12.41 -2.30 -1.18
CA VAL A 67 11.73 -1.39 -0.25
C VAL A 67 11.21 -2.18 0.94
N LYS A 68 11.23 -1.59 2.13
CA LYS A 68 10.90 -2.25 3.39
C LYS A 68 9.59 -1.68 3.91
N HIS A 69 8.54 -2.50 3.93
CA HIS A 69 7.20 -2.15 4.45
C HIS A 69 7.04 -2.72 5.86
N LYS A 70 6.12 -2.22 6.68
CA LYS A 70 5.72 -2.80 7.96
C LYS A 70 4.21 -2.71 8.12
N ILE A 71 3.56 -3.75 8.62
CA ILE A 71 2.18 -3.58 9.11
C ILE A 71 2.20 -3.12 10.56
N ASP A 72 1.36 -2.16 10.92
CA ASP A 72 1.30 -1.50 12.22
C ASP A 72 -0.02 -1.81 12.96
N SER A 73 -1.12 -2.05 12.25
CA SER A 73 -2.39 -2.61 12.76
C SER A 73 -3.15 -3.36 11.66
N ILE A 74 -3.82 -4.47 12.00
CA ILE A 74 -4.74 -5.20 11.12
C ILE A 74 -6.03 -5.49 11.87
N ASP A 75 -7.09 -4.77 11.53
CA ASP A 75 -8.44 -5.05 12.05
C ASP A 75 -9.51 -4.92 10.96
N LYS A 76 -9.88 -6.05 10.33
CA LYS A 76 -10.98 -6.15 9.34
C LYS A 76 -12.27 -5.53 9.87
N GLU A 77 -12.58 -5.78 11.15
CA GLU A 77 -13.84 -5.35 11.77
C GLU A 77 -13.90 -3.84 12.04
N ASN A 78 -12.75 -3.22 12.28
CA ASN A 78 -12.62 -1.76 12.32
C ASN A 78 -12.55 -1.15 10.90
N HIS A 79 -12.32 -2.01 9.90
CA HIS A 79 -12.25 -1.74 8.45
C HIS A 79 -11.13 -0.81 7.98
N SER A 80 -10.06 -0.71 8.77
CA SER A 80 -8.83 -0.02 8.40
C SER A 80 -7.57 -0.84 8.68
N TYR A 81 -6.48 -0.45 8.04
CA TYR A 81 -5.18 -1.13 8.05
C TYR A 81 -4.07 -0.09 8.18
N SER A 82 -3.38 -0.10 9.33
CA SER A 82 -2.28 0.81 9.64
C SER A 82 -0.96 0.14 9.30
N TYR A 83 -0.05 0.92 8.72
CA TYR A 83 1.05 0.44 7.89
C TYR A 83 2.19 1.48 7.81
N THR A 84 3.38 1.06 7.40
CA THR A 84 4.60 1.89 7.38
C THR A 84 5.52 1.48 6.24
N LEU A 85 6.34 2.40 5.75
CA LEU A 85 7.45 2.16 4.84
C LEU A 85 8.70 2.82 5.47
N ILE A 86 9.73 2.01 5.71
CA ILE A 86 10.80 2.28 6.69
C ILE A 86 12.20 2.35 6.09
N GLU A 87 12.47 1.57 5.04
CA GLU A 87 13.82 1.47 4.46
C GLU A 87 13.83 1.14 2.95
N GLY A 88 14.95 1.34 2.26
CA GLY A 88 15.17 0.98 0.86
C GLY A 88 15.00 2.14 -0.11
N ASP A 89 14.71 1.86 -1.39
CA ASP A 89 14.61 2.87 -2.47
C ASP A 89 13.80 4.11 -2.08
N ALA A 90 12.55 3.91 -1.65
CA ALA A 90 11.60 5.01 -1.51
C ALA A 90 11.96 5.98 -0.37
N LEU A 91 12.79 5.55 0.60
CA LEU A 91 13.36 6.48 1.61
C LEU A 91 14.55 7.27 1.04
N GLY A 92 15.28 6.73 0.06
CA GLY A 92 16.27 7.38 -0.81
C GLY A 92 17.29 8.36 -0.19
N ASP A 93 17.45 8.44 1.13
CA ASP A 93 18.08 9.56 1.86
C ASP A 93 17.35 10.92 1.65
N ASN A 94 16.11 10.89 1.15
CA ASN A 94 15.16 12.01 1.11
C ASN A 94 14.15 11.93 2.29
N LEU A 95 13.96 10.73 2.82
CA LEU A 95 12.85 10.29 3.65
C LEU A 95 13.38 9.49 4.83
N GLU A 96 12.86 9.77 6.03
CA GLU A 96 13.21 9.12 7.30
C GLU A 96 12.25 7.96 7.63
N LYS A 97 10.95 8.11 7.28
CA LYS A 97 9.95 7.03 7.13
C LYS A 97 8.67 7.57 6.50
N ILE A 98 7.76 6.67 6.13
CA ILE A 98 6.42 7.03 5.63
C ILE A 98 5.40 6.20 6.40
N SER A 99 4.56 6.85 7.19
CA SER A 99 3.41 6.21 7.84
C SER A 99 2.22 6.12 6.87
N TYR A 100 1.29 5.20 7.12
CA TYR A 100 0.05 4.99 6.37
C TYR A 100 -1.10 4.61 7.32
N GLU A 101 -2.33 4.97 6.95
CA GLU A 101 -3.52 4.17 7.24
C GLU A 101 -4.40 4.08 5.99
N THR A 102 -4.87 2.88 5.68
CA THR A 102 -5.83 2.61 4.61
C THR A 102 -7.22 2.33 5.16
N LYS A 103 -8.25 2.87 4.52
CA LYS A 103 -9.65 2.42 4.58
C LYS A 103 -10.19 2.05 3.21
N LEU A 104 -10.96 0.98 3.13
CA LEU A 104 -11.56 0.49 1.88
C LEU A 104 -13.08 0.65 2.04
N VAL A 105 -13.64 1.63 1.33
CA VAL A 105 -14.93 2.29 1.60
C VAL A 105 -15.91 2.03 0.45
N ALA A 106 -17.19 2.38 0.56
CA ALA A 106 -18.16 2.27 -0.54
C ALA A 106 -18.33 3.64 -1.21
N SER A 107 -18.35 3.68 -2.54
CA SER A 107 -18.72 4.89 -3.28
C SER A 107 -20.24 4.97 -3.48
N PRO A 108 -20.87 6.16 -3.41
CA PRO A 108 -22.32 6.27 -3.29
C PRO A 108 -23.14 5.72 -4.47
N SER A 109 -22.67 5.82 -5.72
CA SER A 109 -23.29 5.19 -6.90
C SER A 109 -22.45 4.10 -7.59
N GLY A 110 -21.19 3.90 -7.21
CA GLY A 110 -20.25 3.03 -7.92
C GLY A 110 -19.76 1.89 -7.04
N GLY A 111 -18.52 1.45 -7.28
CA GLY A 111 -17.90 0.34 -6.56
C GLY A 111 -17.32 0.80 -5.22
N SER A 112 -16.25 0.14 -4.74
CA SER A 112 -15.57 0.44 -3.48
C SER A 112 -14.31 1.26 -3.70
N ILE A 113 -14.14 2.31 -2.89
CA ILE A 113 -12.96 3.18 -2.85
C ILE A 113 -11.85 2.51 -2.03
N ILE A 114 -10.76 2.13 -2.68
CA ILE A 114 -9.46 1.86 -2.05
C ILE A 114 -8.86 3.21 -1.66
N LYS A 115 -8.77 3.52 -0.36
CA LYS A 115 -8.37 4.85 0.11
C LYS A 115 -7.26 4.77 1.15
N SER A 116 -6.15 5.49 0.94
CA SER A 116 -4.95 5.40 1.78
C SER A 116 -4.28 6.75 2.04
N THR A 117 -4.29 7.18 3.32
CA THR A 117 -3.63 8.42 3.78
C THR A 117 -2.28 8.11 4.42
N SER A 118 -1.26 8.92 4.11
CA SER A 118 0.13 8.66 4.48
C SER A 118 0.90 9.93 4.83
N HIS A 119 1.70 9.90 5.91
CA HIS A 119 2.52 11.02 6.41
C HIS A 119 4.02 10.75 6.23
N TYR A 120 4.65 11.63 5.48
CA TYR A 120 5.97 11.38 4.98
C TYR A 120 6.88 12.16 5.90
N HIS A 121 7.53 11.40 6.76
CA HIS A 121 8.60 11.93 7.63
C HIS A 121 9.85 12.12 6.79
N THR A 122 10.12 13.35 6.36
CA THR A 122 11.23 13.67 5.47
C THR A 122 12.57 13.80 6.21
N LYS A 123 13.67 13.52 5.50
CA LYS A 123 15.02 13.33 6.06
C LYS A 123 15.75 14.67 6.13
N GLY A 124 16.10 15.14 7.33
CA GLY A 124 16.65 16.47 7.52
C GLY A 124 15.65 17.55 7.13
N ASP A 125 15.78 18.12 5.94
CA ASP A 125 14.82 19.08 5.36
C ASP A 125 14.62 18.92 3.86
N VAL A 126 14.71 17.67 3.40
CA VAL A 126 14.49 17.31 2.00
C VAL A 126 13.00 17.25 1.68
N GLU A 127 12.47 18.33 1.13
CA GLU A 127 11.03 18.49 0.87
C GLU A 127 10.55 17.71 -0.37
N ILE A 128 9.45 16.96 -0.26
CA ILE A 128 8.89 16.19 -1.38
C ILE A 128 8.03 17.08 -2.27
N LYS A 129 8.34 17.04 -3.57
CA LYS A 129 7.71 17.85 -4.60
C LYS A 129 6.32 17.35 -4.99
N GLU A 130 5.40 18.26 -5.28
CA GLU A 130 4.01 17.92 -5.63
C GLU A 130 3.92 17.08 -6.92
N GLU A 131 4.87 17.22 -7.84
CA GLU A 131 4.98 16.35 -9.01
C GLU A 131 5.16 14.87 -8.62
N HIS A 132 5.99 14.60 -7.59
CA HIS A 132 6.19 13.26 -7.01
C HIS A 132 5.03 12.82 -6.11
N VAL A 133 4.30 13.76 -5.51
CA VAL A 133 3.03 13.46 -4.80
C VAL A 133 1.99 12.95 -5.81
N LYS A 134 1.82 13.69 -6.90
CA LYS A 134 0.89 13.39 -8.00
C LYS A 134 1.27 12.12 -8.74
N ALA A 135 2.45 12.04 -9.36
CA ALA A 135 2.93 10.81 -9.99
C ALA A 135 2.96 9.66 -8.98
N GLY A 136 3.09 9.99 -7.70
CA GLY A 136 3.01 9.02 -6.61
C GLY A 136 1.62 8.39 -6.52
N LYS A 137 0.58 9.23 -6.42
CA LYS A 137 -0.83 8.83 -6.45
C LYS A 137 -1.25 8.17 -7.76
N GLU A 138 -0.78 8.66 -8.90
CA GLU A 138 -1.14 8.32 -10.29
C GLU A 138 -0.47 7.04 -10.84
N LYS A 139 0.67 6.62 -10.28
CA LYS A 139 1.36 5.37 -10.55
C LYS A 139 0.59 4.38 -9.73
N ALA A 140 0.47 4.73 -8.45
CA ALA A 140 0.07 3.77 -7.51
C ALA A 140 -1.42 3.43 -7.65
N SER A 141 -2.24 4.42 -8.01
CA SER A 141 -3.60 4.22 -8.49
C SER A 141 -3.70 3.46 -9.82
N ASN A 142 -2.65 3.35 -10.67
CA ASN A 142 -2.71 2.32 -11.74
C ASN A 142 -2.78 0.89 -11.16
N LEU A 143 -1.98 0.60 -10.15
CA LEU A 143 -1.81 -0.70 -9.49
C LEU A 143 -2.98 -0.91 -8.53
N PHE A 144 -3.63 0.17 -8.06
CA PHE A 144 -4.95 0.13 -7.43
C PHE A 144 -6.13 0.04 -8.42
N LYS A 145 -5.92 0.37 -9.70
CA LYS A 145 -6.83 0.12 -10.83
C LYS A 145 -6.64 -1.26 -11.43
N LEU A 146 -5.51 -1.93 -11.17
CA LEU A 146 -5.15 -3.08 -11.99
C LEU A 146 -5.92 -4.22 -11.35
N ILE A 147 -5.72 -4.36 -10.05
CA ILE A 147 -6.55 -4.89 -8.97
C ILE A 147 -7.96 -4.36 -9.03
N GLU A 148 -8.33 -3.17 -9.54
CA GLU A 148 -9.77 -2.94 -9.64
C GLU A 148 -10.32 -4.08 -10.42
N THR A 149 -9.79 -4.16 -11.63
CA THR A 149 -10.38 -5.10 -12.51
C THR A 149 -9.79 -6.48 -12.22
N TYR A 150 -8.60 -6.64 -11.59
CA TYR A 150 -8.08 -7.96 -11.29
C TYR A 150 -8.91 -8.60 -10.18
N LEU A 151 -9.34 -7.83 -9.16
CA LEU A 151 -10.08 -8.40 -8.01
C LEU A 151 -11.52 -8.79 -8.39
N LYS A 152 -11.99 -8.16 -9.47
CA LYS A 152 -13.26 -8.28 -10.22
C LYS A 152 -13.27 -9.34 -11.31
N GLY A 153 -12.16 -9.48 -12.04
CA GLY A 153 -12.04 -10.21 -13.31
C GLY A 153 -11.24 -11.50 -13.20
N HIS A 154 -10.69 -11.76 -12.00
CA HIS A 154 -10.34 -13.09 -11.55
C HIS A 154 -11.00 -13.30 -10.18
N PRO A 155 -12.29 -12.96 -9.98
CA PRO A 155 -13.05 -12.76 -8.74
C PRO A 155 -13.24 -13.98 -7.87
N ASP A 156 -12.65 -15.12 -8.23
CA ASP A 156 -12.02 -15.85 -7.15
C ASP A 156 -10.80 -15.15 -6.46
N ALA A 157 -10.60 -13.85 -6.67
CA ALA A 157 -9.31 -13.17 -6.70
C ALA A 157 -8.55 -13.27 -5.36
N TYR A 158 -9.25 -12.99 -4.26
CA TYR A 158 -8.89 -13.46 -2.90
C TYR A 158 -10.10 -14.12 -2.24
N ASN A 159 -10.68 -15.06 -2.99
CA ASN A 159 -11.70 -16.02 -2.56
C ASN A 159 -11.12 -17.12 -1.67
N GLY A 1 5.30 15.03 11.19
CA GLY A 1 6.08 14.89 9.95
C GLY A 1 5.20 14.83 8.73
N VAL A 2 4.88 16.00 8.17
CA VAL A 2 4.11 16.09 6.93
C VAL A 2 4.84 16.76 5.76
N PHE A 3 5.04 15.98 4.71
CA PHE A 3 4.10 16.07 3.59
C PHE A 3 2.90 15.14 3.84
N THR A 4 1.71 15.53 3.44
CA THR A 4 0.48 14.73 3.47
C THR A 4 0.11 14.31 2.05
N TYR A 5 0.10 13.01 1.79
CA TYR A 5 -0.54 12.45 0.58
C TYR A 5 -1.92 11.91 0.97
N GLU A 6 -2.89 12.02 0.07
CA GLU A 6 -4.10 11.22 0.10
C GLU A 6 -4.45 10.76 -1.31
N SER A 7 -4.64 9.46 -1.49
CA SER A 7 -5.22 8.87 -2.69
C SER A 7 -6.61 8.31 -2.39
N GLU A 8 -7.52 8.34 -3.36
CA GLU A 8 -8.83 7.67 -3.33
C GLU A 8 -9.05 7.04 -4.71
N PHE A 9 -9.32 5.73 -4.80
CA PHE A 9 -9.59 5.06 -6.07
C PHE A 9 -10.53 3.86 -5.91
N THR A 10 -11.51 3.74 -6.80
CA THR A 10 -12.61 2.80 -6.72
C THR A 10 -12.31 1.49 -7.45
N SER A 11 -12.80 0.35 -6.94
CA SER A 11 -13.13 -0.79 -7.82
C SER A 11 -14.58 -1.18 -7.72
N GLU A 12 -14.96 -1.84 -8.80
CA GLU A 12 -16.09 -2.73 -8.86
C GLU A 12 -15.78 -4.00 -8.02
N ILE A 13 -15.89 -3.91 -6.68
CA ILE A 13 -15.91 -4.97 -5.65
C ILE A 13 -16.44 -4.38 -4.33
N PRO A 14 -17.19 -5.16 -3.51
CA PRO A 14 -17.64 -4.74 -2.19
C PRO A 14 -16.53 -4.38 -1.16
N PRO A 15 -16.80 -3.43 -0.24
CA PRO A 15 -15.85 -2.99 0.79
C PRO A 15 -15.15 -4.10 1.59
N PRO A 16 -15.85 -5.17 2.05
CA PRO A 16 -15.22 -6.22 2.86
C PRO A 16 -14.03 -6.92 2.22
N ARG A 17 -14.09 -7.13 0.90
CA ARG A 17 -13.07 -7.87 0.14
C ARG A 17 -11.93 -6.97 -0.30
N LEU A 18 -12.16 -5.67 -0.53
CA LEU A 18 -11.05 -4.78 -0.87
C LEU A 18 -10.05 -4.65 0.29
N PHE A 19 -10.54 -4.52 1.52
CA PHE A 19 -9.78 -4.73 2.76
C PHE A 19 -8.91 -6.01 2.77
N LYS A 20 -9.48 -7.20 2.48
CA LYS A 20 -8.68 -8.44 2.47
C LYS A 20 -7.51 -8.37 1.49
N ALA A 21 -7.77 -7.83 0.30
CA ALA A 21 -6.80 -7.66 -0.76
C ALA A 21 -5.69 -6.64 -0.48
N PHE A 22 -6.02 -5.46 0.07
CA PHE A 22 -5.03 -4.39 0.26
C PHE A 22 -4.38 -4.38 1.66
N VAL A 23 -4.90 -5.12 2.64
CA VAL A 23 -4.15 -5.47 3.86
C VAL A 23 -3.85 -6.95 3.99
N LEU A 24 -4.84 -7.80 4.25
CA LEU A 24 -4.53 -8.99 5.06
C LEU A 24 -3.84 -10.11 4.26
N ASP A 25 -4.13 -10.24 2.97
CA ASP A 25 -3.37 -11.04 2.01
C ASP A 25 -2.54 -10.16 1.03
N ALA A 26 -2.23 -8.92 1.41
CA ALA A 26 -1.70 -7.91 0.48
C ALA A 26 -0.36 -8.24 -0.17
N ASP A 27 0.53 -8.97 0.50
CA ASP A 27 1.76 -9.50 -0.09
C ASP A 27 1.49 -10.47 -1.26
N ASN A 28 0.36 -11.18 -1.25
CA ASN A 28 -0.07 -11.99 -2.39
C ASN A 28 -0.77 -11.14 -3.48
N LEU A 29 -1.48 -10.06 -3.12
CA LEU A 29 -2.06 -9.12 -4.09
C LEU A 29 -0.98 -8.28 -4.80
N VAL A 30 0.03 -7.78 -4.08
CA VAL A 30 0.87 -6.64 -4.48
C VAL A 30 1.62 -6.88 -5.78
N PRO A 31 2.39 -7.96 -5.99
CA PRO A 31 2.99 -8.25 -7.30
C PRO A 31 1.98 -8.72 -8.35
N LYS A 32 0.70 -8.98 -8.02
CA LYS A 32 -0.33 -9.08 -9.09
C LYS A 32 -0.69 -7.71 -9.69
N ILE A 33 -0.50 -6.61 -8.95
CA ILE A 33 -1.02 -5.27 -9.28
C ILE A 33 -0.04 -4.10 -9.17
N ALA A 34 1.20 -4.37 -8.74
CA ALA A 34 2.42 -3.60 -8.98
C ALA A 34 3.47 -4.34 -9.86
N PRO A 35 3.08 -5.23 -10.81
CA PRO A 35 3.98 -6.12 -11.55
C PRO A 35 4.97 -5.41 -12.49
N GLN A 36 4.80 -4.12 -12.70
CA GLN A 36 5.76 -3.30 -13.45
C GLN A 36 7.10 -3.18 -12.72
N ALA A 37 7.10 -3.36 -11.39
CA ALA A 37 8.25 -3.05 -10.54
C ALA A 37 8.45 -3.99 -9.33
N ILE A 38 7.42 -4.63 -8.76
CA ILE A 38 7.49 -5.30 -7.45
C ILE A 38 7.44 -6.84 -7.54
N LYS A 39 8.23 -7.50 -6.68
CA LYS A 39 8.56 -8.94 -6.72
C LYS A 39 8.11 -9.78 -5.52
N HIS A 40 8.59 -9.49 -4.32
CA HIS A 40 8.40 -10.29 -3.08
C HIS A 40 8.11 -9.39 -1.87
N SER A 41 7.81 -9.94 -0.70
CA SER A 41 7.46 -9.20 0.54
C SER A 41 7.85 -9.97 1.83
N GLU A 42 8.44 -9.30 2.82
CA GLU A 42 9.06 -9.98 4.00
C GLU A 42 8.44 -9.90 5.44
N ILE A 43 8.33 -11.10 6.00
CA ILE A 43 8.29 -11.15 7.44
C ILE A 43 9.77 -11.15 7.84
N LEU A 44 10.25 -9.93 8.06
CA LEU A 44 11.58 -9.55 8.56
C LEU A 44 11.45 -9.18 10.02
N GLU A 45 10.33 -8.51 10.32
CA GLU A 45 9.67 -8.80 11.60
C GLU A 45 8.33 -9.48 11.34
N GLY A 46 7.68 -10.07 12.36
CA GLY A 46 6.26 -10.33 12.38
C GLY A 46 5.82 -11.70 12.89
N ASP A 47 4.55 -11.74 13.29
CA ASP A 47 3.68 -12.91 13.22
C ASP A 47 2.64 -12.76 12.06
N GLY A 48 2.85 -11.79 11.17
CA GLY A 48 2.00 -11.55 10.00
C GLY A 48 1.09 -10.32 10.08
N GLY A 49 0.61 -9.96 11.28
CA GLY A 49 -0.21 -8.77 11.53
C GLY A 49 0.63 -7.53 11.89
N PRO A 50 0.13 -6.60 12.72
CA PRO A 50 0.91 -5.46 13.20
C PRO A 50 2.27 -5.87 13.82
N GLY A 51 3.31 -5.09 13.53
CA GLY A 51 4.72 -5.37 13.83
C GLY A 51 5.51 -5.98 12.67
N THR A 52 4.85 -6.69 11.74
CA THR A 52 5.43 -7.45 10.62
C THR A 52 6.06 -6.55 9.57
N ILE A 53 7.34 -6.77 9.13
CA ILE A 53 8.04 -5.53 8.68
C ILE A 53 8.27 -6.04 7.32
N LYS A 54 7.37 -5.63 6.41
CA LYS A 54 7.18 -6.29 5.14
C LYS A 54 8.03 -5.57 4.16
N LYS A 55 9.12 -6.26 3.83
CA LYS A 55 10.15 -5.67 2.98
C LYS A 55 9.97 -6.21 1.58
N ILE A 56 9.44 -5.32 0.76
CA ILE A 56 8.91 -5.54 -0.55
C ILE A 56 10.05 -5.34 -1.55
N THR A 57 10.46 -6.40 -2.24
CA THR A 57 11.64 -6.33 -3.12
C THR A 57 11.22 -5.93 -4.52
N PHE A 58 11.88 -4.93 -5.11
CA PHE A 58 11.67 -4.56 -6.50
C PHE A 58 12.43 -5.51 -7.45
N GLY A 59 11.98 -5.56 -8.70
CA GLY A 59 12.41 -6.52 -9.70
C GLY A 59 13.78 -6.25 -10.31
N GLU A 60 14.00 -6.82 -11.49
CA GLU A 60 15.27 -6.81 -12.20
C GLU A 60 15.68 -5.42 -12.72
N GLY A 61 14.74 -4.47 -12.79
CA GLY A 61 14.97 -3.08 -13.20
C GLY A 61 15.93 -2.29 -12.28
N SER A 62 16.17 -2.76 -11.06
CA SER A 62 17.32 -2.37 -10.22
C SER A 62 17.49 -0.86 -10.00
N GLN A 63 16.37 -0.17 -9.73
CA GLN A 63 16.22 1.28 -9.62
C GLN A 63 15.56 1.73 -8.29
N TYR A 64 14.99 0.81 -7.52
CA TYR A 64 14.29 1.05 -6.26
C TYR A 64 14.65 0.02 -5.17
N GLY A 65 15.44 -1.01 -5.49
CA GLY A 65 16.02 -1.96 -4.54
C GLY A 65 14.96 -2.75 -3.78
N TYR A 66 14.70 -2.35 -2.54
CA TYR A 66 13.52 -2.74 -1.77
C TYR A 66 12.88 -1.53 -1.07
N VAL A 67 11.63 -1.67 -0.62
CA VAL A 67 11.04 -0.77 0.38
C VAL A 67 10.53 -1.58 1.57
N LYS A 68 10.65 -1.04 2.78
CA LYS A 68 10.39 -1.75 4.04
C LYS A 68 9.17 -1.11 4.69
N HIS A 69 8.09 -1.90 4.76
CA HIS A 69 6.82 -1.53 5.41
C HIS A 69 6.83 -2.08 6.83
N LYS A 70 5.98 -1.56 7.72
CA LYS A 70 5.63 -2.11 9.02
C LYS A 70 4.14 -1.92 9.20
N ILE A 71 3.37 -2.99 9.35
CA ILE A 71 1.96 -2.83 9.70
C ILE A 71 1.87 -2.33 11.14
N ASP A 72 1.00 -1.36 11.43
CA ASP A 72 0.88 -0.72 12.74
C ASP A 72 -0.48 -0.96 13.41
N SER A 73 -1.54 -1.21 12.64
CA SER A 73 -2.83 -1.76 13.09
C SER A 73 -3.52 -2.51 11.94
N ILE A 74 -4.24 -3.59 12.25
CA ILE A 74 -5.15 -4.27 11.31
C ILE A 74 -6.48 -4.51 11.99
N ASP A 75 -7.40 -3.58 11.79
CA ASP A 75 -8.70 -3.53 12.46
C ASP A 75 -9.88 -3.51 11.47
N LYS A 76 -10.29 -4.70 11.00
CA LYS A 76 -11.49 -4.93 10.17
C LYS A 76 -12.74 -4.28 10.73
N GLU A 77 -12.94 -4.33 12.04
CA GLU A 77 -14.12 -3.79 12.72
C GLU A 77 -14.24 -2.27 12.59
N ASN A 78 -13.10 -1.58 12.64
CA ASN A 78 -12.96 -0.14 12.36
C ASN A 78 -12.88 0.16 10.84
N HIS A 79 -12.65 -0.87 10.03
CA HIS A 79 -12.59 -0.90 8.55
C HIS A 79 -11.46 -0.10 7.88
N SER A 80 -10.38 0.16 8.63
CA SER A 80 -9.12 0.70 8.12
C SER A 80 -7.91 -0.13 8.56
N TYR A 81 -6.78 0.08 7.89
CA TYR A 81 -5.49 -0.56 8.14
C TYR A 81 -4.39 0.50 8.19
N SER A 82 -3.67 0.54 9.31
CA SER A 82 -2.59 1.50 9.54
C SER A 82 -1.23 0.81 9.37
N TYR A 83 -0.31 1.46 8.67
CA TYR A 83 1.06 0.98 8.45
C TYR A 83 2.06 2.13 8.32
N THR A 84 3.36 1.84 8.25
CA THR A 84 4.44 2.83 8.15
C THR A 84 5.54 2.31 7.21
N LEU A 85 6.25 3.20 6.51
CA LEU A 85 7.50 2.92 5.81
C LEU A 85 8.69 3.43 6.62
N ILE A 86 9.74 2.63 6.64
CA ILE A 86 10.89 2.77 7.54
C ILE A 86 12.23 2.69 6.84
N GLU A 87 12.33 1.95 5.75
CA GLU A 87 13.59 1.79 5.01
C GLU A 87 13.39 1.62 3.50
N GLY A 88 14.40 1.97 2.70
CA GLY A 88 14.50 1.68 1.27
C GLY A 88 14.44 2.92 0.37
N ASP A 89 14.20 2.72 -0.93
CA ASP A 89 14.18 3.80 -1.93
C ASP A 89 13.25 4.97 -1.53
N ALA A 90 12.09 4.63 -0.97
CA ALA A 90 11.08 5.56 -0.50
C ALA A 90 11.52 6.41 0.71
N LEU A 91 12.57 6.00 1.45
CA LEU A 91 13.22 6.85 2.46
C LEU A 91 14.49 7.54 1.91
N GLY A 92 15.18 6.96 0.91
CA GLY A 92 16.11 7.59 -0.05
C GLY A 92 17.14 8.65 0.39
N ASP A 93 17.46 8.85 1.68
CA ASP A 93 18.10 10.08 2.22
C ASP A 93 17.27 11.34 1.93
N ASN A 94 15.96 11.18 1.78
CA ASN A 94 14.96 12.24 1.63
C ASN A 94 13.95 12.23 2.79
N LEU A 95 13.77 11.06 3.40
CA LEU A 95 12.59 10.63 4.14
C LEU A 95 13.06 9.79 5.34
N GLU A 96 12.52 10.08 6.52
CA GLU A 96 12.97 9.57 7.81
C GLU A 96 12.06 8.45 8.34
N LYS A 97 10.74 8.61 8.11
CA LYS A 97 9.70 7.56 8.17
C LYS A 97 8.42 8.10 7.52
N ILE A 98 7.51 7.24 7.12
CA ILE A 98 6.26 7.68 6.47
C ILE A 98 5.09 6.88 7.01
N SER A 99 4.22 7.51 7.79
CA SER A 99 2.98 6.87 8.27
C SER A 99 1.96 6.78 7.12
N TYR A 100 1.16 5.73 7.11
CA TYR A 100 0.06 5.44 6.18
C TYR A 100 -1.15 4.92 6.96
N GLU A 101 -2.36 5.26 6.53
CA GLU A 101 -3.59 4.56 6.94
C GLU A 101 -4.54 4.50 5.76
N THR A 102 -5.16 3.35 5.54
CA THR A 102 -6.04 3.08 4.40
C THR A 102 -7.39 2.56 4.85
N LYS A 103 -8.48 3.23 4.45
CA LYS A 103 -9.87 2.79 4.62
C LYS A 103 -10.43 2.29 3.29
N LEU A 104 -11.29 1.27 3.33
CA LEU A 104 -11.76 0.56 2.13
C LEU A 104 -13.29 0.54 2.17
N VAL A 105 -13.88 1.61 1.62
CA VAL A 105 -15.21 2.16 1.94
C VAL A 105 -16.20 1.95 0.79
N ALA A 106 -17.50 2.22 0.96
CA ALA A 106 -18.54 2.04 -0.06
C ALA A 106 -18.80 3.36 -0.77
N SER A 107 -18.55 3.44 -2.08
CA SER A 107 -18.80 4.67 -2.85
C SER A 107 -20.32 4.97 -2.92
N PRO A 108 -20.76 6.23 -3.03
CA PRO A 108 -22.18 6.59 -2.91
C PRO A 108 -23.09 5.93 -3.95
N SER A 109 -22.61 5.76 -5.20
CA SER A 109 -23.34 5.17 -6.33
C SER A 109 -22.78 3.86 -6.90
N GLY A 110 -21.67 3.33 -6.36
CA GLY A 110 -20.88 2.28 -7.03
C GLY A 110 -20.24 1.28 -6.07
N GLY A 111 -19.07 0.75 -6.45
CA GLY A 111 -18.32 -0.26 -5.69
C GLY A 111 -17.53 0.38 -4.55
N SER A 112 -16.37 -0.15 -4.18
CA SER A 112 -15.61 0.29 -3.02
C SER A 112 -14.43 1.23 -3.33
N ILE A 113 -14.33 2.32 -2.54
CA ILE A 113 -13.21 3.28 -2.50
C ILE A 113 -12.06 2.67 -1.69
N ILE A 114 -10.92 2.40 -2.33
CA ILE A 114 -9.63 2.20 -1.68
C ILE A 114 -9.02 3.59 -1.43
N LYS A 115 -8.96 4.06 -0.18
CA LYS A 115 -8.53 5.41 0.16
C LYS A 115 -7.40 5.39 1.19
N SER A 116 -6.29 6.04 0.89
CA SER A 116 -5.02 5.88 1.58
C SER A 116 -4.34 7.23 1.89
N THR A 117 -4.34 7.62 3.16
CA THR A 117 -3.83 8.92 3.66
C THR A 117 -2.53 8.71 4.44
N SER A 118 -1.51 9.56 4.22
CA SER A 118 -0.13 9.30 4.62
C SER A 118 0.63 10.56 5.04
N HIS A 119 1.51 10.47 6.04
CA HIS A 119 2.27 11.60 6.64
C HIS A 119 3.79 11.35 6.63
N TYR A 120 4.48 12.18 5.88
CA TYR A 120 5.84 11.89 5.49
C TYR A 120 6.72 12.75 6.38
N HIS A 121 7.34 12.07 7.33
CA HIS A 121 8.41 12.63 8.14
C HIS A 121 9.69 12.69 7.29
N THR A 122 10.13 13.87 6.89
CA THR A 122 11.28 14.04 5.96
C THR A 122 12.62 13.99 6.69
N LYS A 123 13.68 13.59 5.97
CA LYS A 123 15.06 13.52 6.46
C LYS A 123 15.65 14.94 6.43
N GLY A 124 16.19 15.41 7.55
CA GLY A 124 16.52 16.82 7.75
C GLY A 124 15.28 17.69 7.51
N ASP A 125 15.27 18.42 6.40
CA ASP A 125 14.10 19.11 5.82
C ASP A 125 14.17 19.04 4.28
N VAL A 126 14.47 17.84 3.76
CA VAL A 126 14.38 17.50 2.33
C VAL A 126 12.90 17.48 1.93
N GLU A 127 12.39 18.64 1.57
CA GLU A 127 10.99 18.84 1.18
C GLU A 127 10.68 18.11 -0.13
N ILE A 128 9.55 17.42 -0.18
CA ILE A 128 9.14 16.63 -1.36
C ILE A 128 8.38 17.51 -2.33
N LYS A 129 8.76 17.41 -3.61
CA LYS A 129 8.18 18.21 -4.66
C LYS A 129 6.77 17.73 -4.98
N GLU A 130 5.84 18.68 -5.05
CA GLU A 130 4.43 18.41 -5.35
C GLU A 130 4.21 17.72 -6.72
N GLU A 131 5.04 18.03 -7.71
CA GLU A 131 5.05 17.32 -9.01
C GLU A 131 5.25 15.81 -8.83
N HIS A 132 6.10 15.39 -7.88
CA HIS A 132 6.32 13.98 -7.50
C HIS A 132 5.32 13.45 -6.46
N VAL A 133 4.66 14.31 -5.68
CA VAL A 133 3.49 13.95 -4.84
C VAL A 133 2.33 13.51 -5.74
N LYS A 134 2.00 14.34 -6.73
CA LYS A 134 1.01 14.10 -7.80
C LYS A 134 1.32 12.83 -8.58
N ALA A 135 2.50 12.74 -9.21
CA ALA A 135 2.91 11.52 -9.90
C ALA A 135 2.91 10.33 -8.94
N GLY A 136 3.10 10.60 -7.66
CA GLY A 136 3.08 9.58 -6.61
C GLY A 136 1.70 8.96 -6.46
N LYS A 137 0.67 9.81 -6.40
CA LYS A 137 -0.75 9.42 -6.42
C LYS A 137 -1.16 8.81 -7.76
N GLU A 138 -0.72 9.36 -8.88
CA GLU A 138 -0.93 8.86 -10.25
C GLU A 138 -0.25 7.52 -10.57
N LYS A 139 0.81 7.10 -9.87
CA LYS A 139 1.47 5.80 -9.93
C LYS A 139 0.60 4.94 -9.09
N ALA A 140 0.38 5.39 -7.85
CA ALA A 140 -0.01 4.47 -6.85
C ALA A 140 -1.49 4.06 -7.00
N SER A 141 -2.32 5.01 -7.43
CA SER A 141 -3.65 4.75 -7.99
C SER A 141 -3.65 3.93 -9.29
N ASN A 142 -2.55 3.80 -10.05
CA ASN A 142 -2.52 2.73 -11.08
C ASN A 142 -2.59 1.32 -10.46
N LEU A 143 -1.85 1.04 -9.39
CA LEU A 143 -1.94 -0.22 -8.63
C LEU A 143 -3.30 -0.31 -8.03
N PHE A 144 -3.90 0.80 -7.56
CA PHE A 144 -5.26 0.74 -7.05
C PHE A 144 -6.34 0.56 -8.14
N LYS A 145 -6.01 0.85 -9.40
CA LYS A 145 -6.80 0.53 -10.59
C LYS A 145 -6.54 -0.88 -11.07
N LEU A 146 -5.44 -1.54 -10.66
CA LEU A 146 -5.01 -2.74 -11.38
C LEU A 146 -5.79 -3.88 -10.75
N ILE A 147 -5.69 -3.92 -9.42
CA ILE A 147 -6.57 -4.45 -8.40
C ILE A 147 -7.97 -3.96 -8.54
N GLU A 148 -8.34 -2.79 -9.11
CA GLU A 148 -9.78 -2.62 -9.31
C GLU A 148 -10.23 -3.79 -10.10
N THR A 149 -9.62 -3.89 -11.27
CA THR A 149 -10.13 -4.88 -12.15
C THR A 149 -9.58 -6.24 -11.72
N TYR A 150 -8.44 -6.36 -10.99
CA TYR A 150 -8.02 -7.70 -10.58
C TYR A 150 -8.97 -8.28 -9.53
N LEU A 151 -9.43 -7.45 -8.59
CA LEU A 151 -10.27 -7.94 -7.48
C LEU A 151 -11.68 -8.37 -7.94
N LYS A 152 -12.07 -7.79 -9.07
CA LYS A 152 -13.27 -7.93 -9.91
C LYS A 152 -13.17 -9.03 -10.96
N GLY A 153 -12.01 -9.19 -11.57
CA GLY A 153 -11.76 -9.92 -12.81
C GLY A 153 -11.01 -11.22 -12.62
N HIS A 154 -10.52 -11.45 -11.41
CA HIS A 154 -10.19 -12.78 -10.93
C HIS A 154 -10.90 -12.98 -9.59
N PRO A 155 -12.20 -12.63 -9.48
CA PRO A 155 -13.02 -12.41 -8.30
C PRO A 155 -13.23 -13.61 -7.39
N ASP A 156 -12.61 -14.76 -7.68
CA ASP A 156 -12.06 -15.45 -6.52
C ASP A 156 -10.91 -14.69 -5.79
N ALA A 157 -10.73 -13.38 -6.03
CA ALA A 157 -9.43 -12.69 -6.01
C ALA A 157 -8.77 -12.71 -4.62
N TYR A 158 -9.52 -12.29 -3.60
CA TYR A 158 -9.26 -12.56 -2.17
C TYR A 158 -10.55 -13.07 -1.53
N ASN A 159 -11.09 -14.11 -2.18
CA ASN A 159 -12.31 -14.86 -1.87
C ASN A 159 -12.22 -15.61 -0.54
N GLY A 1 5.12 13.91 11.09
CA GLY A 1 5.96 14.23 9.93
C GLY A 1 5.11 14.35 8.68
N VAL A 2 4.89 15.57 8.21
CA VAL A 2 4.12 15.82 6.99
C VAL A 2 4.94 16.49 5.89
N PHE A 3 5.10 15.78 4.78
CA PHE A 3 4.17 15.98 3.67
C PHE A 3 2.98 15.00 3.79
N THR A 4 1.78 15.42 3.40
CA THR A 4 0.58 14.57 3.38
C THR A 4 0.25 14.14 1.95
N TYR A 5 -0.01 12.86 1.75
CA TYR A 5 -0.82 12.38 0.61
C TYR A 5 -2.23 12.05 1.13
N GLU A 6 -3.26 12.27 0.31
CA GLU A 6 -4.49 11.49 0.40
C GLU A 6 -4.88 10.96 -0.98
N SER A 7 -4.85 9.63 -1.13
CA SER A 7 -5.16 8.92 -2.37
C SER A 7 -6.54 8.28 -2.29
N GLU A 8 -7.30 8.28 -3.40
CA GLU A 8 -8.57 7.55 -3.54
C GLU A 8 -8.66 6.86 -4.92
N PHE A 9 -8.94 5.56 -4.96
CA PHE A 9 -9.23 4.84 -6.21
C PHE A 9 -10.21 3.68 -6.00
N THR A 10 -11.15 3.46 -6.91
CA THR A 10 -12.24 2.49 -6.78
C THR A 10 -11.83 1.14 -7.39
N SER A 11 -12.30 0.02 -6.85
CA SER A 11 -12.54 -1.16 -7.68
C SER A 11 -13.97 -1.62 -7.65
N GLU A 12 -14.24 -2.40 -8.67
CA GLU A 12 -15.42 -3.19 -8.81
C GLU A 12 -15.27 -4.47 -7.97
N ILE A 13 -15.28 -4.31 -6.65
CA ILE A 13 -15.33 -5.33 -5.58
C ILE A 13 -15.85 -4.69 -4.29
N PRO A 14 -16.67 -5.39 -3.49
CA PRO A 14 -17.10 -4.96 -2.15
C PRO A 14 -15.94 -4.81 -1.12
N PRO A 15 -16.07 -3.94 -0.11
CA PRO A 15 -15.01 -3.68 0.88
C PRO A 15 -14.38 -4.92 1.56
N PRO A 16 -15.11 -6.00 1.91
CA PRO A 16 -14.54 -7.17 2.59
C PRO A 16 -13.41 -7.86 1.83
N ARG A 17 -13.54 -8.01 0.51
CA ARG A 17 -12.55 -8.67 -0.35
C ARG A 17 -11.34 -7.78 -0.53
N LEU A 18 -11.55 -6.46 -0.68
CA LEU A 18 -10.44 -5.56 -0.90
C LEU A 18 -9.48 -5.55 0.29
N PHE A 19 -10.02 -5.67 1.50
CA PHE A 19 -9.23 -5.62 2.73
C PHE A 19 -8.37 -6.86 2.96
N LYS A 20 -8.86 -8.05 2.58
CA LYS A 20 -8.02 -9.25 2.56
C LYS A 20 -6.83 -9.09 1.62
N ALA A 21 -7.07 -8.56 0.42
CA ALA A 21 -6.03 -8.32 -0.58
C ALA A 21 -5.04 -7.20 -0.20
N PHE A 22 -5.52 -6.11 0.37
CA PHE A 22 -4.69 -4.95 0.71
C PHE A 22 -3.91 -5.11 2.02
N VAL A 23 -4.41 -5.92 2.96
CA VAL A 23 -3.79 -6.13 4.27
C VAL A 23 -3.35 -7.59 4.47
N LEU A 24 -4.28 -8.56 4.54
CA LEU A 24 -3.95 -9.84 5.17
C LEU A 24 -3.10 -10.76 4.27
N ASP A 25 -3.35 -10.74 2.96
CA ASP A 25 -2.67 -11.59 1.97
C ASP A 25 -1.80 -10.76 1.00
N ALA A 26 -1.48 -9.53 1.38
CA ALA A 26 -0.90 -8.52 0.51
C ALA A 26 0.45 -8.92 -0.13
N ASP A 27 1.23 -9.80 0.51
CA ASP A 27 2.48 -10.29 -0.09
C ASP A 27 2.25 -11.10 -1.37
N ASN A 28 1.15 -11.86 -1.45
CA ASN A 28 0.77 -12.60 -2.65
C ASN A 28 0.01 -11.73 -3.67
N LEU A 29 -0.71 -10.69 -3.23
CA LEU A 29 -1.35 -9.70 -4.12
C LEU A 29 -0.28 -8.81 -4.79
N VAL A 30 0.69 -8.28 -4.06
CA VAL A 30 1.50 -7.10 -4.45
C VAL A 30 2.25 -7.29 -5.76
N PRO A 31 3.08 -8.31 -5.99
CA PRO A 31 3.68 -8.61 -7.30
C PRO A 31 2.70 -9.08 -8.35
N LYS A 32 1.42 -9.35 -8.04
CA LYS A 32 0.40 -9.47 -9.11
C LYS A 32 -0.08 -8.11 -9.64
N ILE A 33 0.14 -7.02 -8.89
CA ILE A 33 -0.43 -5.67 -9.15
C ILE A 33 0.55 -4.49 -9.05
N ALA A 34 1.81 -4.71 -8.66
CA ALA A 34 3.00 -3.91 -8.93
C ALA A 34 4.06 -4.64 -9.82
N PRO A 35 3.66 -5.54 -10.74
CA PRO A 35 4.56 -6.44 -11.48
C PRO A 35 5.57 -5.75 -12.38
N GLN A 36 5.35 -4.47 -12.72
CA GLN A 36 6.24 -3.68 -13.57
C GLN A 36 7.64 -3.52 -12.96
N ALA A 37 7.76 -3.67 -11.63
CA ALA A 37 9.04 -3.52 -10.93
C ALA A 37 9.20 -4.42 -9.68
N ILE A 38 8.12 -4.83 -8.99
CA ILE A 38 8.19 -5.54 -7.70
C ILE A 38 8.18 -7.08 -7.84
N LYS A 39 8.93 -7.76 -6.96
CA LYS A 39 9.22 -9.20 -7.00
C LYS A 39 8.72 -10.04 -5.81
N HIS A 40 9.20 -9.80 -4.60
CA HIS A 40 8.92 -10.58 -3.37
C HIS A 40 8.79 -9.67 -2.15
N SER A 41 8.43 -10.20 -0.98
CA SER A 41 8.15 -9.42 0.24
C SER A 41 8.56 -10.14 1.54
N GLU A 42 9.13 -9.41 2.52
CA GLU A 42 9.81 -10.03 3.69
C GLU A 42 9.15 -9.97 5.11
N ILE A 43 8.98 -11.15 5.66
CA ILE A 43 8.94 -11.22 7.10
C ILE A 43 10.42 -11.24 7.51
N LEU A 44 10.99 -10.03 7.58
CA LEU A 44 12.34 -9.66 8.03
C LEU A 44 12.26 -9.35 9.51
N GLU A 45 11.21 -8.63 9.88
CA GLU A 45 10.61 -8.84 11.20
C GLU A 45 9.28 -9.57 11.01
N GLY A 46 8.72 -10.16 12.06
CA GLY A 46 7.29 -10.42 12.14
C GLY A 46 6.88 -11.77 12.68
N ASP A 47 5.71 -11.76 13.30
CA ASP A 47 4.84 -12.93 13.41
C ASP A 47 3.65 -12.79 12.45
N GLY A 48 3.79 -11.99 11.38
CA GLY A 48 2.79 -11.81 10.33
C GLY A 48 1.81 -10.65 10.55
N GLY A 49 1.48 -10.31 11.80
CA GLY A 49 0.69 -9.13 12.17
C GLY A 49 1.53 -7.85 12.26
N PRO A 50 1.08 -6.81 13.00
CA PRO A 50 1.88 -5.63 13.29
C PRO A 50 3.28 -5.94 13.85
N GLY A 51 4.29 -5.23 13.36
CA GLY A 51 5.72 -5.45 13.57
C GLY A 51 6.44 -6.02 12.34
N THR A 52 5.76 -6.84 11.54
CA THR A 52 6.28 -7.62 10.39
C THR A 52 6.85 -6.73 9.28
N ILE A 53 8.12 -6.89 8.84
CA ILE A 53 8.78 -5.65 8.34
C ILE A 53 9.01 -6.16 6.98
N LYS A 54 8.08 -5.78 6.09
CA LYS A 54 7.87 -6.42 4.81
C LYS A 54 8.67 -5.66 3.82
N LYS A 55 9.81 -6.29 3.53
CA LYS A 55 10.80 -5.67 2.65
C LYS A 55 10.63 -6.27 1.28
N ILE A 56 10.17 -5.41 0.40
CA ILE A 56 9.71 -5.73 -0.93
C ILE A 56 10.90 -5.59 -1.88
N THR A 57 11.27 -6.67 -2.57
CA THR A 57 12.42 -6.64 -3.48
C THR A 57 11.96 -6.21 -4.85
N PHE A 58 12.63 -5.25 -5.49
CA PHE A 58 12.41 -4.92 -6.89
C PHE A 58 13.27 -5.82 -7.79
N GLY A 59 12.84 -6.02 -9.04
CA GLY A 59 13.46 -6.93 -10.00
C GLY A 59 14.85 -6.52 -10.50
N GLU A 60 15.30 -7.18 -11.57
CA GLU A 60 16.68 -7.07 -12.07
C GLU A 60 17.02 -5.67 -12.63
N GLY A 61 16.01 -4.85 -12.91
CA GLY A 61 16.14 -3.47 -13.42
C GLY A 61 16.98 -2.54 -12.54
N SER A 62 17.14 -2.85 -11.25
CA SER A 62 18.08 -2.19 -10.32
C SER A 62 17.81 -0.69 -10.05
N GLN A 63 16.63 -0.20 -10.44
CA GLN A 63 16.18 1.19 -10.27
C GLN A 63 15.85 1.58 -8.81
N TYR A 64 15.68 0.60 -7.91
CA TYR A 64 15.14 0.76 -6.56
C TYR A 64 15.82 -0.14 -5.52
N GLY A 65 16.18 -1.38 -5.86
CA GLY A 65 16.71 -2.36 -4.89
C GLY A 65 15.58 -2.95 -4.03
N TYR A 66 15.22 -2.23 -2.96
CA TYR A 66 14.11 -2.59 -2.07
C TYR A 66 13.36 -1.37 -1.50
N VAL A 67 12.17 -1.62 -0.97
CA VAL A 67 11.49 -0.76 0.00
C VAL A 67 11.08 -1.59 1.21
N LYS A 68 11.13 -1.02 2.41
CA LYS A 68 10.92 -1.72 3.68
C LYS A 68 9.64 -1.18 4.32
N HIS A 69 8.61 -2.03 4.41
CA HIS A 69 7.33 -1.74 5.08
C HIS A 69 7.38 -2.31 6.49
N LYS A 70 6.52 -1.84 7.39
CA LYS A 70 6.19 -2.42 8.71
C LYS A 70 4.69 -2.30 8.89
N ILE A 71 3.96 -3.37 9.19
CA ILE A 71 2.56 -3.18 9.61
C ILE A 71 2.55 -2.59 11.04
N ASP A 72 1.70 -1.61 11.30
CA ASP A 72 1.68 -0.84 12.56
C ASP A 72 0.41 -1.09 13.39
N SER A 73 -0.73 -1.36 12.72
CA SER A 73 -1.97 -1.93 13.28
C SER A 73 -2.75 -2.70 12.20
N ILE A 74 -3.41 -3.80 12.57
CA ILE A 74 -4.36 -4.50 11.69
C ILE A 74 -5.71 -4.62 12.42
N ASP A 75 -6.72 -3.92 11.90
CA ASP A 75 -7.99 -3.69 12.59
C ASP A 75 -9.19 -3.83 11.62
N LYS A 76 -9.41 -5.06 11.10
CA LYS A 76 -10.43 -5.39 10.09
C LYS A 76 -11.86 -4.99 10.51
N GLU A 77 -12.23 -5.12 11.79
CA GLU A 77 -13.56 -4.73 12.28
C GLU A 77 -13.74 -3.19 12.35
N ASN A 78 -12.69 -2.43 12.64
CA ASN A 78 -12.68 -0.96 12.51
C ASN A 78 -12.48 -0.54 11.03
N HIS A 79 -12.14 -1.51 10.18
CA HIS A 79 -12.01 -1.47 8.71
C HIS A 79 -10.91 -0.57 8.16
N SER A 80 -9.87 -0.30 8.95
CA SER A 80 -8.69 0.43 8.51
C SER A 80 -7.38 -0.27 8.89
N TYR A 81 -6.34 0.09 8.15
CA TYR A 81 -5.04 -0.55 8.13
C TYR A 81 -3.94 0.48 8.36
N SER A 82 -3.17 0.30 9.42
CA SER A 82 -2.09 1.21 9.80
C SER A 82 -0.74 0.58 9.48
N TYR A 83 0.09 1.29 8.74
CA TYR A 83 1.39 0.80 8.30
C TYR A 83 2.43 1.94 8.19
N THR A 84 3.71 1.56 8.25
CA THR A 84 4.86 2.46 8.24
C THR A 84 5.85 1.98 7.18
N LEU A 85 6.61 2.89 6.59
CA LEU A 85 7.58 2.64 5.55
C LEU A 85 8.89 3.32 5.97
N ILE A 86 9.93 2.51 6.14
CA ILE A 86 11.06 2.80 7.03
C ILE A 86 12.41 2.85 6.32
N GLU A 87 12.60 2.10 5.25
CA GLU A 87 13.92 2.03 4.57
C GLU A 87 13.83 1.72 3.06
N GLY A 88 14.89 2.03 2.31
CA GLY A 88 15.07 1.65 0.91
C GLY A 88 15.03 2.83 -0.06
N ASP A 89 14.89 2.55 -1.37
CA ASP A 89 14.83 3.61 -2.41
C ASP A 89 13.76 4.65 -2.09
N ALA A 90 12.61 4.21 -1.60
CA ALA A 90 11.48 5.08 -1.25
C ALA A 90 11.83 6.14 -0.18
N LEU A 91 12.81 5.91 0.72
CA LEU A 91 13.26 6.95 1.66
C LEU A 91 14.39 7.83 1.07
N GLY A 92 15.20 7.31 0.13
CA GLY A 92 16.15 8.03 -0.72
C GLY A 92 16.99 9.16 -0.10
N ASP A 93 17.28 9.15 1.21
CA ASP A 93 17.89 10.28 1.97
C ASP A 93 17.11 11.60 1.83
N ASN A 94 15.86 11.54 1.38
CA ASN A 94 14.87 12.61 1.41
C ASN A 94 13.89 12.43 2.58
N LEU A 95 13.78 11.19 3.09
CA LEU A 95 12.75 10.71 4.00
C LEU A 95 13.36 9.96 5.19
N GLU A 96 12.77 10.21 6.36
CA GLU A 96 13.15 9.62 7.66
C GLU A 96 12.30 8.38 7.99
N LYS A 97 10.98 8.50 7.76
CA LYS A 97 9.99 7.42 7.62
C LYS A 97 8.71 7.96 6.98
N ILE A 98 7.76 7.09 6.66
CA ILE A 98 6.43 7.47 6.18
C ILE A 98 5.37 6.64 6.89
N SER A 99 4.34 7.28 7.43
CA SER A 99 3.18 6.63 8.05
C SER A 99 1.99 6.59 7.07
N TYR A 100 1.14 5.57 7.18
CA TYR A 100 -0.05 5.32 6.37
C TYR A 100 -1.23 4.94 7.27
N GLU A 101 -2.43 5.40 6.93
CA GLU A 101 -3.68 4.73 7.26
C GLU A 101 -4.54 4.58 6.01
N THR A 102 -4.78 3.34 5.58
CA THR A 102 -5.70 3.00 4.51
C THR A 102 -7.07 2.57 5.06
N LYS A 103 -8.12 3.16 4.52
CA LYS A 103 -9.53 2.75 4.62
C LYS A 103 -10.03 2.28 3.26
N LEU A 104 -10.71 1.14 3.26
CA LEU A 104 -11.33 0.59 2.05
C LEU A 104 -12.85 0.81 2.19
N VAL A 105 -13.28 1.95 1.67
CA VAL A 105 -14.60 2.59 1.90
C VAL A 105 -15.59 2.09 0.85
N ALA A 106 -16.89 2.19 1.08
CA ALA A 106 -17.93 1.81 0.12
C ALA A 106 -18.34 3.04 -0.70
N SER A 107 -18.12 3.04 -2.02
CA SER A 107 -18.45 4.21 -2.86
C SER A 107 -19.98 4.40 -2.92
N PRO A 108 -20.51 5.64 -3.05
CA PRO A 108 -21.96 5.86 -2.98
C PRO A 108 -22.74 5.17 -4.11
N SER A 109 -22.18 5.08 -5.32
CA SER A 109 -22.84 4.52 -6.52
C SER A 109 -22.18 3.24 -7.08
N GLY A 110 -21.21 2.62 -6.42
CA GLY A 110 -20.33 1.61 -7.04
C GLY A 110 -19.70 0.63 -6.05
N GLY A 111 -18.49 0.15 -6.35
CA GLY A 111 -17.76 -0.82 -5.52
C GLY A 111 -17.02 -0.12 -4.37
N SER A 112 -15.86 -0.60 -3.96
CA SER A 112 -15.11 -0.03 -2.83
C SER A 112 -13.96 0.88 -3.26
N ILE A 113 -13.87 2.04 -2.60
CA ILE A 113 -12.78 3.00 -2.66
C ILE A 113 -11.61 2.50 -1.80
N ILE A 114 -10.50 2.13 -2.42
CA ILE A 114 -9.20 1.99 -1.77
C ILE A 114 -8.67 3.41 -1.50
N LYS A 115 -8.75 3.88 -0.25
CA LYS A 115 -8.41 5.27 0.12
C LYS A 115 -7.34 5.30 1.20
N SER A 116 -6.26 6.03 0.98
CA SER A 116 -5.11 6.06 1.90
C SER A 116 -4.67 7.48 2.20
N THR A 117 -4.69 7.83 3.48
CA THR A 117 -4.05 9.05 3.98
C THR A 117 -2.68 8.70 4.55
N SER A 118 -1.64 9.44 4.16
CA SER A 118 -0.25 9.10 4.51
C SER A 118 0.58 10.34 4.86
N HIS A 119 1.44 10.23 5.88
CA HIS A 119 2.22 11.35 6.46
C HIS A 119 3.72 11.06 6.39
N TYR A 120 4.39 11.92 5.65
CA TYR A 120 5.74 11.65 5.23
C TYR A 120 6.62 12.45 6.15
N HIS A 121 7.25 11.73 7.07
CA HIS A 121 8.29 12.29 7.93
C HIS A 121 9.58 12.45 7.14
N THR A 122 9.87 13.68 6.72
CA THR A 122 10.99 14.01 5.82
C THR A 122 12.32 14.10 6.56
N LYS A 123 13.44 13.95 5.83
CA LYS A 123 14.81 13.80 6.38
C LYS A 123 15.46 15.18 6.52
N GLY A 124 15.83 15.57 7.73
CA GLY A 124 16.25 16.94 8.03
C GLY A 124 15.16 17.94 7.68
N ASP A 125 15.34 18.69 6.61
CA ASP A 125 14.33 19.58 6.01
C ASP A 125 14.25 19.46 4.48
N VAL A 126 14.46 18.25 3.96
CA VAL A 126 14.22 17.90 2.56
C VAL A 126 12.71 17.82 2.30
N GLU A 127 12.08 18.98 2.10
CA GLU A 127 10.67 19.09 1.74
C GLU A 127 10.39 18.41 0.38
N ILE A 128 9.47 17.46 0.33
CA ILE A 128 9.12 16.78 -0.93
C ILE A 128 8.36 17.70 -1.86
N LYS A 129 8.77 17.66 -3.11
CA LYS A 129 8.16 18.42 -4.18
C LYS A 129 6.76 17.90 -4.51
N GLU A 130 5.84 18.81 -4.73
CA GLU A 130 4.45 18.47 -5.02
C GLU A 130 4.26 17.70 -6.33
N GLU A 131 5.12 17.96 -7.32
CA GLU A 131 5.14 17.20 -8.57
C GLU A 131 5.49 15.71 -8.36
N HIS A 132 6.31 15.41 -7.34
CA HIS A 132 6.52 14.04 -6.85
C HIS A 132 5.37 13.55 -5.96
N VAL A 133 4.70 14.39 -5.16
CA VAL A 133 3.47 14.03 -4.42
C VAL A 133 2.38 13.52 -5.38
N LYS A 134 2.18 14.24 -6.48
CA LYS A 134 1.21 13.94 -7.55
C LYS A 134 1.48 12.60 -8.24
N ALA A 135 2.70 12.42 -8.77
CA ALA A 135 3.18 11.13 -9.29
C ALA A 135 3.12 10.05 -8.21
N GLY A 136 3.28 10.48 -6.96
CA GLY A 136 3.27 9.59 -5.80
C GLY A 136 1.92 8.89 -5.65
N LYS A 137 0.84 9.64 -5.88
CA LYS A 137 -0.52 9.13 -5.99
C LYS A 137 -0.77 8.44 -7.34
N GLU A 138 -0.38 8.99 -8.47
CA GLU A 138 -0.66 8.44 -9.82
C GLU A 138 0.00 7.08 -10.17
N LYS A 139 1.10 6.72 -9.51
CA LYS A 139 1.83 5.47 -9.67
C LYS A 139 1.06 4.51 -8.84
N ALA A 140 0.93 4.92 -7.58
CA ALA A 140 0.55 4.00 -6.58
C ALA A 140 -0.93 3.60 -6.65
N SER A 141 -1.79 4.55 -7.05
CA SER A 141 -3.16 4.30 -7.47
C SER A 141 -3.27 3.47 -8.77
N ASN A 142 -2.25 3.37 -9.64
CA ASN A 142 -2.29 2.36 -10.72
C ASN A 142 -2.20 0.92 -10.18
N LEU A 143 -1.40 0.66 -9.16
CA LEU A 143 -1.37 -0.62 -8.44
C LEU A 143 -2.67 -0.80 -7.70
N PHE A 144 -3.28 0.27 -7.19
CA PHE A 144 -4.60 0.15 -6.60
C PHE A 144 -5.74 0.00 -7.64
N LYS A 145 -5.48 0.34 -8.90
CA LYS A 145 -6.28 0.03 -10.09
C LYS A 145 -5.98 -1.37 -10.63
N LEU A 146 -4.85 -2.01 -10.28
CA LEU A 146 -4.44 -3.17 -11.07
C LEU A 146 -5.20 -4.35 -10.48
N ILE A 147 -5.09 -4.44 -9.16
CA ILE A 147 -5.97 -4.99 -8.15
C ILE A 147 -7.38 -4.49 -8.25
N GLU A 148 -7.73 -3.31 -8.81
CA GLU A 148 -9.18 -3.11 -9.01
C GLU A 148 -9.64 -4.29 -9.79
N THR A 149 -9.01 -4.39 -10.97
CA THR A 149 -9.56 -5.35 -11.85
C THR A 149 -8.99 -6.72 -11.47
N TYR A 150 -7.85 -6.85 -10.75
CA TYR A 150 -7.42 -8.20 -10.37
C TYR A 150 -8.38 -8.78 -9.32
N LEU A 151 -8.81 -7.97 -8.33
CA LEU A 151 -9.63 -8.52 -7.23
C LEU A 151 -11.06 -8.89 -7.69
N LYS A 152 -11.44 -8.29 -8.80
CA LYS A 152 -12.66 -8.37 -9.63
C LYS A 152 -12.63 -9.48 -10.71
N GLY A 153 -11.50 -9.60 -11.39
CA GLY A 153 -11.34 -10.36 -12.63
C GLY A 153 -10.52 -11.62 -12.48
N HIS A 154 -10.03 -11.88 -11.26
CA HIS A 154 -9.65 -13.21 -10.82
C HIS A 154 -10.32 -13.44 -9.46
N PRO A 155 -11.63 -13.12 -9.30
CA PRO A 155 -12.42 -12.89 -8.09
C PRO A 155 -12.65 -14.08 -7.19
N ASP A 156 -12.09 -15.24 -7.50
CA ASP A 156 -11.54 -15.96 -6.36
C ASP A 156 -10.32 -15.28 -5.65
N ALA A 157 -10.08 -13.99 -5.92
CA ALA A 157 -8.77 -13.35 -5.92
C ALA A 157 -8.05 -13.47 -4.57
N TYR A 158 -8.76 -13.20 -3.48
CA TYR A 158 -8.43 -13.59 -2.10
C TYR A 158 -9.67 -14.16 -1.41
N ASN A 159 -10.25 -15.16 -2.09
CA ASN A 159 -11.44 -15.92 -1.70
C ASN A 159 -11.13 -17.01 -0.66
N GLY A 1 5.47 14.66 11.21
CA GLY A 1 6.24 14.12 10.07
C GLY A 1 5.44 14.14 8.78
N VAL A 2 5.15 15.33 8.24
CA VAL A 2 4.51 15.48 6.93
C VAL A 2 5.37 16.21 5.91
N PHE A 3 5.50 15.61 4.73
CA PHE A 3 4.54 15.83 3.65
C PHE A 3 3.34 14.85 3.77
N THR A 4 2.14 15.28 3.44
CA THR A 4 0.91 14.45 3.40
C THR A 4 0.56 14.03 1.98
N TYR A 5 0.11 12.79 1.82
CA TYR A 5 -0.63 12.31 0.65
C TYR A 5 -2.02 11.84 1.12
N GLU A 6 -3.04 11.98 0.28
CA GLU A 6 -4.29 11.21 0.40
C GLU A 6 -4.67 10.68 -0.98
N SER A 7 -4.97 9.38 -1.08
CA SER A 7 -5.24 8.69 -2.33
C SER A 7 -6.43 7.76 -2.20
N GLU A 8 -7.28 7.71 -3.23
CA GLU A 8 -8.54 6.96 -3.26
C GLU A 8 -8.70 6.27 -4.62
N PHE A 9 -9.25 5.05 -4.64
CA PHE A 9 -9.84 4.48 -5.86
C PHE A 9 -10.93 3.46 -5.55
N THR A 10 -11.99 3.42 -6.37
CA THR A 10 -13.16 2.58 -6.18
C THR A 10 -13.02 1.24 -6.90
N SER A 11 -13.48 0.13 -6.33
CA SER A 11 -13.77 -1.08 -7.11
C SER A 11 -15.17 -1.61 -6.99
N GLU A 12 -15.45 -2.43 -7.98
CA GLU A 12 -16.59 -3.31 -8.04
C GLU A 12 -16.28 -4.58 -7.24
N ILE A 13 -16.21 -4.43 -5.92
CA ILE A 13 -16.05 -5.46 -4.86
C ILE A 13 -16.45 -4.84 -3.50
N PRO A 14 -17.11 -5.61 -2.60
CA PRO A 14 -17.37 -5.21 -1.21
C PRO A 14 -16.12 -5.02 -0.35
N PRO A 15 -16.16 -4.15 0.69
CA PRO A 15 -14.97 -3.81 1.46
C PRO A 15 -14.23 -4.99 2.13
N PRO A 16 -14.91 -6.06 2.61
CA PRO A 16 -14.23 -7.21 3.23
C PRO A 16 -13.24 -7.96 2.33
N ARG A 17 -13.57 -8.21 1.06
CA ARG A 17 -12.68 -8.85 0.10
C ARG A 17 -11.51 -7.95 -0.19
N LEU A 18 -11.77 -6.64 -0.26
CA LEU A 18 -10.73 -5.68 -0.56
C LEU A 18 -9.69 -5.62 0.55
N PHE A 19 -10.14 -5.70 1.78
CA PHE A 19 -9.30 -5.67 2.97
C PHE A 19 -8.46 -6.95 3.12
N LYS A 20 -8.98 -8.12 2.73
CA LYS A 20 -8.13 -9.32 2.63
C LYS A 20 -6.97 -9.10 1.65
N ALA A 21 -7.26 -8.58 0.47
CA ALA A 21 -6.27 -8.33 -0.57
C ALA A 21 -5.26 -7.20 -0.23
N PHE A 22 -5.73 -6.11 0.39
CA PHE A 22 -4.92 -4.92 0.68
C PHE A 22 -4.05 -5.09 1.94
N VAL A 23 -4.54 -5.83 2.95
CA VAL A 23 -3.81 -6.07 4.21
C VAL A 23 -3.27 -7.50 4.28
N LEU A 24 -4.15 -8.51 4.37
CA LEU A 24 -3.75 -9.81 4.95
C LEU A 24 -3.03 -10.75 3.97
N ASP A 25 -3.34 -10.69 2.68
CA ASP A 25 -2.65 -11.41 1.59
C ASP A 25 -2.00 -10.48 0.55
N ALA A 26 -1.60 -9.29 0.98
CA ALA A 26 -0.84 -8.35 0.18
C ALA A 26 0.53 -8.88 -0.29
N ASP A 27 1.11 -9.92 0.33
CA ASP A 27 2.29 -10.60 -0.24
C ASP A 27 1.98 -11.31 -1.58
N ASN A 28 0.72 -11.71 -1.79
CA ASN A 28 0.28 -12.38 -3.01
C ASN A 28 -0.56 -11.47 -3.93
N LEU A 29 -1.27 -10.47 -3.41
CA LEU A 29 -1.88 -9.40 -4.22
C LEU A 29 -0.81 -8.46 -4.82
N VAL A 30 0.21 -8.03 -4.08
CA VAL A 30 1.02 -6.86 -4.49
C VAL A 30 1.72 -7.05 -5.83
N PRO A 31 2.51 -8.09 -6.14
CA PRO A 31 3.01 -8.32 -7.51
C PRO A 31 1.95 -8.75 -8.52
N LYS A 32 0.70 -9.02 -8.14
CA LYS A 32 -0.40 -9.04 -9.14
C LYS A 32 -0.81 -7.64 -9.59
N ILE A 33 -0.65 -6.60 -8.75
CA ILE A 33 -1.17 -5.24 -9.01
C ILE A 33 -0.19 -4.08 -8.84
N ALA A 34 1.07 -4.36 -8.51
CA ALA A 34 2.28 -3.56 -8.70
C ALA A 34 3.30 -4.25 -9.65
N PRO A 35 2.86 -5.00 -10.69
CA PRO A 35 3.73 -5.82 -11.55
C PRO A 35 4.71 -5.02 -12.42
N GLN A 36 4.56 -3.70 -12.48
CA GLN A 36 5.49 -2.78 -13.16
C GLN A 36 6.79 -2.59 -12.38
N ALA A 37 6.93 -3.23 -11.21
CA ALA A 37 8.11 -3.11 -10.34
C ALA A 37 8.32 -4.32 -9.40
N ILE A 38 7.30 -4.74 -8.65
CA ILE A 38 7.49 -5.61 -7.47
C ILE A 38 7.60 -7.10 -7.83
N LYS A 39 8.51 -7.79 -7.13
CA LYS A 39 8.91 -9.19 -7.30
C LYS A 39 8.58 -10.11 -6.12
N HIS A 40 9.04 -9.81 -4.91
CA HIS A 40 8.84 -10.66 -3.71
C HIS A 40 8.53 -9.82 -2.45
N SER A 41 8.21 -10.43 -1.30
CA SER A 41 7.83 -9.74 -0.05
C SER A 41 8.20 -10.53 1.23
N GLU A 42 8.79 -9.88 2.24
CA GLU A 42 9.35 -10.56 3.44
C GLU A 42 8.68 -10.45 4.86
N ILE A 43 8.51 -11.63 5.44
CA ILE A 43 8.49 -11.66 6.89
C ILE A 43 9.97 -11.72 7.27
N LEU A 44 10.55 -10.51 7.36
CA LEU A 44 11.92 -10.18 7.81
C LEU A 44 11.84 -9.82 9.28
N GLU A 45 10.80 -9.07 9.62
CA GLU A 45 10.22 -9.24 10.96
C GLU A 45 8.85 -9.90 10.81
N GLY A 46 8.24 -10.41 11.89
CA GLY A 46 6.81 -10.67 11.96
C GLY A 46 6.40 -11.98 12.61
N ASP A 47 5.17 -11.99 13.09
CA ASP A 47 4.32 -13.18 13.20
C ASP A 47 3.19 -13.13 12.15
N GLY A 48 3.37 -12.33 11.08
CA GLY A 48 2.42 -12.20 9.95
C GLY A 48 1.35 -11.11 10.10
N GLY A 49 1.20 -10.50 11.27
CA GLY A 49 0.34 -9.34 11.52
C GLY A 49 1.16 -8.07 11.78
N PRO A 50 0.72 -7.16 12.67
CA PRO A 50 1.53 -6.03 13.12
C PRO A 50 2.91 -6.44 13.65
N GLY A 51 3.94 -5.70 13.23
CA GLY A 51 5.37 -5.99 13.39
C GLY A 51 6.05 -6.49 12.11
N THR A 52 5.34 -7.20 11.24
CA THR A 52 5.86 -7.95 10.09
C THR A 52 6.46 -7.04 9.03
N ILE A 53 7.72 -7.27 8.54
CA ILE A 53 8.45 -6.06 8.07
C ILE A 53 8.66 -6.57 6.71
N LYS A 54 7.78 -6.13 5.79
CA LYS A 54 7.59 -6.80 4.53
C LYS A 54 8.47 -6.09 3.57
N LYS A 55 9.53 -6.83 3.26
CA LYS A 55 10.68 -6.27 2.53
C LYS A 55 10.72 -6.90 1.16
N ILE A 56 10.68 -6.01 0.19
CA ILE A 56 9.97 -6.24 -1.05
C ILE A 56 10.99 -6.09 -2.16
N THR A 57 11.23 -7.20 -2.86
CA THR A 57 12.30 -7.24 -3.86
C THR A 57 11.74 -6.71 -5.16
N PHE A 58 12.50 -5.93 -5.93
CA PHE A 58 12.09 -5.43 -7.24
C PHE A 58 12.73 -6.22 -8.40
N GLY A 59 12.11 -6.17 -9.58
CA GLY A 59 12.52 -6.91 -10.78
C GLY A 59 13.88 -6.54 -11.37
N GLU A 60 14.26 -7.25 -12.44
CA GLU A 60 15.60 -7.21 -13.06
C GLU A 60 16.00 -5.85 -13.67
N GLY A 61 15.15 -4.82 -13.63
CA GLY A 61 15.47 -3.44 -14.04
C GLY A 61 16.34 -2.67 -13.03
N SER A 62 16.62 -3.22 -11.85
CA SER A 62 17.55 -2.67 -10.83
C SER A 62 17.26 -1.24 -10.34
N GLN A 63 16.05 -0.71 -10.50
CA GLN A 63 15.70 0.68 -10.18
C GLN A 63 15.69 1.02 -8.67
N TYR A 64 15.61 0.02 -7.78
CA TYR A 64 15.29 0.20 -6.36
C TYR A 64 16.14 -0.65 -5.40
N GLY A 65 16.61 -1.83 -5.81
CA GLY A 65 17.07 -2.86 -4.87
C GLY A 65 15.87 -3.49 -4.16
N TYR A 66 15.40 -2.83 -3.11
CA TYR A 66 14.24 -3.22 -2.30
C TYR A 66 13.52 -1.99 -1.73
N VAL A 67 12.34 -2.23 -1.15
CA VAL A 67 11.65 -1.31 -0.23
C VAL A 67 11.23 -2.09 1.03
N LYS A 68 11.06 -1.45 2.18
CA LYS A 68 10.75 -2.12 3.44
C LYS A 68 9.49 -1.52 4.07
N HIS A 69 8.45 -2.34 4.17
CA HIS A 69 7.16 -2.02 4.83
C HIS A 69 7.17 -2.60 6.25
N LYS A 70 6.37 -2.09 7.19
CA LYS A 70 6.08 -2.66 8.52
C LYS A 70 4.61 -2.46 8.79
N ILE A 71 3.84 -3.52 9.06
CA ILE A 71 2.46 -3.31 9.53
C ILE A 71 2.52 -2.81 10.98
N ASP A 72 1.77 -1.77 11.32
CA ASP A 72 1.72 -1.19 12.66
C ASP A 72 0.37 -1.44 13.36
N SER A 73 -0.72 -1.60 12.61
CA SER A 73 -2.01 -2.13 13.10
C SER A 73 -2.76 -2.88 11.99
N ILE A 74 -3.39 -4.00 12.36
CA ILE A 74 -4.45 -4.63 11.56
C ILE A 74 -5.63 -4.86 12.48
N ASP A 75 -6.74 -4.20 12.15
CA ASP A 75 -8.00 -4.28 12.90
C ASP A 75 -9.19 -4.38 11.94
N LYS A 76 -9.41 -5.61 11.42
CA LYS A 76 -10.40 -5.96 10.39
C LYS A 76 -11.83 -5.57 10.78
N GLU A 77 -12.22 -5.68 12.06
CA GLU A 77 -13.56 -5.29 12.56
C GLU A 77 -13.77 -3.77 12.64
N ASN A 78 -12.71 -3.02 12.96
CA ASN A 78 -12.71 -1.54 12.84
C ASN A 78 -12.47 -1.09 11.37
N HIS A 79 -12.04 -2.02 10.52
CA HIS A 79 -11.86 -1.92 9.07
C HIS A 79 -10.90 -0.82 8.59
N SER A 80 -9.98 -0.41 9.46
CA SER A 80 -8.80 0.37 9.09
C SER A 80 -7.51 -0.45 9.22
N TYR A 81 -6.45 0.08 8.64
CA TYR A 81 -5.17 -0.57 8.49
C TYR A 81 -4.06 0.47 8.60
N SER A 82 -2.96 0.13 9.27
CA SER A 82 -1.83 1.05 9.42
C SER A 82 -0.54 0.32 9.13
N TYR A 83 0.26 0.88 8.22
CA TYR A 83 1.60 0.38 7.90
C TYR A 83 2.58 1.54 7.72
N THR A 84 3.79 1.41 8.25
CA THR A 84 4.88 2.37 8.04
C THR A 84 5.90 1.81 7.04
N LEU A 85 6.56 2.68 6.29
CA LEU A 85 7.60 2.39 5.33
C LEU A 85 8.91 2.98 5.89
N ILE A 86 9.93 2.11 6.02
CA ILE A 86 11.08 2.32 6.93
C ILE A 86 12.43 2.32 6.21
N GLU A 87 12.56 1.60 5.10
CA GLU A 87 13.88 1.43 4.45
C GLU A 87 13.81 1.16 2.93
N GLY A 88 14.94 1.36 2.24
CA GLY A 88 15.16 1.05 0.83
C GLY A 88 15.12 2.27 -0.09
N ASP A 89 14.98 2.07 -1.40
CA ASP A 89 14.98 3.19 -2.36
C ASP A 89 13.89 4.24 -2.08
N ALA A 90 12.73 3.80 -1.60
CA ALA A 90 11.61 4.68 -1.23
C ALA A 90 11.85 5.51 0.05
N LEU A 91 12.93 5.26 0.81
CA LEU A 91 13.45 6.27 1.75
C LEU A 91 14.66 7.03 1.16
N GLY A 92 15.43 6.42 0.26
CA GLY A 92 16.41 7.03 -0.66
C GLY A 92 17.35 8.13 -0.13
N ASP A 93 17.58 8.22 1.18
CA ASP A 93 18.18 9.38 1.86
C ASP A 93 17.39 10.70 1.65
N ASN A 94 16.16 10.62 1.14
CA ASN A 94 15.16 11.69 1.14
C ASN A 94 14.30 11.69 2.40
N LEU A 95 14.13 10.51 3.00
CA LEU A 95 13.00 10.15 3.86
C LEU A 95 13.50 9.39 5.09
N GLU A 96 12.91 9.69 6.24
CA GLU A 96 13.27 9.12 7.55
C GLU A 96 12.33 7.96 7.94
N LYS A 97 11.03 8.11 7.66
CA LYS A 97 10.00 7.06 7.57
C LYS A 97 8.72 7.63 6.96
N ILE A 98 7.78 6.78 6.55
CA ILE A 98 6.48 7.21 6.02
C ILE A 98 5.36 6.36 6.62
N SER A 99 4.46 6.97 7.40
CA SER A 99 3.22 6.30 7.80
C SER A 99 2.22 6.26 6.64
N TYR A 100 1.51 5.15 6.46
CA TYR A 100 0.30 5.03 5.64
C TYR A 100 -0.84 4.55 6.56
N GLU A 101 -1.93 5.32 6.64
CA GLU A 101 -3.15 4.88 7.33
C GLU A 101 -4.31 4.79 6.34
N THR A 102 -4.85 3.57 6.19
CA THR A 102 -5.86 3.18 5.20
C THR A 102 -7.21 2.86 5.82
N LYS A 103 -8.25 3.18 5.06
CA LYS A 103 -9.63 2.70 5.24
C LYS A 103 -10.22 2.26 3.89
N LEU A 104 -10.99 1.17 3.90
CA LEU A 104 -11.63 0.61 2.71
C LEU A 104 -13.15 0.81 2.88
N VAL A 105 -13.64 1.90 2.33
CA VAL A 105 -14.91 2.58 2.68
C VAL A 105 -16.03 2.20 1.72
N ALA A 106 -17.29 2.52 2.01
CA ALA A 106 -18.44 2.31 1.13
C ALA A 106 -18.70 3.56 0.28
N SER A 107 -18.64 3.48 -1.05
CA SER A 107 -18.90 4.65 -1.89
C SER A 107 -20.42 4.96 -1.93
N PRO A 108 -20.86 6.22 -1.83
CA PRO A 108 -22.29 6.55 -1.68
C PRO A 108 -23.22 6.03 -2.80
N SER A 109 -22.75 5.87 -4.04
CA SER A 109 -23.51 5.25 -5.14
C SER A 109 -22.97 3.93 -5.72
N GLY A 110 -21.92 3.32 -5.14
CA GLY A 110 -21.20 2.20 -5.78
C GLY A 110 -20.61 1.19 -4.80
N GLY A 111 -19.49 0.58 -5.19
CA GLY A 111 -18.79 -0.45 -4.41
C GLY A 111 -17.85 0.22 -3.40
N SER A 112 -16.68 -0.35 -3.13
CA SER A 112 -15.81 0.16 -2.04
C SER A 112 -14.68 1.06 -2.52
N ILE A 113 -14.44 2.15 -1.77
CA ILE A 113 -13.31 3.08 -1.90
C ILE A 113 -12.08 2.52 -1.16
N ILE A 114 -11.03 2.16 -1.88
CA ILE A 114 -9.70 1.88 -1.32
C ILE A 114 -9.00 3.21 -1.03
N LYS A 115 -8.90 3.61 0.24
CA LYS A 115 -8.42 4.93 0.61
C LYS A 115 -7.24 4.87 1.57
N SER A 116 -6.22 5.69 1.32
CA SER A 116 -4.98 5.76 2.09
C SER A 116 -4.49 7.20 2.29
N THR A 117 -4.35 7.64 3.54
CA THR A 117 -3.75 8.93 3.90
C THR A 117 -2.41 8.71 4.62
N SER A 118 -1.36 9.33 4.12
CA SER A 118 0.03 8.97 4.43
C SER A 118 0.85 10.21 4.82
N HIS A 119 1.83 10.05 5.73
CA HIS A 119 2.58 11.13 6.39
C HIS A 119 4.09 10.87 6.37
N TYR A 120 4.78 11.76 5.68
CA TYR A 120 6.12 11.50 5.24
C TYR A 120 7.01 12.29 6.16
N HIS A 121 7.63 11.53 7.05
CA HIS A 121 8.68 12.02 7.93
C HIS A 121 9.97 12.14 7.10
N THR A 122 10.36 13.35 6.71
CA THR A 122 11.46 13.61 5.76
C THR A 122 12.84 13.64 6.42
N LYS A 123 13.92 13.44 5.64
CA LYS A 123 15.30 13.31 6.11
C LYS A 123 16.04 14.65 6.03
N GLY A 124 16.61 15.13 7.13
CA GLY A 124 17.28 16.44 7.19
C GLY A 124 16.34 17.59 6.80
N ASP A 125 16.59 18.26 5.67
CA ASP A 125 15.68 19.23 5.05
C ASP A 125 15.35 18.88 3.59
N VAL A 126 15.15 17.60 3.33
CA VAL A 126 14.69 17.10 2.04
C VAL A 126 13.16 17.16 1.98
N GLU A 127 12.63 18.27 1.49
CA GLU A 127 11.20 18.40 1.21
C GLU A 127 10.79 17.61 -0.05
N ILE A 128 9.53 17.16 -0.09
CA ILE A 128 8.95 16.41 -1.21
C ILE A 128 8.17 17.34 -2.14
N LYS A 129 8.48 17.20 -3.43
CA LYS A 129 7.88 17.97 -4.49
C LYS A 129 6.50 17.45 -4.85
N GLU A 130 5.56 18.37 -5.05
CA GLU A 130 4.17 18.08 -5.40
C GLU A 130 4.02 17.29 -6.71
N GLU A 131 4.95 17.43 -7.65
CA GLU A 131 5.02 16.60 -8.86
C GLU A 131 5.20 15.11 -8.52
N HIS A 132 6.06 14.80 -7.53
CA HIS A 132 6.30 13.43 -7.03
C HIS A 132 5.19 12.95 -6.08
N VAL A 133 4.45 13.87 -5.44
CA VAL A 133 3.20 13.57 -4.74
C VAL A 133 2.13 13.14 -5.75
N LYS A 134 1.99 13.89 -6.84
CA LYS A 134 1.02 13.69 -7.93
C LYS A 134 1.27 12.38 -8.65
N ALA A 135 2.43 12.19 -9.26
CA ALA A 135 2.83 10.91 -9.83
C ALA A 135 2.78 9.80 -8.78
N GLY A 136 2.97 10.17 -7.52
CA GLY A 136 2.85 9.23 -6.40
C GLY A 136 1.43 8.64 -6.30
N LYS A 137 0.42 9.52 -6.42
CA LYS A 137 -1.00 9.17 -6.47
C LYS A 137 -1.42 8.55 -7.80
N GLU A 138 -0.92 9.03 -8.93
CA GLU A 138 -1.13 8.49 -10.29
C GLU A 138 -0.51 7.10 -10.53
N LYS A 139 0.50 6.68 -9.76
CA LYS A 139 1.04 5.33 -9.76
C LYS A 139 0.05 4.62 -8.89
N ALA A 140 -0.08 5.11 -7.66
CA ALA A 140 -0.51 4.24 -6.63
C ALA A 140 -2.02 3.92 -6.72
N SER A 141 -2.82 4.91 -7.10
CA SER A 141 -4.20 4.71 -7.53
C SER A 141 -4.33 3.85 -8.79
N ASN A 142 -3.32 3.73 -9.69
CA ASN A 142 -3.41 2.67 -10.72
C ASN A 142 -3.42 1.26 -10.09
N LEU A 143 -2.62 1.01 -9.06
CA LEU A 143 -2.46 -0.28 -8.38
C LEU A 143 -3.65 -0.51 -7.45
N PHE A 144 -4.31 0.56 -7.00
CA PHE A 144 -5.64 0.49 -6.39
C PHE A 144 -6.79 0.30 -7.41
N LYS A 145 -6.60 0.68 -8.68
CA LYS A 145 -7.48 0.42 -9.81
C LYS A 145 -7.27 -0.96 -10.41
N LEU A 146 -6.14 -1.62 -10.15
CA LEU A 146 -5.72 -2.73 -10.98
C LEU A 146 -6.41 -3.94 -10.39
N ILE A 147 -6.21 -4.07 -9.08
CA ILE A 147 -7.01 -4.68 -8.03
C ILE A 147 -8.44 -4.21 -8.04
N GLU A 148 -8.87 -3.02 -8.53
CA GLU A 148 -10.33 -2.86 -8.65
C GLU A 148 -10.79 -4.04 -9.45
N THR A 149 -10.23 -4.08 -10.65
CA THR A 149 -10.77 -5.04 -11.55
C THR A 149 -10.15 -6.40 -11.25
N TYR A 150 -8.94 -6.51 -10.66
CA TYR A 150 -8.36 -7.83 -10.38
C TYR A 150 -9.20 -8.49 -9.27
N LEU A 151 -9.66 -7.74 -8.26
CA LEU A 151 -10.41 -8.35 -7.14
C LEU A 151 -11.85 -8.73 -7.56
N LYS A 152 -12.33 -8.11 -8.62
CA LYS A 152 -13.61 -8.23 -9.36
C LYS A 152 -13.62 -9.30 -10.45
N GLY A 153 -12.53 -9.43 -11.20
CA GLY A 153 -12.45 -10.15 -12.47
C GLY A 153 -11.68 -11.44 -12.38
N HIS A 154 -11.11 -11.71 -11.20
CA HIS A 154 -10.78 -13.06 -10.79
C HIS A 154 -11.38 -13.30 -9.40
N PRO A 155 -12.66 -12.93 -9.14
CA PRO A 155 -13.41 -12.77 -7.88
C PRO A 155 -13.58 -14.01 -7.04
N ASP A 156 -13.00 -15.14 -7.42
CA ASP A 156 -12.29 -15.85 -6.37
C ASP A 156 -11.04 -15.13 -5.75
N ALA A 157 -10.88 -13.82 -5.96
CA ALA A 157 -9.58 -13.13 -6.03
C ALA A 157 -8.74 -13.19 -4.75
N TYR A 158 -9.35 -12.86 -3.61
CA TYR A 158 -8.89 -13.33 -2.29
C TYR A 158 -10.02 -14.04 -1.56
N ASN A 159 -10.61 -14.98 -2.31
CA ASN A 159 -11.44 -16.06 -1.83
C ASN A 159 -10.55 -17.15 -1.20
N GLY A 1 3.66 14.07 11.31
CA GLY A 1 4.70 14.55 10.38
C GLY A 1 4.12 14.62 8.98
N VAL A 2 3.83 15.82 8.47
CA VAL A 2 3.13 15.99 7.18
C VAL A 2 3.88 16.71 6.08
N PHE A 3 4.12 15.99 5.00
CA PHE A 3 3.17 16.07 3.88
C PHE A 3 2.05 15.05 4.07
N THR A 4 0.82 15.40 3.71
CA THR A 4 -0.33 14.50 3.66
C THR A 4 -0.54 14.01 2.23
N TYR A 5 -0.73 12.71 2.04
CA TYR A 5 -1.32 12.16 0.82
C TYR A 5 -2.63 11.46 1.23
N GLU A 6 -3.69 11.69 0.46
CA GLU A 6 -4.93 10.92 0.50
C GLU A 6 -5.23 10.41 -0.91
N SER A 7 -5.39 9.09 -1.05
CA SER A 7 -5.61 8.41 -2.34
C SER A 7 -6.83 7.52 -2.27
N GLU A 8 -7.70 7.59 -3.27
CA GLU A 8 -8.98 6.88 -3.33
C GLU A 8 -9.17 6.27 -4.73
N PHE A 9 -9.52 4.99 -4.82
CA PHE A 9 -9.91 4.36 -6.08
C PHE A 9 -10.91 3.22 -5.87
N THR A 10 -11.88 3.08 -6.77
CA THR A 10 -12.99 2.15 -6.63
C THR A 10 -12.68 0.80 -7.28
N SER A 11 -13.16 -0.32 -6.71
CA SER A 11 -13.40 -1.52 -7.51
C SER A 11 -14.80 -2.06 -7.38
N GLU A 12 -15.07 -2.87 -8.39
CA GLU A 12 -16.20 -3.73 -8.49
C GLU A 12 -15.89 -5.04 -7.76
N ILE A 13 -15.97 -4.99 -6.41
CA ILE A 13 -15.87 -6.09 -5.43
C ILE A 13 -16.40 -5.60 -4.07
N PRO A 14 -17.04 -6.47 -3.23
CA PRO A 14 -17.42 -6.12 -1.86
C PRO A 14 -16.22 -5.81 -0.95
N PRO A 15 -16.30 -4.81 -0.05
CA PRO A 15 -15.17 -4.41 0.78
C PRO A 15 -14.52 -5.53 1.62
N PRO A 16 -15.22 -6.58 2.11
CA PRO A 16 -14.57 -7.71 2.77
C PRO A 16 -13.53 -8.45 1.94
N ARG A 17 -13.82 -8.70 0.65
CA ARG A 17 -12.90 -9.36 -0.30
C ARG A 17 -11.70 -8.47 -0.51
N LEU A 18 -11.96 -7.16 -0.62
CA LEU A 18 -10.89 -6.20 -0.83
C LEU A 18 -9.92 -6.16 0.36
N PHE A 19 -10.47 -6.24 1.56
CA PHE A 19 -9.72 -6.17 2.80
C PHE A 19 -8.89 -7.44 3.06
N LYS A 20 -9.37 -8.62 2.66
CA LYS A 20 -8.52 -9.83 2.64
C LYS A 20 -7.27 -9.60 1.75
N ALA A 21 -7.48 -9.09 0.54
CA ALA A 21 -6.40 -8.82 -0.41
C ALA A 21 -5.45 -7.69 0.03
N PHE A 22 -5.99 -6.61 0.59
CA PHE A 22 -5.23 -5.39 0.93
C PHE A 22 -4.51 -5.49 2.29
N VAL A 23 -5.07 -6.26 3.25
CA VAL A 23 -4.51 -6.42 4.59
C VAL A 23 -3.92 -7.82 4.80
N LEU A 24 -4.74 -8.87 4.84
CA LEU A 24 -4.33 -10.12 5.49
C LEU A 24 -3.47 -11.02 4.60
N ASP A 25 -3.74 -11.00 3.30
CA ASP A 25 -3.05 -11.79 2.28
C ASP A 25 -2.19 -10.91 1.35
N ALA A 26 -1.81 -9.72 1.81
CA ALA A 26 -1.24 -8.69 0.94
C ALA A 26 0.13 -9.05 0.33
N ASP A 27 0.96 -9.89 0.95
CA ASP A 27 2.18 -10.39 0.27
C ASP A 27 1.85 -11.30 -0.93
N ASN A 28 0.66 -11.89 -0.95
CA ASN A 28 0.14 -12.67 -2.06
C ASN A 28 -0.49 -11.78 -3.14
N LEU A 29 -1.21 -10.71 -2.76
CA LEU A 29 -1.77 -9.72 -3.68
C LEU A 29 -0.66 -8.84 -4.31
N VAL A 30 0.35 -8.40 -3.56
CA VAL A 30 1.26 -7.29 -3.95
C VAL A 30 1.94 -7.52 -5.29
N PRO A 31 2.66 -8.61 -5.59
CA PRO A 31 3.17 -8.91 -6.94
C PRO A 31 2.11 -9.41 -7.92
N LYS A 32 0.87 -9.68 -7.51
CA LYS A 32 -0.22 -9.77 -8.52
C LYS A 32 -0.63 -8.39 -9.06
N ILE A 33 -0.42 -7.29 -8.31
CA ILE A 33 -0.90 -5.93 -8.68
C ILE A 33 0.13 -4.79 -8.57
N ALA A 34 1.38 -5.09 -8.24
CA ALA A 34 2.60 -4.37 -8.59
C ALA A 34 3.56 -5.18 -9.51
N PRO A 35 3.03 -6.00 -10.45
CA PRO A 35 3.82 -6.97 -11.23
C PRO A 35 4.80 -6.35 -12.22
N GLN A 36 4.72 -5.05 -12.47
CA GLN A 36 5.66 -4.30 -13.31
C GLN A 36 7.07 -4.30 -12.68
N ALA A 37 7.16 -4.21 -11.35
CA ALA A 37 8.39 -3.83 -10.65
C ALA A 37 8.69 -4.57 -9.33
N ILE A 38 7.69 -5.19 -8.67
CA ILE A 38 7.84 -5.77 -7.32
C ILE A 38 7.79 -7.31 -7.34
N LYS A 39 8.63 -7.92 -6.50
CA LYS A 39 9.08 -9.32 -6.58
C LYS A 39 8.73 -10.20 -5.38
N HIS A 40 8.99 -9.73 -4.15
CA HIS A 40 8.75 -10.45 -2.89
C HIS A 40 8.40 -9.48 -1.75
N SER A 41 8.04 -9.98 -0.56
CA SER A 41 7.71 -9.18 0.63
C SER A 41 8.08 -9.90 1.94
N GLU A 42 8.71 -9.19 2.89
CA GLU A 42 9.38 -9.86 4.05
C GLU A 42 8.80 -9.79 5.51
N ILE A 43 8.72 -10.97 6.08
CA ILE A 43 8.71 -11.03 7.53
C ILE A 43 10.19 -10.95 7.92
N LEU A 44 10.64 -9.71 8.14
CA LEU A 44 11.97 -9.29 8.62
C LEU A 44 11.84 -8.89 10.08
N GLU A 45 10.74 -8.20 10.38
CA GLU A 45 10.09 -8.46 11.68
C GLU A 45 8.80 -9.24 11.44
N GLY A 46 8.23 -9.86 12.47
CA GLY A 46 6.82 -10.18 12.51
C GLY A 46 6.46 -11.55 13.07
N ASP A 47 5.23 -11.61 13.56
CA ASP A 47 4.42 -12.83 13.64
C ASP A 47 3.52 -12.98 12.37
N GLY A 48 3.55 -12.00 11.47
CA GLY A 48 2.59 -11.86 10.36
C GLY A 48 1.41 -10.90 10.64
N GLY A 49 1.17 -10.54 11.90
CA GLY A 49 0.26 -9.45 12.30
C GLY A 49 0.92 -8.07 12.27
N PRO A 50 0.35 -7.06 12.96
CA PRO A 50 1.05 -5.80 13.22
C PRO A 50 2.41 -6.02 13.91
N GLY A 51 3.41 -5.24 13.53
CA GLY A 51 4.83 -5.41 13.87
C GLY A 51 5.68 -5.99 12.72
N THR A 52 5.06 -6.73 11.79
CA THR A 52 5.72 -7.45 10.67
C THR A 52 6.30 -6.50 9.63
N ILE A 53 7.56 -6.65 9.14
CA ILE A 53 8.20 -5.40 8.64
C ILE A 53 8.52 -5.94 7.31
N LYS A 54 7.60 -5.62 6.38
CA LYS A 54 7.43 -6.30 5.12
C LYS A 54 8.25 -5.54 4.13
N LYS A 55 9.34 -6.21 3.78
CA LYS A 55 10.41 -5.59 2.99
C LYS A 55 10.46 -6.23 1.62
N ILE A 56 10.32 -5.36 0.63
CA ILE A 56 9.65 -5.64 -0.62
C ILE A 56 10.70 -5.50 -1.72
N THR A 57 11.05 -6.60 -2.36
CA THR A 57 12.19 -6.63 -3.29
C THR A 57 11.74 -6.18 -4.66
N PHE A 58 12.45 -5.28 -5.32
CA PHE A 58 12.17 -4.88 -6.70
C PHE A 58 12.94 -5.76 -7.72
N GLY A 59 12.55 -5.70 -8.99
CA GLY A 59 13.15 -6.48 -10.08
C GLY A 59 14.61 -6.14 -10.44
N GLU A 60 15.12 -6.81 -11.48
CA GLU A 60 16.55 -6.81 -11.84
C GLU A 60 17.06 -5.46 -12.39
N GLY A 61 16.14 -4.58 -12.82
CA GLY A 61 16.44 -3.22 -13.28
C GLY A 61 17.08 -2.30 -12.24
N SER A 62 17.24 -2.75 -10.99
CA SER A 62 18.14 -2.15 -9.99
C SER A 62 17.84 -0.68 -9.66
N GLN A 63 16.58 -0.24 -9.83
CA GLN A 63 16.12 1.14 -9.66
C GLN A 63 15.74 1.52 -8.21
N TYR A 64 15.61 0.56 -7.31
CA TYR A 64 15.10 0.78 -5.94
C TYR A 64 15.91 0.06 -4.86
N GLY A 65 16.36 -1.17 -5.12
CA GLY A 65 16.80 -2.07 -4.05
C GLY A 65 15.58 -2.71 -3.40
N TYR A 66 15.15 -2.18 -2.26
CA TYR A 66 13.89 -2.57 -1.59
C TYR A 66 13.11 -1.36 -1.08
N VAL A 67 11.89 -1.61 -0.59
CA VAL A 67 11.15 -0.69 0.28
C VAL A 67 10.59 -1.45 1.48
N LYS A 68 10.54 -0.82 2.66
CA LYS A 68 10.28 -1.50 3.92
C LYS A 68 9.01 -0.91 4.51
N HIS A 69 7.97 -1.73 4.57
CA HIS A 69 6.67 -1.43 5.18
C HIS A 69 6.64 -2.08 6.57
N LYS A 70 5.76 -1.64 7.46
CA LYS A 70 5.49 -2.22 8.78
C LYS A 70 4.00 -2.19 8.99
N ILE A 71 3.33 -3.33 9.18
CA ILE A 71 1.90 -3.24 9.53
C ILE A 71 1.80 -2.68 10.94
N ASP A 72 0.97 -1.67 11.14
CA ASP A 72 0.87 -0.92 12.39
C ASP A 72 -0.42 -1.26 13.16
N SER A 73 -1.50 -1.62 12.45
CA SER A 73 -2.74 -2.20 12.98
C SER A 73 -3.50 -3.00 11.92
N ILE A 74 -4.10 -4.14 12.31
CA ILE A 74 -5.02 -4.93 11.46
C ILE A 74 -6.27 -5.28 12.26
N ASP A 75 -7.38 -4.64 11.92
CA ASP A 75 -8.71 -4.99 12.45
C ASP A 75 -9.82 -4.95 11.39
N LYS A 76 -10.27 -6.12 10.92
CA LYS A 76 -11.50 -6.28 10.11
C LYS A 76 -12.74 -5.68 10.79
N GLU A 77 -12.81 -5.74 12.13
CA GLU A 77 -13.95 -5.30 12.94
C GLU A 77 -14.08 -3.77 13.02
N ASN A 78 -12.95 -3.08 13.13
CA ASN A 78 -12.86 -1.62 12.96
C ASN A 78 -12.84 -1.22 11.46
N HIS A 79 -12.55 -2.19 10.58
CA HIS A 79 -12.46 -2.09 9.11
C HIS A 79 -11.48 -1.04 8.57
N SER A 80 -10.48 -0.67 9.36
CA SER A 80 -9.30 0.07 8.90
C SER A 80 -8.02 -0.75 9.06
N TYR A 81 -7.00 -0.37 8.29
CA TYR A 81 -5.70 -1.03 8.22
C TYR A 81 -4.61 0.02 8.21
N SER A 82 -3.84 0.08 9.29
CA SER A 82 -2.74 1.02 9.41
C SER A 82 -1.41 0.31 9.15
N TYR A 83 -0.54 0.99 8.41
CA TYR A 83 0.85 0.60 8.22
C TYR A 83 1.78 1.81 8.35
N THR A 84 3.08 1.57 8.29
CA THR A 84 4.14 2.57 8.33
C THR A 84 5.17 2.19 7.26
N LEU A 85 5.90 3.16 6.73
CA LEU A 85 6.96 2.96 5.74
C LEU A 85 8.23 3.61 6.29
N ILE A 86 9.28 2.80 6.42
CA ILE A 86 10.40 3.03 7.35
C ILE A 86 11.77 3.04 6.70
N GLU A 87 11.98 2.29 5.61
CA GLU A 87 13.29 2.20 4.96
C GLU A 87 13.19 1.91 3.45
N GLY A 88 14.25 2.19 2.70
CA GLY A 88 14.42 1.82 1.30
C GLY A 88 14.31 3.01 0.33
N ASP A 89 14.13 2.73 -0.96
CA ASP A 89 14.10 3.77 -2.00
C ASP A 89 13.12 4.92 -1.68
N ALA A 90 11.92 4.60 -1.20
CA ALA A 90 10.90 5.58 -0.86
C ALA A 90 11.34 6.57 0.24
N LEU A 91 12.22 6.15 1.18
CA LEU A 91 12.76 7.07 2.20
C LEU A 91 13.96 7.87 1.66
N GLY A 92 14.71 7.34 0.68
CA GLY A 92 15.64 8.04 -0.24
C GLY A 92 16.65 9.08 0.29
N ASP A 93 16.81 9.24 1.61
CA ASP A 93 17.34 10.45 2.28
C ASP A 93 16.50 11.71 1.98
N ASN A 94 15.24 11.53 1.57
CA ASN A 94 14.18 12.53 1.48
C ASN A 94 13.22 12.49 2.69
N LEU A 95 13.15 11.33 3.34
CA LEU A 95 12.05 10.87 4.18
C LEU A 95 12.60 10.13 5.40
N GLU A 96 12.01 10.37 6.57
CA GLU A 96 12.44 9.78 7.86
C GLU A 96 11.51 8.64 8.30
N LYS A 97 10.19 8.83 8.15
CA LYS A 97 9.16 7.77 8.13
C LYS A 97 7.87 8.28 7.47
N ILE A 98 6.97 7.37 7.14
CA ILE A 98 5.64 7.70 6.64
C ILE A 98 4.58 6.83 7.33
N SER A 99 3.61 7.44 8.02
CA SER A 99 2.44 6.73 8.55
C SER A 99 1.35 6.57 7.47
N TYR A 100 0.59 5.47 7.51
CA TYR A 100 -0.54 5.18 6.61
C TYR A 100 -1.74 4.64 7.41
N GLU A 101 -2.96 4.98 6.99
CA GLU A 101 -4.17 4.26 7.39
C GLU A 101 -5.22 4.23 6.27
N THR A 102 -5.65 3.01 5.96
CA THR A 102 -6.58 2.67 4.89
C THR A 102 -7.95 2.29 5.44
N LYS A 103 -8.99 2.76 4.79
CA LYS A 103 -10.38 2.31 4.87
C LYS A 103 -10.86 1.81 3.51
N LEU A 104 -11.57 0.69 3.51
CA LEU A 104 -12.11 0.04 2.31
C LEU A 104 -13.64 0.12 2.42
N VAL A 105 -14.20 1.13 1.77
CA VAL A 105 -15.51 1.75 2.05
C VAL A 105 -16.51 1.41 0.96
N ALA A 106 -17.80 1.63 1.19
CA ALA A 106 -18.86 1.51 0.19
C ALA A 106 -19.09 2.86 -0.48
N SER A 107 -18.93 2.97 -1.80
CA SER A 107 -19.29 4.20 -2.50
C SER A 107 -20.82 4.37 -2.52
N PRO A 108 -21.40 5.58 -2.38
CA PRO A 108 -22.84 5.76 -2.35
C PRO A 108 -23.61 5.28 -3.59
N SER A 109 -23.00 5.36 -4.78
CA SER A 109 -23.63 5.03 -6.07
C SER A 109 -23.03 3.82 -6.82
N GLY A 110 -22.02 3.15 -6.27
CA GLY A 110 -21.21 2.15 -6.99
C GLY A 110 -20.55 1.13 -6.06
N GLY A 111 -19.42 0.57 -6.48
CA GLY A 111 -18.67 -0.45 -5.76
C GLY A 111 -17.92 0.10 -4.55
N SER A 112 -16.79 -0.54 -4.19
CA SER A 112 -16.06 -0.23 -2.97
C SER A 112 -14.84 0.67 -3.22
N ILE A 113 -14.73 1.73 -2.43
CA ILE A 113 -13.62 2.67 -2.41
C ILE A 113 -12.45 2.08 -1.58
N ILE A 114 -11.35 1.76 -2.23
CA ILE A 114 -10.04 1.57 -1.58
C ILE A 114 -9.48 2.96 -1.28
N LYS A 115 -9.48 3.39 -0.02
CA LYS A 115 -9.08 4.75 0.36
C LYS A 115 -8.00 4.73 1.43
N SER A 116 -6.92 5.48 1.24
CA SER A 116 -5.79 5.52 2.14
C SER A 116 -5.30 6.95 2.38
N THR A 117 -5.22 7.35 3.65
CA THR A 117 -4.62 8.62 4.08
C THR A 117 -3.28 8.36 4.77
N SER A 118 -2.31 9.26 4.60
CA SER A 118 -0.92 9.01 4.99
C SER A 118 -0.12 10.29 5.22
N HIS A 119 0.90 10.21 6.08
CA HIS A 119 1.56 11.34 6.73
C HIS A 119 3.09 11.20 6.71
N TYR A 120 3.71 12.10 5.98
CA TYR A 120 5.08 11.95 5.57
C TYR A 120 5.91 12.84 6.47
N HIS A 121 6.58 12.16 7.38
CA HIS A 121 7.55 12.72 8.32
C HIS A 121 8.92 12.86 7.58
N THR A 122 9.25 14.04 7.07
CA THR A 122 10.34 14.25 6.07
C THR A 122 11.75 14.38 6.66
N LYS A 123 12.79 14.09 5.86
CA LYS A 123 14.20 14.10 6.30
C LYS A 123 14.85 15.47 6.11
N GLY A 124 15.55 15.96 7.13
CA GLY A 124 16.28 17.24 7.08
C GLY A 124 15.32 18.40 6.76
N ASP A 125 15.47 19.00 5.59
CA ASP A 125 14.50 19.95 5.03
C ASP A 125 14.10 19.62 3.59
N VAL A 126 13.86 18.32 3.34
CA VAL A 126 13.30 17.84 2.08
C VAL A 126 11.76 17.90 2.11
N GLU A 127 11.23 19.00 1.60
CA GLU A 127 9.81 19.19 1.38
C GLU A 127 9.36 18.37 0.15
N ILE A 128 8.30 17.57 0.27
CA ILE A 128 7.87 16.66 -0.80
C ILE A 128 6.97 17.35 -1.79
N LYS A 129 7.55 17.51 -2.98
CA LYS A 129 7.01 18.28 -4.08
C LYS A 129 5.70 17.71 -4.62
N GLU A 130 4.82 18.56 -5.11
CA GLU A 130 3.53 18.14 -5.63
C GLU A 130 3.64 17.18 -6.82
N GLU A 131 4.62 17.34 -7.70
CA GLU A 131 4.87 16.41 -8.81
C GLU A 131 5.25 14.98 -8.32
N HIS A 132 5.82 14.86 -7.12
CA HIS A 132 6.05 13.57 -6.44
C HIS A 132 4.83 13.09 -5.63
N VAL A 133 4.00 14.00 -5.10
CA VAL A 133 2.70 13.67 -4.46
C VAL A 133 1.75 13.03 -5.49
N LYS A 134 1.59 13.73 -6.61
CA LYS A 134 0.74 13.45 -7.77
C LYS A 134 1.12 12.16 -8.47
N ALA A 135 2.35 12.04 -8.99
CA ALA A 135 2.86 10.76 -9.48
C ALA A 135 2.78 9.68 -8.42
N GLY A 136 2.90 10.08 -7.15
CA GLY A 136 2.82 9.14 -6.03
C GLY A 136 1.45 8.48 -5.96
N LYS A 137 0.38 9.29 -5.97
CA LYS A 137 -1.01 8.86 -6.04
C LYS A 137 -1.35 8.15 -7.36
N GLU A 138 -0.88 8.66 -8.49
CA GLU A 138 -1.15 8.18 -9.86
C GLU A 138 -0.51 6.84 -10.23
N LYS A 139 0.57 6.43 -9.54
CA LYS A 139 1.21 5.13 -9.61
C LYS A 139 0.38 4.27 -8.71
N ALA A 140 0.19 4.76 -7.49
CA ALA A 140 -0.12 3.85 -6.45
C ALA A 140 -1.59 3.42 -6.49
N SER A 141 -2.47 4.38 -6.80
CA SER A 141 -3.85 4.12 -7.23
C SER A 141 -3.95 3.28 -8.51
N ASN A 142 -2.94 3.21 -9.40
CA ASN A 142 -3.01 2.18 -10.47
C ASN A 142 -2.92 0.74 -9.94
N LEU A 143 -2.13 0.47 -8.91
CA LEU A 143 -2.02 -0.82 -8.20
C LEU A 143 -3.29 -1.04 -7.40
N PHE A 144 -3.98 0.01 -6.97
CA PHE A 144 -5.33 -0.08 -6.42
C PHE A 144 -6.44 -0.24 -7.48
N LYS A 145 -6.17 0.08 -8.74
CA LYS A 145 -6.98 -0.17 -9.92
C LYS A 145 -6.71 -1.55 -10.51
N LEU A 146 -5.58 -2.19 -10.18
CA LEU A 146 -5.11 -3.33 -10.94
C LEU A 146 -5.89 -4.50 -10.40
N ILE A 147 -5.78 -4.64 -9.08
CA ILE A 147 -6.66 -5.20 -8.06
C ILE A 147 -8.09 -4.70 -8.18
N GLU A 148 -8.46 -3.51 -8.71
CA GLU A 148 -9.91 -3.34 -8.91
C GLU A 148 -10.34 -4.50 -9.75
N THR A 149 -9.73 -4.52 -10.93
CA THR A 149 -10.26 -5.43 -11.88
C THR A 149 -9.64 -6.80 -11.61
N TYR A 150 -8.50 -6.93 -10.90
CA TYR A 150 -7.95 -8.26 -10.63
C TYR A 150 -8.75 -8.93 -9.51
N LEU A 151 -9.24 -8.20 -8.48
CA LEU A 151 -10.00 -8.84 -7.39
C LEU A 151 -11.41 -9.27 -7.86
N LYS A 152 -11.84 -8.63 -8.94
CA LYS A 152 -13.07 -8.73 -9.76
C LYS A 152 -12.99 -9.78 -10.88
N GLY A 153 -11.83 -9.89 -11.53
CA GLY A 153 -11.67 -10.57 -12.82
C GLY A 153 -10.91 -11.87 -12.70
N HIS A 154 -10.34 -12.14 -11.52
CA HIS A 154 -9.94 -13.47 -11.12
C HIS A 154 -10.58 -13.74 -9.76
N PRO A 155 -11.88 -13.44 -9.57
CA PRO A 155 -12.66 -13.26 -8.33
C PRO A 155 -12.83 -14.50 -7.48
N ASP A 156 -12.24 -15.63 -7.85
CA ASP A 156 -11.63 -16.36 -6.74
C ASP A 156 -10.43 -15.66 -6.03
N ALA A 157 -10.24 -14.35 -6.24
CA ALA A 157 -8.98 -13.62 -6.15
C ALA A 157 -8.38 -13.67 -4.74
N TYR A 158 -9.19 -13.33 -3.73
CA TYR A 158 -8.99 -13.71 -2.32
C TYR A 158 -10.26 -14.33 -1.75
N ASN A 159 -10.78 -15.27 -2.54
CA ASN A 159 -11.78 -16.25 -2.14
C ASN A 159 -11.23 -17.16 -1.04
#